data_6KON
#
_entry.id   6KON
#
_cell.length_a   129.330
_cell.length_b   161.219
_cell.length_c   129.469
_cell.angle_alpha   90.000
_cell.angle_beta   117.780
_cell.angle_gamma   90.000
#
_symmetry.space_group_name_H-M   'P 1 21 1'
#
loop_
_entity.id
_entity.type
_entity.pdbx_description
1 polymer 'DNA-directed RNA polymerase subunit alpha'
2 polymer 'DNA-directed RNA polymerase subunit beta'
3 polymer "DNA-directed RNA polymerase subunit beta'"
4 polymer 'DNA-directed RNA polymerase subunit omega'
5 polymer 'ECF RNA polymerase sigma factor SigH'
6 polymer "DNA (5'-D(P*GP*TP*TP*GP*TP*GP*GP*GP*AP*GP*CP*TP*GP*TP*CP*AP*CP*GP*GP*AP*TP*GP*C)-3')"
7 polymer "DNA (5'-D(P*GP*CP*AP*TP*CP*CP*GP*TP*GP*AP*GP*TP*CP*GP*AP*GP*GP*GP*TP*G)-3')"
8 polymer "RNA (5'-R(*CP*UP*CP*GP*A)-3')"
9 non-polymer 'ZINC ION'
10 non-polymer 'MAGNESIUM ION'
11 water water
#
loop_
_entity_poly.entity_id
_entity_poly.type
_entity_poly.pdbx_seq_one_letter_code
_entity_poly.pdbx_strand_id
1 'polypeptide(L)'
;MGHHHHHHHHHHSSGHIEGRHMLISQRPTLSEDVLTDNRSQFVIEPLEPGFGYTLGNSLRRTLLSSIPGAAVTSIRIDGV
LHEFTTVPGVKEDVTEIILNLKSLVVSSEEDEPVTMYLRKQGPGEVTAGDIVPPAGVTVHNPGMHIATLNDKGKLEVELV
VERGRGYVPAVQNRASGAEIGRIPVDSIYSPVLKVTYKVDATRVEQRTDFDKLILDVETKNSISPRDALASAGKTLVELF
GLARELNVEAEGIEIGPSPAEADHIASFALPIDDLDLTVRSYNCLKREGVHTVGELVARTESDLLDIRNFGQKSIDEVKI
KLHQLGLSLKDSPPSFDPSEVAGYDVATGTWSTEGAYDEQDYAETEQL
;
A,B
2 'polypeptide(L)'
;MVLADSRQSKTAASPSPSRPQSSSNNSVPGAPNRVSFAKLREPLEVPGLLDVQTDSFEWLIGSPRWRESAAERGDVNPVG
GLEEVLYELSPIEDFSGSMSLSFSDPRFDDVKAPVDECKDKDMTYAAPLFVTAEFINNNTGEIKSQTVFMGDFPMMTEKG
TFIINGTERVVVSQLVRSPGVYFDETIDKSTDKTLHSVKVIPSRGAWLEFDVDKRDTVGVRIDRKRRQPVTVLLKALGWT
SEQIVERFGFSEIMRSTLEKDNTVGTDEALLDIYRKLRPGEPPTKESAQTLLENLFFKEKRYDLARVGRYKVNKKLGLHV
GEPITSSTLTEEDVVATIEYLVRLHEGQTTMTVPGGVEVPVETDDIDHFGNRRLRTVGELIQNQIRVGMSRMERVVRERM
TTQDVEAITPQTLINIRPVVAAIKEFFGTSQLSQFMDQNNPLSGLTHKRRLSALGPGGLSRERAGLEVRDVHPSHYGRMC
PIETPEGPNIGLIGSLSVYARVNPFGFIETPYRKVVDGVVSDEIVYLTADEEDRHVVAQANSPIDADGRFVEPRVLVRRK
AGEVEYVPSSEVDYMDVSPRQMVSVATAMIPFLEHDDANRALMGANMQRQAVPLVRSEAPLVGTGMELRAAIDAGDVVVA
EESGVIEEVSADYITVMHDNGTRRTYRMRKFARSNHGTCANQCPIVDAGDRVEAGQVIADGPCTDDGEMALGKNLLVAIM
PWEGHNYEDAIILSNRLVEEDVLTSIHIEEHEIDARDTKLGAEEITRDIPNISDEVLADLDERGIVRIGAEVRDGDILVG
KVTPKGETELTPEERLLRAIFGEKAREVRDTSLKVPHGESGKVIGIRVFSREDEDELPAGVNELVRVYVAQKRKISDGDK
LAGRHGNKGVIGKILPVEDMPFLADGTPVDIILNTHGVPRRMNIGQILETHLGWCAHSGWKVDAAKGVPDWAARLPDELL
EAQPNAIVSTPVFDGAQEAELQGLLSCTLPNRDGDVLVDADGKAMLFDGRSGEPFPYPVTVGYMYIMKLHHLVDDKIHAR
STGPYSMITQQPLGGKAQFGGQRFGEMECWAMQAYGAAYTLQELLTIKSDDTVGRVKVYEAIVKGENIPEPGIPESFKVL
LKELQSLCLNVEVLSSDGAAIELREGEDEDLERAAANLGINLSRNESASVEDLA
;
C
3 'polypeptide(L)'
;MVLDVNFFDELRIGLATAEDIRQWSYGEVKKPETINYRTLKPEKDGLFCEKIFGPTRDWECYCGKYKRVRFKGIICERCG
VEVTRAKVRRERMGHIELAAPVTHIWYFKGVPSRLGYLLDLAPKDLEKIIYFAAYVITSVDEEMRHNELSTLEAEMAVER
KAVEDQRDGELEARAQKLEADLAELEAEGAKADARRKVRDGGEREMRQIRDRAQRELDRLEDIWSTFTKLAPKQLIVDEN
LYRELVDRYGEYFTGAMGAESIQKLIENFDIDAEAESLRDVIRNGKGQKKLRALKRLKVVAAFQQSGNSPMGMVLDAVPV
IPPELRPMVQLDGGRFATSDLNDLYRRVINRNNRLKRLIDLGAPEIIVNNEKRMLQESVDALFDNGRRGRPVTGPGNRPL
KSLSDLLKGKQGRFRQNLLGKRVDYSGRSVIVVGPQLKLHQCGLPKLMALELFKPFVMKRLVDLNHAQNIKSAKRMVERQ
RPQVWDVLEEVIAEHPVLLNRAPTLHRLGIQAFEPMLVEGKAIQLHPLVCEAFNADFDGDQMAVHLPLSAEAQAEARILM
LSSNNILSPASGRPLAMPRLDMVTGLYYLTTEVPGDTGEYQPASGDHPETGVYSSPAEAIMAADRGVLSVRAKIKVRLTQ
LRPPVEIEAELFGHSGWQPGDAWMAETTLGRVMFNELLPLGYPFVNKQMHKKVQAAIINDLAERYPMIVVAQTVDKLKDA
GFYWATRSGVTVSMADVLVPPRKKEILDHYEERADKVEKQFQRGALNHDERNEALVEIWKEATDEVGQALREHYPDDNPI
ITIVDSGATGNFTQTRTLAGMKGLVTNPKGEFIPRPVKSSFREGLTVLEYFINTHGARKGLADTALRTADSGYLTRRLVD
VSQDVIVREHDCQTERGIVVELAERAPDGTLIRDPYIETSAYARTLGTDAVDEAGNVIVERGQDLGDPEIDALLAAGITQ
VKVRSVLTCATSTGVCATCYGRSMATGKLVDIGEAVGIVAAQSIGEPGTQLTMRTFHQGGVGEDITGGLPRVQELFEARV
PRGKAPIADVTGRVRLEDGERFYKITIVPDDGGEEVVYDKISKRQRLRVFKHEDGSERVLSDGDHVEVGQQLMEGSADPH
EVLRVQGPREVQIHLVREVQEVYRAQGVSIHDKHIEVIVRQMLRRVTIIDSGSTEFLPGSLIDRAEFEAENRRVVAEGGE
PAAGRPVLMGITKASLATDSWLSAASFQETTRVLTDAAINCRSDKLNGLKENVIIGKLIPAGTGINRYRNIAVQPTEEAR
AAAYTIPSYEDQYYSPDFGAATGAAVPLDDYGYSDYR
;
D
4 'polypeptide(L)'
;MSISQSDASLAAVPAVDQFDPSSGASGGYDTPLGITNPPIDELLDRVSSKYALVIYAAKRARQINDYYNQLGEGILEYVG
PLVEPGLQEKPLSIALREIHADLLEHTEGE
;
E
5 'polypeptide(L)'
;GAMADIDGVTGSAGLQPGPSEETDEELTARFERDAIPLLDQLYGGALRMTRNPADAEDLLQETMVKAYAGFRSFRHGTNL
KAWLYRILTNTYINSYRKKQRQPAEYPTEQITDWQLASNAEHSSTGLRSAEVEALEALPDTEIKEALQALPEEFRMAVYY
ADVEGFPYKEIAEIMDTPIGTVMSRLHRGRRQLRGLLADVARDRGFARGEQAHEGVSS
;
F
6 'polydeoxyribonucleotide'
;(DG)(DT)(DT)(DG)(DT)(DG)(DG)(DG)(DA)(DG)(DC)(DT)(DG)(DT)(DC)(DA)(DC)(DG)(DG)(DA)
(DT)(DG)(DC)
;
G
7 'polydeoxyribonucleotide' (DG)(DC)(DA)(DT)(DC)(DC)(DG)(DT)(DG)(DA)(DG)(DT)(DC)(DG)(DA)(DG)(DG)(DG)(DT)(DG) H
8 'polyribonucleotide' CUCGA I
#
# COMPACT_ATOMS: atom_id res chain seq x y z
N GLN A 26 57.29 36.01 5.23
CA GLN A 26 56.27 37.05 5.17
C GLN A 26 55.04 36.68 6.02
N ARG A 27 54.79 37.48 7.06
CA ARG A 27 53.67 37.23 7.94
C ARG A 27 52.37 37.78 7.34
N PRO A 28 51.23 37.14 7.63
CA PRO A 28 49.95 37.61 7.10
C PRO A 28 49.31 38.68 7.96
N THR A 29 48.64 39.62 7.29
CA THR A 29 47.97 40.74 7.94
C THR A 29 46.47 40.67 7.69
N LEU A 30 45.71 41.20 8.65
CA LEU A 30 44.25 41.21 8.62
C LEU A 30 43.77 42.65 8.80
N SER A 31 43.20 43.23 7.76
CA SER A 31 42.79 44.63 7.75
C SER A 31 41.27 44.69 7.62
N GLU A 32 40.63 45.38 8.56
CA GLU A 32 39.18 45.52 8.57
C GLU A 32 38.75 46.72 7.71
N ASP A 33 37.50 46.66 7.25
CA ASP A 33 36.85 47.76 6.56
C ASP A 33 35.38 47.76 6.97
N VAL A 34 34.80 48.95 7.16
CA VAL A 34 33.42 49.09 7.59
C VAL A 34 32.59 49.57 6.41
N LEU A 35 31.39 49.01 6.26
CA LEU A 35 30.42 49.44 5.26
C LEU A 35 29.15 50.02 5.88
N THR A 36 28.70 49.45 7.00
CA THR A 36 27.65 50.04 7.82
C THR A 36 27.93 49.65 9.26
N ASP A 37 27.12 50.19 10.18
CA ASP A 37 27.31 49.88 11.59
C ASP A 37 27.23 48.38 11.85
N ASN A 38 26.67 47.60 10.92
CA ASN A 38 26.47 46.17 11.11
C ASN A 38 26.85 45.39 9.86
N ARG A 39 27.94 45.78 9.21
CA ARG A 39 28.48 44.99 8.10
C ARG A 39 29.92 45.42 7.85
N SER A 40 30.86 44.50 8.05
CA SER A 40 32.27 44.78 7.86
C SER A 40 32.91 43.74 6.95
N GLN A 41 33.84 44.18 6.12
CA GLN A 41 34.71 43.29 5.37
C GLN A 41 36.05 43.16 6.09
N PHE A 42 36.76 42.09 5.77
CA PHE A 42 38.04 41.79 6.40
C PHE A 42 38.95 41.18 5.36
N VAL A 43 40.05 41.86 5.04
CA VAL A 43 41.00 41.41 4.03
C VAL A 43 42.18 40.77 4.73
N ILE A 44 42.41 39.49 4.46
CA ILE A 44 43.52 38.73 5.01
C ILE A 44 44.48 38.41 3.88
N GLU A 45 45.74 38.78 4.05
CA GLU A 45 46.75 38.54 3.02
C GLU A 45 48.14 38.80 3.57
N PRO A 46 49.16 38.10 3.05
CA PRO A 46 48.95 37.12 1.98
C PRO A 46 48.71 35.72 2.49
N LEU A 47 48.12 34.88 1.65
CA LEU A 47 47.87 33.48 1.98
C LEU A 47 48.37 32.60 0.84
N GLU A 48 48.87 31.42 1.19
CA GLU A 48 49.33 30.48 0.19
C GLU A 48 48.23 30.25 -0.85
N PRO A 49 48.58 30.06 -2.13
CA PRO A 49 47.54 29.87 -3.14
C PRO A 49 46.62 28.71 -2.81
N GLY A 50 45.40 28.76 -3.33
CA GLY A 50 44.44 27.71 -3.05
C GLY A 50 44.20 27.49 -1.58
N PHE A 51 44.22 28.56 -0.79
CA PHE A 51 44.06 28.46 0.66
C PHE A 51 43.12 29.47 1.26
N GLY A 52 42.74 30.55 0.57
CA GLY A 52 41.85 31.53 1.16
C GLY A 52 40.41 31.05 1.27
N TYR A 53 39.96 30.23 0.32
CA TYR A 53 38.62 29.66 0.40
C TYR A 53 38.41 28.93 1.71
N THR A 54 39.38 28.10 2.11
CA THR A 54 39.23 27.33 3.34
C THR A 54 39.14 28.21 4.57
N LEU A 55 39.99 29.24 4.66
CA LEU A 55 39.92 30.15 5.79
C LEU A 55 38.58 30.88 5.83
N GLY A 56 38.18 31.46 4.70
CA GLY A 56 36.89 32.13 4.64
C GLY A 56 35.76 31.22 5.07
N ASN A 57 35.79 29.96 4.61
CA ASN A 57 34.69 29.07 4.92
C ASN A 57 34.70 28.67 6.39
N SER A 58 35.89 28.44 6.98
CA SER A 58 35.95 28.12 8.40
C SER A 58 35.39 29.26 9.24
N LEU A 59 35.80 30.49 8.92
CA LEU A 59 35.27 31.65 9.62
C LEU A 59 33.77 31.75 9.44
N ARG A 60 33.27 31.50 8.23
CA ARG A 60 31.83 31.57 7.98
C ARG A 60 31.08 30.53 8.81
N ARG A 61 31.58 29.30 8.84
CA ARG A 61 30.93 28.25 9.63
C ARG A 61 30.87 28.62 11.09
N THR A 62 32.01 29.03 11.66
CA THR A 62 32.02 29.41 13.07
C THR A 62 31.07 30.57 13.34
N LEU A 63 31.05 31.57 12.45
CA LEU A 63 30.17 32.72 12.64
C LEU A 63 28.71 32.32 12.62
N LEU A 64 28.33 31.51 11.63
CA LEU A 64 26.93 31.09 11.53
C LEU A 64 26.51 30.17 12.66
N SER A 65 27.47 29.49 13.31
CA SER A 65 27.12 28.48 14.30
C SER A 65 27.37 28.88 15.74
N SER A 66 28.45 29.58 16.06
CA SER A 66 28.95 29.64 17.43
C SER A 66 29.34 31.06 17.85
N ILE A 67 28.47 32.03 17.60
CA ILE A 67 28.67 33.40 18.07
C ILE A 67 27.75 33.62 19.27
N PRO A 68 28.27 33.64 20.49
CA PRO A 68 27.40 33.82 21.66
C PRO A 68 26.54 35.07 21.54
N GLY A 69 25.26 34.92 21.88
CA GLY A 69 24.32 36.00 21.80
C GLY A 69 23.25 35.89 22.86
N ALA A 70 22.23 36.74 22.78
CA ALA A 70 21.14 36.73 23.73
C ALA A 70 19.82 36.53 23.00
N ALA A 71 18.88 35.89 23.68
CA ALA A 71 17.57 35.65 23.10
C ALA A 71 16.60 35.35 24.23
N VAL A 72 15.33 35.28 23.88
CA VAL A 72 14.27 34.96 24.84
C VAL A 72 14.17 33.45 24.99
N THR A 73 13.96 33.00 26.22
CA THR A 73 13.79 31.59 26.52
C THR A 73 12.33 31.23 26.78
N SER A 74 11.67 31.95 27.67
CA SER A 74 10.27 31.73 27.99
C SER A 74 9.55 33.06 28.00
N ILE A 75 8.23 33.01 27.86
CA ILE A 75 7.38 34.16 28.11
C ILE A 75 6.17 33.70 28.91
N ARG A 76 5.52 34.66 29.54
CA ARG A 76 4.33 34.41 30.33
C ARG A 76 3.35 35.55 30.07
N ILE A 77 2.09 35.21 29.89
CA ILE A 77 1.03 36.18 29.64
C ILE A 77 -0.10 35.86 30.61
N ASP A 78 -0.39 36.78 31.53
CA ASP A 78 -1.25 36.46 32.66
C ASP A 78 -2.57 35.84 32.21
N GLY A 79 -3.25 36.48 31.27
CA GLY A 79 -4.56 36.00 30.88
C GLY A 79 -4.57 34.66 30.16
N VAL A 80 -3.39 34.13 29.83
CA VAL A 80 -3.28 32.98 28.96
C VAL A 80 -2.48 31.89 29.65
N LEU A 81 -2.90 30.64 29.45
CA LEU A 81 -2.24 29.48 30.03
C LEU A 81 -1.44 28.67 29.03
N HIS A 82 -1.70 28.83 27.73
CA HIS A 82 -0.95 28.12 26.70
C HIS A 82 -0.92 28.97 25.45
N GLU A 83 -0.10 28.52 24.48
CA GLU A 83 0.09 29.29 23.26
C GLU A 83 -1.21 29.44 22.48
N PHE A 84 -1.93 28.33 22.29
CA PHE A 84 -2.98 28.25 21.27
C PHE A 84 -4.26 28.87 21.80
N THR A 85 -4.29 30.21 21.79
CA THR A 85 -5.43 30.96 22.31
C THR A 85 -5.26 32.42 21.93
N THR A 86 -6.27 33.21 22.24
CA THR A 86 -6.25 34.64 21.98
C THR A 86 -6.29 35.41 23.29
N VAL A 87 -6.11 36.73 23.18
CA VAL A 87 -6.22 37.65 24.30
C VAL A 87 -7.26 38.70 23.92
N PRO A 88 -8.23 39.00 24.79
CA PRO A 88 -9.30 39.93 24.41
C PRO A 88 -8.74 41.27 23.98
N GLY A 89 -9.24 41.76 22.84
CA GLY A 89 -8.85 43.07 22.34
C GLY A 89 -7.57 43.13 21.55
N VAL A 90 -6.80 42.04 21.47
CA VAL A 90 -5.57 42.00 20.68
C VAL A 90 -5.88 41.37 19.32
N LYS A 91 -5.36 41.99 18.26
CA LYS A 91 -5.64 41.49 16.91
C LYS A 91 -4.87 40.22 16.58
N GLU A 92 -3.75 39.98 17.27
CA GLU A 92 -2.92 38.82 17.01
C GLU A 92 -3.14 37.77 18.10
N ASP A 93 -3.41 36.53 17.68
CA ASP A 93 -3.46 35.45 18.64
C ASP A 93 -2.07 35.20 19.22
N VAL A 94 -2.01 34.45 20.33
CA VAL A 94 -0.75 34.26 21.04
C VAL A 94 0.32 33.66 20.13
N THR A 95 -0.08 32.76 19.22
CA THR A 95 0.89 32.19 18.29
C THR A 95 1.53 33.27 17.43
N GLU A 96 0.71 34.14 16.85
CA GLU A 96 1.24 35.23 16.05
C GLU A 96 2.04 36.21 16.90
N ILE A 97 1.63 36.41 18.16
CA ILE A 97 2.41 37.26 19.05
C ILE A 97 3.81 36.71 19.21
N ILE A 98 3.92 35.41 19.51
CA ILE A 98 5.23 34.81 19.73
C ILE A 98 6.04 34.82 18.44
N LEU A 99 5.38 34.67 17.30
CA LEU A 99 6.11 34.77 16.03
C LEU A 99 6.70 36.16 15.85
N ASN A 100 5.86 37.20 16.02
CA ASN A 100 6.38 38.57 15.95
C ASN A 100 7.53 38.77 16.93
N LEU A 101 7.43 38.18 18.12
CA LEU A 101 8.48 38.33 19.12
C LEU A 101 9.75 37.61 18.72
N LYS A 102 9.67 36.58 17.89
CA LYS A 102 10.89 35.96 17.40
C LYS A 102 11.82 36.99 16.78
N SER A 103 11.26 38.05 16.19
CA SER A 103 12.07 39.05 15.51
C SER A 103 12.86 39.95 16.46
N LEU A 104 12.80 39.71 17.76
CA LEU A 104 13.49 40.60 18.71
C LEU A 104 15.00 40.39 18.66
N VAL A 105 15.72 41.49 18.61
CA VAL A 105 17.18 41.50 18.75
C VAL A 105 17.52 42.19 20.07
N VAL A 106 18.13 41.45 20.99
CA VAL A 106 18.41 41.95 22.33
C VAL A 106 19.74 41.38 22.80
N SER A 107 20.45 42.17 23.61
CA SER A 107 21.77 41.79 24.09
C SER A 107 21.83 41.93 25.60
N SER A 108 22.26 40.88 26.29
CA SER A 108 22.36 40.86 27.74
C SER A 108 23.77 40.48 28.16
N GLU A 109 24.31 41.21 29.13
CA GLU A 109 25.63 40.93 29.68
C GLU A 109 25.55 40.10 30.96
N GLU A 110 24.34 39.73 31.38
CA GLU A 110 24.18 39.06 32.68
C GLU A 110 24.81 37.68 32.69
N ASP A 111 24.60 36.89 31.63
CA ASP A 111 25.00 35.50 31.61
C ASP A 111 24.23 34.66 32.63
N GLU A 112 22.99 35.07 32.90
CA GLU A 112 22.11 34.39 33.84
C GLU A 112 20.68 34.79 33.51
N PRO A 113 19.70 33.92 33.79
CA PRO A 113 18.31 34.25 33.41
C PRO A 113 17.84 35.54 34.06
N VAL A 114 17.55 36.53 33.23
CA VAL A 114 16.96 37.79 33.67
C VAL A 114 15.54 37.87 33.12
N THR A 115 14.79 38.87 33.58
CA THR A 115 13.40 39.00 33.19
C THR A 115 13.08 40.42 32.77
N MET A 116 12.28 40.54 31.70
CA MET A 116 11.76 41.80 31.20
C MET A 116 10.25 41.79 31.35
N TYR A 117 9.65 42.98 31.29
CA TYR A 117 8.21 43.13 31.46
C TYR A 117 7.64 44.01 30.36
N LEU A 118 6.32 43.91 30.17
CA LEU A 118 5.65 44.73 29.17
C LEU A 118 4.17 44.84 29.54
N ARG A 119 3.74 46.02 29.97
CA ARG A 119 2.33 46.31 30.14
C ARG A 119 1.88 47.32 29.08
N LYS A 120 0.62 47.21 28.66
CA LYS A 120 0.08 48.20 27.74
C LYS A 120 -1.43 48.07 27.58
N GLN A 121 -2.14 49.19 27.71
CA GLN A 121 -3.58 49.24 27.48
C GLN A 121 -3.86 50.08 26.26
N GLY A 122 -4.78 49.60 25.42
CA GLY A 122 -5.05 50.24 24.15
C GLY A 122 -6.16 51.24 24.26
N PRO A 123 -6.52 51.87 23.12
CA PRO A 123 -5.99 51.62 21.78
C PRO A 123 -4.49 51.86 21.66
N GLY A 124 -3.84 51.19 20.73
CA GLY A 124 -2.43 51.45 20.47
C GLY A 124 -1.73 50.22 19.93
N GLU A 125 -0.53 50.47 19.40
CA GLU A 125 0.31 49.43 18.82
C GLU A 125 1.43 49.12 19.80
N VAL A 126 1.38 47.93 20.40
CA VAL A 126 2.45 47.49 21.28
C VAL A 126 3.65 47.10 20.41
N THR A 127 4.77 47.79 20.61
CA THR A 127 6.03 47.53 19.91
C THR A 127 7.09 47.10 20.92
N ALA A 128 8.29 46.84 20.41
CA ALA A 128 9.37 46.37 21.29
C ALA A 128 9.78 47.43 22.30
N GLY A 129 9.75 48.71 21.91
CA GLY A 129 10.11 49.77 22.84
C GLY A 129 9.33 49.70 24.14
N ASP A 130 8.06 49.32 24.07
CA ASP A 130 7.22 49.22 25.27
C ASP A 130 7.72 48.19 26.27
N ILE A 131 8.84 47.52 26.02
CA ILE A 131 9.39 46.54 26.96
C ILE A 131 10.37 47.25 27.89
N VAL A 132 10.28 46.96 29.18
CA VAL A 132 11.20 47.55 30.16
C VAL A 132 12.31 46.54 30.42
N PRO A 133 13.42 46.61 29.69
CA PRO A 133 14.51 45.66 29.91
C PRO A 133 15.21 45.95 31.22
N PRO A 134 15.47 44.93 32.03
CA PRO A 134 16.27 45.14 33.24
C PRO A 134 17.65 45.67 32.89
N ALA A 135 18.20 46.49 33.79
CA ALA A 135 19.54 47.02 33.59
C ALA A 135 20.50 45.90 33.22
N GLY A 136 21.23 46.10 32.12
CA GLY A 136 22.13 45.11 31.58
C GLY A 136 21.66 44.47 30.29
N VAL A 137 20.35 44.47 30.04
CA VAL A 137 19.78 43.96 28.81
C VAL A 137 19.32 45.14 27.97
N THR A 138 19.67 45.13 26.69
CA THR A 138 19.37 46.22 25.76
C THR A 138 18.57 45.68 24.59
N VAL A 139 17.45 46.36 24.30
CA VAL A 139 16.61 46.06 23.15
C VAL A 139 16.99 47.00 22.02
N HIS A 140 17.24 46.44 20.83
CA HIS A 140 17.93 47.17 19.77
C HIS A 140 17.05 47.62 18.62
N ASN A 141 15.76 47.30 18.62
CA ASN A 141 14.86 47.68 17.53
C ASN A 141 13.49 48.02 18.10
N PRO A 142 13.39 49.14 18.83
CA PRO A 142 12.12 49.49 19.46
C PRO A 142 10.96 49.63 18.49
N GLY A 143 11.22 49.70 17.18
CA GLY A 143 10.14 49.90 16.23
C GLY A 143 9.37 48.65 15.87
N MET A 144 9.97 47.48 16.07
CA MET A 144 9.35 46.21 15.67
C MET A 144 7.93 46.10 16.19
N HIS A 145 7.01 45.72 15.31
CA HIS A 145 5.64 45.50 15.73
C HIS A 145 5.55 44.25 16.60
N ILE A 146 4.72 44.32 17.63
CA ILE A 146 4.39 43.18 18.48
C ILE A 146 2.90 42.85 18.43
N ALA A 147 2.06 43.86 18.57
CA ALA A 147 0.62 43.59 18.58
C ALA A 147 -0.15 44.89 18.37
N THR A 148 -1.42 44.73 18.03
CA THR A 148 -2.35 45.85 17.91
C THR A 148 -3.44 45.68 18.95
N LEU A 149 -3.83 46.77 19.61
CA LEU A 149 -4.80 46.74 20.69
C LEU A 149 -5.86 47.80 20.44
N ASN A 150 -7.10 47.46 20.75
CA ASN A 150 -8.24 48.36 20.64
C ASN A 150 -8.78 48.66 22.03
N ASP A 151 -9.92 49.35 22.07
CA ASP A 151 -10.51 49.83 23.32
C ASP A 151 -10.43 48.80 24.44
N LYS A 152 -10.84 47.57 24.17
CA LYS A 152 -10.97 46.54 25.20
C LYS A 152 -9.72 45.70 25.39
N GLY A 153 -8.58 46.11 24.81
CA GLY A 153 -7.39 45.28 24.79
C GLY A 153 -6.38 45.68 25.84
N LYS A 154 -5.90 44.70 26.58
CA LYS A 154 -4.94 44.90 27.66
C LYS A 154 -3.92 43.79 27.60
N LEU A 155 -2.64 44.13 27.48
CA LEU A 155 -1.58 43.15 27.35
C LEU A 155 -0.59 43.30 28.50
N GLU A 156 -0.16 42.17 29.06
CA GLU A 156 0.73 42.17 30.21
C GLU A 156 1.60 40.92 30.12
N VAL A 157 2.87 41.12 29.77
CA VAL A 157 3.78 40.04 29.39
C VAL A 157 5.04 40.08 30.24
N GLU A 158 5.64 38.91 30.41
CA GLU A 158 6.83 38.73 31.23
C GLU A 158 7.78 37.79 30.49
N LEU A 159 8.94 38.29 30.09
CA LEU A 159 9.81 37.59 29.15
C LEU A 159 11.15 37.26 29.80
N VAL A 160 11.46 35.98 29.93
CA VAL A 160 12.76 35.57 30.43
C VAL A 160 13.77 35.66 29.30
N VAL A 161 14.91 36.29 29.57
CA VAL A 161 16.01 36.42 28.62
C VAL A 161 17.23 35.73 29.19
N GLU A 162 17.88 34.91 28.38
CA GLU A 162 19.08 34.19 28.77
C GLU A 162 20.15 34.42 27.71
N ARG A 163 21.34 33.88 27.97
CA ARG A 163 22.48 34.02 27.10
C ARG A 163 22.89 32.63 26.61
N GLY A 164 22.96 32.47 25.30
CA GLY A 164 23.32 31.19 24.71
C GLY A 164 24.05 31.36 23.39
N ARG A 165 24.12 30.28 22.61
CA ARG A 165 24.77 30.34 21.30
C ARG A 165 24.06 29.39 20.35
N GLY A 166 24.12 29.73 19.07
CA GLY A 166 23.48 28.88 18.07
C GLY A 166 21.97 28.93 18.17
N TYR A 167 21.35 27.76 18.16
CA TYR A 167 19.90 27.64 18.19
C TYR A 167 19.52 26.52 19.13
N VAL A 168 18.60 26.79 20.05
CA VAL A 168 18.16 25.82 21.04
C VAL A 168 16.63 25.82 21.05
N PRO A 169 15.99 24.71 20.70
CA PRO A 169 14.52 24.68 20.69
C PRO A 169 13.96 24.75 22.10
N ALA A 170 12.70 25.17 22.19
CA ALA A 170 12.02 25.40 23.46
C ALA A 170 12.33 24.30 24.47
N VAL A 171 12.60 24.70 25.69
CA VAL A 171 12.94 23.77 26.76
C VAL A 171 11.66 23.38 27.49
N GLN A 172 11.35 22.09 27.46
CA GLN A 172 10.06 21.56 27.91
C GLN A 172 9.69 22.00 29.33
N ASN A 173 8.40 21.97 29.66
CA ASN A 173 7.93 22.31 31.00
C ASN A 173 8.03 21.17 31.98
N ARG A 174 8.34 19.94 31.52
CA ARG A 174 8.74 18.88 32.43
C ARG A 174 10.25 18.71 32.49
N ALA A 175 10.98 19.16 31.47
CA ALA A 175 12.43 19.20 31.55
C ALA A 175 12.92 20.28 32.51
N SER A 176 12.08 21.27 32.82
CA SER A 176 12.34 22.27 33.84
C SER A 176 11.26 22.16 34.90
N GLY A 177 11.52 22.78 36.06
CA GLY A 177 10.54 22.79 37.12
C GLY A 177 9.42 23.77 36.85
N ALA A 178 9.20 24.08 35.57
CA ALA A 178 8.23 25.11 35.20
C ALA A 178 6.82 24.70 35.55
N GLU A 179 6.01 25.66 35.98
CA GLU A 179 4.60 25.43 36.22
C GLU A 179 3.83 25.63 34.91
N ILE A 180 2.51 25.44 34.97
CA ILE A 180 1.70 25.43 33.76
C ILE A 180 1.63 26.80 33.09
N GLY A 181 2.22 27.83 33.70
CA GLY A 181 2.14 29.15 33.10
C GLY A 181 3.12 29.41 31.96
N ARG A 182 4.36 28.97 32.13
CA ARG A 182 5.40 29.31 31.16
C ARG A 182 5.03 28.84 29.77
N ILE A 183 5.44 29.63 28.78
CA ILE A 183 5.26 29.29 27.37
C ILE A 183 6.63 29.25 26.70
N PRO A 184 7.41 28.18 26.87
CA PRO A 184 8.75 28.13 26.28
C PRO A 184 8.74 28.49 24.81
N VAL A 185 9.83 29.12 24.36
CA VAL A 185 9.96 29.63 23.00
C VAL A 185 11.32 29.23 22.45
N ASP A 186 11.38 29.07 21.12
CA ASP A 186 12.65 28.77 20.47
C ASP A 186 13.62 29.93 20.67
N SER A 187 14.87 29.60 20.97
CA SER A 187 15.91 30.59 21.23
C SER A 187 16.89 30.60 20.07
N ILE A 188 16.88 31.67 19.29
CA ILE A 188 17.83 31.86 18.20
C ILE A 188 18.92 32.80 18.72
N TYR A 189 19.96 32.21 19.30
CA TYR A 189 21.00 33.01 19.97
C TYR A 189 21.90 33.73 18.97
N SER A 190 22.26 33.09 17.87
CA SER A 190 23.30 33.61 16.98
C SER A 190 23.00 35.05 16.56
N PRO A 191 23.89 36.01 16.82
CA PRO A 191 23.69 37.39 16.37
C PRO A 191 24.21 37.67 14.98
N VAL A 192 24.87 36.71 14.34
CA VAL A 192 25.39 36.88 12.99
C VAL A 192 24.25 36.70 12.00
N LEU A 193 24.17 37.60 11.01
CA LEU A 193 23.08 37.60 10.04
C LEU A 193 23.44 36.85 8.76
N LYS A 194 24.47 37.31 8.04
CA LYS A 194 24.80 36.75 6.74
C LYS A 194 26.29 36.94 6.46
N VAL A 195 26.97 35.84 6.15
CA VAL A 195 28.42 35.83 5.97
C VAL A 195 28.75 35.26 4.60
N THR A 196 29.77 35.81 3.95
CA THR A 196 30.21 35.35 2.64
C THR A 196 31.69 35.68 2.50
N TYR A 197 32.26 35.34 1.35
CA TYR A 197 33.67 35.64 1.14
C TYR A 197 34.01 35.46 -0.34
N LYS A 198 35.06 36.17 -0.75
CA LYS A 198 35.69 35.97 -2.05
C LYS A 198 37.19 35.87 -1.86
N VAL A 199 37.90 35.49 -2.91
CA VAL A 199 39.37 35.47 -2.88
C VAL A 199 39.88 35.90 -4.25
N ASP A 200 40.89 36.76 -4.23
CA ASP A 200 41.60 37.16 -5.44
C ASP A 200 42.90 36.38 -5.51
N ALA A 201 43.04 35.57 -6.56
CA ALA A 201 44.23 34.77 -6.78
C ALA A 201 45.16 35.49 -7.75
N THR A 202 46.46 35.40 -7.50
CA THR A 202 47.45 36.07 -8.32
C THR A 202 48.58 35.09 -8.62
N ARG A 203 48.80 34.83 -9.91
CA ARG A 203 49.83 33.91 -10.36
C ARG A 203 51.08 34.64 -10.86
N ARG A 207 55.39 34.03 -11.18
CA ARG A 207 55.87 32.81 -10.54
C ARG A 207 55.62 32.83 -9.03
N THR A 208 55.49 34.03 -8.48
CA THR A 208 55.20 34.22 -7.06
C THR A 208 53.70 34.48 -6.91
N ASP A 209 52.96 33.44 -6.56
CA ASP A 209 51.51 33.47 -6.49
C ASP A 209 51.04 33.63 -5.04
N PHE A 210 49.82 34.15 -4.88
CA PHE A 210 49.26 34.34 -3.55
C PHE A 210 47.77 34.65 -3.67
N ASP A 211 47.05 34.38 -2.57
CA ASP A 211 45.61 34.60 -2.48
C ASP A 211 45.31 35.66 -1.44
N LYS A 212 44.37 36.55 -1.77
CA LYS A 212 43.87 37.57 -0.86
C LYS A 212 42.43 37.25 -0.52
N LEU A 213 42.14 37.06 0.77
CA LEU A 213 40.83 36.60 1.23
C LEU A 213 40.01 37.79 1.73
N ILE A 214 38.87 38.03 1.07
CA ILE A 214 37.97 39.13 1.42
C ILE A 214 36.73 38.51 2.06
N LEU A 215 36.71 38.48 3.39
CA LEU A 215 35.57 38.00 4.15
C LEU A 215 34.55 39.12 4.37
N ASP A 216 33.27 38.76 4.41
CA ASP A 216 32.19 39.72 4.50
C ASP A 216 31.23 39.26 5.58
N VAL A 217 31.08 40.07 6.63
CA VAL A 217 30.26 39.72 7.79
C VAL A 217 29.16 40.77 7.93
N GLU A 218 27.93 40.31 8.12
CA GLU A 218 26.80 41.16 8.48
C GLU A 218 26.13 40.55 9.70
N THR A 219 25.85 41.39 10.71
CA THR A 219 25.27 40.93 11.96
C THR A 219 24.08 41.80 12.32
N LYS A 220 23.33 41.36 13.32
CA LYS A 220 22.30 42.18 13.92
C LYS A 220 22.92 43.29 14.76
N ASN A 221 22.10 44.27 15.15
CA ASN A 221 22.62 45.36 15.97
C ASN A 221 23.10 44.84 17.32
N SER A 222 22.90 43.55 17.58
CA SER A 222 23.28 42.98 18.87
C SER A 222 24.77 43.21 19.15
N ILE A 223 25.63 42.82 18.22
CA ILE A 223 27.06 43.05 18.34
C ILE A 223 27.61 43.45 16.97
N SER A 224 28.84 43.92 16.98
CA SER A 224 29.42 44.42 15.74
C SER A 224 30.10 43.31 14.96
N PRO A 225 30.20 43.47 13.64
CA PRO A 225 30.97 42.48 12.85
C PRO A 225 32.36 42.24 13.39
N ARG A 226 33.05 43.31 13.81
CA ARG A 226 34.37 43.16 14.40
C ARG A 226 34.33 42.20 15.58
N ASP A 227 33.37 42.40 16.49
CA ASP A 227 33.29 41.55 17.68
C ASP A 227 32.94 40.12 17.31
N ALA A 228 32.06 39.93 16.32
CA ALA A 228 31.71 38.58 15.88
C ALA A 228 32.93 37.85 15.34
N LEU A 229 33.65 38.49 14.42
CA LEU A 229 34.86 37.87 13.88
C LEU A 229 35.89 37.61 14.97
N ALA A 230 35.97 38.50 15.96
CA ALA A 230 36.91 38.31 17.06
C ALA A 230 36.58 37.05 17.85
N SER A 231 35.31 36.88 18.24
CA SER A 231 34.94 35.69 18.99
C SER A 231 35.13 34.43 18.14
N ALA A 232 34.83 34.53 16.84
CA ALA A 232 35.03 33.39 15.95
C ALA A 232 36.49 32.98 15.94
N GLY A 233 37.39 33.95 15.79
CA GLY A 233 38.81 33.65 15.80
C GLY A 233 39.27 33.09 17.13
N LYS A 234 38.70 33.61 18.23
CA LYS A 234 39.04 33.07 19.55
C LYS A 234 38.68 31.59 19.64
N THR A 235 37.45 31.24 19.24
CA THR A 235 37.04 29.84 19.29
C THR A 235 37.88 28.97 18.36
N LEU A 236 38.20 29.49 17.18
CA LEU A 236 38.99 28.72 16.23
C LEU A 236 40.41 28.48 16.74
N VAL A 237 41.00 29.48 17.39
CA VAL A 237 42.32 29.30 17.99
C VAL A 237 42.24 28.27 19.11
N GLU A 238 41.25 28.40 19.99
CA GLU A 238 41.07 27.43 21.06
C GLU A 238 40.93 26.02 20.52
N LEU A 239 40.26 25.87 19.38
CA LEU A 239 40.01 24.53 18.86
C LEU A 239 41.21 23.95 18.11
N PHE A 240 41.88 24.77 17.28
CA PHE A 240 43.09 24.31 16.64
C PHE A 240 44.25 24.14 17.61
N GLY A 241 44.11 24.61 18.85
CA GLY A 241 45.09 24.34 19.88
C GLY A 241 45.23 22.87 20.24
N LEU A 242 44.44 22.01 19.59
CA LEU A 242 44.58 20.57 19.78
C LEU A 242 45.80 19.99 19.09
N ALA A 243 46.58 20.82 18.37
CA ALA A 243 47.79 20.32 17.74
C ALA A 243 48.80 19.84 18.78
N ARG A 244 49.00 20.61 19.85
CA ARG A 244 49.87 20.22 20.94
C ARG A 244 51.27 19.84 20.45
N MET B 22 26.70 31.66 28.32
CA MET B 22 27.49 30.88 27.38
C MET B 22 27.79 29.49 27.95
N LEU B 23 28.16 28.56 27.07
CA LEU B 23 28.40 27.17 27.45
C LEU B 23 29.86 26.80 27.15
N ILE B 24 30.19 25.51 27.30
CA ILE B 24 31.53 24.99 27.08
C ILE B 24 31.45 23.60 26.48
N SER B 25 32.57 23.16 25.88
CA SER B 25 32.66 21.86 25.22
C SER B 25 33.24 20.82 26.17
N GLN B 26 32.78 19.58 26.01
CA GLN B 26 33.10 18.49 26.93
C GLN B 26 34.05 17.50 26.28
N ARG B 27 35.32 17.53 26.69
CA ARG B 27 36.29 16.47 26.42
C ARG B 27 36.61 16.26 24.94
N PRO B 28 37.17 17.26 24.25
CA PRO B 28 37.71 17.00 22.91
C PRO B 28 39.16 16.53 22.96
N THR B 29 39.46 15.39 22.35
CA THR B 29 40.79 14.78 22.48
C THR B 29 41.37 14.45 21.11
N LEU B 30 42.68 14.30 21.07
CA LEU B 30 43.42 13.96 19.85
C LEU B 30 44.26 12.71 20.11
N SER B 31 44.03 11.67 19.31
CA SER B 31 44.73 10.40 19.43
C SER B 31 45.45 10.06 18.13
N GLU B 32 46.50 9.24 18.23
CA GLU B 32 47.29 8.86 17.08
C GLU B 32 47.41 7.35 16.97
N ASP B 33 47.32 6.86 15.73
CA ASP B 33 47.65 5.48 15.39
C ASP B 33 48.73 5.51 14.33
N VAL B 34 49.75 4.67 14.49
CA VAL B 34 50.93 4.71 13.64
C VAL B 34 50.85 3.53 12.66
N LEU B 35 50.67 3.84 11.37
CA LEU B 35 50.67 2.79 10.37
C LEU B 35 52.10 2.44 9.96
N THR B 36 52.91 3.46 9.73
CA THR B 36 54.33 3.31 9.43
C THR B 36 55.11 4.33 10.23
N ASP B 37 56.44 4.22 10.20
CA ASP B 37 57.28 5.18 10.90
C ASP B 37 57.19 6.58 10.31
N ASN B 38 56.48 6.75 9.20
CA ASN B 38 56.26 8.07 8.62
C ASN B 38 54.82 8.28 8.17
N ARG B 39 53.91 7.36 8.48
CA ARG B 39 52.50 7.49 8.13
C ARG B 39 51.64 7.21 9.36
N SER B 40 50.70 8.11 9.64
CA SER B 40 49.87 7.98 10.82
C SER B 40 48.48 8.53 10.56
N GLN B 41 47.53 8.04 11.35
CA GLN B 41 46.17 8.53 11.36
C GLN B 41 45.90 9.21 12.70
N PHE B 42 45.43 10.45 12.64
CA PHE B 42 45.06 11.21 13.82
C PHE B 42 43.54 11.28 13.91
N VAL B 43 43.03 11.25 15.14
CA VAL B 43 41.59 11.25 15.39
C VAL B 43 41.29 12.34 16.40
N ILE B 44 40.49 13.33 16.00
CA ILE B 44 40.02 14.37 16.90
C ILE B 44 38.55 14.08 17.22
N GLU B 45 38.27 13.79 18.50
CA GLU B 45 36.97 13.29 18.88
C GLU B 45 36.70 13.57 20.34
N PRO B 46 35.45 13.89 20.71
CA PRO B 46 34.38 14.21 19.78
C PRO B 46 34.14 15.72 19.67
N LEU B 47 34.09 16.23 18.45
CA LEU B 47 33.83 17.65 18.23
C LEU B 47 32.33 17.92 18.18
N GLU B 48 31.95 19.14 18.54
CA GLU B 48 30.54 19.51 18.47
C GLU B 48 30.05 19.42 17.02
N PRO B 49 28.79 19.02 16.82
CA PRO B 49 28.29 18.77 15.46
C PRO B 49 28.56 19.93 14.50
N GLY B 50 29.30 19.64 13.43
CA GLY B 50 29.55 20.59 12.37
C GLY B 50 30.99 21.06 12.27
N PHE B 51 31.76 21.00 13.36
CA PHE B 51 33.12 21.53 13.34
C PHE B 51 34.11 20.62 12.62
N GLY B 52 33.78 19.33 12.49
CA GLY B 52 34.63 18.45 11.71
C GLY B 52 35.00 19.04 10.36
N TYR B 53 33.99 19.49 9.62
CA TYR B 53 34.25 20.07 8.31
C TYR B 53 34.84 21.48 8.41
N THR B 54 34.52 22.22 9.48
CA THR B 54 35.10 23.55 9.61
C THR B 54 36.60 23.50 9.77
N LEU B 55 37.13 22.45 10.42
CA LEU B 55 38.57 22.38 10.65
C LEU B 55 39.25 21.21 9.94
N GLY B 56 38.55 20.50 9.06
CA GLY B 56 39.19 19.46 8.28
C GLY B 56 39.92 19.93 7.04
N ASN B 57 39.19 20.58 6.13
CA ASN B 57 39.82 21.06 4.91
C ASN B 57 40.92 22.08 5.24
N SER B 58 40.71 22.88 6.28
CA SER B 58 41.74 23.84 6.70
C SER B 58 43.02 23.11 7.09
N LEU B 59 42.91 22.08 7.93
CA LEU B 59 44.10 21.35 8.34
C LEU B 59 44.76 20.65 7.17
N ARG B 60 43.96 20.08 6.26
CA ARG B 60 44.55 19.41 5.10
C ARG B 60 45.37 20.39 4.27
N ARG B 61 44.78 21.54 3.93
CA ARG B 61 45.49 22.49 3.10
C ARG B 61 46.68 23.12 3.83
N THR B 62 46.59 23.25 5.16
CA THR B 62 47.72 23.75 5.91
C THR B 62 48.88 22.76 5.92
N LEU B 63 48.56 21.47 6.08
CA LEU B 63 49.60 20.45 6.02
C LEU B 63 50.25 20.40 4.64
N LEU B 64 49.45 20.49 3.59
CA LEU B 64 49.99 20.37 2.23
C LEU B 64 50.56 21.67 1.69
N SER B 65 50.38 22.80 2.36
CA SER B 65 50.81 24.07 1.78
C SER B 65 51.45 25.05 2.76
N SER B 66 51.65 24.69 4.02
CA SER B 66 52.17 25.63 5.02
C SER B 66 53.23 24.97 5.88
N ILE B 67 54.17 24.26 5.25
CA ILE B 67 55.30 23.65 5.93
C ILE B 67 56.55 23.97 5.13
N PRO B 68 57.58 24.56 5.72
CA PRO B 68 58.79 24.87 4.98
C PRO B 68 59.57 23.60 4.64
N GLY B 69 59.88 23.42 3.37
CA GLY B 69 60.62 22.25 2.92
C GLY B 69 61.38 22.55 1.65
N ALA B 70 62.49 21.83 1.47
CA ALA B 70 63.34 22.01 0.32
C ALA B 70 63.32 20.77 -0.56
N ALA B 71 63.50 20.98 -1.85
CA ALA B 71 63.52 19.89 -2.82
C ALA B 71 64.16 20.39 -4.11
N VAL B 72 64.29 19.49 -5.08
CA VAL B 72 64.98 19.80 -6.32
C VAL B 72 64.16 20.79 -7.14
N THR B 73 64.79 21.89 -7.54
CA THR B 73 64.15 22.90 -8.37
C THR B 73 64.53 22.78 -9.84
N SER B 74 65.75 22.36 -10.15
CA SER B 74 66.21 22.22 -11.52
C SER B 74 67.45 21.34 -11.54
N ILE B 75 67.77 20.84 -12.73
CA ILE B 75 68.92 19.97 -12.91
C ILE B 75 69.57 20.27 -14.26
N ARG B 76 70.90 20.10 -14.30
CA ARG B 76 71.69 20.21 -15.51
C ARG B 76 72.40 18.88 -15.73
N ILE B 77 72.10 18.22 -16.84
CA ILE B 77 72.65 16.92 -17.16
C ILE B 77 73.72 17.08 -18.24
N ASP B 78 74.86 16.43 -18.04
CA ASP B 78 75.95 16.48 -19.00
C ASP B 78 75.68 15.50 -20.14
N GLY B 79 75.81 15.98 -21.38
CA GLY B 79 75.65 15.17 -22.55
C GLY B 79 74.37 15.43 -23.32
N VAL B 80 73.38 16.10 -22.72
CA VAL B 80 72.14 16.44 -23.40
C VAL B 80 71.63 17.78 -22.88
N LEU B 81 71.53 18.76 -23.78
CA LEU B 81 71.09 20.10 -23.40
C LEU B 81 69.98 20.66 -24.29
N HIS B 82 69.83 20.16 -25.51
CA HIS B 82 68.81 20.65 -26.44
C HIS B 82 67.71 19.61 -26.67
N GLU B 83 68.08 18.40 -27.10
CA GLU B 83 67.07 17.40 -27.46
C GLU B 83 66.35 16.87 -26.24
N PHE B 84 67.08 16.63 -25.14
CA PHE B 84 66.52 15.98 -23.96
C PHE B 84 65.91 14.62 -24.29
N THR B 85 66.33 14.03 -25.41
CA THR B 85 65.74 12.78 -25.86
C THR B 85 66.18 11.61 -24.99
N THR B 86 67.49 11.33 -24.96
CA THR B 86 68.04 10.24 -24.17
C THR B 86 69.39 10.68 -23.63
N VAL B 87 69.95 9.85 -22.74
CA VAL B 87 71.24 10.11 -22.12
C VAL B 87 72.17 8.96 -22.50
N PRO B 88 73.35 9.23 -23.04
CA PRO B 88 74.24 8.14 -23.46
C PRO B 88 74.85 7.41 -22.29
N GLY B 89 74.99 6.09 -22.44
CA GLY B 89 75.61 5.27 -21.42
C GLY B 89 74.71 4.86 -20.27
N VAL B 90 73.43 5.19 -20.31
CA VAL B 90 72.51 4.91 -19.22
C VAL B 90 71.17 4.49 -19.80
N LYS B 91 70.51 3.53 -19.14
CA LYS B 91 69.24 3.00 -19.64
C LYS B 91 68.14 4.05 -19.54
N GLU B 92 67.93 4.61 -18.34
CA GLU B 92 66.82 5.52 -18.11
C GLU B 92 66.87 6.68 -19.08
N ASP B 93 65.68 7.15 -19.48
CA ASP B 93 65.57 8.34 -20.31
C ASP B 93 65.54 9.58 -19.43
N VAL B 94 65.39 10.74 -20.04
CA VAL B 94 65.44 11.99 -19.29
C VAL B 94 64.26 12.09 -18.32
N THR B 95 63.06 11.73 -18.77
CA THR B 95 61.88 11.94 -17.95
C THR B 95 61.84 10.98 -16.76
N GLU B 96 62.25 9.73 -16.96
CA GLU B 96 62.36 8.82 -15.82
C GLU B 96 63.35 9.34 -14.79
N ILE B 97 64.40 10.01 -15.24
CA ILE B 97 65.36 10.59 -14.29
C ILE B 97 64.73 11.77 -13.55
N ILE B 98 64.00 12.62 -14.27
CA ILE B 98 63.29 13.72 -13.61
C ILE B 98 62.37 13.16 -12.53
N LEU B 99 61.65 12.08 -12.85
CA LEU B 99 60.73 11.49 -11.88
C LEU B 99 61.48 10.92 -10.68
N ASN B 100 62.54 10.15 -10.92
CA ASN B 100 63.31 9.60 -9.82
C ASN B 100 63.86 10.69 -8.91
N LEU B 101 64.24 11.83 -9.49
CA LEU B 101 64.78 12.91 -8.67
C LEU B 101 63.70 13.64 -7.90
N LYS B 102 62.53 13.89 -8.52
CA LYS B 102 61.47 14.61 -7.84
C LYS B 102 61.06 13.90 -6.55
N SER B 103 61.25 12.58 -6.48
CA SER B 103 60.97 11.81 -5.27
C SER B 103 62.14 11.83 -4.29
N LEU B 104 63.06 12.79 -4.42
CA LEU B 104 64.17 12.89 -3.49
C LEU B 104 63.73 13.61 -2.22
N VAL B 105 64.35 13.22 -1.10
CA VAL B 105 64.10 13.83 0.20
C VAL B 105 65.35 14.62 0.57
N VAL B 106 65.23 15.94 0.57
CA VAL B 106 66.34 16.84 0.84
C VAL B 106 65.90 17.88 1.87
N SER B 107 66.74 18.13 2.87
CA SER B 107 66.52 19.15 3.87
C SER B 107 67.69 20.12 3.84
N SER B 108 67.41 21.39 3.59
CA SER B 108 68.45 22.40 3.43
C SER B 108 68.21 23.56 4.38
N GLU B 109 69.28 24.05 4.99
CA GLU B 109 69.20 25.21 5.87
C GLU B 109 69.61 26.51 5.19
N GLU B 110 70.43 26.44 4.14
CA GLU B 110 70.76 27.63 3.35
C GLU B 110 69.52 28.05 2.59
N ASP B 111 68.87 29.12 3.07
CA ASP B 111 67.59 29.53 2.49
C ASP B 111 67.74 30.07 1.07
N GLU B 112 68.92 30.55 0.70
CA GLU B 112 69.17 30.92 -0.68
C GLU B 112 69.45 29.68 -1.52
N PRO B 113 69.27 29.76 -2.84
CA PRO B 113 69.46 28.58 -3.67
C PRO B 113 70.85 27.96 -3.48
N VAL B 114 70.89 26.63 -3.47
CA VAL B 114 72.12 25.87 -3.27
C VAL B 114 72.24 24.86 -4.39
N THR B 115 73.49 24.49 -4.70
CA THR B 115 73.79 23.55 -5.76
C THR B 115 74.49 22.32 -5.20
N MET B 116 74.20 21.17 -5.79
CA MET B 116 74.86 19.92 -5.46
C MET B 116 75.29 19.24 -6.76
N TYR B 117 76.18 18.27 -6.63
CA TYR B 117 76.69 17.56 -7.80
C TYR B 117 76.72 16.06 -7.53
N LEU B 118 76.27 15.28 -8.52
CA LEU B 118 76.34 13.83 -8.47
C LEU B 118 77.26 13.34 -9.57
N ARG B 119 78.21 12.49 -9.20
CA ARG B 119 79.19 11.94 -10.14
C ARG B 119 79.32 10.45 -9.92
N LYS B 120 79.30 9.69 -11.00
CA LYS B 120 79.63 8.27 -10.95
C LYS B 120 80.06 7.83 -12.35
N GLN B 121 80.58 6.61 -12.43
CA GLN B 121 81.18 6.14 -13.68
C GLN B 121 81.25 4.62 -13.66
N GLY B 122 81.54 4.06 -14.83
CA GLY B 122 81.72 2.64 -14.98
C GLY B 122 80.46 1.85 -14.74
N PRO B 123 80.42 0.61 -15.23
CA PRO B 123 79.23 -0.23 -15.02
C PRO B 123 78.96 -0.42 -13.54
N GLY B 124 77.67 -0.38 -13.19
CA GLY B 124 77.25 -0.48 -11.81
C GLY B 124 75.87 0.08 -11.58
N GLU B 125 75.71 0.93 -10.57
CA GLU B 125 74.41 1.52 -10.27
C GLU B 125 74.61 2.70 -9.33
N VAL B 126 73.85 3.76 -9.56
CA VAL B 126 73.93 4.99 -8.78
C VAL B 126 72.79 5.00 -7.77
N THR B 127 72.96 5.81 -6.72
CA THR B 127 71.96 5.93 -5.66
C THR B 127 72.00 7.36 -5.14
N ALA B 128 71.39 7.59 -3.97
CA ALA B 128 71.38 8.91 -3.37
C ALA B 128 72.66 9.20 -2.59
N GLY B 129 73.25 8.19 -1.98
CA GLY B 129 74.49 8.40 -1.25
C GLY B 129 75.67 8.77 -2.12
N ASP B 130 75.60 8.46 -3.42
CA ASP B 130 76.71 8.78 -4.33
C ASP B 130 76.83 10.28 -4.58
N ILE B 131 75.77 11.03 -4.35
CA ILE B 131 75.81 12.48 -4.56
C ILE B 131 76.46 13.15 -3.35
N VAL B 132 77.21 14.21 -3.61
CA VAL B 132 77.92 14.95 -2.55
C VAL B 132 77.00 16.06 -2.07
N PRO B 133 76.52 16.02 -0.84
CA PRO B 133 75.68 17.10 -0.33
C PRO B 133 76.53 18.22 0.25
N PRO B 134 76.47 19.42 -0.34
CA PRO B 134 77.21 20.54 0.24
C PRO B 134 76.79 20.79 1.68
N ALA B 135 77.71 21.39 2.45
CA ALA B 135 77.47 21.61 3.86
C ALA B 135 76.19 22.42 4.08
N GLY B 136 75.31 21.91 4.93
CA GLY B 136 74.05 22.54 5.26
C GLY B 136 72.83 21.77 4.80
N VAL B 137 72.93 21.05 3.69
CA VAL B 137 71.83 20.30 3.14
C VAL B 137 72.01 18.83 3.49
N THR B 138 70.90 18.08 3.43
CA THR B 138 70.91 16.67 3.82
C THR B 138 70.10 15.87 2.81
N VAL B 139 70.43 14.58 2.72
CA VAL B 139 69.65 13.62 1.94
C VAL B 139 69.23 12.50 2.88
N HIS B 140 67.92 12.22 2.93
CA HIS B 140 67.36 11.36 3.96
C HIS B 140 67.14 9.93 3.51
N ASN B 141 67.10 9.67 2.19
CA ASN B 141 66.88 8.34 1.65
C ASN B 141 68.06 7.94 0.76
N PRO B 142 69.26 7.86 1.33
CA PRO B 142 70.45 7.58 0.49
C PRO B 142 70.38 6.26 -0.25
N GLY B 143 69.59 5.29 0.23
CA GLY B 143 69.43 4.03 -0.46
C GLY B 143 68.55 4.06 -1.68
N MET B 144 68.11 5.24 -2.11
CA MET B 144 67.20 5.35 -3.23
C MET B 144 67.93 5.16 -4.55
N HIS B 145 67.18 4.75 -5.57
CA HIS B 145 67.71 4.54 -6.91
C HIS B 145 67.57 5.83 -7.71
N ILE B 146 68.55 6.08 -8.58
CA ILE B 146 68.53 7.22 -9.50
C ILE B 146 68.70 6.77 -10.95
N ALA B 147 69.66 5.89 -11.21
CA ALA B 147 69.90 5.38 -12.56
C ALA B 147 70.92 4.26 -12.49
N THR B 148 71.02 3.51 -13.59
CA THR B 148 71.95 2.40 -13.72
C THR B 148 72.93 2.70 -14.86
N LEU B 149 74.21 2.76 -14.53
CA LEU B 149 75.24 3.05 -15.53
C LEU B 149 75.65 1.76 -16.24
N ASN B 150 75.65 1.80 -17.57
CA ASN B 150 76.12 0.69 -18.37
C ASN B 150 77.64 0.70 -18.45
N ASP B 151 78.19 -0.34 -19.07
CA ASP B 151 79.64 -0.43 -19.23
C ASP B 151 80.18 0.85 -19.82
N LYS B 152 81.29 1.34 -19.25
CA LYS B 152 81.91 2.59 -19.64
C LYS B 152 80.94 3.76 -19.54
N GLY B 153 79.93 3.64 -18.69
CA GLY B 153 78.95 4.70 -18.54
C GLY B 153 79.28 5.67 -17.42
N LYS B 154 79.47 6.93 -17.79
CA LYS B 154 79.69 7.99 -16.81
C LYS B 154 78.39 8.77 -16.60
N LEU B 155 78.37 9.56 -15.52
CA LEU B 155 77.18 10.32 -15.17
C LEU B 155 77.59 11.46 -14.26
N GLU B 156 77.48 12.69 -14.77
CA GLU B 156 77.72 13.90 -14.00
C GLU B 156 76.50 14.78 -14.12
N VAL B 157 75.94 15.20 -12.99
CA VAL B 157 74.71 15.99 -12.98
C VAL B 157 74.77 17.05 -11.88
N GLU B 158 74.18 18.20 -12.16
CA GLU B 158 74.06 19.29 -11.20
C GLU B 158 72.61 19.44 -10.78
N LEU B 159 72.40 19.61 -9.46
CA LEU B 159 71.08 19.71 -8.88
C LEU B 159 70.94 21.03 -8.14
N VAL B 160 69.76 21.63 -8.19
CA VAL B 160 69.46 22.86 -7.46
C VAL B 160 68.45 22.52 -6.35
N VAL B 161 68.73 23.00 -5.14
CA VAL B 161 67.85 22.80 -4.00
C VAL B 161 67.59 24.16 -3.35
N GLU B 162 66.35 24.37 -2.92
CA GLU B 162 66.01 25.63 -2.26
C GLU B 162 64.73 25.44 -1.46
N ARG B 163 64.60 26.24 -0.41
CA ARG B 163 63.44 26.14 0.47
C ARG B 163 62.17 26.56 -0.26
N GLY B 164 61.03 26.21 0.33
CA GLY B 164 59.75 26.53 -0.26
C GLY B 164 58.63 25.87 0.53
N ARG B 165 57.46 25.79 -0.10
CA ARG B 165 56.30 25.19 0.55
C ARG B 165 55.38 24.59 -0.50
N GLY B 166 54.93 23.36 -0.25
CA GLY B 166 53.91 22.77 -1.09
C GLY B 166 54.47 22.22 -2.39
N TYR B 167 53.81 22.58 -3.49
CA TYR B 167 54.14 22.05 -4.82
C TYR B 167 54.01 23.18 -5.82
N VAL B 168 55.10 23.51 -6.49
CA VAL B 168 55.15 24.57 -7.49
C VAL B 168 55.48 23.93 -8.83
N PRO B 169 54.73 24.20 -9.89
CA PRO B 169 55.01 23.56 -11.18
C PRO B 169 56.36 23.99 -11.72
N ALA B 170 56.75 23.37 -12.84
CA ALA B 170 58.00 23.72 -13.51
C ALA B 170 58.06 25.21 -13.77
N VAL B 171 59.06 25.86 -13.18
CA VAL B 171 59.17 27.32 -13.23
C VAL B 171 60.08 27.69 -14.40
N GLN B 172 59.47 28.17 -15.49
CA GLN B 172 60.22 28.58 -16.67
C GLN B 172 59.57 29.79 -17.32
N SER B 176 62.59 27.70 -20.09
CA SER B 176 63.56 27.85 -19.01
C SER B 176 64.16 29.26 -18.99
N GLY B 177 65.26 29.42 -19.70
CA GLY B 177 65.94 30.70 -19.74
C GLY B 177 66.93 30.83 -20.87
N ALA B 178 68.10 31.41 -20.59
CA ALA B 178 69.13 31.63 -21.60
C ALA B 178 70.36 30.74 -21.44
N GLU B 179 70.48 30.03 -20.32
CA GLU B 179 71.63 29.14 -20.10
C GLU B 179 71.21 27.72 -20.46
N ILE B 180 71.48 27.34 -21.71
CA ILE B 180 71.17 25.99 -22.15
C ILE B 180 71.86 24.97 -21.25
N GLY B 181 71.23 23.82 -21.07
CA GLY B 181 71.76 22.76 -20.26
C GLY B 181 71.10 22.57 -18.91
N ARG B 182 70.10 23.39 -18.58
CA ARG B 182 69.37 23.27 -17.31
C ARG B 182 67.88 23.19 -17.62
N ILE B 183 67.22 22.20 -17.03
CA ILE B 183 65.79 21.98 -17.22
C ILE B 183 65.10 22.16 -15.87
N PRO B 184 64.07 23.00 -15.78
CA PRO B 184 63.34 23.12 -14.51
C PRO B 184 62.39 21.95 -14.29
N VAL B 185 62.25 21.57 -13.03
CA VAL B 185 61.39 20.46 -12.63
C VAL B 185 60.34 20.94 -11.64
N ASP B 186 59.38 20.07 -11.36
CA ASP B 186 58.33 20.36 -10.40
C ASP B 186 58.89 20.23 -8.99
N SER B 187 58.78 21.31 -8.20
CA SER B 187 59.39 21.37 -6.88
C SER B 187 58.40 20.89 -5.83
N ILE B 188 58.60 19.68 -5.32
CA ILE B 188 57.75 19.15 -4.24
C ILE B 188 58.39 19.58 -2.93
N TYR B 189 58.13 20.84 -2.57
CA TYR B 189 58.69 21.39 -1.33
C TYR B 189 58.08 20.72 -0.11
N SER B 190 56.76 20.62 -0.08
CA SER B 190 56.01 20.08 1.05
C SER B 190 56.68 18.82 1.59
N PRO B 191 56.99 18.77 2.89
CA PRO B 191 57.51 17.53 3.49
C PRO B 191 56.45 16.47 3.64
N VAL B 192 55.18 16.82 3.49
CA VAL B 192 54.07 15.88 3.59
C VAL B 192 53.67 15.48 2.18
N LEU B 193 53.47 14.17 1.98
CA LEU B 193 53.21 13.61 0.66
C LEU B 193 51.73 13.46 0.35
N LYS B 194 50.97 12.78 1.21
CA LYS B 194 49.57 12.53 0.94
C LYS B 194 48.77 12.77 2.22
N VAL B 195 47.65 13.47 2.08
CA VAL B 195 46.78 13.75 3.22
C VAL B 195 45.34 13.60 2.79
N THR B 196 44.55 12.92 3.61
CA THR B 196 43.13 12.76 3.37
C THR B 196 42.40 12.85 4.71
N TYR B 197 41.09 13.12 4.66
CA TYR B 197 40.33 13.23 5.89
C TYR B 197 38.89 12.80 5.66
N LYS B 198 38.27 12.31 6.73
CA LYS B 198 36.86 11.97 6.73
C LYS B 198 36.24 12.39 8.05
N VAL B 199 34.91 12.48 8.07
CA VAL B 199 34.16 12.90 9.25
C VAL B 199 33.12 11.84 9.55
N ASP B 200 33.22 11.21 10.72
CA ASP B 200 32.30 10.18 11.14
C ASP B 200 31.43 10.68 12.29
N ALA B 201 30.31 9.99 12.48
CA ALA B 201 29.37 10.35 13.52
C ALA B 201 29.77 9.69 14.83
N THR B 202 29.97 10.49 15.87
CA THR B 202 30.20 10.01 17.22
C THR B 202 29.08 10.50 18.11
N ARG B 203 28.83 9.76 19.19
CA ARG B 203 27.70 10.02 20.07
C ARG B 203 28.20 10.72 21.33
N VAL B 204 27.94 12.02 21.44
CA VAL B 204 27.95 12.68 22.73
C VAL B 204 26.65 12.35 23.46
N GLU B 205 26.66 12.51 24.79
CA GLU B 205 25.53 12.08 25.60
C GLU B 205 24.20 12.56 25.01
N GLN B 206 23.37 11.61 24.57
CA GLN B 206 22.04 11.81 23.99
C GLN B 206 22.07 12.29 22.54
N ARG B 207 23.23 12.45 21.92
CA ARG B 207 23.34 12.93 20.54
C ARG B 207 24.23 11.98 19.75
N THR B 208 23.69 11.43 18.67
CA THR B 208 24.42 10.48 17.83
C THR B 208 25.08 11.11 16.62
N ASP B 209 25.02 12.44 16.49
CA ASP B 209 25.49 13.12 15.30
C ASP B 209 26.67 14.05 15.55
N PHE B 210 27.28 14.00 16.74
CA PHE B 210 28.50 14.76 16.94
C PHE B 210 29.55 14.35 15.91
N ASP B 211 30.49 15.24 15.64
CA ASP B 211 31.48 15.01 14.60
C ASP B 211 32.79 14.51 15.18
N LYS B 212 33.38 13.52 14.51
CA LYS B 212 34.73 13.04 14.80
C LYS B 212 35.54 13.11 13.52
N LEU B 213 36.70 13.76 13.58
CA LEU B 213 37.53 13.99 12.40
C LEU B 213 38.68 12.99 12.36
N ILE B 214 38.88 12.36 11.21
CA ILE B 214 39.95 11.39 11.00
C ILE B 214 40.84 11.91 9.88
N LEU B 215 42.15 11.96 10.14
CA LEU B 215 43.15 12.51 9.22
C LEU B 215 44.22 11.46 8.96
N ASP B 216 44.32 11.02 7.70
CA ASP B 216 45.38 10.13 7.26
C ASP B 216 46.49 10.98 6.66
N VAL B 217 47.72 10.81 7.16
CA VAL B 217 48.86 11.60 6.73
C VAL B 217 50.04 10.67 6.48
N GLU B 218 50.48 10.62 5.22
CA GLU B 218 51.68 9.92 4.81
C GLU B 218 52.71 10.97 4.42
N THR B 219 53.83 11.00 5.13
CA THR B 219 54.82 12.05 4.99
C THR B 219 56.15 11.48 4.53
N LYS B 220 57.07 12.37 4.16
CA LYS B 220 58.45 12.01 3.89
C LYS B 220 59.20 11.82 5.20
N ASN B 221 60.37 11.20 5.12
CA ASN B 221 61.15 10.96 6.32
C ASN B 221 61.81 12.22 6.88
N SER B 222 61.56 13.40 6.33
CA SER B 222 62.13 14.62 6.87
C SER B 222 61.60 14.91 8.27
N ILE B 223 60.32 14.66 8.51
CA ILE B 223 59.71 14.86 9.81
C ILE B 223 58.55 13.88 9.96
N SER B 224 58.29 13.49 11.21
CA SER B 224 57.22 12.55 11.49
C SER B 224 55.85 13.23 11.32
N PRO B 225 54.79 12.43 11.16
CA PRO B 225 53.45 13.05 11.06
C PRO B 225 53.11 13.94 12.24
N ARG B 226 53.50 13.53 13.46
CA ARG B 226 53.16 14.33 14.64
C ARG B 226 53.77 15.73 14.55
N ASP B 227 55.03 15.83 14.13
CA ASP B 227 55.68 17.13 14.01
C ASP B 227 54.99 18.00 12.96
N ALA B 228 54.61 17.38 11.83
CA ALA B 228 53.90 18.14 10.79
C ALA B 228 52.57 18.66 11.32
N LEU B 229 51.83 17.82 12.05
CA LEU B 229 50.58 18.26 12.64
C LEU B 229 50.82 19.41 13.60
N ALA B 230 51.87 19.34 14.41
CA ALA B 230 52.18 20.41 15.36
C ALA B 230 52.48 21.71 14.63
N SER B 231 53.29 21.65 13.57
CA SER B 231 53.62 22.86 12.82
C SER B 231 52.36 23.46 12.19
N ALA B 232 51.52 22.61 11.60
CA ALA B 232 50.28 23.11 11.02
C ALA B 232 49.40 23.76 12.09
N GLY B 233 49.31 23.14 13.27
CA GLY B 233 48.53 23.72 14.34
C GLY B 233 49.04 25.08 14.76
N LYS B 234 50.37 25.22 14.89
CA LYS B 234 50.94 26.50 15.29
C LYS B 234 50.67 27.57 14.22
N THR B 235 50.89 27.24 12.95
CA THR B 235 50.65 28.21 11.89
C THR B 235 49.18 28.63 11.87
N LEU B 236 48.27 27.66 11.96
CA LEU B 236 46.85 27.98 11.99
C LEU B 236 46.53 28.89 13.17
N VAL B 237 46.91 28.46 14.38
CA VAL B 237 46.67 29.27 15.58
C VAL B 237 47.12 30.70 15.37
N GLU B 238 48.30 30.90 14.75
CA GLU B 238 48.72 32.27 14.45
C GLU B 238 47.73 32.97 13.52
N LEU B 239 47.37 32.30 12.42
CA LEU B 239 46.40 32.88 11.49
C LEU B 239 45.14 33.34 12.20
N PHE B 240 44.52 32.44 12.96
CA PHE B 240 43.25 32.75 13.60
C PHE B 240 43.40 33.70 14.79
N GLY B 241 44.58 33.76 15.41
CA GLY B 241 44.85 34.83 16.33
C GLY B 241 44.84 36.18 15.64
N LEU B 242 45.21 36.19 14.35
CA LEU B 242 45.01 37.41 13.57
C LEU B 242 43.60 37.96 13.76
N ALA B 243 42.59 37.10 13.64
CA ALA B 243 41.20 37.54 13.80
C ALA B 243 40.84 37.75 15.26
N ARG B 244 41.35 36.89 16.14
CA ARG B 244 41.13 37.07 17.58
C ARG B 244 41.66 38.41 18.07
N GLU B 245 42.57 39.04 17.32
CA GLU B 245 43.16 40.30 17.76
C GLU B 245 42.16 41.45 17.75
N LEU B 246 41.13 41.39 16.89
CA LEU B 246 40.21 42.51 16.76
C LEU B 246 39.59 42.90 18.09
N ASN B 247 39.47 41.95 19.01
CA ASN B 247 38.79 42.16 20.28
C ASN B 247 38.91 40.85 21.06
N VAL B 248 38.51 40.88 22.33
CA VAL B 248 38.52 39.69 23.18
C VAL B 248 37.14 39.59 23.83
N GLU B 249 36.22 38.87 23.19
CA GLU B 249 34.92 38.54 23.76
C GLU B 249 34.83 37.03 23.99
N ALA B 250 33.75 36.63 24.65
CA ALA B 250 33.55 35.24 24.99
C ALA B 250 33.61 34.36 23.74
N GLU B 251 33.92 33.08 23.95
CA GLU B 251 33.98 32.11 22.87
C GLU B 251 34.01 30.73 23.50
N GLY B 252 33.76 29.72 22.66
CA GLY B 252 33.80 28.35 23.10
C GLY B 252 35.07 28.02 23.86
N ILE B 253 34.93 27.67 25.13
CA ILE B 253 36.07 27.34 25.99
C ILE B 253 36.19 25.83 26.09
N GLU B 254 37.42 25.33 26.09
CA GLU B 254 37.69 23.91 26.16
C GLU B 254 38.52 23.61 27.40
N ILE B 255 38.33 22.40 27.94
CA ILE B 255 39.04 22.00 29.17
C ILE B 255 40.44 21.50 28.84
N GLY B 256 40.53 20.44 28.05
CA GLY B 256 41.81 19.83 27.76
C GLY B 256 42.31 20.15 26.38
N PRO B 257 43.61 20.50 26.27
CA PRO B 257 44.26 20.83 25.00
C PRO B 257 44.89 19.62 24.33
N SER C 23 -2.77 40.68 -14.42
CA SER C 23 -4.07 41.12 -14.92
C SER C 23 -5.16 40.11 -14.60
N SER C 24 -5.25 39.72 -13.33
CA SER C 24 -6.24 38.76 -12.88
C SER C 24 -6.75 39.14 -11.50
N ASN C 25 -7.94 38.62 -11.16
CA ASN C 25 -8.57 38.85 -9.87
C ASN C 25 -9.14 40.27 -9.74
N ASN C 26 -9.48 40.90 -10.87
CA ASN C 26 -10.02 42.25 -10.81
C ASN C 26 -11.43 42.27 -10.25
N SER C 27 -12.17 41.17 -10.40
CA SER C 27 -13.56 41.12 -9.95
C SER C 27 -13.66 41.11 -8.44
N VAL C 28 -12.78 40.37 -7.77
CA VAL C 28 -12.79 40.25 -6.32
C VAL C 28 -12.22 41.50 -5.68
N PRO C 29 -13.00 42.24 -4.89
CA PRO C 29 -12.46 43.46 -4.27
C PRO C 29 -11.38 43.13 -3.26
N GLY C 30 -10.38 44.01 -3.18
CA GLY C 30 -9.25 43.82 -2.29
C GLY C 30 -8.33 42.68 -2.66
N ALA C 31 -8.67 41.88 -3.66
CA ALA C 31 -7.83 40.75 -4.04
C ALA C 31 -6.49 41.28 -4.54
N PRO C 32 -5.37 40.74 -4.07
CA PRO C 32 -4.06 41.27 -4.47
C PRO C 32 -3.88 41.25 -5.98
N ASN C 33 -2.86 41.96 -6.44
CA ASN C 33 -2.60 42.14 -7.87
C ASN C 33 -1.59 41.10 -8.33
N ARG C 34 -2.10 39.97 -8.83
CA ARG C 34 -1.26 38.93 -9.41
C ARG C 34 -1.22 39.16 -10.91
N VAL C 35 -0.06 39.63 -11.40
CA VAL C 35 0.11 39.88 -12.83
C VAL C 35 0.09 38.57 -13.59
N SER C 36 -0.61 38.55 -14.72
CA SER C 36 -0.86 37.32 -15.46
C SER C 36 -0.22 37.41 -16.85
N PHE C 37 0.54 36.37 -17.22
CA PHE C 37 1.13 36.27 -18.55
C PHE C 37 0.10 35.98 -19.62
N ALA C 38 -1.17 35.80 -19.28
CA ALA C 38 -2.17 35.39 -20.25
C ALA C 38 -2.24 36.38 -21.42
N LYS C 39 -2.62 35.87 -22.58
CA LYS C 39 -2.80 36.69 -23.76
C LYS C 39 -4.23 36.64 -24.30
N LEU C 40 -5.12 35.88 -23.66
CA LEU C 40 -6.50 35.76 -24.09
C LEU C 40 -7.42 36.40 -23.06
N ARG C 41 -8.43 37.13 -23.54
CA ARG C 41 -9.41 37.71 -22.65
C ARG C 41 -10.31 36.61 -22.08
N GLU C 42 -10.61 36.72 -20.78
CA GLU C 42 -11.52 35.77 -20.12
C GLU C 42 -12.95 36.21 -20.33
N PRO C 43 -13.67 35.61 -21.28
CA PRO C 43 -15.05 36.02 -21.55
C PRO C 43 -16.10 35.44 -20.63
N LEU C 44 -15.70 34.74 -19.56
CA LEU C 44 -16.66 34.19 -18.61
C LEU C 44 -15.98 33.81 -17.29
N GLU C 45 -16.51 34.30 -16.17
CA GLU C 45 -15.88 34.02 -14.88
C GLU C 45 -16.25 32.63 -14.40
N VAL C 46 -15.53 32.17 -13.37
CA VAL C 46 -15.79 30.84 -12.82
C VAL C 46 -17.15 30.84 -12.13
N PRO C 47 -18.02 29.88 -12.40
CA PRO C 47 -19.29 29.84 -11.67
C PRO C 47 -19.07 29.53 -10.21
N GLY C 48 -20.14 29.52 -9.42
CA GLY C 48 -20.00 29.14 -8.03
C GLY C 48 -19.43 27.74 -7.92
N LEU C 49 -18.20 27.63 -7.43
CA LEU C 49 -17.56 26.32 -7.40
C LEU C 49 -18.25 25.34 -6.45
N LEU C 50 -19.21 25.81 -5.65
CA LEU C 50 -20.03 24.93 -4.83
C LEU C 50 -21.45 24.78 -5.37
N ASP C 51 -21.79 25.47 -6.45
CA ASP C 51 -23.15 25.41 -6.99
C ASP C 51 -23.60 23.96 -7.20
N VAL C 52 -22.68 23.09 -7.61
CA VAL C 52 -23.04 21.70 -7.85
C VAL C 52 -23.78 21.12 -6.66
N GLN C 53 -23.43 21.54 -5.45
CA GLN C 53 -24.11 21.08 -4.25
C GLN C 53 -25.28 21.99 -3.86
N THR C 54 -25.00 23.29 -3.73
CA THR C 54 -26.04 24.23 -3.28
C THR C 54 -27.26 24.16 -4.18
N ASP C 55 -27.11 24.51 -5.47
CA ASP C 55 -28.25 24.56 -6.37
C ASP C 55 -29.06 23.25 -6.31
N SER C 56 -28.37 22.12 -6.19
CA SER C 56 -29.08 20.85 -6.03
C SER C 56 -29.98 20.87 -4.80
N PHE C 57 -29.41 21.24 -3.65
CA PHE C 57 -30.19 21.20 -2.41
C PHE C 57 -31.32 22.23 -2.44
N GLU C 58 -31.06 23.39 -3.05
CA GLU C 58 -32.07 24.43 -3.18
C GLU C 58 -33.20 24.00 -4.10
N TRP C 59 -32.92 23.14 -5.08
CA TRP C 59 -34.00 22.49 -5.81
C TRP C 59 -34.77 21.56 -4.89
N LEU C 60 -34.06 20.70 -4.16
CA LEU C 60 -34.72 19.75 -3.27
C LEU C 60 -35.69 20.45 -2.33
N ILE C 61 -35.30 21.63 -1.84
CA ILE C 61 -36.09 22.33 -0.83
C ILE C 61 -37.13 23.26 -1.45
N GLY C 62 -36.89 23.78 -2.64
CA GLY C 62 -37.81 24.73 -3.25
C GLY C 62 -37.64 26.14 -2.75
N SER C 63 -36.41 26.59 -2.54
CA SER C 63 -36.15 27.91 -2.00
C SER C 63 -36.43 28.99 -3.04
N PRO C 64 -36.62 30.24 -2.59
CA PRO C 64 -36.78 31.34 -3.57
C PRO C 64 -35.58 31.49 -4.49
N ARG C 65 -34.37 31.20 -3.99
CA ARG C 65 -33.20 31.17 -4.87
C ARG C 65 -33.47 30.28 -6.08
N TRP C 66 -33.89 29.04 -5.83
CA TRP C 66 -34.16 28.12 -6.91
C TRP C 66 -35.34 28.55 -7.76
N ARG C 67 -36.34 29.19 -7.14
CA ARG C 67 -37.46 29.73 -7.90
C ARG C 67 -36.97 30.71 -8.96
N GLU C 68 -36.17 31.70 -8.55
CA GLU C 68 -35.65 32.67 -9.50
C GLU C 68 -34.71 32.03 -10.50
N SER C 69 -33.87 31.09 -10.05
CA SER C 69 -32.91 30.46 -10.95
C SER C 69 -33.60 29.61 -12.02
N ALA C 70 -34.75 29.03 -11.69
CA ALA C 70 -35.51 28.28 -12.68
C ALA C 70 -36.34 29.20 -13.56
N ALA C 71 -36.79 30.34 -13.03
CA ALA C 71 -37.46 31.32 -13.88
C ALA C 71 -36.49 31.88 -14.91
N GLU C 72 -35.22 32.06 -14.54
CA GLU C 72 -34.24 32.64 -15.45
C GLU C 72 -33.82 31.66 -16.53
N ARG C 73 -33.79 30.35 -16.23
CA ARG C 73 -33.34 29.35 -17.19
C ARG C 73 -34.22 28.10 -17.14
N GLY C 74 -35.53 28.30 -16.99
CA GLY C 74 -36.43 27.16 -16.94
C GLY C 74 -37.86 27.57 -17.24
N ASP C 75 -38.71 26.56 -17.40
CA ASP C 75 -40.10 26.79 -17.74
C ASP C 75 -40.84 27.47 -16.58
N VAL C 76 -42.12 27.75 -16.79
CA VAL C 76 -42.91 28.52 -15.82
C VAL C 76 -43.41 27.68 -14.66
N ASN C 77 -43.54 26.36 -14.84
CA ASN C 77 -44.05 25.51 -13.78
C ASN C 77 -42.91 24.74 -13.12
N PRO C 78 -42.29 25.28 -12.09
CA PRO C 78 -41.25 24.55 -11.36
C PRO C 78 -41.81 23.78 -10.18
N VAL C 79 -41.16 22.66 -9.89
CA VAL C 79 -41.52 21.84 -8.73
C VAL C 79 -40.23 21.32 -8.10
N GLY C 80 -40.06 21.58 -6.81
CA GLY C 80 -38.89 21.10 -6.10
C GLY C 80 -38.95 19.61 -5.84
N GLY C 81 -37.87 19.11 -5.25
CA GLY C 81 -37.79 17.68 -4.98
C GLY C 81 -38.90 17.19 -4.08
N LEU C 82 -39.14 17.90 -2.98
CA LEU C 82 -40.18 17.48 -2.04
C LEU C 82 -41.57 17.68 -2.63
N GLU C 83 -41.79 18.79 -3.35
CA GLU C 83 -43.07 18.98 -4.02
C GLU C 83 -43.34 17.85 -5.00
N GLU C 84 -42.30 17.43 -5.74
CA GLU C 84 -42.46 16.35 -6.69
C GLU C 84 -42.78 15.03 -5.98
N VAL C 85 -42.06 14.74 -4.89
CA VAL C 85 -42.35 13.54 -4.13
C VAL C 85 -43.81 13.54 -3.66
N LEU C 86 -44.28 14.70 -3.20
CA LEU C 86 -45.65 14.79 -2.68
C LEU C 86 -46.67 14.59 -3.80
N TYR C 87 -46.50 15.29 -4.92
CA TYR C 87 -47.41 15.09 -6.05
C TYR C 87 -47.48 13.61 -6.45
N GLU C 88 -46.31 12.98 -6.59
CA GLU C 88 -46.30 11.55 -6.92
C GLU C 88 -47.07 10.74 -5.90
N LEU C 89 -46.87 11.03 -4.61
CA LEU C 89 -47.54 10.25 -3.57
C LEU C 89 -49.03 10.55 -3.47
N SER C 90 -49.47 11.74 -3.90
CA SER C 90 -50.87 12.06 -3.68
C SER C 90 -51.74 11.55 -4.82
N PRO C 91 -52.96 11.08 -4.51
CA PRO C 91 -53.41 10.98 -3.12
C PRO C 91 -53.40 9.55 -2.58
N ILE C 92 -53.09 9.39 -1.30
CA ILE C 92 -53.25 8.10 -0.64
C ILE C 92 -54.74 7.76 -0.63
N GLU C 93 -55.11 6.71 -1.35
CA GLU C 93 -56.51 6.42 -1.61
C GLU C 93 -56.89 5.04 -1.08
N ASP C 94 -58.11 4.93 -0.58
CA ASP C 94 -58.68 3.65 -0.23
C ASP C 94 -58.96 2.83 -1.48
N PHE C 95 -58.90 1.51 -1.35
CA PHE C 95 -59.15 0.64 -2.50
C PHE C 95 -60.52 0.88 -3.09
N SER C 96 -61.53 1.11 -2.24
CA SER C 96 -62.89 1.39 -2.69
C SER C 96 -63.06 2.81 -3.20
N GLY C 97 -62.01 3.63 -3.16
CA GLY C 97 -62.16 5.03 -3.48
C GLY C 97 -63.04 5.78 -2.51
N SER C 98 -63.14 5.30 -1.26
CA SER C 98 -64.03 5.92 -0.28
C SER C 98 -63.37 7.08 0.44
N MET C 99 -62.04 7.08 0.55
CA MET C 99 -61.33 8.15 1.24
C MET C 99 -60.06 8.47 0.48
N SER C 100 -59.53 9.67 0.72
CA SER C 100 -58.35 10.15 0.01
C SER C 100 -57.57 11.11 0.88
N LEU C 101 -56.27 10.89 1.00
CA LEU C 101 -55.36 11.76 1.73
C LEU C 101 -54.41 12.42 0.76
N SER C 102 -54.20 13.72 0.92
CA SER C 102 -53.39 14.50 -0.01
C SER C 102 -52.41 15.38 0.76
N PHE C 103 -51.13 15.28 0.40
CA PHE C 103 -50.08 16.11 1.00
C PHE C 103 -49.76 17.28 0.11
N SER C 104 -49.40 18.41 0.72
CA SER C 104 -49.10 19.60 -0.05
C SER C 104 -48.27 20.57 0.79
N ASP C 105 -47.78 21.60 0.12
CA ASP C 105 -47.16 22.78 0.72
C ASP C 105 -46.09 22.41 1.74
N PRO C 106 -44.93 21.91 1.31
CA PRO C 106 -43.85 21.60 2.26
C PRO C 106 -43.21 22.88 2.79
N ARG C 107 -43.21 23.03 4.11
CA ARG C 107 -42.68 24.21 4.77
C ARG C 107 -41.64 23.81 5.81
N PHE C 108 -40.66 24.68 6.02
CA PHE C 108 -39.63 24.46 7.01
C PHE C 108 -39.72 25.52 8.11
N ASP C 109 -39.48 25.09 9.34
CA ASP C 109 -39.32 26.02 10.45
C ASP C 109 -37.89 26.58 10.40
N ASP C 110 -37.47 27.23 11.47
CA ASP C 110 -36.07 27.61 11.54
C ASP C 110 -35.22 26.42 11.99
N VAL C 111 -33.92 26.61 12.04
CA VAL C 111 -33.01 25.51 12.35
C VAL C 111 -32.98 25.29 13.85
N LYS C 112 -32.79 24.02 14.26
CA LYS C 112 -32.81 23.67 15.67
C LYS C 112 -31.64 24.29 16.42
N ALA C 113 -30.42 24.02 15.97
CA ALA C 113 -29.22 24.51 16.62
C ALA C 113 -28.22 24.96 15.57
N PRO C 114 -27.38 25.94 15.89
CA PRO C 114 -26.37 26.40 14.92
C PRO C 114 -25.37 25.29 14.60
N VAL C 115 -24.51 25.59 13.63
CA VAL C 115 -23.57 24.58 13.14
C VAL C 115 -22.53 24.24 14.20
N ASP C 116 -21.85 25.25 14.73
CA ASP C 116 -20.82 24.98 15.75
C ASP C 116 -21.42 24.28 16.96
N GLU C 117 -22.66 24.65 17.32
CA GLU C 117 -23.33 23.96 18.42
C GLU C 117 -23.53 22.48 18.10
N CYS C 118 -23.97 22.17 16.87
CA CYS C 118 -24.17 20.77 16.49
C CYS C 118 -22.84 20.01 16.46
N LYS C 119 -21.77 20.65 15.98
CA LYS C 119 -20.46 20.01 16.04
C LYS C 119 -20.07 19.71 17.47
N ASP C 120 -20.35 20.65 18.39
CA ASP C 120 -19.93 20.50 19.77
C ASP C 120 -20.71 19.39 20.47
N LYS C 121 -22.04 19.39 20.34
CA LYS C 121 -22.91 18.46 21.05
C LYS C 121 -23.07 17.11 20.34
N ASP C 122 -22.43 16.91 19.19
CA ASP C 122 -22.60 15.69 18.41
C ASP C 122 -24.05 15.52 17.97
N MET C 123 -24.63 16.61 17.43
CA MET C 123 -26.01 16.63 16.97
C MET C 123 -26.04 16.51 15.44
N THR C 124 -27.22 16.72 14.87
CA THR C 124 -27.42 16.74 13.42
C THR C 124 -28.13 18.04 13.05
N TYR C 125 -27.39 18.97 12.47
CA TYR C 125 -27.98 20.20 11.95
C TYR C 125 -29.20 19.88 11.11
N ALA C 126 -30.37 20.35 11.55
CA ALA C 126 -31.62 19.97 10.89
C ALA C 126 -32.68 21.02 11.14
N ALA C 127 -33.77 20.92 10.37
CA ALA C 127 -34.94 21.76 10.48
C ALA C 127 -36.20 20.91 10.48
N PRO C 128 -37.20 21.27 11.29
CA PRO C 128 -38.46 20.52 11.25
C PRO C 128 -39.17 20.72 9.92
N LEU C 129 -39.68 19.62 9.37
CA LEU C 129 -40.42 19.65 8.11
C LEU C 129 -41.92 19.56 8.39
N PHE C 130 -42.69 20.46 7.78
CA PHE C 130 -44.13 20.53 7.94
C PHE C 130 -44.82 20.42 6.57
N VAL C 131 -46.02 19.84 6.58
CA VAL C 131 -46.81 19.70 5.36
C VAL C 131 -48.28 19.86 5.72
N THR C 132 -49.08 20.24 4.73
CA THR C 132 -50.53 20.29 4.87
C THR C 132 -51.10 18.96 4.39
N ALA C 133 -51.79 18.25 5.29
CA ALA C 133 -52.38 16.95 5.01
C ALA C 133 -53.90 17.09 5.01
N GLU C 134 -54.51 16.94 3.84
CA GLU C 134 -55.96 17.07 3.68
C GLU C 134 -56.57 15.69 3.54
N PHE C 135 -57.45 15.33 4.47
CA PHE C 135 -58.16 14.06 4.44
C PHE C 135 -59.59 14.28 3.99
N ILE C 136 -60.09 13.36 3.16
CA ILE C 136 -61.43 13.45 2.60
C ILE C 136 -62.08 12.09 2.71
N ASN C 137 -63.32 12.06 3.20
CA ASN C 137 -64.16 10.88 3.12
C ASN C 137 -65.20 11.11 2.02
N ASN C 138 -65.11 10.30 0.96
CA ASN C 138 -65.94 10.53 -0.22
C ASN C 138 -67.43 10.39 0.07
N ASN C 139 -67.82 9.67 1.13
CA ASN C 139 -69.23 9.46 1.43
C ASN C 139 -69.75 10.32 2.57
N THR C 140 -68.89 11.00 3.33
CA THR C 140 -69.33 11.95 4.33
C THR C 140 -69.02 13.40 3.96
N GLY C 141 -68.28 13.64 2.89
CA GLY C 141 -67.85 14.97 2.52
C GLY C 141 -66.93 15.65 3.51
N GLU C 142 -66.69 15.05 4.68
CA GLU C 142 -65.84 15.67 5.70
C GLU C 142 -64.43 15.89 5.16
N ILE C 143 -63.95 17.13 5.25
CA ILE C 143 -62.61 17.50 4.79
C ILE C 143 -61.94 18.19 5.98
N LYS C 144 -61.08 17.46 6.68
CA LYS C 144 -60.36 17.98 7.84
C LYS C 144 -58.90 18.16 7.43
N SER C 145 -58.52 19.40 7.15
CA SER C 145 -57.14 19.73 6.84
C SER C 145 -56.33 19.86 8.12
N GLN C 146 -55.03 19.62 8.00
CA GLN C 146 -54.17 19.62 9.18
C GLN C 146 -52.73 19.86 8.76
N THR C 147 -51.95 20.44 9.68
CA THR C 147 -50.52 20.65 9.49
C THR C 147 -49.77 19.55 10.23
N VAL C 148 -49.17 18.63 9.49
CA VAL C 148 -48.46 17.49 10.07
C VAL C 148 -46.96 17.71 9.95
N PHE C 149 -46.23 17.17 10.92
CA PHE C 149 -44.78 17.33 11.01
C PHE C 149 -44.11 16.02 10.59
N MET C 150 -43.17 16.12 9.65
CA MET C 150 -42.61 14.94 9.02
C MET C 150 -41.30 14.48 9.66
N GLY C 151 -40.55 15.38 10.26
CA GLY C 151 -39.33 14.98 10.94
C GLY C 151 -38.28 16.07 10.85
N ASP C 152 -37.18 15.82 11.55
CA ASP C 152 -36.03 16.73 11.53
C ASP C 152 -35.22 16.44 10.28
N PHE C 153 -35.51 17.20 9.23
CA PHE C 153 -34.84 17.06 7.95
C PHE C 153 -33.44 17.64 8.04
N PRO C 154 -32.38 16.85 7.82
CA PRO C 154 -31.02 17.41 7.91
C PRO C 154 -30.79 18.45 6.83
N MET C 155 -29.93 19.42 7.14
CA MET C 155 -29.80 20.63 6.35
C MET C 155 -28.37 20.80 5.82
N MET C 156 -28.28 21.42 4.64
CA MET C 156 -26.99 21.72 4.04
C MET C 156 -26.49 23.08 4.53
N THR C 157 -25.22 23.15 4.89
CA THR C 157 -24.62 24.35 5.43
C THR C 157 -24.24 25.32 4.32
N GLU C 158 -23.75 26.49 4.73
CA GLU C 158 -23.25 27.47 3.76
C GLU C 158 -22.14 26.86 2.90
N LYS C 159 -21.22 26.13 3.53
CA LYS C 159 -20.09 25.53 2.82
C LYS C 159 -20.48 24.32 1.98
N GLY C 160 -21.74 23.91 1.99
CA GLY C 160 -22.20 22.82 1.16
C GLY C 160 -22.10 21.44 1.76
N THR C 161 -21.99 21.34 3.08
CA THR C 161 -21.85 20.06 3.76
C THR C 161 -23.05 19.80 4.66
N PHE C 162 -23.00 18.68 5.37
CA PHE C 162 -23.99 18.34 6.38
C PHE C 162 -23.27 18.06 7.68
N ILE C 163 -24.00 18.18 8.79
CA ILE C 163 -23.48 17.79 10.09
C ILE C 163 -24.34 16.65 10.59
N ILE C 164 -23.75 15.46 10.68
CA ILE C 164 -24.44 14.27 11.20
C ILE C 164 -23.65 13.78 12.40
N ASN C 165 -24.33 13.61 13.53
CA ASN C 165 -23.69 13.16 14.77
C ASN C 165 -22.45 14.00 15.08
N GLY C 166 -22.52 15.28 14.74
CA GLY C 166 -21.46 16.22 15.06
C GLY C 166 -20.27 16.18 14.14
N THR C 167 -20.25 15.30 13.15
CA THR C 167 -19.18 15.25 12.17
C THR C 167 -19.67 15.80 10.85
N GLU C 168 -18.77 16.48 10.13
CA GLU C 168 -19.10 17.12 8.87
C GLU C 168 -18.94 16.11 7.73
N ARG C 169 -19.87 16.17 6.78
CA ARG C 169 -19.98 15.15 5.75
C ARG C 169 -20.32 15.80 4.41
N VAL C 170 -19.90 15.15 3.34
CA VAL C 170 -20.18 15.59 1.97
C VAL C 170 -20.98 14.51 1.27
N VAL C 171 -21.91 14.92 0.41
CA VAL C 171 -22.68 14.01 -0.41
C VAL C 171 -22.11 14.09 -1.82
N VAL C 172 -21.32 13.09 -2.19
CA VAL C 172 -20.62 13.07 -3.47
C VAL C 172 -21.60 12.71 -4.57
N SER C 173 -21.64 13.51 -5.62
CA SER C 173 -22.50 13.20 -6.76
C SER C 173 -22.13 11.83 -7.33
N GLN C 174 -23.14 11.10 -7.81
CA GLN C 174 -22.93 9.74 -8.32
C GLN C 174 -23.18 9.68 -9.82
N LEU C 175 -22.34 8.90 -10.50
CA LEU C 175 -22.48 8.68 -11.93
C LEU C 175 -23.30 7.41 -12.18
N VAL C 176 -24.33 7.52 -13.01
CA VAL C 176 -25.23 6.41 -13.29
C VAL C 176 -25.80 6.58 -14.68
N ARG C 177 -26.31 5.49 -15.24
CA ARG C 177 -26.89 5.50 -16.57
C ARG C 177 -28.31 6.07 -16.50
N SER C 178 -28.55 7.17 -17.21
CA SER C 178 -29.89 7.75 -17.22
C SER C 178 -30.87 6.77 -17.86
N PRO C 179 -32.14 6.82 -17.46
CA PRO C 179 -33.12 5.90 -18.04
C PRO C 179 -33.20 6.06 -19.54
N GLY C 180 -33.57 4.99 -20.22
CA GLY C 180 -33.71 5.03 -21.67
C GLY C 180 -33.37 3.68 -22.26
N VAL C 181 -33.44 3.63 -23.60
CA VAL C 181 -33.14 2.41 -24.35
C VAL C 181 -31.80 2.60 -25.05
N TYR C 182 -31.01 1.52 -25.07
CA TYR C 182 -29.64 1.56 -25.56
C TYR C 182 -29.36 0.35 -26.43
N PHE C 183 -28.79 0.58 -27.61
CA PHE C 183 -28.49 -0.47 -28.57
C PHE C 183 -26.98 -0.60 -28.74
N ASP C 184 -26.51 -1.85 -28.79
CA ASP C 184 -25.09 -2.14 -28.99
C ASP C 184 -24.93 -3.24 -30.03
N GLU C 185 -23.71 -3.37 -30.52
CA GLU C 185 -23.37 -4.29 -31.62
C GLU C 185 -22.25 -5.21 -31.13
N THR C 186 -22.60 -6.46 -30.80
CA THR C 186 -21.63 -7.48 -30.46
C THR C 186 -21.33 -8.35 -31.67
N ILE C 187 -20.44 -9.32 -31.49
CA ILE C 187 -20.05 -10.24 -32.54
C ILE C 187 -20.17 -11.66 -32.01
N ASP C 188 -20.90 -12.51 -32.74
CA ASP C 188 -21.18 -13.86 -32.29
C ASP C 188 -19.97 -14.77 -32.51
N LYS C 189 -19.83 -15.76 -31.62
CA LYS C 189 -18.76 -16.75 -31.70
C LYS C 189 -18.98 -17.75 -32.82
N SER C 190 -20.01 -17.58 -33.64
CA SER C 190 -20.25 -18.52 -34.73
C SER C 190 -19.38 -18.22 -35.94
N THR C 191 -19.57 -17.05 -36.56
CA THR C 191 -18.80 -16.66 -37.72
C THR C 191 -18.44 -15.17 -37.69
N ASP C 192 -18.32 -14.59 -36.50
CA ASP C 192 -18.05 -13.16 -36.36
C ASP C 192 -19.18 -12.34 -36.98
N LYS C 193 -20.41 -12.81 -36.85
CA LYS C 193 -21.57 -12.11 -37.38
C LYS C 193 -21.91 -10.93 -36.49
N THR C 194 -22.36 -9.84 -37.10
CA THR C 194 -22.70 -8.61 -36.38
C THR C 194 -24.08 -8.77 -35.74
N LEU C 195 -24.10 -9.00 -34.44
CA LEU C 195 -25.33 -9.28 -33.70
C LEU C 195 -25.72 -8.07 -32.86
N HIS C 196 -26.91 -7.53 -33.10
CA HIS C 196 -27.40 -6.39 -32.35
C HIS C 196 -28.08 -6.83 -31.06
N SER C 197 -28.00 -5.97 -30.05
CA SER C 197 -28.70 -6.22 -28.79
C SER C 197 -29.17 -4.88 -28.22
N VAL C 198 -30.18 -4.93 -27.36
CA VAL C 198 -30.80 -3.74 -26.80
C VAL C 198 -31.11 -3.96 -25.33
N LYS C 199 -31.13 -2.86 -24.58
CA LYS C 199 -31.44 -2.90 -23.16
C LYS C 199 -32.17 -1.61 -22.77
N VAL C 200 -33.22 -1.76 -21.96
CA VAL C 200 -34.05 -0.65 -21.54
C VAL C 200 -33.90 -0.49 -20.03
N ILE C 201 -33.28 0.61 -19.61
CA ILE C 201 -33.03 0.89 -18.20
C ILE C 201 -34.12 1.83 -17.70
N PRO C 202 -34.92 1.44 -16.70
CA PRO C 202 -36.06 2.27 -16.29
C PRO C 202 -35.74 3.19 -15.12
N SER C 203 -36.53 4.26 -14.95
CA SER C 203 -36.42 5.05 -13.74
C SER C 203 -36.71 4.22 -12.50
N ARG C 204 -37.52 3.18 -12.64
CA ARG C 204 -37.91 2.33 -11.53
C ARG C 204 -38.59 1.08 -12.07
N GLY C 205 -38.25 -0.07 -11.52
CA GLY C 205 -38.79 -1.33 -11.95
C GLY C 205 -37.76 -2.20 -12.62
N ALA C 206 -38.24 -3.22 -13.32
CA ALA C 206 -37.38 -4.18 -14.00
C ALA C 206 -37.13 -3.75 -15.44
N TRP C 207 -36.24 -4.47 -16.10
CA TRP C 207 -35.85 -4.16 -17.48
C TRP C 207 -36.01 -5.39 -18.37
N LEU C 208 -35.50 -5.32 -19.60
CA LEU C 208 -35.63 -6.41 -20.54
C LEU C 208 -34.55 -6.28 -21.60
N GLU C 209 -34.45 -7.31 -22.45
CA GLU C 209 -33.47 -7.33 -23.53
C GLU C 209 -33.99 -8.17 -24.68
N PHE C 210 -33.36 -8.02 -25.84
CA PHE C 210 -33.73 -8.78 -27.02
C PHE C 210 -32.56 -9.58 -27.56
N VAL C 220 -37.44 -11.77 -26.89
CA VAL C 220 -37.57 -10.72 -25.87
C VAL C 220 -37.35 -11.31 -24.48
N ARG C 221 -36.09 -11.53 -24.14
CA ARG C 221 -35.75 -12.01 -22.80
C ARG C 221 -36.06 -10.94 -21.77
N ILE C 222 -36.61 -11.35 -20.63
CA ILE C 222 -37.06 -10.41 -19.61
C ILE C 222 -36.89 -11.00 -18.22
N ASP C 223 -36.13 -10.31 -17.36
CA ASP C 223 -35.99 -10.66 -15.94
C ASP C 223 -35.39 -12.06 -15.77
N ARG C 224 -34.16 -12.21 -16.26
CA ARG C 224 -33.36 -13.41 -16.05
C ARG C 224 -34.12 -14.67 -16.50
N LYS C 225 -34.72 -14.59 -17.69
CA LYS C 225 -35.41 -15.73 -18.31
C LYS C 225 -35.14 -15.66 -19.81
N ARG C 226 -34.10 -16.36 -20.25
CA ARG C 226 -33.68 -16.34 -21.65
C ARG C 226 -34.58 -17.27 -22.47
N ARG C 227 -34.18 -17.54 -23.71
CA ARG C 227 -34.96 -18.37 -24.62
C ARG C 227 -36.35 -17.78 -24.86
N GLN C 228 -36.41 -16.46 -25.07
CA GLN C 228 -37.66 -15.75 -25.27
C GLN C 228 -37.77 -15.26 -26.71
N PRO C 229 -38.55 -15.93 -27.57
CA PRO C 229 -38.75 -15.40 -28.92
C PRO C 229 -39.45 -14.04 -28.86
N VAL C 230 -38.95 -13.10 -29.68
CA VAL C 230 -39.52 -11.77 -29.71
C VAL C 230 -40.92 -11.74 -30.29
N THR C 231 -41.29 -12.75 -31.08
CA THR C 231 -42.58 -12.80 -31.76
C THR C 231 -43.61 -13.66 -31.03
N VAL C 232 -43.26 -14.26 -29.90
CA VAL C 232 -44.16 -15.14 -29.19
C VAL C 232 -44.88 -14.41 -28.05
N LEU C 233 -44.90 -13.08 -28.09
CA LEU C 233 -45.59 -12.29 -27.09
C LEU C 233 -46.46 -11.17 -27.65
N LEU C 234 -46.29 -10.79 -28.91
CA LEU C 234 -47.11 -9.75 -29.51
C LEU C 234 -48.58 -10.10 -29.45
N PHE C 250 -41.27 -6.23 -45.03
CA PHE C 250 -39.85 -5.97 -45.29
C PHE C 250 -39.00 -6.36 -44.10
N SER C 251 -39.65 -6.65 -42.97
CA SER C 251 -38.92 -7.08 -41.77
C SER C 251 -38.07 -8.30 -42.10
N GLU C 252 -36.75 -8.15 -42.04
CA GLU C 252 -35.84 -9.20 -42.47
C GLU C 252 -36.01 -10.47 -41.67
N ILE C 253 -35.69 -10.41 -40.37
CA ILE C 253 -35.83 -11.58 -39.50
C ILE C 253 -37.12 -11.55 -38.70
N MET C 254 -37.77 -10.38 -38.59
CA MET C 254 -39.10 -10.34 -37.98
C MET C 254 -40.08 -11.20 -38.78
N ARG C 255 -39.90 -11.27 -40.10
CA ARG C 255 -40.71 -12.19 -40.91
C ARG C 255 -40.30 -13.64 -40.67
N SER C 256 -39.04 -13.87 -40.29
CA SER C 256 -38.54 -15.21 -40.03
C SER C 256 -39.00 -15.77 -38.69
N THR C 257 -39.75 -15.01 -37.91
CA THR C 257 -40.22 -15.47 -36.60
C THR C 257 -41.74 -15.66 -36.60
N LYS C 260 -40.61 -19.17 -37.30
CA LYS C 260 -40.08 -19.71 -36.05
C LYS C 260 -41.17 -19.81 -34.98
N ASP C 261 -41.87 -18.69 -34.75
CA ASP C 261 -42.93 -18.68 -33.75
C ASP C 261 -44.14 -19.46 -34.24
N ASN C 262 -44.71 -20.26 -33.34
CA ASN C 262 -45.86 -21.12 -33.64
C ASN C 262 -46.98 -20.81 -32.64
N THR C 263 -47.85 -19.87 -33.00
CA THR C 263 -49.00 -19.53 -32.17
C THR C 263 -49.83 -18.46 -32.87
N VAL C 264 -51.10 -18.34 -32.45
CA VAL C 264 -51.97 -17.28 -32.91
C VAL C 264 -52.89 -16.90 -31.75
N GLY C 265 -53.39 -15.67 -31.78
CA GLY C 265 -54.21 -15.16 -30.70
C GLY C 265 -53.40 -14.44 -29.64
N THR C 266 -54.10 -13.94 -28.63
CA THR C 266 -53.48 -13.20 -27.54
C THR C 266 -53.35 -13.99 -26.25
N ASP C 267 -53.99 -15.16 -26.15
CA ASP C 267 -53.87 -15.95 -24.93
C ASP C 267 -52.58 -16.76 -24.90
N GLU C 268 -52.01 -17.07 -26.06
CA GLU C 268 -50.73 -17.78 -26.08
C GLU C 268 -49.61 -16.91 -25.52
N ALA C 269 -49.48 -15.69 -26.03
CA ALA C 269 -48.47 -14.76 -25.53
C ALA C 269 -48.77 -14.29 -24.11
N LEU C 270 -50.02 -14.45 -23.66
CA LEU C 270 -50.39 -14.06 -22.30
C LEU C 270 -50.06 -15.17 -21.30
N LEU C 271 -50.25 -16.42 -21.71
CA LEU C 271 -49.96 -17.56 -20.83
C LEU C 271 -48.49 -17.91 -20.83
N ASP C 272 -47.78 -17.69 -21.94
CA ASP C 272 -46.36 -18.02 -22.00
C ASP C 272 -45.56 -17.17 -21.02
N ILE C 273 -45.97 -15.93 -20.77
CA ILE C 273 -45.24 -15.08 -19.84
C ILE C 273 -45.42 -15.56 -18.41
N TYR C 274 -46.63 -16.03 -18.07
CA TYR C 274 -46.85 -16.55 -16.72
C TYR C 274 -46.22 -17.93 -16.54
N ARG C 275 -46.07 -18.68 -17.62
CA ARG C 275 -45.42 -19.98 -17.57
C ARG C 275 -43.90 -19.89 -17.71
N LYS C 276 -43.36 -18.72 -18.09
CA LYS C 276 -41.93 -18.56 -18.29
C LYS C 276 -41.26 -17.64 -17.29
N LEU C 277 -42.04 -16.84 -16.54
CA LEU C 277 -41.47 -15.95 -15.52
C LEU C 277 -42.16 -16.06 -14.17
N ARG C 278 -43.40 -16.51 -14.10
CA ARG C 278 -44.06 -16.69 -12.81
C ARG C 278 -44.23 -18.17 -12.52
N PRO C 279 -43.17 -18.86 -12.09
CA PRO C 279 -43.27 -20.30 -11.83
C PRO C 279 -43.80 -20.61 -10.45
N GLY C 280 -43.90 -21.90 -10.12
CA GLY C 280 -44.46 -22.29 -8.84
C GLY C 280 -45.96 -22.13 -8.74
N GLU C 281 -46.66 -22.17 -9.87
CA GLU C 281 -48.11 -21.99 -9.90
C GLU C 281 -48.65 -22.44 -11.26
N PRO C 282 -49.84 -23.04 -11.30
CA PRO C 282 -50.36 -23.60 -12.56
C PRO C 282 -50.62 -22.51 -13.58
N PRO C 283 -50.85 -22.89 -14.85
CA PRO C 283 -51.11 -21.89 -15.90
C PRO C 283 -52.55 -21.43 -15.89
N THR C 284 -52.76 -20.15 -15.58
CA THR C 284 -54.09 -19.56 -15.46
C THR C 284 -54.30 -18.53 -16.57
N LYS C 285 -55.57 -18.15 -16.74
CA LYS C 285 -55.94 -17.16 -17.75
C LYS C 285 -56.09 -15.75 -17.19
N GLU C 286 -56.31 -15.62 -15.87
CA GLU C 286 -56.53 -14.32 -15.25
C GLU C 286 -55.28 -13.76 -14.58
N SER C 287 -54.48 -14.61 -13.92
CA SER C 287 -53.29 -14.11 -13.22
C SER C 287 -52.25 -13.57 -14.21
N ALA C 288 -52.06 -14.26 -15.33
CA ALA C 288 -51.14 -13.77 -16.35
C ALA C 288 -51.60 -12.43 -16.92
N GLN C 289 -52.91 -12.31 -17.17
CA GLN C 289 -53.46 -11.04 -17.64
C GLN C 289 -53.19 -9.92 -16.63
N THR C 290 -53.44 -10.19 -15.35
CA THR C 290 -53.24 -9.17 -14.32
C THR C 290 -51.77 -8.75 -14.25
N LEU C 291 -50.85 -9.72 -14.25
CA LEU C 291 -49.44 -9.38 -14.19
C LEU C 291 -49.00 -8.58 -15.42
N LEU C 292 -49.45 -9.00 -16.61
CA LEU C 292 -49.07 -8.28 -17.82
C LEU C 292 -49.60 -6.86 -17.81
N GLU C 293 -50.79 -6.64 -17.27
CA GLU C 293 -51.32 -5.28 -17.21
C GLU C 293 -50.63 -4.45 -16.15
N ASN C 294 -50.13 -5.08 -15.07
CA ASN C 294 -49.44 -4.36 -14.01
C ASN C 294 -47.92 -4.30 -14.20
N LEU C 295 -47.41 -4.80 -15.33
CA LEU C 295 -45.96 -4.82 -15.53
C LEU C 295 -45.43 -3.47 -15.99
N PHE C 296 -45.86 -3.00 -17.17
CA PHE C 296 -45.36 -1.77 -17.75
C PHE C 296 -46.42 -0.71 -17.95
N PHE C 297 -47.65 -1.09 -18.26
CA PHE C 297 -48.73 -0.11 -18.37
C PHE C 297 -49.02 0.52 -17.01
N LYS C 298 -49.01 -0.28 -15.95
CA LYS C 298 -49.25 0.25 -14.61
C LYS C 298 -48.14 1.22 -14.22
N GLU C 299 -48.53 2.40 -13.74
CA GLU C 299 -47.55 3.43 -13.41
C GLU C 299 -47.03 3.30 -11.98
N LYS C 300 -47.82 2.75 -11.07
CA LYS C 300 -47.35 2.54 -9.70
C LYS C 300 -46.09 1.66 -9.69
N ARG C 301 -46.21 0.45 -10.24
CA ARG C 301 -45.07 -0.46 -10.30
C ARG C 301 -43.96 0.11 -11.16
N TYR C 302 -44.24 0.30 -12.45
CA TYR C 302 -43.23 0.74 -13.41
C TYR C 302 -43.22 2.26 -13.45
N ASP C 303 -42.14 2.86 -12.93
CA ASP C 303 -42.01 4.31 -12.90
C ASP C 303 -41.29 4.76 -14.17
N LEU C 304 -42.05 5.29 -15.12
CA LEU C 304 -41.45 5.89 -16.30
C LEU C 304 -40.71 7.16 -15.90
N ALA C 305 -39.41 7.20 -16.17
CA ALA C 305 -38.59 8.34 -15.78
C ALA C 305 -39.06 9.61 -16.49
N ARG C 306 -38.65 10.75 -15.95
CA ARG C 306 -38.81 12.00 -16.69
C ARG C 306 -37.63 12.23 -17.63
N VAL C 307 -36.40 12.19 -17.08
CA VAL C 307 -35.22 12.23 -17.94
C VAL C 307 -35.23 11.05 -18.89
N GLY C 308 -35.60 9.87 -18.39
CA GLY C 308 -35.67 8.70 -19.26
C GLY C 308 -36.68 8.87 -20.38
N ARG C 309 -37.88 9.33 -20.03
CA ARG C 309 -38.90 9.55 -21.07
C ARG C 309 -38.43 10.57 -22.09
N TYR C 310 -37.77 11.64 -21.63
CA TYR C 310 -37.24 12.63 -22.57
C TYR C 310 -36.23 12.00 -23.52
N LYS C 311 -35.27 11.25 -22.98
CA LYS C 311 -34.25 10.61 -23.82
C LYS C 311 -34.90 9.67 -24.84
N VAL C 312 -35.84 8.85 -24.39
CA VAL C 312 -36.42 7.85 -25.27
C VAL C 312 -37.27 8.52 -26.35
N ASN C 313 -38.09 9.49 -25.98
CA ASN C 313 -38.89 10.20 -26.98
C ASN C 313 -38.01 10.98 -27.94
N LYS C 314 -36.82 11.41 -27.50
CA LYS C 314 -35.88 12.00 -28.45
C LYS C 314 -35.27 10.94 -29.36
N LYS C 315 -35.20 9.68 -28.90
CA LYS C 315 -34.62 8.62 -29.71
C LYS C 315 -35.61 8.05 -30.73
N LEU C 316 -36.91 8.08 -30.44
CA LEU C 316 -37.91 7.49 -31.33
C LEU C 316 -38.87 8.51 -31.91
N GLY C 317 -39.59 9.27 -31.08
CA GLY C 317 -40.59 10.20 -31.58
C GLY C 317 -41.06 11.23 -30.58
N LEU C 318 -41.55 12.38 -31.07
CA LEU C 318 -41.87 13.48 -30.17
C LEU C 318 -42.88 13.09 -29.10
N HIS C 319 -43.80 12.19 -29.43
CA HIS C 319 -44.83 11.77 -28.48
C HIS C 319 -44.94 10.25 -28.37
N THR C 330 -44.47 3.16 -22.86
CA THR C 330 -45.79 2.95 -23.46
C THR C 330 -45.70 2.06 -24.71
N GLU C 331 -46.86 1.74 -25.30
CA GLU C 331 -46.89 0.82 -26.43
C GLU C 331 -46.17 1.39 -27.64
N GLU C 332 -46.49 2.64 -28.01
CA GLU C 332 -45.76 3.30 -29.10
C GLU C 332 -44.26 3.07 -28.96
N ASP C 333 -43.73 3.18 -27.73
CA ASP C 333 -42.30 3.02 -27.51
C ASP C 333 -41.84 1.61 -27.86
N VAL C 334 -42.61 0.60 -27.49
CA VAL C 334 -42.19 -0.77 -27.76
C VAL C 334 -42.21 -1.07 -29.25
N VAL C 335 -43.22 -0.56 -29.96
CA VAL C 335 -43.25 -0.72 -31.42
C VAL C 335 -42.01 -0.06 -32.03
N ALA C 336 -41.71 1.17 -31.61
CA ALA C 336 -40.55 1.86 -32.13
C ALA C 336 -39.27 1.09 -31.81
N THR C 337 -39.20 0.46 -30.63
CA THR C 337 -37.99 -0.27 -30.25
C THR C 337 -37.81 -1.52 -31.10
N ILE C 338 -38.90 -2.24 -31.36
CA ILE C 338 -38.79 -3.41 -32.23
C ILE C 338 -38.35 -3.00 -33.63
N GLU C 339 -38.97 -1.93 -34.16
CA GLU C 339 -38.55 -1.43 -35.47
C GLU C 339 -37.09 -1.00 -35.45
N TYR C 340 -36.62 -0.43 -34.34
CA TYR C 340 -35.25 0.02 -34.23
C TYR C 340 -34.28 -1.16 -34.26
N LEU C 341 -34.55 -2.19 -33.45
CA LEU C 341 -33.67 -3.35 -33.47
C LEU C 341 -33.66 -4.00 -34.85
N VAL C 342 -34.83 -4.12 -35.49
CA VAL C 342 -34.89 -4.71 -36.83
C VAL C 342 -34.05 -3.91 -37.81
N ARG C 343 -34.38 -2.63 -37.98
CA ARG C 343 -33.71 -1.78 -38.95
C ARG C 343 -32.27 -1.45 -38.57
N LEU C 344 -31.84 -1.83 -37.36
CA LEU C 344 -30.42 -1.78 -37.01
C LEU C 344 -29.70 -3.06 -37.42
N HIS C 345 -30.37 -4.21 -37.26
CA HIS C 345 -29.83 -5.44 -37.86
C HIS C 345 -29.61 -5.27 -39.35
N GLU C 346 -30.39 -4.41 -40.00
CA GLU C 346 -30.18 -4.09 -41.41
C GLU C 346 -29.03 -3.11 -41.58
N GLY C 347 -29.13 -1.94 -40.95
CA GLY C 347 -28.05 -0.98 -40.97
C GLY C 347 -28.41 0.35 -41.61
N GLN C 348 -29.70 0.55 -41.90
CA GLN C 348 -30.13 1.78 -42.55
C GLN C 348 -29.82 2.99 -41.67
N THR C 349 -29.61 4.14 -42.32
CA THR C 349 -29.25 5.35 -41.60
C THR C 349 -30.38 5.83 -40.71
N THR C 350 -31.53 6.16 -41.30
CA THR C 350 -32.66 6.66 -40.56
C THR C 350 -33.73 5.57 -40.42
N MET C 351 -34.82 5.93 -39.76
CA MET C 351 -35.93 5.00 -39.56
C MET C 351 -37.23 5.78 -39.50
N THR C 352 -38.28 5.20 -40.07
CA THR C 352 -39.61 5.80 -40.08
C THR C 352 -40.55 4.91 -39.27
N VAL C 353 -41.09 5.45 -38.19
CA VAL C 353 -42.02 4.71 -37.35
C VAL C 353 -43.41 5.32 -37.51
N PRO C 354 -44.48 4.56 -37.27
CA PRO C 354 -45.82 5.14 -37.38
C PRO C 354 -46.01 6.31 -36.43
N GLY C 355 -46.17 7.52 -36.98
CA GLY C 355 -46.30 8.72 -36.19
C GLY C 355 -44.99 9.39 -35.82
N GLY C 356 -43.88 8.65 -35.79
CA GLY C 356 -42.58 9.21 -35.47
C GLY C 356 -41.65 9.09 -36.65
N VAL C 357 -40.66 9.97 -36.70
CA VAL C 357 -39.75 10.06 -37.83
C VAL C 357 -38.41 10.61 -37.37
N GLU C 358 -37.42 10.53 -38.25
CA GLU C 358 -36.12 11.21 -38.09
C GLU C 358 -35.38 10.74 -36.84
N VAL C 359 -34.99 9.46 -36.87
CA VAL C 359 -34.18 8.86 -35.82
C VAL C 359 -33.03 8.08 -36.47
N PRO C 360 -31.77 8.38 -36.16
CA PRO C 360 -30.66 7.62 -36.74
C PRO C 360 -30.53 6.24 -36.10
N VAL C 361 -30.43 5.21 -36.94
CA VAL C 361 -30.28 3.83 -36.48
C VAL C 361 -28.80 3.62 -36.14
N GLU C 362 -28.49 3.57 -34.84
CA GLU C 362 -27.09 3.54 -34.42
C GLU C 362 -27.00 2.94 -33.02
N THR C 363 -25.89 2.25 -32.76
CA THR C 363 -25.63 1.71 -31.43
C THR C 363 -25.19 2.83 -30.50
N ASP C 364 -25.62 2.75 -29.24
CA ASP C 364 -25.41 3.81 -28.27
C ASP C 364 -24.17 3.53 -27.43
N ASP C 365 -23.44 4.59 -27.09
CA ASP C 365 -22.25 4.50 -26.26
C ASP C 365 -22.64 4.63 -24.80
N ILE C 366 -22.18 3.67 -23.97
CA ILE C 366 -22.62 3.60 -22.58
C ILE C 366 -21.88 4.57 -21.67
N ASP C 367 -20.73 5.08 -22.10
CA ASP C 367 -19.95 6.02 -21.30
C ASP C 367 -20.14 7.47 -21.74
N HIS C 368 -20.88 7.71 -22.81
CA HIS C 368 -21.08 9.07 -23.31
C HIS C 368 -21.85 9.89 -22.29
N PHE C 369 -21.39 11.12 -22.07
CA PHE C 369 -22.04 11.99 -21.08
C PHE C 369 -23.40 12.52 -21.53
N GLY C 370 -23.93 12.06 -22.66
CA GLY C 370 -25.29 12.36 -23.04
C GLY C 370 -26.20 11.21 -22.68
N ASN C 371 -25.60 10.07 -22.37
CA ASN C 371 -26.32 8.90 -21.88
C ASN C 371 -25.88 8.49 -20.49
N ARG C 372 -24.95 9.22 -19.88
CA ARG C 372 -24.48 8.96 -18.53
C ARG C 372 -24.70 10.22 -17.71
N ARG C 373 -25.59 10.14 -16.73
CA ARG C 373 -25.95 11.27 -15.88
C ARG C 373 -25.33 11.08 -14.50
N LEU C 374 -25.39 12.15 -13.71
CA LEU C 374 -25.03 12.08 -12.30
C LEU C 374 -26.21 12.57 -11.46
N ARG C 375 -26.43 11.88 -10.35
CA ARG C 375 -27.50 12.23 -9.42
C ARG C 375 -26.89 13.02 -8.28
N THR C 376 -27.14 14.34 -8.26
CA THR C 376 -26.59 15.21 -7.24
C THR C 376 -27.21 14.88 -5.89
N VAL C 377 -26.72 15.58 -4.85
CA VAL C 377 -27.19 15.34 -3.48
C VAL C 377 -28.71 15.47 -3.40
N GLY C 378 -29.27 16.49 -4.06
CA GLY C 378 -30.71 16.68 -4.03
C GLY C 378 -31.47 15.43 -4.45
N GLU C 379 -31.04 14.78 -5.53
CA GLU C 379 -31.79 13.64 -6.05
C GLU C 379 -31.58 12.38 -5.20
N LEU C 380 -30.38 12.17 -4.68
CA LEU C 380 -30.19 11.06 -3.76
C LEU C 380 -31.11 11.20 -2.56
N ILE C 381 -31.15 12.40 -1.99
CA ILE C 381 -32.05 12.65 -0.87
C ILE C 381 -33.49 12.45 -1.29
N GLN C 382 -33.86 12.94 -2.48
CA GLN C 382 -35.23 12.78 -2.95
C GLN C 382 -35.61 11.31 -3.04
N ASN C 383 -34.71 10.47 -3.53
CA ASN C 383 -35.05 9.06 -3.67
C ASN C 383 -35.17 8.38 -2.31
N GLN C 384 -34.28 8.71 -1.38
CA GLN C 384 -34.42 8.16 -0.03
C GLN C 384 -35.73 8.61 0.61
N ILE C 385 -36.12 9.87 0.37
CA ILE C 385 -37.38 10.38 0.89
C ILE C 385 -38.56 9.66 0.26
N ARG C 386 -38.47 9.39 -1.04
CA ARG C 386 -39.53 8.63 -1.71
C ARG C 386 -39.69 7.26 -1.08
N VAL C 387 -38.57 6.61 -0.76
CA VAL C 387 -38.62 5.30 -0.11
C VAL C 387 -39.34 5.42 1.23
N GLY C 388 -38.91 6.37 2.06
CA GLY C 388 -39.59 6.56 3.35
C GLY C 388 -41.07 6.85 3.19
N MET C 389 -41.42 7.64 2.17
CA MET C 389 -42.81 8.04 1.96
C MET C 389 -43.67 6.86 1.52
N SER C 390 -43.14 5.99 0.66
CA SER C 390 -43.89 4.81 0.29
C SER C 390 -44.05 3.86 1.47
N ARG C 391 -42.99 3.69 2.26
CA ARG C 391 -43.10 2.85 3.46
C ARG C 391 -44.12 3.41 4.44
N MET C 392 -44.31 4.73 4.43
CA MET C 392 -45.35 5.32 5.28
C MET C 392 -46.74 5.13 4.67
N GLU C 393 -46.89 5.41 3.37
CA GLU C 393 -48.16 5.21 2.69
C GLU C 393 -48.70 3.80 2.88
N ARG C 394 -47.81 2.82 2.94
CA ARG C 394 -48.25 1.45 3.22
C ARG C 394 -49.08 1.41 4.50
N VAL C 395 -48.51 1.88 5.61
CA VAL C 395 -49.23 1.86 6.88
C VAL C 395 -50.42 2.81 6.84
N VAL C 396 -50.36 3.86 6.03
CA VAL C 396 -51.49 4.77 5.93
C VAL C 396 -52.71 4.05 5.37
N ARG C 397 -52.54 3.32 4.27
CA ARG C 397 -53.66 2.55 3.73
C ARG C 397 -54.06 1.43 4.68
N GLU C 398 -53.07 0.75 5.27
CA GLU C 398 -53.33 -0.35 6.19
C GLU C 398 -54.06 0.09 7.44
N ARG C 399 -54.02 1.38 7.77
CA ARG C 399 -54.83 1.92 8.86
C ARG C 399 -56.15 2.48 8.37
N MET C 400 -56.20 3.05 7.16
CA MET C 400 -57.48 3.42 6.58
C MET C 400 -58.44 2.24 6.59
N THR C 401 -57.92 1.04 6.29
CA THR C 401 -58.79 -0.14 6.27
C THR C 401 -59.49 -0.33 7.62
N THR C 402 -58.70 -0.47 8.69
CA THR C 402 -59.25 -0.98 9.94
C THR C 402 -60.15 0.05 10.62
N GLN C 403 -59.66 1.27 10.83
CA GLN C 403 -60.36 2.21 11.69
C GLN C 403 -61.62 2.74 11.03
N ASP C 404 -62.43 3.45 11.82
CA ASP C 404 -63.69 4.02 11.37
C ASP C 404 -63.46 5.38 10.73
N VAL C 405 -64.30 5.71 9.75
CA VAL C 405 -64.18 6.98 9.05
C VAL C 405 -64.85 8.08 9.87
N GLU C 406 -64.56 9.33 9.51
CA GLU C 406 -65.01 10.54 10.18
C GLU C 406 -64.38 10.69 11.56
N ALA C 407 -63.60 9.72 12.02
CA ALA C 407 -62.85 9.80 13.27
C ALA C 407 -61.35 9.64 13.05
N ILE C 408 -60.89 9.66 11.81
CA ILE C 408 -59.47 9.53 11.49
C ILE C 408 -59.00 10.86 10.90
N THR C 409 -58.12 11.56 11.65
CA THR C 409 -57.48 12.79 11.22
C THR C 409 -56.13 12.47 10.56
N PRO C 410 -55.64 13.35 9.68
CA PRO C 410 -54.34 13.11 9.05
C PRO C 410 -53.27 12.68 10.04
N GLN C 411 -53.28 13.23 11.26
CA GLN C 411 -52.28 12.88 12.26
C GLN C 411 -52.42 11.45 12.76
N THR C 412 -53.61 10.85 12.66
CA THR C 412 -53.84 9.55 13.28
C THR C 412 -53.32 8.40 12.44
N LEU C 413 -53.27 8.56 11.12
CA LEU C 413 -52.90 7.47 10.21
C LEU C 413 -51.56 7.71 9.52
N ILE C 414 -50.78 8.68 9.97
CA ILE C 414 -49.53 9.07 9.32
C ILE C 414 -48.40 8.81 10.31
N ASN C 415 -47.70 7.70 10.14
CA ASN C 415 -46.53 7.35 10.96
C ASN C 415 -45.27 7.73 10.18
N ILE C 416 -44.49 8.66 10.75
CA ILE C 416 -43.28 9.15 10.08
C ILE C 416 -42.04 8.32 10.37
N ARG C 417 -42.11 7.39 11.33
CA ARG C 417 -40.94 6.59 11.67
C ARG C 417 -40.18 6.07 10.46
N PRO C 418 -40.83 5.57 9.40
CA PRO C 418 -40.05 5.06 8.26
C PRO C 418 -39.33 6.15 7.49
N VAL C 419 -39.91 7.34 7.35
CA VAL C 419 -39.22 8.41 6.65
C VAL C 419 -38.00 8.87 7.45
N VAL C 420 -38.16 9.03 8.76
CA VAL C 420 -37.03 9.39 9.62
C VAL C 420 -35.93 8.33 9.50
N ALA C 421 -36.32 7.06 9.56
CA ALA C 421 -35.34 5.99 9.48
C ALA C 421 -34.66 5.95 8.12
N ALA C 422 -35.41 6.28 7.06
CA ALA C 422 -34.81 6.32 5.72
C ALA C 422 -33.75 7.41 5.62
N ILE C 423 -34.11 8.63 6.03
CA ILE C 423 -33.15 9.73 6.00
C ILE C 423 -31.93 9.41 6.84
N LYS C 424 -32.17 8.90 8.05
CA LYS C 424 -31.07 8.55 8.94
C LYS C 424 -30.15 7.52 8.31
N GLU C 425 -30.73 6.43 7.78
CA GLU C 425 -29.91 5.40 7.18
C GLU C 425 -29.12 5.94 6.00
N PHE C 426 -29.76 6.77 5.17
CA PHE C 426 -29.03 7.36 4.06
C PHE C 426 -27.80 8.11 4.55
N PHE C 427 -28.01 9.14 5.39
CA PHE C 427 -26.88 9.96 5.80
C PHE C 427 -25.87 9.19 6.64
N GLY C 428 -26.23 8.03 7.16
CA GLY C 428 -25.32 7.35 8.07
C GLY C 428 -24.65 6.11 7.53
N THR C 429 -25.15 5.57 6.42
CA THR C 429 -24.60 4.35 5.85
C THR C 429 -24.33 4.42 4.35
N SER C 430 -24.92 5.37 3.63
CA SER C 430 -24.68 5.47 2.20
C SER C 430 -23.19 5.64 1.92
N GLN C 431 -22.72 5.02 0.83
CA GLN C 431 -21.35 5.21 0.39
C GLN C 431 -21.10 6.60 -0.15
N LEU C 432 -22.17 7.38 -0.39
CA LEU C 432 -22.05 8.72 -0.94
C LEU C 432 -22.12 9.82 0.10
N SER C 433 -22.33 9.47 1.37
CA SER C 433 -22.22 10.41 2.49
C SER C 433 -20.88 10.14 3.17
N GLN C 434 -19.88 10.96 2.85
CA GLN C 434 -18.50 10.67 3.19
C GLN C 434 -17.95 11.68 4.18
N PHE C 435 -17.15 11.18 5.13
CA PHE C 435 -16.32 11.98 6.00
C PHE C 435 -15.59 13.05 5.19
N MET C 436 -15.86 14.31 5.49
CA MET C 436 -15.34 15.38 4.63
C MET C 436 -13.82 15.42 4.68
N ASP C 437 -13.19 15.21 3.53
CA ASP C 437 -11.76 15.40 3.41
C ASP C 437 -11.45 16.88 3.59
N GLN C 438 -10.89 17.26 4.74
CA GLN C 438 -10.59 18.65 5.02
C GLN C 438 -9.19 18.81 5.61
N ASN C 439 -8.21 18.11 5.01
CA ASN C 439 -6.81 18.43 5.28
C ASN C 439 -6.55 19.91 5.12
N ASN C 440 -7.18 20.52 4.11
CA ASN C 440 -7.04 21.93 3.83
C ASN C 440 -8.19 22.35 2.93
N PRO C 441 -8.38 23.65 2.72
CA PRO C 441 -9.51 24.09 1.89
C PRO C 441 -9.63 23.38 0.54
N LEU C 442 -8.51 23.15 -0.16
CA LEU C 442 -8.59 22.52 -1.48
C LEU C 442 -9.16 21.10 -1.38
N SER C 443 -8.77 20.37 -0.33
CA SER C 443 -9.38 19.07 -0.08
C SER C 443 -10.89 19.16 -0.15
N GLY C 444 -11.49 19.99 0.70
CA GLY C 444 -12.94 20.06 0.76
C GLY C 444 -13.56 20.59 -0.52
N LEU C 445 -12.93 21.59 -1.15
CA LEU C 445 -13.48 22.14 -2.38
C LEU C 445 -13.58 21.07 -3.46
N THR C 446 -12.51 20.28 -3.65
CA THR C 446 -12.59 19.23 -4.65
C THR C 446 -13.55 18.13 -4.21
N HIS C 447 -13.57 17.80 -2.91
CA HIS C 447 -14.45 16.75 -2.43
C HIS C 447 -15.90 17.06 -2.77
N LYS C 448 -16.32 18.30 -2.60
CA LYS C 448 -17.72 18.64 -2.91
C LYS C 448 -17.99 18.54 -4.40
N ARG C 449 -17.02 18.89 -5.25
CA ARG C 449 -17.21 18.89 -6.70
C ARG C 449 -16.91 17.53 -7.32
N ARG C 450 -16.86 16.47 -6.52
CA ARG C 450 -16.39 15.18 -6.97
C ARG C 450 -17.53 14.33 -7.55
N LEU C 451 -17.18 13.43 -8.45
CA LEU C 451 -18.13 12.55 -9.12
C LEU C 451 -17.58 11.12 -9.07
N SER C 452 -18.31 10.23 -8.41
CA SER C 452 -17.91 8.84 -8.32
C SER C 452 -18.99 7.95 -8.91
N ALA C 453 -18.57 6.82 -9.48
CA ALA C 453 -19.49 5.90 -10.15
C ALA C 453 -19.86 4.71 -9.28
N LEU C 454 -19.19 4.50 -8.15
CA LEU C 454 -19.54 3.42 -7.25
C LEU C 454 -20.75 3.81 -6.40
N GLY C 455 -21.26 2.83 -5.66
CA GLY C 455 -22.34 3.08 -4.72
C GLY C 455 -23.63 2.38 -5.10
N PRO C 456 -24.62 2.44 -4.21
CA PRO C 456 -25.92 1.83 -4.49
C PRO C 456 -26.60 2.50 -5.67
N GLY C 457 -26.88 1.70 -6.71
CA GLY C 457 -27.48 2.20 -7.93
C GLY C 457 -26.54 2.28 -9.10
N GLY C 458 -25.24 2.42 -8.85
CA GLY C 458 -24.23 2.40 -9.89
C GLY C 458 -23.65 1.02 -10.06
N LEU C 459 -22.43 0.98 -10.58
CA LEU C 459 -21.75 -0.29 -10.78
C LEU C 459 -20.97 -0.69 -9.52
N SER C 460 -20.32 -1.85 -9.58
CA SER C 460 -19.58 -2.39 -8.45
C SER C 460 -18.08 -2.18 -8.65
N ARG C 461 -17.36 -1.92 -7.55
CA ARG C 461 -15.91 -1.73 -7.62
C ARG C 461 -15.21 -2.90 -8.28
N GLU C 462 -15.88 -4.05 -8.37
CA GLU C 462 -15.33 -5.23 -9.02
C GLU C 462 -15.99 -5.55 -10.35
N ARG C 463 -17.27 -5.18 -10.53
CA ARG C 463 -17.94 -5.30 -11.81
C ARG C 463 -17.67 -4.12 -12.73
N ALA C 464 -16.74 -3.24 -12.36
CA ALA C 464 -16.36 -2.09 -13.18
C ALA C 464 -15.00 -2.38 -13.81
N GLY C 465 -15.01 -2.63 -15.12
CA GLY C 465 -13.80 -3.03 -15.83
C GLY C 465 -12.85 -1.88 -16.07
N LEU C 466 -12.22 -1.86 -17.24
CA LEU C 466 -11.29 -0.80 -17.59
C LEU C 466 -11.89 0.26 -18.51
N GLU C 467 -12.86 -0.11 -19.36
CA GLU C 467 -13.47 0.88 -20.24
C GLU C 467 -14.28 1.91 -19.47
N VAL C 468 -14.78 1.56 -18.28
CA VAL C 468 -15.47 2.54 -17.45
C VAL C 468 -14.52 3.66 -17.05
N ARG C 469 -13.28 3.30 -16.72
CA ARG C 469 -12.29 4.23 -16.19
C ARG C 469 -11.56 5.03 -17.27
N ASP C 470 -11.92 4.85 -18.53
CA ASP C 470 -11.20 5.51 -19.61
C ASP C 470 -11.75 6.91 -19.84
N VAL C 471 -10.84 7.84 -20.17
CA VAL C 471 -11.21 9.22 -20.45
C VAL C 471 -12.02 9.23 -21.76
N HIS C 472 -13.31 9.51 -21.65
CA HIS C 472 -14.15 9.62 -22.83
C HIS C 472 -14.02 11.03 -23.43
N PRO C 473 -14.08 11.16 -24.76
CA PRO C 473 -13.97 12.50 -25.35
C PRO C 473 -15.08 13.44 -24.92
N SER C 474 -16.25 12.93 -24.51
CA SER C 474 -17.33 13.79 -24.06
C SER C 474 -17.06 14.40 -22.69
N HIS C 475 -16.05 13.91 -21.97
CA HIS C 475 -15.65 14.52 -20.70
C HIS C 475 -15.07 15.92 -20.87
N TYR C 476 -14.72 16.31 -22.09
CA TYR C 476 -14.10 17.61 -22.33
C TYR C 476 -14.97 18.72 -21.78
N GLY C 477 -14.44 19.47 -20.81
CA GLY C 477 -15.18 20.55 -20.19
C GLY C 477 -16.20 20.13 -19.15
N ARG C 478 -16.36 18.84 -18.91
CA ARG C 478 -17.33 18.35 -17.92
C ARG C 478 -16.64 17.66 -16.76
N MET C 479 -15.82 16.64 -17.01
CA MET C 479 -15.06 15.97 -15.97
C MET C 479 -13.57 16.06 -16.31
N CYS C 480 -12.81 16.70 -15.43
CA CYS C 480 -11.38 16.86 -15.68
C CYS C 480 -10.74 15.50 -15.89
N PRO C 481 -9.83 15.37 -16.86
CA PRO C 481 -9.18 14.08 -17.13
C PRO C 481 -7.92 13.82 -16.35
N ILE C 482 -7.39 14.80 -15.63
CA ILE C 482 -6.15 14.62 -14.87
C ILE C 482 -6.43 14.16 -13.45
N GLU C 483 -7.31 14.86 -12.74
CA GLU C 483 -7.53 14.61 -11.31
C GLU C 483 -8.32 13.33 -11.13
N THR C 484 -7.62 12.26 -10.73
CA THR C 484 -8.24 10.99 -10.40
C THR C 484 -7.24 10.17 -9.60
N PRO C 485 -7.70 9.26 -8.76
CA PRO C 485 -6.78 8.57 -7.84
C PRO C 485 -5.82 7.66 -8.59
N GLU C 486 -4.65 7.44 -7.98
CA GLU C 486 -3.67 6.52 -8.56
C GLU C 486 -3.99 5.08 -8.24
N GLY C 487 -4.64 4.81 -7.11
CA GLY C 487 -4.83 3.47 -6.62
C GLY C 487 -6.00 2.73 -7.24
N PRO C 488 -6.64 1.87 -6.46
CA PRO C 488 -7.75 1.07 -7.00
C PRO C 488 -8.88 1.90 -7.56
N ASN C 489 -9.22 3.03 -6.93
CA ASN C 489 -10.36 3.82 -7.37
C ASN C 489 -10.05 4.66 -8.63
N ILE C 490 -8.91 4.44 -9.27
CA ILE C 490 -8.56 5.23 -10.44
C ILE C 490 -9.63 5.09 -11.51
N GLY C 491 -9.86 6.18 -12.23
CA GLY C 491 -10.85 6.20 -13.30
C GLY C 491 -12.28 6.21 -12.82
N LEU C 492 -12.50 5.86 -11.56
CA LEU C 492 -13.85 5.80 -11.00
C LEU C 492 -14.26 7.09 -10.29
N ILE C 493 -13.31 7.85 -9.76
CA ILE C 493 -13.60 9.09 -9.04
C ILE C 493 -12.93 10.24 -9.80
N GLY C 494 -13.73 11.06 -10.47
CA GLY C 494 -13.26 12.26 -11.10
C GLY C 494 -13.75 13.50 -10.36
N SER C 495 -13.37 14.66 -10.88
CA SER C 495 -13.82 15.92 -10.31
C SER C 495 -14.39 16.81 -11.40
N LEU C 496 -15.43 17.55 -11.05
CA LEU C 496 -16.14 18.37 -12.02
C LEU C 496 -15.21 19.43 -12.59
N SER C 497 -15.32 19.65 -13.90
CA SER C 497 -14.50 20.65 -14.56
C SER C 497 -14.85 22.04 -14.03
N VAL C 498 -13.92 22.97 -14.20
CA VAL C 498 -14.06 24.29 -13.59
C VAL C 498 -15.39 24.94 -13.97
N TYR C 499 -15.60 25.17 -15.27
CA TYR C 499 -16.77 25.91 -15.71
C TYR C 499 -18.02 25.05 -15.81
N ALA C 500 -17.91 23.73 -15.66
CA ALA C 500 -19.04 22.84 -15.86
C ALA C 500 -20.17 23.17 -14.90
N ARG C 501 -21.36 22.68 -15.24
CA ARG C 501 -22.57 22.99 -14.51
C ARG C 501 -23.62 21.92 -14.79
N VAL C 502 -24.19 21.34 -13.73
CA VAL C 502 -25.21 20.32 -13.91
C VAL C 502 -26.52 20.97 -14.32
N ASN C 503 -27.37 20.19 -15.00
CA ASN C 503 -28.64 20.72 -15.48
C ASN C 503 -29.81 19.95 -14.86
N PRO C 504 -31.04 20.41 -15.07
CA PRO C 504 -32.19 19.79 -14.39
C PRO C 504 -32.27 18.27 -14.53
N PHE C 505 -31.77 17.71 -15.62
CA PHE C 505 -31.94 16.28 -15.89
C PHE C 505 -30.77 15.44 -15.39
N GLY C 506 -29.77 16.04 -14.77
CA GLY C 506 -28.61 15.31 -14.32
C GLY C 506 -27.49 15.18 -15.34
N PHE C 507 -27.60 15.90 -16.46
CA PHE C 507 -26.57 15.91 -17.48
C PHE C 507 -25.66 17.11 -17.27
N ILE C 508 -24.37 16.90 -17.48
CA ILE C 508 -23.36 17.93 -17.24
C ILE C 508 -23.23 18.78 -18.49
N GLU C 509 -23.64 20.04 -18.40
CA GLU C 509 -23.53 21.00 -19.49
C GLU C 509 -22.26 21.84 -19.31
N THR C 510 -21.82 22.45 -20.40
CA THR C 510 -20.65 23.31 -20.36
C THR C 510 -20.85 24.51 -21.28
N PRO C 511 -20.20 25.64 -20.99
CA PRO C 511 -20.48 26.87 -21.73
C PRO C 511 -19.58 27.08 -22.94
N TYR C 512 -20.19 27.60 -24.01
CA TYR C 512 -19.48 27.92 -25.23
C TYR C 512 -19.97 29.26 -25.74
N ARG C 513 -19.05 30.01 -26.36
CA ARG C 513 -19.40 31.27 -27.00
C ARG C 513 -20.01 31.00 -28.38
N LYS C 514 -21.13 31.65 -28.68
CA LYS C 514 -21.79 31.45 -29.96
C LYS C 514 -21.01 32.14 -31.07
N VAL C 515 -21.00 31.50 -32.24
CA VAL C 515 -20.27 31.99 -33.41
C VAL C 515 -21.27 32.24 -34.53
N VAL C 516 -21.33 33.50 -34.98
CA VAL C 516 -22.24 33.92 -36.05
C VAL C 516 -21.41 34.40 -37.22
N ASP C 517 -21.43 33.65 -38.32
CA ASP C 517 -20.68 34.00 -39.53
C ASP C 517 -19.20 34.23 -39.20
N GLY C 518 -18.57 33.17 -38.71
CA GLY C 518 -17.16 33.23 -38.35
C GLY C 518 -16.84 34.39 -37.42
N VAL C 519 -17.82 34.80 -36.62
CA VAL C 519 -17.68 35.93 -35.71
C VAL C 519 -17.93 35.43 -34.30
N VAL C 520 -16.86 35.39 -33.49
CA VAL C 520 -16.99 35.01 -32.09
C VAL C 520 -17.80 36.08 -31.37
N SER C 521 -18.97 35.70 -30.87
CA SER C 521 -19.84 36.62 -30.16
C SER C 521 -19.55 36.58 -28.66
N ASP C 522 -20.34 37.32 -27.89
CA ASP C 522 -20.31 37.25 -26.44
C ASP C 522 -21.53 36.54 -25.88
N GLU C 523 -22.44 36.06 -26.74
CA GLU C 523 -23.59 35.30 -26.30
C GLU C 523 -23.12 33.90 -25.92
N ILE C 524 -23.17 33.57 -24.64
CA ILE C 524 -22.77 32.26 -24.15
C ILE C 524 -23.97 31.33 -24.15
N VAL C 525 -23.72 30.04 -24.35
CA VAL C 525 -24.76 29.02 -24.35
C VAL C 525 -24.20 27.76 -23.71
N TYR C 526 -25.01 27.10 -22.90
CA TYR C 526 -24.62 25.88 -22.20
C TYR C 526 -25.14 24.67 -22.96
N LEU C 527 -24.24 23.78 -23.35
CA LEU C 527 -24.57 22.60 -24.15
C LEU C 527 -24.24 21.33 -23.37
N THR C 528 -25.11 20.34 -23.51
CA THR C 528 -24.83 19.01 -22.98
C THR C 528 -23.98 18.23 -23.99
N ALA C 529 -23.59 17.01 -23.61
CA ALA C 529 -22.75 16.20 -24.48
C ALA C 529 -23.40 16.01 -25.85
N ASP C 530 -24.71 15.74 -25.88
CA ASP C 530 -25.40 15.53 -27.14
C ASP C 530 -25.38 16.80 -28.00
N GLU C 531 -25.93 17.89 -27.45
CA GLU C 531 -25.95 19.15 -28.18
C GLU C 531 -24.57 19.52 -28.69
N GLU C 532 -23.54 19.32 -27.86
CA GLU C 532 -22.17 19.62 -28.28
C GLU C 532 -21.77 18.75 -29.46
N ASP C 533 -21.94 17.43 -29.34
CA ASP C 533 -21.61 16.52 -30.43
C ASP C 533 -22.24 16.98 -31.74
N ARG C 534 -23.47 17.48 -31.68
CA ARG C 534 -24.13 17.87 -32.91
C ARG C 534 -23.58 19.16 -33.52
N HIS C 535 -22.57 19.79 -32.93
CA HIS C 535 -22.02 21.05 -33.42
C HIS C 535 -20.52 20.94 -33.66
N VAL C 536 -19.92 22.06 -34.04
CA VAL C 536 -18.49 22.15 -34.29
C VAL C 536 -17.93 23.23 -33.37
N VAL C 537 -17.11 22.82 -32.41
CA VAL C 537 -16.62 23.70 -31.35
C VAL C 537 -15.20 24.13 -31.69
N ALA C 538 -15.02 25.43 -31.88
CA ALA C 538 -13.68 25.98 -32.08
C ALA C 538 -12.85 25.80 -30.81
N GLN C 539 -11.58 26.20 -30.90
CA GLN C 539 -10.67 26.12 -29.77
C GLN C 539 -10.51 27.49 -29.13
N ALA C 540 -10.04 27.49 -27.89
CA ALA C 540 -9.91 28.74 -27.14
C ALA C 540 -8.70 29.54 -27.61
N ASN C 541 -7.59 28.87 -27.86
CA ASN C 541 -6.40 29.54 -28.38
C ASN C 541 -6.43 29.63 -29.91
N SER C 542 -7.54 30.15 -30.44
CA SER C 542 -7.72 30.38 -31.87
C SER C 542 -7.53 31.85 -32.17
N PRO C 543 -6.71 32.21 -33.17
CA PRO C 543 -6.49 33.63 -33.46
C PRO C 543 -7.80 34.32 -33.79
N ILE C 544 -8.06 35.43 -33.12
CA ILE C 544 -9.27 36.22 -33.32
C ILE C 544 -8.89 37.69 -33.35
N ASP C 545 -9.34 38.40 -34.37
CA ASP C 545 -9.23 39.84 -34.41
C ASP C 545 -10.35 40.47 -33.60
N ALA C 546 -10.11 41.69 -33.11
CA ALA C 546 -11.18 42.44 -32.48
C ALA C 546 -12.42 42.40 -33.37
N ASP C 547 -13.58 42.51 -32.74
CA ASP C 547 -14.89 42.33 -33.36
C ASP C 547 -15.23 40.85 -33.51
N GLY C 548 -14.40 39.94 -32.99
CA GLY C 548 -14.68 38.52 -33.10
C GLY C 548 -14.58 37.98 -34.50
N ARG C 549 -13.36 37.97 -35.05
CA ARG C 549 -13.13 37.51 -36.41
C ARG C 549 -11.89 36.64 -36.44
N PHE C 550 -12.05 35.39 -36.89
CA PHE C 550 -10.90 34.51 -37.06
C PHE C 550 -9.95 35.08 -38.10
N VAL C 551 -8.67 35.20 -37.72
CA VAL C 551 -7.69 35.75 -38.65
C VAL C 551 -7.24 34.69 -39.66
N GLU C 552 -6.90 33.50 -39.18
CA GLU C 552 -6.46 32.46 -40.09
C GLU C 552 -7.60 32.04 -41.01
N PRO C 553 -7.28 31.52 -42.21
CA PRO C 553 -8.35 31.14 -43.14
C PRO C 553 -9.24 30.04 -42.61
N ARG C 554 -8.68 29.11 -41.84
CA ARG C 554 -9.44 28.06 -41.20
C ARG C 554 -9.11 28.03 -39.71
N VAL C 555 -9.83 27.18 -38.98
CA VAL C 555 -9.69 27.08 -37.53
C VAL C 555 -9.75 25.61 -37.13
N LEU C 556 -9.01 25.27 -36.08
CA LEU C 556 -9.03 23.92 -35.53
C LEU C 556 -10.27 23.75 -34.65
N VAL C 557 -10.98 22.63 -34.83
CA VAL C 557 -12.27 22.43 -34.19
C VAL C 557 -12.46 20.95 -33.86
N ARG C 558 -13.50 20.67 -33.08
CA ARG C 558 -13.86 19.32 -32.64
C ARG C 558 -15.26 18.98 -33.13
N ARG C 559 -15.43 17.77 -33.64
CA ARG C 559 -16.70 17.28 -34.16
C ARG C 559 -17.22 16.13 -33.30
N LYS C 560 -18.41 15.65 -33.68
CA LYS C 560 -19.11 14.66 -32.85
C LYS C 560 -18.29 13.38 -32.66
N ALA C 561 -17.49 13.01 -33.65
CA ALA C 561 -16.76 11.74 -33.56
C ALA C 561 -15.69 11.76 -32.50
N GLY C 562 -15.59 12.82 -31.70
CA GLY C 562 -14.45 12.95 -30.82
C GLY C 562 -13.14 13.15 -31.55
N GLU C 563 -13.20 13.63 -32.79
CA GLU C 563 -12.01 13.86 -33.61
C GLU C 563 -11.89 15.34 -33.93
N VAL C 564 -10.68 15.75 -34.26
CA VAL C 564 -10.37 17.14 -34.54
C VAL C 564 -10.28 17.34 -36.04
N GLU C 565 -10.42 18.59 -36.47
CA GLU C 565 -10.37 18.92 -37.89
C GLU C 565 -9.94 20.37 -38.03
N TYR C 566 -9.67 20.76 -39.27
CA TYR C 566 -9.23 22.12 -39.62
C TYR C 566 -10.23 22.65 -40.65
N VAL C 567 -11.25 23.36 -40.17
CA VAL C 567 -12.41 23.70 -41.01
C VAL C 567 -12.41 25.19 -41.32
N PRO C 568 -12.93 25.60 -42.48
CA PRO C 568 -13.04 27.04 -42.76
C PRO C 568 -13.81 27.76 -41.65
N SER C 569 -13.49 29.04 -41.49
CA SER C 569 -14.03 29.80 -40.36
C SER C 569 -15.55 29.86 -40.38
N SER C 570 -16.15 29.89 -41.57
CA SER C 570 -17.60 30.02 -41.67
C SER C 570 -18.33 28.72 -41.34
N GLU C 571 -17.63 27.66 -40.97
CA GLU C 571 -18.26 26.40 -40.59
C GLU C 571 -18.30 26.18 -39.09
N VAL C 572 -17.80 27.12 -38.29
CA VAL C 572 -17.73 26.97 -36.85
C VAL C 572 -19.03 27.47 -36.22
N ASP C 573 -19.52 26.71 -35.24
CA ASP C 573 -20.74 27.06 -34.52
C ASP C 573 -20.44 27.73 -33.18
N TYR C 574 -19.66 27.07 -32.33
CA TYR C 574 -19.32 27.58 -31.01
C TYR C 574 -17.82 27.54 -30.80
N MET C 575 -17.37 28.28 -29.79
CA MET C 575 -15.97 28.35 -29.44
C MET C 575 -15.80 28.17 -27.93
N ASP C 576 -14.69 27.55 -27.54
CA ASP C 576 -14.39 27.39 -26.13
C ASP C 576 -14.37 28.75 -25.43
N VAL C 577 -14.88 28.77 -24.19
CA VAL C 577 -14.90 30.02 -23.42
C VAL C 577 -13.49 30.38 -22.99
N SER C 578 -12.68 29.39 -22.65
CA SER C 578 -11.28 29.63 -22.32
C SER C 578 -10.51 28.32 -22.33
N PRO C 579 -9.20 28.34 -22.60
CA PRO C 579 -8.40 27.16 -22.33
C PRO C 579 -8.56 26.74 -20.88
N ARG C 580 -8.11 25.53 -20.59
CA ARG C 580 -8.22 24.98 -19.25
C ARG C 580 -9.69 24.74 -18.90
N GLN C 581 -10.58 24.98 -19.86
CA GLN C 581 -11.99 24.66 -19.68
C GLN C 581 -12.19 23.19 -19.33
N MET C 582 -11.25 22.32 -19.70
CA MET C 582 -11.38 20.90 -19.42
C MET C 582 -10.86 20.52 -18.04
N VAL C 583 -10.21 21.43 -17.36
CA VAL C 583 -9.48 21.12 -16.15
C VAL C 583 -10.41 21.24 -14.94
N SER C 584 -9.94 20.69 -13.82
CA SER C 584 -10.58 20.85 -12.52
C SER C 584 -9.87 21.96 -11.76
N VAL C 585 -10.42 22.29 -10.59
CA VAL C 585 -9.85 23.37 -9.79
C VAL C 585 -8.42 23.02 -9.38
N ALA C 586 -8.24 21.86 -8.75
CA ALA C 586 -6.90 21.46 -8.31
C ALA C 586 -5.93 21.47 -9.50
N THR C 587 -6.29 20.74 -10.55
CA THR C 587 -5.42 20.67 -11.72
C THR C 587 -5.12 22.04 -12.31
N ALA C 588 -6.10 22.95 -12.26
CA ALA C 588 -5.92 24.28 -12.83
C ALA C 588 -4.92 25.12 -12.07
N MET C 589 -4.39 24.62 -10.96
CA MET C 589 -3.46 25.35 -10.11
C MET C 589 -2.02 24.90 -10.28
N ILE C 590 -1.73 24.06 -11.27
CA ILE C 590 -0.38 23.59 -11.53
C ILE C 590 0.25 24.52 -12.56
N PRO C 591 1.20 25.37 -12.18
CA PRO C 591 1.87 26.23 -13.16
C PRO C 591 2.60 25.38 -14.19
N PHE C 592 2.51 25.80 -15.46
CA PHE C 592 3.16 25.09 -16.56
C PHE C 592 2.64 23.66 -16.67
N LEU C 593 1.32 23.51 -16.57
CA LEU C 593 0.73 22.18 -16.66
C LEU C 593 1.08 21.50 -17.98
N GLU C 594 0.88 22.22 -19.09
CA GLU C 594 1.14 21.65 -20.41
C GLU C 594 2.56 21.12 -20.54
N HIS C 595 3.48 21.52 -19.67
CA HIS C 595 4.84 21.03 -19.69
C HIS C 595 5.04 19.80 -18.81
N ASP C 596 3.96 19.20 -18.30
CA ASP C 596 4.06 18.05 -17.40
C ASP C 596 3.25 16.88 -17.95
N ASP C 597 3.82 15.68 -17.83
CA ASP C 597 3.12 14.49 -18.25
C ASP C 597 1.94 14.19 -17.33
N ALA C 598 0.92 13.54 -17.88
CA ALA C 598 -0.34 13.36 -17.15
C ALA C 598 -0.16 12.58 -15.87
N ASN C 599 0.81 11.67 -15.80
CA ASN C 599 1.03 10.94 -14.55
C ASN C 599 1.48 11.90 -13.45
N ARG C 600 2.55 12.65 -13.69
CA ARG C 600 3.03 13.56 -12.65
C ARG C 600 2.05 14.69 -12.39
N ALA C 601 1.24 15.07 -13.39
CA ALA C 601 0.25 16.12 -13.17
C ALA C 601 -0.89 15.62 -12.29
N LEU C 602 -1.41 14.42 -12.59
CA LEU C 602 -2.36 13.78 -11.71
C LEU C 602 -1.83 13.69 -10.29
N MET C 603 -0.56 13.30 -10.15
CA MET C 603 0.04 13.24 -8.83
C MET C 603 0.10 14.62 -8.18
N GLY C 604 0.39 15.66 -8.97
CA GLY C 604 0.44 17.00 -8.40
C GLY C 604 -0.90 17.47 -7.88
N ALA C 605 -1.95 17.22 -8.65
CA ALA C 605 -3.29 17.56 -8.15
C ALA C 605 -3.59 16.80 -6.86
N ASN C 606 -3.42 15.47 -6.88
CA ASN C 606 -3.70 14.68 -5.70
C ASN C 606 -2.90 15.14 -4.49
N MET C 607 -1.67 15.62 -4.70
CA MET C 607 -0.82 16.00 -3.58
C MET C 607 -1.07 17.41 -3.09
N GLN C 608 -1.47 18.33 -3.98
CA GLN C 608 -2.08 19.58 -3.52
C GLN C 608 -3.22 19.29 -2.57
N ARG C 609 -4.07 18.31 -2.91
CA ARG C 609 -5.16 18.05 -1.98
C ARG C 609 -4.67 17.39 -0.67
N GLN C 610 -3.36 17.30 -0.41
CA GLN C 610 -2.86 16.72 0.83
C GLN C 610 -1.99 17.68 1.63
N ALA C 611 -1.78 18.91 1.16
CA ALA C 611 -0.97 19.84 1.91
C ALA C 611 -1.58 20.07 3.28
N VAL C 612 -0.72 20.18 4.30
CA VAL C 612 -1.19 20.48 5.65
C VAL C 612 -1.11 21.98 5.88
N PRO C 613 -2.09 22.59 6.55
CA PRO C 613 -1.96 24.00 6.89
C PRO C 613 -0.75 24.25 7.77
N LEU C 614 -0.01 25.31 7.46
CA LEU C 614 1.14 25.72 8.23
C LEU C 614 0.76 26.86 9.17
N VAL C 615 1.50 26.98 10.27
CA VAL C 615 1.21 28.02 11.26
C VAL C 615 1.08 29.37 10.57
N ARG C 616 2.00 29.67 9.64
CA ARG C 616 1.98 30.88 8.85
C ARG C 616 1.97 30.49 7.38
N SER C 617 1.02 31.04 6.63
CA SER C 617 0.82 30.65 5.24
C SER C 617 1.35 31.74 4.31
N GLU C 618 1.91 31.31 3.19
CA GLU C 618 2.60 32.20 2.26
C GLU C 618 2.16 31.84 0.84
N ALA C 619 1.51 32.77 0.16
CA ALA C 619 1.00 32.47 -1.17
C ALA C 619 2.16 32.17 -2.11
N PRO C 620 1.93 31.36 -3.14
CA PRO C 620 3.01 31.02 -4.07
C PRO C 620 3.49 32.25 -4.81
N LEU C 621 4.82 32.39 -4.90
CA LEU C 621 5.41 33.48 -5.68
C LEU C 621 5.04 33.38 -7.15
N VAL C 622 4.83 32.17 -7.65
CA VAL C 622 4.37 31.95 -9.01
C VAL C 622 3.23 30.96 -8.96
N GLY C 623 2.03 31.39 -9.38
CA GLY C 623 0.86 30.55 -9.36
C GLY C 623 0.05 30.69 -10.64
N THR C 624 -1.08 29.99 -10.67
CA THR C 624 -2.09 30.20 -11.70
C THR C 624 -2.95 31.39 -11.28
N GLY C 625 -4.06 31.60 -11.97
CA GLY C 625 -5.01 32.57 -11.48
C GLY C 625 -6.05 32.02 -10.54
N MET C 626 -5.98 30.72 -10.22
CA MET C 626 -7.05 30.03 -9.52
C MET C 626 -6.95 30.08 -8.01
N GLU C 627 -5.80 30.47 -7.45
CA GLU C 627 -5.63 30.41 -6.00
C GLU C 627 -6.67 31.25 -5.28
N LEU C 628 -6.92 32.47 -5.77
CA LEU C 628 -7.86 33.37 -5.11
C LEU C 628 -9.27 32.78 -5.13
N ARG C 629 -9.77 32.50 -6.33
CA ARG C 629 -11.14 32.03 -6.47
C ARG C 629 -11.33 30.69 -5.77
N ALA C 630 -10.31 29.81 -5.82
CA ALA C 630 -10.38 28.55 -5.11
C ALA C 630 -10.52 28.78 -3.60
N ALA C 631 -9.65 29.61 -3.03
CA ALA C 631 -9.75 29.90 -1.60
C ALA C 631 -11.12 30.46 -1.24
N ILE C 632 -11.63 31.38 -2.05
CA ILE C 632 -12.89 32.04 -1.71
C ILE C 632 -14.04 31.02 -1.75
N ASP C 633 -14.26 30.41 -2.91
CA ASP C 633 -15.35 29.43 -3.02
C ASP C 633 -15.21 28.31 -1.99
N ALA C 634 -13.99 27.94 -1.62
CA ALA C 634 -13.81 26.82 -0.70
C ALA C 634 -14.59 27.04 0.59
N GLY C 635 -14.63 28.27 1.09
CA GLY C 635 -15.38 28.57 2.30
C GLY C 635 -14.61 28.42 3.58
N ASP C 636 -13.29 28.61 3.56
CA ASP C 636 -12.48 28.62 4.78
C ASP C 636 -11.89 29.98 5.07
N VAL C 637 -12.28 31.00 4.30
CA VAL C 637 -11.94 32.39 4.58
C VAL C 637 -13.22 33.13 4.90
N VAL C 638 -13.11 34.15 5.74
CA VAL C 638 -14.26 34.97 6.07
C VAL C 638 -14.41 36.05 5.01
N VAL C 639 -15.63 36.21 4.50
CA VAL C 639 -15.90 37.11 3.38
C VAL C 639 -17.00 38.09 3.77
N ALA C 640 -16.80 39.35 3.44
CA ALA C 640 -17.75 40.41 3.78
C ALA C 640 -19.04 40.22 3.01
N GLU C 641 -20.10 39.80 3.72
CA GLU C 641 -21.40 39.62 3.08
C GLU C 641 -22.02 40.93 2.62
N GLU C 642 -21.61 42.05 3.20
CA GLU C 642 -22.22 43.34 2.90
C GLU C 642 -21.19 44.43 3.08
N SER C 643 -21.05 45.27 2.05
CA SER C 643 -20.02 46.30 2.06
C SER C 643 -20.26 47.30 3.18
N GLY C 644 -19.21 47.59 3.94
CA GLY C 644 -19.33 48.53 5.03
C GLY C 644 -17.99 49.09 5.49
N VAL C 645 -17.84 49.25 6.81
CA VAL C 645 -16.62 49.78 7.40
C VAL C 645 -16.32 48.99 8.66
N ILE C 646 -15.08 48.54 8.81
CA ILE C 646 -14.72 47.73 9.97
C ILE C 646 -14.89 48.57 11.23
N GLU C 647 -15.86 48.18 12.06
CA GLU C 647 -16.14 48.89 13.31
C GLU C 647 -15.32 48.35 14.48
N GLU C 648 -14.97 47.06 14.45
CA GLU C 648 -14.11 46.53 15.50
C GLU C 648 -13.44 45.27 14.99
N VAL C 649 -12.22 45.03 15.44
CA VAL C 649 -11.45 43.86 15.02
C VAL C 649 -10.68 43.33 16.22
N SER C 650 -10.75 42.02 16.41
CA SER C 650 -10.03 41.35 17.48
C SER C 650 -9.56 40.00 16.97
N ALA C 651 -8.63 39.40 17.71
CA ALA C 651 -8.28 38.02 17.43
C ALA C 651 -9.47 37.09 17.51
N ASP C 652 -10.62 37.57 18.01
CA ASP C 652 -11.80 36.75 18.23
C ASP C 652 -12.93 37.01 17.25
N TYR C 653 -13.23 38.26 16.93
CA TYR C 653 -14.31 38.54 15.99
C TYR C 653 -14.01 39.80 15.20
N ILE C 654 -14.85 40.05 14.20
CA ILE C 654 -14.73 41.22 13.33
C ILE C 654 -16.14 41.78 13.11
N THR C 655 -16.36 43.02 13.51
CA THR C 655 -17.66 43.68 13.33
C THR C 655 -17.52 44.77 12.29
N VAL C 656 -18.41 44.72 11.28
CA VAL C 656 -18.49 45.71 10.23
C VAL C 656 -19.81 46.45 10.37
N MET C 657 -19.75 47.78 10.32
CA MET C 657 -20.92 48.63 10.31
C MET C 657 -21.27 48.93 8.86
N HIS C 658 -22.33 48.30 8.36
CA HIS C 658 -22.82 48.61 7.04
C HIS C 658 -23.19 50.09 6.94
N ASP C 659 -23.44 50.53 5.71
CA ASP C 659 -23.77 51.94 5.49
C ASP C 659 -25.18 52.28 5.97
N ASN C 660 -26.11 51.31 5.92
CA ASN C 660 -27.46 51.55 6.38
C ASN C 660 -27.63 51.36 7.88
N GLY C 661 -26.55 51.48 8.65
CA GLY C 661 -26.60 51.33 10.08
C GLY C 661 -26.55 49.90 10.58
N THR C 662 -26.67 48.92 9.70
CA THR C 662 -26.63 47.53 10.12
C THR C 662 -25.26 47.17 10.67
N ARG C 663 -25.24 46.26 11.63
CA ARG C 663 -24.03 45.67 12.16
C ARG C 663 -24.00 44.21 11.76
N ARG C 664 -22.86 43.76 11.24
CA ARG C 664 -22.65 42.33 11.06
C ARG C 664 -21.34 41.94 11.71
N THR C 665 -21.30 40.78 12.35
CA THR C 665 -20.10 40.34 13.03
C THR C 665 -19.78 38.90 12.66
N TYR C 666 -18.49 38.61 12.57
CA TYR C 666 -17.98 37.31 12.18
C TYR C 666 -17.05 36.79 13.26
N ARG C 667 -17.33 35.60 13.75
CA ARG C 667 -16.49 34.95 14.75
C ARG C 667 -15.40 34.14 14.06
N MET C 668 -14.16 34.35 14.47
CA MET C 668 -13.02 33.67 13.86
C MET C 668 -12.86 32.27 14.46
N ARG C 669 -12.85 31.25 13.60
CA ARG C 669 -12.44 29.92 14.04
C ARG C 669 -10.99 30.00 14.52
N LYS C 670 -10.76 29.72 15.79
CA LYS C 670 -9.43 29.86 16.38
C LYS C 670 -8.94 28.49 16.84
N PHE C 671 -7.94 27.95 16.14
CA PHE C 671 -7.29 26.70 16.51
C PHE C 671 -8.30 25.55 16.57
N ALA C 672 -9.08 25.42 15.49
CA ALA C 672 -10.06 24.36 15.36
C ALA C 672 -9.42 23.10 14.80
N ARG C 673 -9.76 21.96 15.39
CA ARG C 673 -9.32 20.68 14.86
C ARG C 673 -10.19 20.26 13.68
N SER C 674 -9.56 19.83 12.60
CA SER C 674 -10.26 19.37 11.41
C SER C 674 -10.40 17.86 11.43
N ASN C 675 -11.21 17.34 10.52
CA ASN C 675 -11.48 15.91 10.48
C ASN C 675 -10.22 15.07 10.38
N HIS C 676 -9.11 15.65 9.93
CA HIS C 676 -7.88 14.88 9.72
C HIS C 676 -6.73 15.39 10.57
N GLY C 677 -7.02 16.19 11.60
CA GLY C 677 -6.02 16.67 12.52
C GLY C 677 -5.36 17.98 12.14
N THR C 678 -5.56 18.45 10.91
CA THR C 678 -5.01 19.75 10.56
C THR C 678 -5.71 20.83 11.38
N CYS C 679 -5.09 22.02 11.40
CA CYS C 679 -5.48 23.10 12.28
C CYS C 679 -6.19 24.19 11.47
N ALA C 680 -7.49 24.33 11.68
CA ALA C 680 -8.27 25.39 11.05
C ALA C 680 -8.23 26.61 11.96
N ASN C 681 -7.54 27.66 11.52
CA ASN C 681 -7.30 28.85 12.34
C ASN C 681 -7.37 30.08 11.46
N GLN C 682 -8.37 30.92 11.68
CA GLN C 682 -8.57 32.12 10.90
C GLN C 682 -7.94 33.33 11.59
N CYS C 683 -7.43 34.25 10.78
CA CYS C 683 -6.84 35.49 11.24
C CYS C 683 -7.39 36.63 10.41
N PRO C 684 -7.80 37.74 11.01
CA PRO C 684 -8.33 38.86 10.24
C PRO C 684 -7.22 39.58 9.49
N ILE C 685 -7.59 40.13 8.34
CA ILE C 685 -6.67 40.90 7.51
C ILE C 685 -7.21 42.31 7.26
N VAL C 686 -8.09 42.78 8.15
CA VAL C 686 -8.62 44.14 8.11
C VAL C 686 -8.17 44.86 9.37
N ASP C 687 -8.13 46.19 9.28
CA ASP C 687 -7.81 47.04 10.41
C ASP C 687 -8.97 47.97 10.70
N ALA C 688 -9.13 48.31 11.98
CA ALA C 688 -10.22 49.17 12.41
C ALA C 688 -10.28 50.44 11.57
N GLY C 689 -11.47 50.76 11.09
CA GLY C 689 -11.66 51.89 10.20
C GLY C 689 -11.51 51.58 8.72
N ASP C 690 -11.18 50.34 8.36
CA ASP C 690 -11.05 49.99 6.95
C ASP C 690 -12.41 49.87 6.29
N ARG C 691 -12.54 50.42 5.09
CA ARG C 691 -13.75 50.30 4.30
C ARG C 691 -13.65 49.07 3.41
N VAL C 692 -14.54 48.11 3.62
CA VAL C 692 -14.50 46.83 2.93
C VAL C 692 -15.71 46.73 2.01
N GLU C 693 -15.48 46.28 0.79
CA GLU C 693 -16.56 46.06 -0.16
C GLU C 693 -17.12 44.65 -0.04
N ALA C 694 -18.32 44.45 -0.60
CA ALA C 694 -18.96 43.16 -0.55
C ALA C 694 -18.11 42.13 -1.28
N GLY C 695 -17.91 40.97 -0.66
CA GLY C 695 -17.11 39.92 -1.22
C GLY C 695 -15.64 40.00 -0.88
N GLN C 696 -15.15 41.16 -0.47
CA GLN C 696 -13.76 41.28 -0.05
C GLN C 696 -13.47 40.27 1.06
N VAL C 697 -12.25 39.73 1.06
CA VAL C 697 -11.85 38.77 2.06
C VAL C 697 -11.50 39.50 3.35
N ILE C 698 -12.10 39.07 4.45
CA ILE C 698 -11.93 39.74 5.74
C ILE C 698 -10.86 39.05 6.59
N ALA C 699 -10.78 37.72 6.54
CA ALA C 699 -9.80 36.99 7.33
C ALA C 699 -9.30 35.79 6.55
N ASP C 700 -8.02 35.48 6.75
CA ASP C 700 -7.39 34.32 6.11
C ASP C 700 -7.75 33.04 6.86
N GLY C 701 -7.95 31.96 6.10
CA GLY C 701 -8.22 30.67 6.66
C GLY C 701 -6.96 29.87 6.92
N PRO C 702 -7.08 28.55 6.95
CA PRO C 702 -5.90 27.72 7.28
C PRO C 702 -4.78 27.81 6.25
N CYS C 703 -5.08 27.58 4.98
CA CYS C 703 -4.06 27.55 3.92
C CYS C 703 -4.25 28.69 2.94
N THR C 704 -4.53 29.90 3.44
CA THR C 704 -4.79 31.04 2.57
C THR C 704 -3.92 32.21 2.98
N ASP C 705 -3.66 33.10 2.02
CA ASP C 705 -2.87 34.31 2.26
C ASP C 705 -3.47 35.45 1.46
N ASP C 706 -3.99 36.46 2.15
CA ASP C 706 -4.64 37.61 1.52
C ASP C 706 -5.67 37.16 0.49
N GLY C 707 -6.33 36.03 0.74
CA GLY C 707 -7.39 35.57 -0.11
C GLY C 707 -6.98 34.60 -1.20
N GLU C 708 -5.75 34.10 -1.19
CA GLU C 708 -5.27 33.18 -2.21
C GLU C 708 -4.85 31.86 -1.57
N MET C 709 -5.16 30.76 -2.25
CA MET C 709 -4.75 29.45 -1.77
C MET C 709 -3.23 29.41 -1.63
N ALA C 710 -2.75 29.24 -0.40
CA ALA C 710 -1.33 29.16 -0.10
C ALA C 710 -1.05 27.80 0.55
N LEU C 711 -0.88 26.78 -0.29
CA LEU C 711 -0.71 25.41 0.21
C LEU C 711 0.71 25.10 0.67
N GLY C 712 1.69 25.90 0.28
CA GLY C 712 3.06 25.66 0.65
C GLY C 712 3.84 26.93 0.84
N LYS C 713 5.16 26.84 0.64
CA LYS C 713 6.05 27.97 0.81
C LYS C 713 6.98 28.11 -0.40
N ASN C 714 7.53 29.31 -0.56
CA ASN C 714 8.51 29.59 -1.60
C ASN C 714 9.90 29.30 -1.05
N LEU C 715 10.56 28.28 -1.58
CA LEU C 715 11.86 27.85 -1.10
C LEU C 715 12.93 28.12 -2.15
N LEU C 716 14.12 28.51 -1.67
CA LEU C 716 15.30 28.61 -2.51
C LEU C 716 15.81 27.20 -2.80
N VAL C 717 15.70 26.77 -4.06
CA VAL C 717 16.05 25.42 -4.46
C VAL C 717 17.29 25.44 -5.34
N ALA C 718 18.18 24.46 -5.12
CA ALA C 718 19.31 24.19 -5.98
C ALA C 718 19.17 22.78 -6.52
N ILE C 719 19.29 22.64 -7.84
CA ILE C 719 19.06 21.38 -8.53
C ILE C 719 20.41 20.75 -8.82
N MET C 720 20.87 19.85 -7.94
CA MET C 720 22.15 19.19 -8.08
C MET C 720 22.32 18.06 -7.07
N PRO C 721 22.87 16.92 -7.48
CA PRO C 721 23.09 15.83 -6.51
C PRO C 721 24.10 16.26 -5.46
N TRP C 722 23.73 16.08 -4.19
CA TRP C 722 24.53 16.53 -3.05
C TRP C 722 24.84 15.37 -2.12
N GLU C 723 25.99 14.73 -2.35
CA GLU C 723 26.56 13.75 -1.42
C GLU C 723 25.64 12.55 -1.17
N GLY C 724 24.73 12.26 -2.11
CA GLY C 724 23.84 11.13 -1.98
C GLY C 724 22.70 11.30 -0.99
N HIS C 725 22.73 12.31 -0.13
CA HIS C 725 21.66 12.49 0.83
C HIS C 725 20.33 12.83 0.17
N ASN C 726 20.31 13.20 -1.11
CA ASN C 726 19.09 13.28 -1.89
C ASN C 726 19.07 12.22 -2.98
N TYR C 727 19.63 11.05 -2.66
CA TYR C 727 19.63 9.91 -3.56
C TYR C 727 18.23 9.32 -3.67
N GLU C 728 17.85 8.97 -4.89
CA GLU C 728 16.62 8.20 -5.15
C GLU C 728 15.39 8.88 -4.53
N ASP C 729 15.23 10.16 -4.84
CA ASP C 729 14.08 11.00 -4.49
C ASP C 729 14.10 11.60 -3.08
N ALA C 730 15.08 11.30 -2.24
CA ALA C 730 15.17 12.00 -0.96
C ALA C 730 15.35 13.51 -1.20
N ILE C 731 15.19 14.28 -0.13
CA ILE C 731 15.28 15.73 -0.21
C ILE C 731 16.12 16.26 0.94
N ILE C 732 16.90 17.29 0.66
CA ILE C 732 17.78 17.92 1.65
C ILE C 732 17.25 19.31 1.94
N LEU C 733 17.10 19.61 3.23
CA LEU C 733 16.51 20.86 3.70
C LEU C 733 17.52 21.65 4.52
N SER C 734 17.48 22.98 4.35
CA SER C 734 18.27 23.86 5.19
C SER C 734 17.64 23.97 6.58
N ASN C 735 18.46 23.82 7.62
CA ASN C 735 17.95 23.86 8.98
C ASN C 735 17.23 25.17 9.31
N ARG C 736 17.39 26.21 8.48
CA ARG C 736 16.58 27.40 8.67
C ARG C 736 15.10 27.04 8.76
N LEU C 737 14.63 26.20 7.85
CA LEU C 737 13.23 25.81 7.82
C LEU C 737 12.76 25.21 9.14
N VAL C 738 13.67 24.82 10.02
CA VAL C 738 13.30 24.45 11.39
C VAL C 738 13.37 25.65 12.31
N GLU C 739 14.52 26.33 12.34
CA GLU C 739 14.69 27.47 13.23
C GLU C 739 13.65 28.55 13.00
N GLU C 740 13.21 28.74 11.75
CA GLU C 740 12.26 29.78 11.42
C GLU C 740 10.87 29.22 11.12
N ASP C 741 10.61 27.97 11.48
CA ASP C 741 9.25 27.40 11.44
C ASP C 741 8.61 27.52 10.06
N VAL C 742 9.42 27.51 9.01
CA VAL C 742 8.86 27.72 7.67
C VAL C 742 7.97 26.55 7.27
N LEU C 743 8.23 25.35 7.78
CA LEU C 743 7.43 24.18 7.47
C LEU C 743 6.75 23.62 8.71
N THR C 744 6.67 24.40 9.78
CA THR C 744 6.03 23.95 11.01
C THR C 744 4.52 24.01 10.87
N SER C 745 3.85 22.99 11.40
CA SER C 745 2.40 22.93 11.36
C SER C 745 1.86 22.55 12.73
N ILE C 746 0.58 22.79 12.94
CA ILE C 746 -0.09 22.47 14.19
C ILE C 746 -1.02 21.30 13.96
N HIS C 747 -0.97 20.31 14.85
CA HIS C 747 -1.79 19.11 14.73
C HIS C 747 -2.53 18.88 16.04
N ILE C 748 -3.86 18.80 15.95
CA ILE C 748 -4.74 18.74 17.12
C ILE C 748 -5.45 17.39 17.12
N GLU C 749 -5.21 16.58 18.16
CA GLU C 749 -5.89 15.32 18.32
C GLU C 749 -6.90 15.40 19.45
N GLU C 750 -7.91 14.53 19.37
CA GLU C 750 -9.02 14.50 20.33
C GLU C 750 -9.03 13.14 21.01
N HIS C 751 -8.56 13.08 22.25
CA HIS C 751 -8.67 11.88 23.05
C HIS C 751 -10.00 11.89 23.79
N GLU C 752 -10.63 10.72 23.86
CA GLU C 752 -11.98 10.60 24.42
C GLU C 752 -12.01 9.42 25.38
N ILE C 753 -12.84 9.53 26.42
CA ILE C 753 -12.98 8.44 27.37
C ILE C 753 -14.27 8.62 28.12
N ASP C 754 -14.99 7.52 28.34
CA ASP C 754 -16.26 7.53 29.06
C ASP C 754 -16.23 6.54 30.21
N ALA C 755 -16.89 6.93 31.29
CA ALA C 755 -17.16 6.03 32.42
C ALA C 755 -18.60 5.56 32.28
N ARG C 756 -18.77 4.23 32.23
CA ARG C 756 -20.04 3.59 31.91
C ARG C 756 -20.39 2.51 32.93
N ASP C 757 -21.46 1.76 32.68
CA ASP C 757 -21.92 0.71 33.58
C ASP C 757 -21.35 -0.64 33.13
N THR C 758 -20.70 -1.34 34.06
CA THR C 758 -20.14 -2.66 33.83
C THR C 758 -20.95 -3.71 34.57
N LYS C 759 -20.56 -4.97 34.39
CA LYS C 759 -21.18 -6.06 35.13
C LYS C 759 -20.99 -5.88 36.62
N LEU C 760 -19.75 -5.66 37.05
CA LEU C 760 -19.40 -5.53 38.46
C LEU C 760 -19.66 -4.14 39.02
N GLY C 761 -20.45 -3.32 38.34
CA GLY C 761 -20.74 -1.99 38.85
C GLY C 761 -20.66 -0.91 37.80
N ALA C 762 -20.17 0.26 38.17
CA ALA C 762 -20.07 1.39 37.27
C ALA C 762 -18.73 2.07 37.44
N GLU C 763 -18.05 2.31 36.34
CA GLU C 763 -16.78 3.02 36.40
C GLU C 763 -16.99 4.41 36.98
N GLU C 764 -15.89 5.00 37.45
CA GLU C 764 -15.90 6.32 38.03
C GLU C 764 -14.66 7.07 37.60
N ILE C 765 -14.86 8.28 37.08
CA ILE C 765 -13.75 9.15 36.70
C ILE C 765 -13.24 9.83 37.96
N THR C 766 -12.07 9.40 38.44
CA THR C 766 -11.56 9.87 39.72
C THR C 766 -10.07 10.17 39.60
N ARG C 767 -9.64 11.24 40.27
CA ARG C 767 -8.22 11.51 40.40
C ARG C 767 -7.51 10.53 41.32
N ASP C 768 -8.25 9.73 42.08
CA ASP C 768 -7.66 8.79 43.05
C ASP C 768 -7.49 7.45 42.35
N ILE C 769 -6.28 7.16 41.90
CA ILE C 769 -5.99 5.95 41.14
C ILE C 769 -5.08 5.03 41.94
N PRO C 770 -5.28 3.72 41.89
CA PRO C 770 -4.49 2.81 42.74
C PRO C 770 -2.98 3.04 42.62
N ASN C 771 -2.33 3.18 43.77
CA ASN C 771 -0.88 3.23 43.92
C ASN C 771 -0.18 3.94 42.76
N ILE C 772 -0.56 5.20 42.57
CA ILE C 772 0.10 6.09 41.62
C ILE C 772 0.81 7.18 42.40
N SER C 773 2.01 7.54 41.96
CA SER C 773 2.79 8.55 42.66
C SER C 773 2.10 9.90 42.62
N ASP C 774 1.99 10.54 43.79
CA ASP C 774 1.43 11.89 43.85
C ASP C 774 2.02 12.80 42.78
N GLU C 775 3.29 12.61 42.44
CA GLU C 775 3.94 13.46 41.45
C GLU C 775 3.40 13.19 40.06
N VAL C 776 3.01 11.95 39.76
CA VAL C 776 2.50 11.63 38.42
C VAL C 776 1.18 12.33 38.17
N LEU C 777 0.31 12.40 39.18
CA LEU C 777 -0.96 13.10 39.05
C LEU C 777 -0.81 14.60 39.18
N ALA C 778 0.42 15.10 39.36
CA ALA C 778 0.65 16.51 39.63
C ALA C 778 -0.07 17.43 38.67
N ASP C 779 -0.40 16.96 37.46
CA ASP C 779 -1.05 17.81 36.48
C ASP C 779 -2.55 17.54 36.38
N LEU C 780 -3.10 16.67 37.23
CA LEU C 780 -4.52 16.40 37.24
C LEU C 780 -5.24 17.34 38.20
N ASP C 781 -6.44 17.77 37.82
CA ASP C 781 -7.26 18.61 38.68
C ASP C 781 -7.89 17.73 39.75
N GLU C 782 -8.88 18.28 40.47
CA GLU C 782 -9.53 17.47 41.51
C GLU C 782 -10.36 16.35 40.90
N ARG C 783 -10.82 16.52 39.66
CA ARG C 783 -11.67 15.51 39.03
C ARG C 783 -10.88 14.30 38.52
N GLY C 784 -9.56 14.42 38.40
CA GLY C 784 -8.78 13.42 37.71
C GLY C 784 -8.56 13.70 36.24
N ILE C 785 -8.97 14.86 35.75
CA ILE C 785 -8.77 15.29 34.38
C ILE C 785 -7.53 16.18 34.33
N VAL C 786 -6.69 15.97 33.32
CA VAL C 786 -5.51 16.79 33.18
C VAL C 786 -5.91 18.26 33.13
N ARG C 787 -5.01 19.13 33.56
CA ARG C 787 -5.28 20.57 33.58
C ARG C 787 -4.97 21.19 32.23
N ILE C 788 -5.77 22.17 31.85
CA ILE C 788 -5.53 22.91 30.61
C ILE C 788 -4.11 23.46 30.64
N GLY C 789 -3.53 23.61 29.45
CA GLY C 789 -2.18 24.12 29.32
C GLY C 789 -1.11 23.22 29.87
N ALA C 790 -1.45 22.03 30.35
CA ALA C 790 -0.44 21.10 30.82
C ALA C 790 0.28 20.46 29.63
N GLU C 791 1.59 20.32 29.75
CA GLU C 791 2.39 19.65 28.74
C GLU C 791 2.42 18.16 29.04
N VAL C 792 1.90 17.37 28.11
CA VAL C 792 1.73 15.93 28.30
C VAL C 792 2.72 15.20 27.40
N ARG C 793 3.61 14.44 28.00
CA ARG C 793 4.44 13.51 27.25
C ARG C 793 3.70 12.19 27.09
N ASP C 794 4.23 11.32 26.23
CA ASP C 794 3.58 10.05 25.99
C ASP C 794 3.67 9.17 27.23
N GLY C 795 2.53 8.64 27.66
CA GLY C 795 2.42 7.85 28.87
C GLY C 795 1.72 8.56 30.01
N ASP C 796 1.71 9.89 29.99
CA ASP C 796 1.05 10.64 31.05
C ASP C 796 -0.44 10.31 31.11
N ILE C 797 -1.05 10.59 32.25
CA ILE C 797 -2.49 10.43 32.40
C ILE C 797 -3.18 11.64 31.79
N LEU C 798 -4.32 11.40 31.15
CA LEU C 798 -5.16 12.46 30.63
C LEU C 798 -6.49 12.59 31.35
N VAL C 799 -7.12 11.46 31.70
CA VAL C 799 -8.32 11.43 32.51
C VAL C 799 -8.28 10.17 33.36
N GLY C 800 -8.25 10.34 34.68
CA GLY C 800 -8.21 9.18 35.56
C GLY C 800 -9.55 8.46 35.56
N LYS C 801 -9.49 7.13 35.50
CA LYS C 801 -10.71 6.34 35.54
C LYS C 801 -10.41 4.98 36.17
N VAL C 802 -11.31 4.54 37.04
CA VAL C 802 -11.22 3.24 37.68
C VAL C 802 -12.41 2.40 37.22
N THR C 803 -12.19 1.10 37.06
CA THR C 803 -13.23 0.20 36.61
C THR C 803 -13.44 -0.89 37.65
N PRO C 804 -14.67 -1.12 38.10
CA PRO C 804 -14.92 -2.19 39.08
C PRO C 804 -14.29 -3.52 38.70
N LYS C 805 -13.41 -4.01 39.57
CA LYS C 805 -12.74 -5.29 39.39
C LYS C 805 -13.38 -6.34 40.30
N GLY C 806 -13.41 -7.58 39.79
CA GLY C 806 -13.96 -8.67 40.57
C GLY C 806 -13.00 -9.15 41.64
N GLU C 807 -13.55 -9.90 42.60
CA GLU C 807 -12.71 -10.41 43.68
C GLU C 807 -11.84 -11.56 43.22
N THR C 808 -12.31 -12.37 42.27
CA THR C 808 -11.50 -13.48 41.79
C THR C 808 -10.25 -13.02 41.07
N GLU C 809 -10.22 -11.78 40.60
CA GLU C 809 -9.09 -11.26 39.84
C GLU C 809 -7.98 -10.71 40.73
N LEU C 810 -8.31 -10.27 41.95
CA LEU C 810 -7.29 -9.82 42.88
C LEU C 810 -6.18 -10.85 42.97
N THR C 811 -4.94 -10.39 42.76
CA THR C 811 -3.80 -11.26 42.88
C THR C 811 -3.69 -11.79 44.32
N PRO C 812 -2.95 -12.88 44.52
CA PRO C 812 -2.70 -13.32 45.91
C PRO C 812 -2.06 -12.22 46.73
N GLU C 813 -1.09 -11.50 46.15
CA GLU C 813 -0.50 -10.35 46.82
C GLU C 813 -1.57 -9.35 47.22
N GLU C 814 -2.44 -8.97 46.28
CA GLU C 814 -3.48 -7.99 46.58
C GLU C 814 -4.49 -8.55 47.58
N ARG C 815 -4.81 -9.83 47.48
CA ARG C 815 -5.71 -10.44 48.46
C ARG C 815 -5.16 -10.28 49.87
N LEU C 816 -3.90 -10.65 50.07
CA LEU C 816 -3.28 -10.52 51.39
C LEU C 816 -3.19 -9.07 51.82
N LEU C 817 -2.89 -8.17 50.87
CA LEU C 817 -2.75 -6.75 51.22
C LEU C 817 -4.08 -6.18 51.71
N ARG C 818 -5.17 -6.49 51.02
CA ARG C 818 -6.48 -6.01 51.43
C ARG C 818 -6.98 -6.72 52.68
N ALA C 819 -6.49 -7.93 52.96
CA ALA C 819 -6.90 -8.62 54.18
C ALA C 819 -6.19 -8.06 55.41
N ILE C 820 -4.86 -8.08 55.41
CA ILE C 820 -4.09 -7.70 56.59
C ILE C 820 -4.41 -6.26 56.98
N PHE C 821 -4.16 -5.31 56.07
CA PHE C 821 -4.41 -3.90 56.38
C PHE C 821 -5.89 -3.56 56.40
N GLY C 822 -6.78 -4.54 56.38
CA GLY C 822 -8.21 -4.26 56.44
C GLY C 822 -8.68 -3.32 55.35
N GLU C 823 -8.17 -3.51 54.13
CA GLU C 823 -8.57 -2.64 53.03
C GLU C 823 -10.08 -2.72 52.79
N LYS C 824 -10.60 -1.73 52.07
CA LYS C 824 -12.02 -1.66 51.76
C LYS C 824 -12.35 -2.67 50.67
N ALA C 825 -13.59 -2.63 50.18
CA ALA C 825 -14.07 -3.56 49.16
C ALA C 825 -14.23 -2.89 47.80
N ARG C 826 -13.49 -1.81 47.55
CA ARG C 826 -13.54 -1.15 46.25
C ARG C 826 -13.06 -2.10 45.16
N GLU C 827 -11.82 -2.58 45.27
CA GLU C 827 -11.23 -3.55 44.34
C GLU C 827 -11.48 -3.15 42.89
N VAL C 828 -10.86 -2.02 42.51
CA VAL C 828 -10.99 -1.47 41.18
C VAL C 828 -9.70 -1.74 40.39
N ARG C 829 -9.76 -1.45 39.10
CA ARG C 829 -8.61 -1.53 38.21
C ARG C 829 -8.37 -0.17 37.57
N ASP C 830 -7.10 0.16 37.34
CA ASP C 830 -6.72 1.43 36.72
C ASP C 830 -7.00 1.34 35.22
N THR C 831 -8.12 1.92 34.80
CA THR C 831 -8.48 2.01 33.39
C THR C 831 -8.39 3.45 32.90
N SER C 832 -7.45 4.20 33.46
CA SER C 832 -7.34 5.61 33.12
C SER C 832 -6.92 5.79 31.68
N LEU C 833 -7.27 6.95 31.11
CA LEU C 833 -6.97 7.27 29.72
C LEU C 833 -5.58 7.88 29.63
N LYS C 834 -4.62 7.13 29.11
CA LYS C 834 -3.27 7.62 28.96
C LYS C 834 -3.00 8.05 27.52
N VAL C 835 -1.96 8.86 27.35
CA VAL C 835 -1.61 9.39 26.03
C VAL C 835 -0.83 8.32 25.26
N PRO C 836 -1.17 8.05 24.01
CA PRO C 836 -0.56 6.94 23.28
C PRO C 836 0.86 7.26 22.82
N HIS C 837 1.58 6.19 22.49
CA HIS C 837 2.99 6.28 22.08
C HIS C 837 3.21 7.31 20.98
N GLY C 838 4.43 7.85 20.90
CA GLY C 838 4.76 8.81 19.86
C GLY C 838 3.82 10.00 19.79
N GLU C 839 3.39 10.50 20.94
CA GLU C 839 2.50 11.64 20.96
C GLU C 839 2.78 12.47 22.21
N SER C 840 2.55 13.78 22.08
CA SER C 840 2.89 14.75 23.11
C SER C 840 2.23 16.07 22.72
N GLY C 841 2.28 17.03 23.64
CA GLY C 841 1.77 18.36 23.34
C GLY C 841 1.12 19.05 24.51
N LYS C 842 0.71 20.31 24.29
CA LYS C 842 -0.02 21.07 25.28
C LYS C 842 -1.50 20.74 25.18
N VAL C 843 -2.15 20.62 26.33
CA VAL C 843 -3.60 20.39 26.35
C VAL C 843 -4.30 21.68 25.94
N ILE C 844 -4.79 21.74 24.71
CA ILE C 844 -5.57 22.89 24.27
C ILE C 844 -6.85 23.01 25.10
N GLY C 845 -7.62 21.92 25.14
CA GLY C 845 -8.98 22.05 25.64
C GLY C 845 -9.48 20.80 26.33
N ILE C 846 -10.58 20.99 27.09
CA ILE C 846 -11.22 19.90 27.80
C ILE C 846 -12.73 20.12 27.72
N ARG C 847 -13.44 19.13 27.20
CA ARG C 847 -14.89 19.14 27.20
C ARG C 847 -15.38 17.95 28.02
N VAL C 848 -16.51 18.12 28.70
CA VAL C 848 -16.98 17.10 29.64
C VAL C 848 -18.50 17.08 29.63
N PHE C 849 -19.05 15.87 29.71
CA PHE C 849 -20.49 15.63 29.69
C PHE C 849 -20.85 14.64 30.79
N SER C 850 -21.77 15.03 31.66
CA SER C 850 -22.13 14.24 32.82
C SER C 850 -23.59 13.78 32.70
N ARG C 851 -23.82 12.50 33.04
CA ARG C 851 -25.19 12.01 33.12
C ARG C 851 -25.96 12.70 34.23
N GLU C 852 -25.27 13.06 35.33
CA GLU C 852 -25.89 13.85 36.39
C GLU C 852 -26.57 15.08 35.80
N ASP C 853 -25.80 15.92 35.12
CA ASP C 853 -26.38 17.03 34.39
C ASP C 853 -27.29 16.50 33.28
N GLU C 854 -28.07 17.41 32.69
CA GLU C 854 -28.99 17.04 31.62
C GLU C 854 -28.25 16.91 30.28
N ASP C 855 -27.22 16.06 30.31
CA ASP C 855 -26.42 15.76 29.13
C ASP C 855 -26.82 14.39 28.60
N GLU C 856 -27.24 14.34 27.33
CA GLU C 856 -27.71 13.10 26.73
C GLU C 856 -26.52 12.26 26.28
N LEU C 857 -26.47 11.02 26.77
CA LEU C 857 -25.44 10.05 26.44
C LEU C 857 -26.08 8.70 26.18
N PRO C 858 -25.32 7.75 25.67
CA PRO C 858 -25.88 6.41 25.40
C PRO C 858 -26.24 5.66 26.67
N ALA C 859 -26.79 4.46 26.48
CA ALA C 859 -27.19 3.66 27.63
C ALA C 859 -25.99 3.25 28.46
N GLY C 860 -26.12 3.38 29.78
CA GLY C 860 -25.09 2.92 30.70
C GLY C 860 -23.82 3.73 30.71
N VAL C 861 -23.82 4.92 30.13
CA VAL C 861 -22.63 5.76 30.04
C VAL C 861 -22.84 6.94 30.97
N ASN C 862 -22.18 6.90 32.14
CA ASN C 862 -22.37 7.96 33.13
C ASN C 862 -21.70 9.25 32.68
N GLU C 863 -20.38 9.21 32.51
CA GLU C 863 -19.61 10.41 32.26
C GLU C 863 -18.79 10.24 30.98
N LEU C 864 -18.41 11.36 30.37
CA LEU C 864 -17.63 11.32 29.13
C LEU C 864 -16.81 12.59 29.01
N VAL C 865 -15.49 12.45 28.94
CA VAL C 865 -14.59 13.59 28.84
C VAL C 865 -13.72 13.45 27.59
N ARG C 866 -13.43 14.60 26.99
CA ARG C 866 -12.63 14.69 25.78
C ARG C 866 -11.52 15.72 26.01
N VAL C 867 -10.28 15.28 25.84
CA VAL C 867 -9.10 16.12 25.96
C VAL C 867 -8.60 16.42 24.56
N TYR C 868 -8.56 17.70 24.19
CA TYR C 868 -8.02 18.14 22.91
C TYR C 868 -6.58 18.59 23.12
N VAL C 869 -5.65 17.88 22.48
CA VAL C 869 -4.21 18.09 22.65
C VAL C 869 -3.62 18.57 21.33
N ALA C 870 -2.88 19.68 21.39
CA ALA C 870 -2.22 20.22 20.21
C ALA C 870 -0.71 19.98 20.29
N GLN C 871 -0.09 19.86 19.12
CA GLN C 871 1.35 19.72 19.03
C GLN C 871 1.87 20.50 17.82
N LYS C 872 2.99 21.17 18.01
CA LYS C 872 3.71 21.88 16.95
C LYS C 872 4.72 20.92 16.35
N ARG C 873 4.51 20.52 15.09
CA ARG C 873 5.42 19.64 14.37
C ARG C 873 6.35 20.49 13.52
N LYS C 874 7.63 20.47 13.85
CA LYS C 874 8.67 21.00 12.96
C LYS C 874 8.95 20.00 11.85
N ILE C 875 9.29 20.51 10.66
CA ILE C 875 9.73 19.62 9.61
C ILE C 875 10.85 18.74 10.15
N SER C 876 10.86 17.48 9.74
CA SER C 876 11.81 16.53 10.31
C SER C 876 12.17 15.48 9.26
N ASP C 877 13.26 14.75 9.53
CA ASP C 877 13.61 13.63 8.67
C ASP C 877 12.45 12.65 8.59
N GLY C 878 12.11 12.24 7.37
CA GLY C 878 11.00 11.36 7.12
C GLY C 878 9.79 12.07 6.55
N ASP C 879 9.61 13.36 6.84
CA ASP C 879 8.44 14.06 6.35
C ASP C 879 8.44 14.10 4.83
N LYS C 880 7.24 14.21 4.26
CA LYS C 880 7.06 14.11 2.82
C LYS C 880 6.70 15.48 2.26
N LEU C 881 7.55 16.01 1.40
CA LEU C 881 7.34 17.27 0.72
C LEU C 881 7.04 17.02 -0.75
N ALA C 882 6.47 18.02 -1.41
CA ALA C 882 6.28 17.85 -2.84
C ALA C 882 5.94 19.17 -3.51
N GLY C 883 6.34 19.29 -4.79
CA GLY C 883 5.93 20.41 -5.61
C GLY C 883 4.59 20.16 -6.27
N ARG C 884 4.09 21.19 -6.95
CA ARG C 884 2.80 21.08 -7.64
C ARG C 884 2.88 20.21 -8.89
N HIS C 885 4.04 19.65 -9.21
CA HIS C 885 4.26 18.92 -10.44
C HIS C 885 4.45 17.42 -10.21
N GLY C 886 3.81 16.88 -9.18
CA GLY C 886 3.96 15.46 -8.90
C GLY C 886 5.38 15.05 -8.54
N ASN C 887 6.21 15.98 -8.06
CA ASN C 887 7.58 15.67 -7.71
C ASN C 887 7.67 15.54 -6.19
N LYS C 888 7.35 14.35 -5.70
CA LYS C 888 7.30 14.08 -4.27
C LYS C 888 8.65 13.60 -3.76
N GLY C 889 8.83 13.69 -2.44
CA GLY C 889 9.99 13.08 -1.82
C GLY C 889 10.00 13.23 -0.31
N VAL C 890 10.63 12.27 0.39
CA VAL C 890 10.80 12.40 1.84
C VAL C 890 12.12 13.10 2.11
N ILE C 891 12.19 13.77 3.25
CA ILE C 891 13.38 14.52 3.62
C ILE C 891 14.43 13.53 4.09
N GLY C 892 15.54 13.46 3.37
CA GLY C 892 16.62 12.56 3.72
C GLY C 892 17.49 13.09 4.84
N LYS C 893 17.71 14.39 4.85
CA LYS C 893 18.55 15.00 5.88
C LYS C 893 18.30 16.50 5.90
N ILE C 894 18.36 17.06 7.10
CA ILE C 894 18.24 18.50 7.30
C ILE C 894 19.61 19.03 7.73
N LEU C 895 20.30 19.70 6.81
CA LEU C 895 21.67 20.10 7.05
C LEU C 895 21.74 21.39 7.85
N PRO C 896 22.82 21.59 8.60
CA PRO C 896 23.07 22.90 9.21
C PRO C 896 23.19 23.96 8.13
N VAL C 897 22.70 25.16 8.43
CA VAL C 897 22.73 26.21 7.43
C VAL C 897 24.15 26.47 6.92
N GLU C 898 25.16 26.14 7.73
CA GLU C 898 26.53 26.51 7.37
C GLU C 898 27.08 25.65 6.24
N ASP C 899 26.71 24.36 6.17
CA ASP C 899 27.19 23.49 5.10
C ASP C 899 26.19 23.33 3.97
N MET C 900 25.11 24.10 3.97
CA MET C 900 24.26 24.19 2.80
C MET C 900 25.00 24.97 1.70
N PRO C 901 24.95 24.50 0.45
CA PRO C 901 25.51 25.30 -0.63
C PRO C 901 24.85 26.67 -0.67
N PHE C 902 25.66 27.71 -0.90
CA PHE C 902 25.18 29.08 -0.84
C PHE C 902 25.70 29.88 -2.03
N LEU C 903 24.98 30.95 -2.35
CA LEU C 903 25.29 31.80 -3.49
C LEU C 903 26.52 32.65 -3.18
N ALA C 904 26.83 33.59 -4.08
CA ALA C 904 28.00 34.45 -3.89
C ALA C 904 27.88 35.29 -2.62
N ASP C 905 26.67 35.79 -2.32
CA ASP C 905 26.46 36.66 -1.18
C ASP C 905 26.24 35.91 0.13
N GLY C 906 26.65 34.65 0.23
CA GLY C 906 26.46 33.87 1.44
C GLY C 906 25.06 33.35 1.67
N THR C 907 24.09 33.74 0.83
CA THR C 907 22.72 33.24 0.92
C THR C 907 22.70 31.72 0.73
N PRO C 908 22.42 30.95 1.79
CA PRO C 908 22.38 29.49 1.64
C PRO C 908 21.04 29.02 1.09
N VAL C 909 21.12 28.09 0.13
CA VAL C 909 19.90 27.52 -0.43
C VAL C 909 19.06 26.89 0.69
N ASP C 910 17.77 26.72 0.41
CA ASP C 910 16.86 26.13 1.37
C ASP C 910 16.59 24.65 1.11
N ILE C 911 16.62 24.21 -0.15
CA ILE C 911 16.27 22.85 -0.51
C ILE C 911 17.12 22.42 -1.69
N ILE C 912 17.63 21.19 -1.63
CA ILE C 912 18.46 20.63 -2.68
C ILE C 912 17.70 19.47 -3.33
N LEU C 913 17.33 19.64 -4.60
CA LEU C 913 16.55 18.65 -5.32
C LEU C 913 17.44 17.91 -6.32
N ASN C 914 17.51 16.58 -6.17
CA ASN C 914 18.44 15.80 -6.97
C ASN C 914 18.12 15.89 -8.46
N THR C 915 19.15 16.18 -9.25
CA THR C 915 18.95 16.36 -10.70
C THR C 915 18.38 15.10 -11.33
N HIS C 916 18.88 13.93 -10.92
CA HIS C 916 18.56 12.66 -11.54
C HIS C 916 17.05 12.39 -11.54
N GLY C 917 16.31 13.13 -10.73
CA GLY C 917 14.89 12.90 -10.66
C GLY C 917 14.04 13.65 -11.65
N VAL C 918 14.58 14.66 -12.34
CA VAL C 918 13.73 15.51 -13.17
C VAL C 918 13.46 14.91 -14.55
N PRO C 919 14.47 14.55 -15.33
CA PRO C 919 14.23 14.31 -16.76
C PRO C 919 13.35 13.11 -17.06
N ARG C 920 13.49 12.00 -16.33
CA ARG C 920 12.70 10.83 -16.70
C ARG C 920 11.23 10.95 -16.31
N ARG C 921 10.89 11.79 -15.33
CA ARG C 921 9.50 11.94 -14.91
C ARG C 921 8.69 12.82 -15.84
N MET C 922 9.32 13.47 -16.81
CA MET C 922 8.60 14.31 -17.76
C MET C 922 7.77 15.38 -17.04
N ASN C 923 8.41 16.08 -16.11
CA ASN C 923 7.77 17.18 -15.40
C ASN C 923 8.73 18.37 -15.28
N ILE C 924 9.35 18.78 -16.41
CA ILE C 924 10.17 19.99 -16.40
C ILE C 924 9.40 21.22 -15.98
N GLY C 925 8.07 21.13 -15.91
CA GLY C 925 7.27 22.19 -15.33
C GLY C 925 7.92 22.77 -14.09
N GLN C 926 8.45 21.90 -13.24
CA GLN C 926 9.13 22.37 -12.03
C GLN C 926 10.33 23.26 -12.37
N ILE C 927 11.01 22.98 -13.47
CA ILE C 927 12.18 23.78 -13.83
C ILE C 927 11.75 25.16 -14.32
N LEU C 928 10.80 25.19 -15.25
CA LEU C 928 10.23 26.48 -15.65
C LEU C 928 9.75 27.27 -14.45
N GLU C 929 9.11 26.59 -13.50
CA GLU C 929 8.64 27.26 -12.30
C GLU C 929 9.80 27.81 -11.48
N THR C 930 10.89 27.06 -11.37
CA THR C 930 12.06 27.54 -10.64
C THR C 930 12.60 28.81 -11.28
N HIS C 931 12.71 28.82 -12.60
CA HIS C 931 13.22 30.01 -13.29
C HIS C 931 12.32 31.21 -13.06
N LEU C 932 11.02 31.05 -13.31
CA LEU C 932 10.10 32.17 -13.12
C LEU C 932 10.07 32.61 -11.66
N GLY C 933 10.25 31.68 -10.73
CA GLY C 933 10.21 32.03 -9.32
C GLY C 933 11.40 32.87 -8.92
N TRP C 934 12.58 32.54 -9.46
CA TRP C 934 13.74 33.41 -9.21
C TRP C 934 13.52 34.79 -9.83
N CYS C 935 12.98 34.83 -11.05
CA CYS C 935 12.63 36.12 -11.64
C CYS C 935 11.75 36.94 -10.70
N ALA C 936 10.68 36.33 -10.20
CA ALA C 936 9.76 37.03 -9.32
C ALA C 936 10.42 37.41 -8.00
N HIS C 937 11.37 36.60 -7.51
CA HIS C 937 12.03 36.92 -6.25
C HIS C 937 13.01 38.07 -6.40
N SER C 938 13.57 38.25 -7.60
CA SER C 938 14.53 39.34 -7.79
C SER C 938 13.93 40.54 -8.49
N GLY C 939 12.84 40.38 -9.23
CA GLY C 939 12.27 41.47 -10.01
C GLY C 939 13.10 41.70 -11.25
N TRP C 940 12.57 42.47 -12.22
CA TRP C 940 13.25 42.65 -13.49
C TRP C 940 12.83 43.96 -14.12
N LYS C 941 13.56 44.34 -15.18
CA LYS C 941 13.21 45.53 -15.98
C LYS C 941 13.65 45.26 -17.42
N VAL C 942 12.69 44.96 -18.29
CA VAL C 942 12.99 44.81 -19.71
C VAL C 942 13.36 46.17 -20.29
N ASP C 943 14.45 46.21 -21.05
CA ASP C 943 14.95 47.48 -21.59
C ASP C 943 14.05 47.93 -22.74
N ALA C 944 13.28 48.99 -22.50
CA ALA C 944 12.34 49.49 -23.51
C ALA C 944 12.96 50.50 -24.46
N ALA C 945 14.02 51.20 -24.03
CA ALA C 945 14.66 52.17 -24.90
C ALA C 945 15.01 51.54 -26.25
N LYS C 946 14.64 52.24 -27.31
CA LYS C 946 14.84 51.79 -28.69
C LYS C 946 13.84 50.73 -29.11
N GLY C 947 12.73 50.61 -28.40
CA GLY C 947 11.68 49.67 -28.74
C GLY C 947 11.59 48.52 -27.74
N VAL C 948 10.53 47.74 -27.90
CA VAL C 948 10.27 46.58 -27.06
C VAL C 948 10.80 45.34 -27.79
N PRO C 949 11.77 44.62 -27.22
CA PRO C 949 12.30 43.42 -27.90
C PRO C 949 11.21 42.49 -28.42
N ASP C 950 11.56 41.70 -29.44
CA ASP C 950 10.57 40.84 -30.09
C ASP C 950 10.07 39.74 -29.16
N TRP C 951 10.92 39.27 -28.25
CA TRP C 951 10.51 38.18 -27.37
C TRP C 951 9.45 38.64 -26.38
N ALA C 952 9.54 39.89 -25.93
CA ALA C 952 8.58 40.47 -25.00
C ALA C 952 7.46 41.24 -25.69
N ALA C 953 7.41 41.19 -27.02
CA ALA C 953 6.41 41.98 -27.74
C ALA C 953 5.01 41.37 -27.60
N ARG C 954 4.91 40.06 -27.66
CA ARG C 954 3.60 39.42 -27.83
C ARG C 954 2.73 39.61 -26.58
N LEU C 955 3.10 38.99 -25.48
CA LEU C 955 2.29 39.02 -24.27
C LEU C 955 2.51 40.25 -23.39
N PRO C 956 3.75 40.57 -23.04
CA PRO C 956 3.99 41.46 -21.89
C PRO C 956 3.32 42.82 -22.05
N ASP C 957 2.49 43.16 -21.05
CA ASP C 957 1.82 44.47 -21.01
C ASP C 957 2.24 45.29 -19.80
N GLU C 958 2.07 44.76 -18.59
CA GLU C 958 2.59 45.34 -17.36
C GLU C 958 3.64 44.44 -16.73
N LEU C 959 4.09 43.42 -17.44
CA LEU C 959 5.17 42.55 -17.02
C LEU C 959 6.52 43.06 -17.48
N LEU C 960 6.56 44.19 -18.18
CA LEU C 960 7.84 44.75 -18.63
C LEU C 960 8.76 45.05 -17.46
N GLU C 961 8.21 45.29 -16.27
CA GLU C 961 9.02 45.43 -15.08
C GLU C 961 8.23 44.91 -13.89
N ALA C 962 8.96 44.59 -12.82
CA ALA C 962 8.35 43.99 -11.65
C ALA C 962 9.28 44.14 -10.46
N GLN C 963 8.72 44.51 -9.32
CA GLN C 963 9.50 44.70 -8.12
C GLN C 963 9.85 43.36 -7.49
N PRO C 964 10.89 43.31 -6.66
CA PRO C 964 11.23 42.08 -5.95
C PRO C 964 10.00 41.49 -5.25
N ASN C 965 9.96 40.16 -5.18
CA ASN C 965 8.85 39.45 -4.54
C ASN C 965 7.52 39.84 -5.18
N ALA C 966 7.50 39.90 -6.51
CA ALA C 966 6.25 40.17 -7.21
C ALA C 966 5.41 38.90 -7.33
N ILE C 967 4.10 39.08 -7.31
CA ILE C 967 3.14 37.98 -7.37
C ILE C 967 2.68 37.88 -8.82
N VAL C 968 3.03 36.78 -9.48
CA VAL C 968 2.70 36.57 -10.89
C VAL C 968 1.94 35.26 -11.01
N SER C 969 1.03 35.21 -11.98
CA SER C 969 0.27 34.00 -12.27
C SER C 969 0.48 33.61 -13.73
N THR C 970 0.79 32.34 -13.97
CA THR C 970 0.93 31.79 -15.32
C THR C 970 -0.17 30.76 -15.54
N PRO C 971 -1.31 31.15 -16.11
CA PRO C 971 -2.40 30.20 -16.28
C PRO C 971 -1.96 28.99 -17.08
N VAL C 972 -2.72 27.92 -16.99
CA VAL C 972 -2.42 26.73 -17.77
C VAL C 972 -2.89 26.94 -19.19
N PHE C 973 -2.18 26.33 -20.14
CA PHE C 973 -2.49 26.42 -21.57
C PHE C 973 -2.51 27.86 -22.06
N ASP C 974 -2.05 28.79 -21.23
CA ASP C 974 -1.83 30.17 -21.59
C ASP C 974 -0.70 30.67 -20.69
N GLY C 975 -0.43 31.95 -20.73
CA GLY C 975 0.61 32.45 -19.86
C GLY C 975 2.00 32.10 -20.35
N ALA C 976 2.93 32.10 -19.40
CA ALA C 976 4.37 32.21 -19.66
C ALA C 976 4.84 31.33 -20.80
N GLN C 977 5.43 31.97 -21.81
CA GLN C 977 6.01 31.27 -22.95
C GLN C 977 7.52 31.19 -22.78
N GLU C 978 8.10 30.10 -23.31
CA GLU C 978 9.51 29.80 -23.08
C GLU C 978 10.41 30.98 -23.43
N ALA C 979 10.18 31.57 -24.61
CA ALA C 979 10.97 32.74 -25.00
C ALA C 979 10.87 33.84 -23.96
N GLU C 980 9.66 34.12 -23.48
CA GLU C 980 9.46 35.18 -22.50
C GLU C 980 10.14 34.84 -21.17
N LEU C 981 10.10 33.56 -20.78
CA LEU C 981 10.81 33.13 -19.59
C LEU C 981 12.29 33.45 -19.71
N GLN C 982 12.92 33.06 -20.83
CA GLN C 982 14.34 33.34 -21.02
C GLN C 982 14.61 34.85 -21.01
N GLY C 983 13.76 35.62 -21.70
CA GLY C 983 13.91 37.07 -21.69
C GLY C 983 13.96 37.63 -20.28
N LEU C 984 12.93 37.33 -19.48
CA LEU C 984 12.94 37.76 -18.09
C LEU C 984 14.21 37.32 -17.39
N LEU C 985 14.64 36.09 -17.63
CA LEU C 985 15.86 35.61 -16.98
C LEU C 985 17.07 36.45 -17.34
N SER C 986 17.03 37.13 -18.50
CA SER C 986 18.18 37.96 -18.89
C SER C 986 18.25 39.26 -18.08
N CYS C 987 17.11 39.87 -17.77
CA CYS C 987 17.08 41.18 -17.12
C CYS C 987 16.74 41.10 -15.64
N THR C 988 17.14 40.03 -14.96
CA THR C 988 17.06 39.97 -13.51
C THR C 988 17.68 41.21 -12.89
N LEU C 989 17.04 41.75 -11.85
CA LEU C 989 17.64 42.82 -11.07
C LEU C 989 18.69 42.27 -10.13
N PRO C 990 19.65 43.09 -9.72
CA PRO C 990 20.73 42.60 -8.86
C PRO C 990 20.36 42.65 -7.39
N ASN C 991 21.24 42.17 -6.54
CA ASN C 991 20.99 42.15 -5.10
C ASN C 991 21.43 43.48 -4.49
N ARG C 992 21.50 43.54 -3.16
CA ARG C 992 21.95 44.74 -2.47
C ARG C 992 23.16 45.37 -3.15
N ASP C 993 24.20 44.57 -3.38
CA ASP C 993 25.48 45.05 -3.86
C ASP C 993 25.56 45.18 -5.37
N GLY C 994 24.42 45.16 -6.05
CA GLY C 994 24.44 45.24 -7.51
C GLY C 994 25.11 44.06 -8.18
N ASP C 995 24.97 42.86 -7.60
CA ASP C 995 25.51 41.63 -8.17
C ASP C 995 24.35 40.81 -8.73
N VAL C 996 24.44 40.45 -10.01
CA VAL C 996 23.48 39.53 -10.61
C VAL C 996 23.93 38.12 -10.25
N LEU C 997 23.11 37.42 -9.47
CA LEU C 997 23.50 36.12 -8.92
C LEU C 997 23.13 34.96 -9.83
N VAL C 998 22.06 35.08 -10.60
CA VAL C 998 21.60 34.02 -11.49
C VAL C 998 21.71 34.50 -12.93
N ASP C 999 22.50 33.80 -13.74
CA ASP C 999 22.81 34.19 -15.10
C ASP C 999 21.62 33.91 -16.03
N ALA C 1000 21.83 34.10 -17.34
CA ALA C 1000 20.73 34.02 -18.28
C ALA C 1000 20.27 32.60 -18.57
N ASP C 1001 21.03 31.60 -18.12
CA ASP C 1001 20.58 30.22 -18.20
C ASP C 1001 19.77 29.80 -16.98
N GLY C 1002 19.70 30.65 -15.95
CA GLY C 1002 19.06 30.27 -14.71
C GLY C 1002 19.94 29.55 -13.73
N LYS C 1003 21.25 29.61 -13.90
CA LYS C 1003 22.19 28.92 -13.03
C LYS C 1003 23.03 29.95 -12.29
N ALA C 1004 23.81 29.46 -11.33
CA ALA C 1004 24.67 30.34 -10.54
C ALA C 1004 25.72 29.50 -9.83
N MET C 1005 26.88 30.09 -9.63
CA MET C 1005 27.93 29.42 -8.87
C MET C 1005 27.50 29.27 -7.42
N LEU C 1006 28.00 28.22 -6.77
CA LEU C 1006 27.68 27.96 -5.37
C LEU C 1006 28.91 27.42 -4.66
N PHE C 1007 29.01 27.75 -3.38
CA PHE C 1007 30.11 27.29 -2.54
C PHE C 1007 29.69 26.06 -1.76
N ASP C 1008 30.63 25.13 -1.56
CA ASP C 1008 30.40 23.99 -0.68
C ASP C 1008 30.53 24.45 0.76
N GLY C 1009 29.40 24.60 1.44
CA GLY C 1009 29.43 25.03 2.82
C GLY C 1009 30.20 24.14 3.76
N ARG C 1010 30.75 23.03 3.24
CA ARG C 1010 31.49 22.07 4.05
C ARG C 1010 32.99 22.25 3.93
N SER C 1011 33.53 22.17 2.72
CA SER C 1011 34.97 22.34 2.52
C SER C 1011 35.36 23.80 2.35
N GLY C 1012 34.52 24.59 1.68
CA GLY C 1012 34.80 25.97 1.37
C GLY C 1012 35.02 26.23 -0.10
N GLU C 1013 35.49 25.22 -0.83
CA GLU C 1013 35.77 25.37 -2.25
C GLU C 1013 34.46 25.50 -3.03
N PRO C 1014 34.46 26.27 -4.10
CA PRO C 1014 33.24 26.39 -4.92
C PRO C 1014 33.00 25.13 -5.74
N PHE C 1015 31.73 24.87 -6.01
CA PHE C 1015 31.37 23.75 -6.87
C PHE C 1015 31.75 24.10 -8.30
N PRO C 1016 32.39 23.18 -9.03
CA PRO C 1016 33.01 23.57 -10.31
C PRO C 1016 32.05 24.12 -11.34
N TYR C 1017 30.78 23.76 -11.32
CA TYR C 1017 29.94 24.15 -12.44
C TYR C 1017 28.70 24.90 -11.96
N PRO C 1018 28.20 25.83 -12.75
CA PRO C 1018 26.98 26.56 -12.36
C PRO C 1018 25.81 25.61 -12.18
N VAL C 1019 25.02 25.88 -11.15
CA VAL C 1019 23.88 25.06 -10.77
C VAL C 1019 22.60 25.85 -11.01
N THR C 1020 21.55 25.18 -11.41
CA THR C 1020 20.25 25.83 -11.55
C THR C 1020 19.69 26.09 -10.15
N VAL C 1021 19.65 27.35 -9.76
CA VAL C 1021 19.03 27.80 -8.52
C VAL C 1021 17.81 28.62 -8.86
N GLY C 1022 16.82 28.57 -7.98
CA GLY C 1022 15.60 29.32 -8.21
C GLY C 1022 14.70 29.25 -7.01
N TYR C 1023 13.44 29.62 -7.22
CA TYR C 1023 12.45 29.58 -6.15
C TYR C 1023 11.30 28.68 -6.57
N MET C 1024 11.04 27.66 -5.77
CA MET C 1024 10.03 26.65 -6.06
C MET C 1024 9.02 26.57 -4.93
N TYR C 1025 7.76 26.36 -5.30
CA TYR C 1025 6.69 26.22 -4.31
C TYR C 1025 6.66 24.77 -3.82
N ILE C 1026 6.94 24.58 -2.53
CA ILE C 1026 6.99 23.26 -1.92
C ILE C 1026 5.91 23.18 -0.85
N MET C 1027 5.12 22.11 -0.90
CA MET C 1027 4.07 21.85 0.08
C MET C 1027 4.51 20.75 1.03
N LYS C 1028 4.06 20.86 2.28
CA LYS C 1028 4.25 19.84 3.31
C LYS C 1028 3.04 18.92 3.27
N LEU C 1029 3.21 17.76 2.64
CA LEU C 1029 2.12 16.81 2.51
C LEU C 1029 1.88 16.10 3.83
N HIS C 1030 0.62 15.69 4.05
CA HIS C 1030 0.22 15.15 5.34
C HIS C 1030 0.65 13.69 5.48
N HIS C 1031 1.96 13.48 5.40
CA HIS C 1031 2.57 12.16 5.61
C HIS C 1031 3.86 12.40 6.40
N LEU C 1032 3.77 12.31 7.72
CA LEU C 1032 4.83 12.74 8.60
C LEU C 1032 5.30 11.58 9.48
N VAL C 1033 6.62 11.52 9.71
CA VAL C 1033 7.18 10.44 10.53
C VAL C 1033 6.43 10.32 11.84
N ASP C 1034 6.18 11.46 12.50
CA ASP C 1034 5.53 11.44 13.80
C ASP C 1034 4.26 10.59 13.79
N ASP C 1035 3.58 10.53 12.64
CA ASP C 1035 2.39 9.72 12.50
C ASP C 1035 2.68 8.27 12.10
N LYS C 1036 3.83 8.00 11.46
CA LYS C 1036 4.07 6.70 10.88
C LYS C 1036 5.09 5.86 11.63
N ILE C 1037 5.92 6.46 12.50
CA ILE C 1037 6.81 5.62 13.30
C ILE C 1037 5.98 4.79 14.25
N HIS C 1038 6.38 3.54 14.44
CA HIS C 1038 5.68 2.63 15.35
C HIS C 1038 6.50 1.38 15.60
N ALA C 1039 6.67 1.01 16.85
CA ALA C 1039 7.32 -0.24 17.22
C ALA C 1039 6.54 -0.88 18.35
N ARG C 1040 6.85 -2.15 18.62
CA ARG C 1040 6.14 -2.88 19.65
C ARG C 1040 6.99 -4.06 20.08
N SER C 1041 7.19 -4.21 21.38
CA SER C 1041 7.83 -5.40 21.92
C SER C 1041 6.80 -6.44 22.32
N THR C 1042 5.68 -5.99 22.88
CA THR C 1042 4.60 -6.86 23.34
C THR C 1042 3.41 -5.98 23.67
N GLY C 1043 2.22 -6.44 23.31
CA GLY C 1043 1.03 -5.65 23.50
C GLY C 1043 -0.23 -6.49 23.55
N PRO C 1044 -1.37 -5.88 23.23
CA PRO C 1044 -2.63 -6.61 23.29
C PRO C 1044 -2.76 -7.61 22.15
N TYR C 1045 -3.47 -8.70 22.43
CA TYR C 1045 -3.72 -9.72 21.43
C TYR C 1045 -5.22 -9.82 21.16
N SER C 1046 -5.56 -10.44 20.04
CA SER C 1046 -6.96 -10.65 19.69
C SER C 1046 -7.51 -11.83 20.48
N MET C 1047 -8.73 -11.67 21.00
CA MET C 1047 -9.34 -12.72 21.79
C MET C 1047 -9.70 -13.94 20.97
N ILE C 1048 -9.75 -13.81 19.65
CA ILE C 1048 -10.21 -14.90 18.78
C ILE C 1048 -9.02 -15.67 18.26
N THR C 1049 -8.14 -15.00 17.52
CA THR C 1049 -6.95 -15.66 17.00
C THR C 1049 -5.81 -15.67 17.98
N GLN C 1050 -5.88 -14.89 19.05
CA GLN C 1050 -4.81 -14.77 20.05
C GLN C 1050 -3.52 -14.26 19.45
N GLN C 1051 -3.61 -13.58 18.31
CA GLN C 1051 -2.48 -12.92 17.68
C GLN C 1051 -2.45 -11.45 18.07
N PRO C 1052 -1.30 -10.80 17.91
CA PRO C 1052 -1.22 -9.37 18.24
C PRO C 1052 -2.24 -8.57 17.46
N LEU C 1053 -2.86 -7.60 18.14
CA LEU C 1053 -3.74 -6.68 17.45
C LEU C 1053 -3.00 -5.97 16.33
N GLY C 1054 -3.77 -5.40 15.40
CA GLY C 1054 -3.22 -4.73 14.24
C GLY C 1054 -3.53 -3.26 14.27
N GLY C 1055 -2.53 -2.45 13.92
CA GLY C 1055 -2.73 -1.01 13.85
C GLY C 1055 -1.94 -0.29 14.92
N LYS C 1056 -1.37 0.86 14.56
CA LYS C 1056 -0.65 1.66 15.53
C LYS C 1056 -1.58 2.10 16.65
N ALA C 1057 -2.78 2.57 16.29
CA ALA C 1057 -3.74 3.06 17.29
C ALA C 1057 -3.95 2.04 18.40
N GLN C 1058 -3.86 0.75 18.08
CA GLN C 1058 -4.03 -0.31 19.07
C GLN C 1058 -2.71 -0.88 19.53
N PHE C 1059 -1.59 -0.20 19.26
CA PHE C 1059 -0.27 -0.69 19.62
C PHE C 1059 -0.06 -2.10 19.08
N GLY C 1060 -0.37 -2.27 17.80
CA GLY C 1060 -0.34 -3.58 17.19
C GLY C 1060 1.04 -4.04 16.81
N GLY C 1061 1.09 -5.22 16.19
CA GLY C 1061 2.33 -5.77 15.70
C GLY C 1061 2.32 -5.79 14.19
N GLN C 1062 3.49 -5.91 13.59
CA GLN C 1062 3.57 -6.02 12.15
C GLN C 1062 3.11 -7.40 11.69
N ARG C 1063 2.51 -7.45 10.52
CA ARG C 1063 2.04 -8.71 9.95
C ARG C 1063 3.17 -9.32 9.13
N PHE C 1064 3.53 -10.56 9.45
CA PHE C 1064 4.48 -11.33 8.65
C PHE C 1064 3.66 -12.14 7.66
N GLY C 1065 3.44 -11.57 6.48
CA GLY C 1065 2.51 -12.13 5.52
C GLY C 1065 3.03 -13.38 4.83
N GLU C 1066 2.14 -13.96 4.03
CA GLU C 1066 2.46 -15.21 3.33
C GLU C 1066 3.68 -15.05 2.45
N MET C 1067 3.76 -13.95 1.69
CA MET C 1067 4.92 -13.73 0.83
C MET C 1067 6.19 -13.57 1.65
N GLU C 1068 6.07 -12.99 2.85
CA GLU C 1068 7.23 -12.90 3.73
C GLU C 1068 7.68 -14.27 4.19
N CYS C 1069 6.74 -15.18 4.48
CA CYS C 1069 7.12 -16.53 4.84
C CYS C 1069 7.76 -17.25 3.66
N TRP C 1070 7.27 -17.00 2.45
CA TRP C 1070 7.95 -17.51 1.26
C TRP C 1070 9.40 -17.06 1.25
N ALA C 1071 9.62 -15.75 1.39
CA ALA C 1071 10.98 -15.23 1.42
C ALA C 1071 11.81 -15.93 2.48
N MET C 1072 11.28 -16.00 3.70
CA MET C 1072 12.01 -16.62 4.81
C MET C 1072 12.40 -18.05 4.46
N GLN C 1073 11.46 -18.83 3.89
CA GLN C 1073 11.78 -20.20 3.50
C GLN C 1073 12.88 -20.24 2.46
N ALA C 1074 12.79 -19.37 1.44
CA ALA C 1074 13.81 -19.33 0.40
C ALA C 1074 15.20 -19.17 0.99
N TYR C 1075 15.33 -18.42 2.10
CA TYR C 1075 16.61 -18.31 2.78
C TYR C 1075 16.96 -19.60 3.52
N GLY C 1076 15.97 -20.42 3.86
CA GLY C 1076 16.23 -21.56 4.71
C GLY C 1076 16.33 -21.22 6.17
N ALA C 1077 15.72 -20.12 6.60
CA ALA C 1077 15.78 -19.69 8.00
C ALA C 1077 14.64 -20.34 8.78
N ALA C 1078 14.77 -21.66 8.96
CA ALA C 1078 13.71 -22.43 9.61
C ALA C 1078 13.40 -21.88 10.99
N TYR C 1079 14.43 -21.66 11.81
CA TYR C 1079 14.19 -21.26 13.19
C TYR C 1079 13.61 -19.84 13.25
N THR C 1080 14.09 -18.94 12.40
CA THR C 1080 13.52 -17.60 12.36
C THR C 1080 12.04 -17.64 12.00
N LEU C 1081 11.67 -18.45 11.00
CA LEU C 1081 10.28 -18.54 10.60
C LEU C 1081 9.42 -19.13 11.70
N GLN C 1082 9.89 -20.22 12.32
CA GLN C 1082 9.15 -20.80 13.44
C GLN C 1082 8.95 -19.77 14.54
N GLU C 1083 10.03 -19.14 14.99
CA GLU C 1083 9.95 -18.14 16.04
C GLU C 1083 8.96 -17.04 15.68
N LEU C 1084 9.07 -16.50 14.46
CA LEU C 1084 8.15 -15.45 14.03
C LEU C 1084 6.71 -15.92 14.11
N LEU C 1085 6.47 -17.21 13.81
CA LEU C 1085 5.10 -17.70 13.71
C LEU C 1085 4.59 -18.38 14.97
N THR C 1086 5.43 -18.66 15.96
CA THR C 1086 4.95 -19.33 17.17
C THR C 1086 5.10 -18.47 18.42
N ILE C 1087 6.32 -18.09 18.80
CA ILE C 1087 6.53 -17.44 20.09
C ILE C 1087 6.40 -15.93 20.02
N LYS C 1088 6.30 -15.36 18.82
CA LYS C 1088 6.00 -13.94 18.67
C LYS C 1088 4.54 -13.68 18.37
N SER C 1089 3.76 -14.70 17.96
CA SER C 1089 2.36 -14.48 17.62
C SER C 1089 1.39 -15.28 18.48
N ASP C 1090 1.48 -16.60 18.50
CA ASP C 1090 0.35 -17.44 18.89
C ASP C 1090 0.59 -18.32 20.11
N ASP C 1091 1.82 -18.67 20.41
CA ASP C 1091 2.10 -19.54 21.55
C ASP C 1091 1.80 -18.77 22.83
N THR C 1092 0.62 -19.02 23.40
CA THR C 1092 0.17 -18.22 24.54
C THR C 1092 1.04 -18.41 25.77
N VAL C 1093 1.75 -19.52 25.89
CA VAL C 1093 2.65 -19.74 27.01
C VAL C 1093 4.08 -19.49 26.53
N GLY C 1094 4.34 -19.79 25.26
CA GLY C 1094 5.68 -19.60 24.73
C GLY C 1094 6.13 -18.16 24.78
N ARG C 1095 5.22 -17.22 24.49
CA ARG C 1095 5.62 -15.82 24.45
C ARG C 1095 5.92 -15.28 25.85
N VAL C 1096 5.08 -15.63 26.83
CA VAL C 1096 5.37 -15.21 28.20
C VAL C 1096 6.68 -15.86 28.68
N LYS C 1097 6.91 -17.12 28.28
CA LYS C 1097 8.19 -17.75 28.57
C LYS C 1097 9.34 -16.96 27.97
N VAL C 1098 9.18 -16.51 26.72
CA VAL C 1098 10.24 -15.80 26.04
C VAL C 1098 10.56 -14.49 26.75
N TYR C 1099 9.52 -13.76 27.14
CA TYR C 1099 9.75 -12.53 27.87
C TYR C 1099 10.46 -12.80 29.19
N GLU C 1100 9.96 -13.78 29.94
CA GLU C 1100 10.59 -14.15 31.21
C GLU C 1100 12.04 -14.54 31.02
N ALA C 1101 12.37 -15.19 29.90
CA ALA C 1101 13.73 -15.63 29.65
C ALA C 1101 14.64 -14.48 29.25
N ILE C 1102 14.12 -13.52 28.49
CA ILE C 1102 14.93 -12.34 28.14
C ILE C 1102 15.20 -11.51 29.38
N VAL C 1103 14.20 -11.35 30.26
CA VAL C 1103 14.38 -10.55 31.45
C VAL C 1103 15.43 -11.15 32.39
N LYS C 1104 15.53 -12.49 32.42
CA LYS C 1104 16.44 -13.17 33.33
C LYS C 1104 17.71 -13.67 32.64
N GLY C 1105 18.03 -13.14 31.46
CA GLY C 1105 19.26 -13.51 30.78
C GLY C 1105 19.40 -14.99 30.49
N GLU C 1106 18.29 -15.68 30.28
CA GLU C 1106 18.29 -17.10 29.96
C GLU C 1106 18.00 -17.30 28.48
N ASN C 1107 18.46 -18.43 27.95
CA ASN C 1107 18.25 -18.76 26.55
C ASN C 1107 16.75 -18.84 26.23
N ILE C 1108 16.42 -18.58 24.97
CA ILE C 1108 15.02 -18.56 24.56
C ILE C 1108 14.49 -19.99 24.51
N PRO C 1109 13.33 -20.27 25.10
CA PRO C 1109 12.85 -21.66 25.18
C PRO C 1109 12.44 -22.19 23.82
N GLU C 1110 12.15 -23.49 23.79
CA GLU C 1110 11.65 -24.11 22.59
C GLU C 1110 10.18 -23.72 22.37
N PRO C 1111 9.76 -23.60 21.13
CA PRO C 1111 8.40 -23.09 20.85
C PRO C 1111 7.35 -24.18 20.95
N GLY C 1112 6.13 -23.73 21.24
CA GLY C 1112 5.01 -24.63 21.43
C GLY C 1112 4.11 -24.77 20.21
N ILE C 1113 2.80 -24.56 20.40
CA ILE C 1113 1.79 -24.84 19.40
C ILE C 1113 1.02 -23.57 19.11
N PRO C 1114 0.88 -23.17 17.85
CA PRO C 1114 0.09 -21.98 17.53
C PRO C 1114 -1.37 -22.16 17.92
N GLU C 1115 -1.90 -21.20 18.69
CA GLU C 1115 -3.30 -21.24 19.04
C GLU C 1115 -4.19 -21.25 17.81
N SER C 1116 -3.76 -20.57 16.74
CA SER C 1116 -4.56 -20.52 15.52
C SER C 1116 -4.81 -21.92 14.95
N PHE C 1117 -3.89 -22.85 15.19
CA PHE C 1117 -4.10 -24.23 14.74
C PHE C 1117 -5.22 -24.89 15.53
N LYS C 1118 -5.18 -24.77 16.86
CA LYS C 1118 -6.30 -25.26 17.66
C LYS C 1118 -7.61 -24.66 17.17
N VAL C 1119 -7.60 -23.37 16.82
CA VAL C 1119 -8.84 -22.73 16.38
C VAL C 1119 -9.29 -23.30 15.03
N LEU C 1120 -8.34 -23.56 14.14
CA LEU C 1120 -8.67 -24.20 12.88
C LEU C 1120 -9.33 -25.55 13.11
N LEU C 1121 -8.74 -26.36 14.00
CA LEU C 1121 -9.32 -27.65 14.35
C LEU C 1121 -10.74 -27.48 14.86
N LYS C 1122 -10.95 -26.51 15.74
CA LYS C 1122 -12.29 -26.30 16.29
C LYS C 1122 -13.28 -25.91 15.20
N GLU C 1123 -12.85 -25.08 14.25
CA GLU C 1123 -13.74 -24.69 13.16
C GLU C 1123 -14.09 -25.89 12.28
N LEU C 1124 -13.07 -26.68 11.92
CA LEU C 1124 -13.34 -27.92 11.18
C LEU C 1124 -14.36 -28.77 11.91
N GLN C 1125 -14.12 -29.05 13.18
CA GLN C 1125 -15.08 -29.83 13.95
C GLN C 1125 -16.48 -29.25 13.86
N SER C 1126 -16.61 -27.94 14.07
CA SER C 1126 -17.91 -27.30 13.93
C SER C 1126 -18.49 -27.48 12.54
N LEU C 1127 -17.65 -27.82 11.56
CA LEU C 1127 -18.13 -28.19 10.23
C LEU C 1127 -18.47 -29.68 10.12
N CYS C 1128 -18.60 -30.38 11.24
CA CYS C 1128 -18.89 -31.81 11.30
C CYS C 1128 -17.75 -32.68 10.81
N LEU C 1129 -16.57 -32.11 10.61
CA LEU C 1129 -15.39 -32.86 10.20
C LEU C 1129 -14.65 -33.34 11.43
N ASN C 1130 -14.48 -34.66 11.56
CA ASN C 1130 -13.75 -35.24 12.68
C ASN C 1130 -12.26 -35.24 12.33
N VAL C 1131 -11.58 -34.20 12.77
CA VAL C 1131 -10.13 -34.09 12.63
C VAL C 1131 -9.49 -34.62 13.90
N GLU C 1132 -8.26 -35.13 13.79
CA GLU C 1132 -7.60 -35.70 14.94
C GLU C 1132 -6.10 -35.70 14.72
N VAL C 1133 -5.37 -35.36 15.78
CA VAL C 1133 -3.90 -35.39 15.78
C VAL C 1133 -3.45 -36.71 16.35
N LEU C 1134 -2.47 -37.34 15.71
CA LEU C 1134 -2.05 -38.69 16.07
C LEU C 1134 -0.55 -38.74 16.35
N SER C 1135 -0.17 -39.64 17.25
CA SER C 1135 1.24 -39.90 17.53
C SER C 1135 1.81 -40.85 16.48
N SER C 1136 3.11 -41.11 16.59
CA SER C 1136 3.77 -42.02 15.66
C SER C 1136 2.99 -43.32 15.51
N ASP C 1137 2.80 -44.03 16.61
CA ASP C 1137 1.90 -45.18 16.68
C ASP C 1137 1.08 -45.01 17.96
N GLY C 1138 -0.05 -44.34 17.83
CA GLY C 1138 -0.89 -44.09 18.98
C GLY C 1138 -2.24 -43.55 18.55
N ALA C 1139 -3.06 -43.24 19.54
CA ALA C 1139 -4.37 -42.68 19.31
C ALA C 1139 -4.25 -41.16 19.17
N ALA C 1140 -5.39 -40.47 19.20
CA ALA C 1140 -5.38 -39.02 19.06
C ALA C 1140 -4.80 -38.36 20.29
N ILE C 1141 -3.85 -37.45 20.08
CA ILE C 1141 -3.34 -36.62 21.16
C ILE C 1141 -4.37 -35.55 21.51
N GLU C 1142 -4.42 -35.17 22.77
CA GLU C 1142 -5.37 -34.18 23.25
C GLU C 1142 -4.65 -32.88 23.56
N LEU C 1143 -5.40 -31.77 23.42
CA LEU C 1143 -4.87 -30.43 23.59
C LEU C 1143 -5.60 -29.73 24.73
N ARG C 1144 -4.85 -29.01 25.56
CA ARG C 1144 -5.45 -28.28 26.67
C ARG C 1144 -4.37 -27.63 27.55
N LEU C 1151 0.70 -23.63 39.70
CA LEU C 1151 0.40 -23.76 41.12
C LEU C 1151 1.68 -23.74 41.95
N GLU C 1152 2.61 -24.64 41.62
CA GLU C 1152 3.86 -24.72 42.38
C GLU C 1152 4.67 -23.45 42.27
N ARG C 1153 4.60 -22.77 41.12
CA ARG C 1153 5.37 -21.54 40.94
C ARG C 1153 4.80 -20.39 41.77
N ALA C 1154 3.49 -20.40 42.02
CA ALA C 1154 2.87 -19.31 42.77
C ALA C 1154 3.21 -19.39 44.25
N ALA C 1155 3.05 -20.57 44.86
CA ALA C 1155 3.32 -20.71 46.29
C ALA C 1155 4.74 -20.27 46.63
N ALA C 1156 5.67 -20.35 45.69
CA ALA C 1156 7.04 -19.93 45.92
C ALA C 1156 7.16 -18.41 45.89
N VAL D 5 3.80 -30.78 22.05
CA VAL D 5 5.24 -30.83 21.89
C VAL D 5 5.64 -30.57 20.43
N ASN D 6 4.62 -30.41 19.58
CA ASN D 6 4.82 -30.06 18.17
C ASN D 6 5.64 -31.13 17.45
N PHE D 7 5.41 -32.40 17.80
CA PHE D 7 6.05 -33.53 17.14
C PHE D 7 5.03 -34.63 16.87
N PHE D 8 3.87 -34.22 16.32
CA PHE D 8 2.89 -35.18 15.84
C PHE D 8 3.42 -35.88 14.58
N ASP D 9 2.82 -37.02 14.25
CA ASP D 9 3.22 -37.76 13.07
C ASP D 9 2.23 -37.63 11.92
N GLU D 10 0.94 -37.54 12.20
CA GLU D 10 -0.06 -37.46 11.15
C GLU D 10 -1.28 -36.68 11.65
N LEU D 11 -2.09 -36.24 10.69
CA LEU D 11 -3.32 -35.49 10.96
C LEU D 11 -4.40 -35.98 10.01
N ARG D 12 -5.54 -36.40 10.55
CA ARG D 12 -6.53 -37.16 9.80
C ARG D 12 -7.91 -36.55 9.91
N ILE D 13 -8.70 -36.70 8.84
CA ILE D 13 -10.07 -36.19 8.79
C ILE D 13 -11.03 -37.38 8.64
N GLY D 14 -12.31 -37.08 8.77
CA GLY D 14 -13.37 -38.06 8.58
C GLY D 14 -14.71 -37.46 8.94
N LEU D 15 -15.76 -37.84 8.21
CA LEU D 15 -17.09 -37.33 8.53
C LEU D 15 -17.46 -37.70 9.96
N ALA D 16 -17.98 -36.72 10.69
CA ALA D 16 -18.33 -36.95 12.08
C ALA D 16 -19.70 -37.59 12.18
N THR D 17 -19.79 -38.71 12.89
CA THR D 17 -21.07 -39.30 13.21
C THR D 17 -21.69 -38.57 14.40
N ALA D 18 -23.02 -38.52 14.42
CA ALA D 18 -23.70 -37.85 15.53
C ALA D 18 -23.18 -38.33 16.88
N GLU D 19 -22.70 -39.58 16.94
CA GLU D 19 -22.09 -40.07 18.17
C GLU D 19 -20.86 -39.24 18.53
N ASP D 20 -19.98 -38.99 17.55
CA ASP D 20 -18.84 -38.13 17.78
C ASP D 20 -19.27 -36.71 18.16
N ILE D 21 -20.31 -36.20 17.50
CA ILE D 21 -20.78 -34.85 17.78
C ILE D 21 -21.28 -34.73 19.21
N ARG D 22 -21.92 -35.78 19.74
CA ARG D 22 -22.42 -35.73 21.10
C ARG D 22 -21.34 -36.02 22.12
N GLN D 23 -20.38 -36.88 21.77
CA GLN D 23 -19.23 -37.10 22.66
C GLN D 23 -18.43 -35.81 22.83
N TRP D 24 -18.25 -35.07 21.75
CA TRP D 24 -17.60 -33.76 21.85
C TRP D 24 -18.35 -32.85 22.82
N SER D 25 -19.65 -32.68 22.61
CA SER D 25 -20.41 -31.65 23.29
C SER D 25 -20.26 -31.76 24.81
N TYR D 26 -20.45 -30.63 25.47
CA TYR D 26 -20.54 -30.53 26.92
C TYR D 26 -21.96 -30.21 27.38
N GLY D 27 -22.91 -30.22 26.48
CA GLY D 27 -24.28 -29.86 26.77
C GLY D 27 -24.92 -29.28 25.53
N GLU D 28 -26.24 -29.44 25.43
CA GLU D 28 -27.00 -28.98 24.28
C GLU D 28 -27.61 -27.62 24.57
N VAL D 29 -27.45 -26.68 23.65
CA VAL D 29 -28.10 -25.38 23.77
C VAL D 29 -29.52 -25.50 23.27
N LYS D 30 -30.44 -24.80 23.92
CA LYS D 30 -31.86 -24.93 23.64
C LYS D 30 -32.58 -23.65 23.30
N LYS D 31 -32.06 -22.49 23.72
CA LYS D 31 -32.79 -21.24 23.58
C LYS D 31 -32.05 -20.26 22.66
N PRO D 32 -32.76 -19.35 22.00
CA PRO D 32 -32.09 -18.29 21.26
C PRO D 32 -31.50 -17.21 22.16
N GLU D 33 -32.01 -17.05 23.37
CA GLU D 33 -31.47 -16.08 24.29
C GLU D 33 -29.95 -16.24 24.41
N THR D 34 -29.25 -15.11 24.49
CA THR D 34 -27.80 -15.09 24.54
C THR D 34 -27.29 -14.57 25.87
N ILE D 35 -27.67 -13.35 26.25
CA ILE D 35 -27.24 -12.75 27.50
C ILE D 35 -28.39 -11.89 28.02
N ASN D 36 -28.47 -11.77 29.35
CA ASN D 36 -29.47 -10.92 29.96
C ASN D 36 -29.14 -9.46 29.69
N TYR D 37 -30.03 -8.77 28.97
CA TYR D 37 -29.77 -7.40 28.58
C TYR D 37 -29.42 -6.53 29.77
N ARG D 38 -30.12 -6.73 30.90
CA ARG D 38 -29.89 -5.90 32.08
C ARG D 38 -28.54 -6.22 32.72
N THR D 39 -28.38 -7.46 33.18
CA THR D 39 -27.20 -7.85 33.94
C THR D 39 -26.01 -8.25 33.09
N LEU D 40 -26.11 -8.15 31.76
CA LEU D 40 -25.03 -8.54 30.87
C LEU D 40 -24.50 -9.93 31.21
N LYS D 41 -25.41 -10.84 31.55
CA LYS D 41 -25.05 -12.18 31.97
C LYS D 41 -25.62 -13.21 31.02
N PRO D 42 -24.87 -14.27 30.71
CA PRO D 42 -25.34 -15.25 29.72
C PRO D 42 -26.60 -15.96 30.17
N GLU D 43 -27.64 -15.90 29.35
CA GLU D 43 -28.86 -16.64 29.65
C GLU D 43 -28.57 -18.13 29.63
N LYS D 44 -29.15 -18.86 30.59
CA LYS D 44 -28.83 -20.26 30.74
C LYS D 44 -29.46 -21.08 29.61
N ASP D 45 -28.73 -22.12 29.17
CA ASP D 45 -29.16 -22.97 28.07
C ASP D 45 -29.18 -22.22 26.74
N GLY D 46 -28.56 -21.04 26.69
CA GLY D 46 -28.45 -20.27 25.48
C GLY D 46 -27.11 -20.45 24.79
N LEU D 47 -26.94 -19.72 23.68
CA LEU D 47 -25.72 -19.84 22.90
C LEU D 47 -24.48 -19.41 23.67
N PHE D 48 -24.64 -18.79 24.84
CA PHE D 48 -23.52 -18.41 25.69
C PHE D 48 -23.62 -19.03 27.08
N CYS D 49 -24.43 -20.06 27.25
CA CYS D 49 -24.65 -20.64 28.57
C CYS D 49 -23.33 -21.12 29.17
N GLU D 50 -23.09 -20.73 30.42
CA GLU D 50 -21.89 -21.15 31.14
C GLU D 50 -21.99 -22.58 31.64
N LYS D 51 -23.21 -23.13 31.77
CA LYS D 51 -23.36 -24.50 32.25
C LYS D 51 -22.63 -25.49 31.35
N ILE D 52 -22.69 -25.27 30.04
CA ILE D 52 -22.09 -26.19 29.07
C ILE D 52 -20.78 -25.64 28.51
N PHE D 53 -20.75 -24.36 28.13
CA PHE D 53 -19.57 -23.82 27.46
C PHE D 53 -18.43 -23.55 28.44
N GLY D 54 -18.73 -22.90 29.56
CA GLY D 54 -17.72 -22.62 30.56
C GLY D 54 -18.01 -21.36 31.34
N PRO D 55 -17.19 -21.07 32.35
CA PRO D 55 -17.40 -19.86 33.16
C PRO D 55 -16.71 -18.64 32.56
N THR D 56 -17.44 -17.52 32.57
CA THR D 56 -16.88 -16.28 32.04
C THR D 56 -15.67 -15.84 32.85
N ARG D 57 -15.73 -15.94 34.16
CA ARG D 57 -14.68 -15.45 35.05
C ARG D 57 -13.99 -16.63 35.72
N ASP D 58 -12.67 -16.52 35.87
CA ASP D 58 -11.88 -17.60 36.45
C ASP D 58 -12.45 -18.05 37.79
N TRP D 59 -12.70 -19.35 37.90
CA TRP D 59 -13.08 -20.00 39.15
C TRP D 59 -14.36 -19.42 39.76
N GLU D 60 -15.17 -18.73 38.97
CA GLU D 60 -16.45 -18.17 39.42
C GLU D 60 -17.60 -18.90 38.73
N CYS D 61 -18.54 -19.40 39.52
CA CYS D 61 -19.71 -20.08 38.96
C CYS D 61 -20.78 -19.06 38.60
N TYR D 62 -21.93 -19.57 38.14
CA TYR D 62 -23.00 -18.69 37.66
C TYR D 62 -23.66 -17.94 38.82
N CYS D 63 -24.23 -18.68 39.78
CA CYS D 63 -24.96 -18.04 40.87
C CYS D 63 -24.02 -17.30 41.83
N GLY D 64 -22.86 -17.88 42.12
CA GLY D 64 -21.85 -17.21 42.91
C GLY D 64 -21.49 -17.90 44.21
N LYS D 65 -22.17 -18.97 44.61
CA LYS D 65 -21.83 -19.63 45.86
C LYS D 65 -20.40 -20.15 45.86
N TYR D 66 -19.83 -20.39 44.69
CA TYR D 66 -18.46 -20.89 44.54
C TYR D 66 -17.68 -19.86 43.73
N LYS D 67 -16.76 -19.17 44.39
CA LYS D 67 -15.82 -18.31 43.66
C LYS D 67 -14.51 -18.26 44.44
N ARG D 68 -13.65 -19.25 44.18
CA ARG D 68 -12.28 -19.22 44.68
C ARG D 68 -11.47 -20.39 44.11
N VAL D 69 -10.17 -20.19 43.90
CA VAL D 69 -9.33 -21.26 43.37
C VAL D 69 -9.23 -22.44 44.32
N ARG D 70 -9.64 -22.26 45.58
CA ARG D 70 -9.52 -23.32 46.58
C ARG D 70 -10.06 -24.64 46.04
N PHE D 71 -11.25 -24.62 45.47
CA PHE D 71 -11.90 -25.82 44.93
C PHE D 71 -11.90 -25.73 43.40
N LYS D 72 -10.84 -26.25 42.78
CA LYS D 72 -10.76 -26.32 41.34
C LYS D 72 -11.41 -27.61 40.86
N GLY D 73 -12.12 -27.53 39.74
CA GLY D 73 -12.81 -28.68 39.18
C GLY D 73 -14.13 -29.01 39.83
N ILE D 74 -14.55 -28.27 40.86
CA ILE D 74 -15.82 -28.53 41.51
C ILE D 74 -16.96 -28.23 40.54
N ILE D 75 -18.00 -29.04 40.59
CA ILE D 75 -19.16 -28.90 39.72
C ILE D 75 -20.32 -28.43 40.59
N CYS D 76 -20.61 -27.13 40.54
CA CYS D 76 -21.67 -26.55 41.35
C CYS D 76 -23.00 -27.23 41.07
N GLU D 77 -23.77 -27.46 42.13
CA GLU D 77 -25.06 -28.13 42.01
C GLU D 77 -26.23 -27.17 41.85
N ARG D 78 -26.11 -25.93 42.32
CA ARG D 78 -27.19 -24.97 42.16
C ARG D 78 -27.39 -24.61 40.68
N CYS D 79 -26.29 -24.32 39.98
CA CYS D 79 -26.35 -23.89 38.59
C CYS D 79 -25.55 -24.78 37.66
N GLY D 80 -24.83 -25.77 38.18
CA GLY D 80 -24.13 -26.74 37.35
C GLY D 80 -23.11 -26.14 36.41
N VAL D 81 -22.14 -25.42 36.96
CA VAL D 81 -21.09 -24.78 36.18
C VAL D 81 -19.75 -25.13 36.82
N GLU D 82 -18.90 -25.85 36.09
CA GLU D 82 -17.61 -26.23 36.64
C GLU D 82 -16.79 -25.00 36.98
N VAL D 83 -16.04 -25.08 38.07
CA VAL D 83 -15.23 -23.97 38.56
C VAL D 83 -13.80 -24.22 38.09
N THR D 84 -13.47 -23.66 36.91
CA THR D 84 -12.14 -23.84 36.33
C THR D 84 -11.78 -22.57 35.55
N ARG D 85 -10.57 -22.55 35.00
CA ARG D 85 -10.14 -21.41 34.21
C ARG D 85 -11.06 -21.22 33.02
N ALA D 86 -11.43 -19.96 32.74
CA ALA D 86 -12.30 -19.66 31.63
C ALA D 86 -11.67 -19.98 30.27
N LYS D 87 -10.40 -20.37 30.23
CA LYS D 87 -9.76 -20.72 28.97
C LYS D 87 -10.58 -21.77 28.21
N VAL D 88 -11.21 -22.69 28.95
CA VAL D 88 -11.97 -23.76 28.32
C VAL D 88 -13.09 -23.22 27.43
N ARG D 89 -13.57 -22.00 27.69
CA ARG D 89 -14.59 -21.42 26.82
C ARG D 89 -14.16 -21.38 25.36
N ARG D 90 -12.86 -21.42 25.10
CA ARG D 90 -12.37 -21.49 23.72
C ARG D 90 -12.28 -22.91 23.20
N GLU D 91 -12.48 -23.92 24.06
CA GLU D 91 -12.27 -25.31 23.67
C GLU D 91 -13.45 -26.23 24.00
N ARG D 92 -14.53 -25.72 24.57
CA ARG D 92 -15.68 -26.54 24.94
C ARG D 92 -16.80 -26.30 23.93
N MET D 93 -17.15 -27.35 23.17
CA MET D 93 -18.18 -27.25 22.16
C MET D 93 -19.53 -27.65 22.72
N GLY D 94 -20.59 -27.04 22.18
CA GLY D 94 -21.95 -27.45 22.45
C GLY D 94 -22.53 -28.25 21.31
N HIS D 95 -23.83 -28.50 21.39
CA HIS D 95 -24.49 -29.15 20.28
C HIS D 95 -25.98 -28.88 20.34
N ILE D 96 -26.63 -29.01 19.18
CA ILE D 96 -28.07 -28.87 19.04
C ILE D 96 -28.63 -30.18 18.52
N GLU D 97 -29.73 -30.63 19.12
CA GLU D 97 -30.40 -31.86 18.70
C GLU D 97 -31.51 -31.50 17.72
N LEU D 98 -31.39 -31.96 16.48
CA LEU D 98 -32.34 -31.62 15.43
C LEU D 98 -33.63 -32.43 15.59
N ALA D 99 -34.76 -31.74 15.42
CA ALA D 99 -36.06 -32.41 15.45
C ALA D 99 -36.27 -33.31 14.24
N ALA D 100 -35.53 -33.08 13.16
CA ALA D 100 -35.59 -33.88 11.96
C ALA D 100 -34.22 -33.82 11.29
N PRO D 101 -33.73 -34.93 10.75
CA PRO D 101 -32.38 -34.91 10.18
C PRO D 101 -32.25 -33.88 9.07
N VAL D 102 -31.00 -33.48 8.82
CA VAL D 102 -30.66 -32.52 7.79
C VAL D 102 -29.47 -33.05 7.00
N THR D 103 -29.48 -32.85 5.69
CA THR D 103 -28.33 -33.21 4.88
C THR D 103 -27.24 -32.16 5.01
N HIS D 104 -26.00 -32.62 5.10
CA HIS D 104 -24.86 -31.71 5.13
C HIS D 104 -24.68 -31.09 3.76
N ILE D 105 -25.05 -29.82 3.61
CA ILE D 105 -25.12 -29.21 2.29
C ILE D 105 -23.82 -29.39 1.51
N TRP D 106 -22.70 -29.56 2.21
CA TRP D 106 -21.44 -29.85 1.52
C TRP D 106 -21.58 -31.05 0.61
N TYR D 107 -22.25 -32.10 1.08
CA TYR D 107 -22.29 -33.35 0.34
C TYR D 107 -23.46 -33.44 -0.63
N PHE D 108 -24.49 -32.63 -0.46
CA PHE D 108 -25.58 -32.58 -1.45
C PHE D 108 -25.27 -31.59 -2.56
N LYS D 109 -25.05 -30.33 -2.20
CA LYS D 109 -24.85 -29.28 -3.19
C LYS D 109 -23.40 -29.20 -3.68
N GLY D 110 -22.49 -29.95 -3.07
CA GLY D 110 -21.09 -29.91 -3.46
C GLY D 110 -20.81 -30.68 -4.72
N VAL D 111 -20.59 -29.97 -5.82
CA VAL D 111 -20.42 -30.60 -7.14
C VAL D 111 -19.09 -31.32 -7.21
N PRO D 112 -19.06 -32.62 -7.54
CA PRO D 112 -20.24 -33.45 -7.84
C PRO D 112 -20.95 -33.94 -6.59
N SER D 113 -22.28 -33.89 -6.59
CA SER D 113 -23.05 -34.17 -5.38
C SER D 113 -22.71 -35.55 -4.83
N ARG D 114 -22.04 -35.58 -3.68
CA ARG D 114 -21.65 -36.85 -3.09
C ARG D 114 -22.87 -37.72 -2.80
N LEU D 115 -23.96 -37.12 -2.33
CA LEU D 115 -25.20 -37.86 -2.14
C LEU D 115 -25.66 -38.48 -3.46
N GLY D 116 -25.67 -37.69 -4.52
CA GLY D 116 -26.04 -38.19 -5.82
C GLY D 116 -25.23 -39.41 -6.23
N TYR D 117 -23.91 -39.27 -6.27
CA TYR D 117 -23.06 -40.38 -6.66
C TYR D 117 -23.20 -41.57 -5.72
N LEU D 118 -23.55 -41.32 -4.46
CA LEU D 118 -23.63 -42.42 -3.50
C LEU D 118 -24.93 -43.20 -3.68
N LEU D 119 -26.03 -42.52 -3.99
CA LEU D 119 -27.32 -43.15 -4.24
C LEU D 119 -27.66 -43.20 -5.72
N ASP D 120 -26.79 -42.73 -6.59
CA ASP D 120 -27.04 -42.70 -8.03
C ASP D 120 -28.33 -41.95 -8.35
N LEU D 121 -28.47 -40.76 -7.75
CA LEU D 121 -29.62 -39.90 -7.99
C LEU D 121 -29.16 -38.61 -8.66
N ALA D 122 -29.96 -38.14 -9.61
CA ALA D 122 -29.65 -36.90 -10.29
C ALA D 122 -29.71 -35.76 -9.28
N PRO D 123 -28.70 -34.87 -9.25
CA PRO D 123 -28.72 -33.79 -8.25
C PRO D 123 -30.03 -33.04 -8.19
N LYS D 124 -30.69 -32.81 -9.33
CA LYS D 124 -31.94 -32.06 -9.31
C LYS D 124 -33.04 -32.85 -8.59
N ASP D 125 -33.13 -34.16 -8.86
CA ASP D 125 -34.07 -34.99 -8.12
C ASP D 125 -33.71 -35.03 -6.64
N LEU D 126 -32.41 -35.12 -6.33
CA LEU D 126 -31.97 -35.10 -4.94
C LEU D 126 -32.44 -33.83 -4.25
N GLU D 127 -32.38 -32.69 -4.94
CA GLU D 127 -32.89 -31.45 -4.37
C GLU D 127 -34.39 -31.54 -4.16
N LYS D 128 -35.14 -31.90 -5.21
CA LYS D 128 -36.58 -32.05 -5.07
C LYS D 128 -36.92 -32.88 -3.83
N ILE D 129 -36.15 -33.93 -3.59
CA ILE D 129 -36.38 -34.77 -2.42
C ILE D 129 -36.10 -34.00 -1.14
N ILE D 130 -34.91 -33.41 -1.05
CA ILE D 130 -34.42 -32.88 0.22
C ILE D 130 -35.25 -31.68 0.67
N TYR D 131 -35.70 -30.85 -0.28
CA TYR D 131 -36.39 -29.62 0.06
C TYR D 131 -37.89 -29.71 -0.17
N PHE D 132 -38.45 -30.92 -0.18
CA PHE D 132 -39.89 -31.14 0.01
C PHE D 132 -40.72 -30.68 -1.19
N ALA D 133 -40.23 -30.95 -2.39
CA ALA D 133 -41.01 -30.73 -3.61
C ALA D 133 -41.41 -32.04 -4.29
N ALA D 134 -41.10 -33.18 -3.67
CA ALA D 134 -41.37 -34.48 -4.27
C ALA D 134 -41.15 -35.56 -3.24
N TYR D 135 -42.00 -36.59 -3.26
CA TYR D 135 -41.83 -37.75 -2.40
C TYR D 135 -40.87 -38.75 -3.03
N VAL D 136 -40.26 -39.57 -2.19
CA VAL D 136 -39.39 -40.65 -2.65
C VAL D 136 -39.79 -41.93 -1.93
N ILE D 137 -39.60 -43.05 -2.62
CA ILE D 137 -40.03 -44.35 -2.15
C ILE D 137 -38.89 -44.99 -1.36
N THR D 138 -39.08 -45.13 -0.05
CA THR D 138 -38.02 -45.65 0.82
C THR D 138 -37.81 -47.14 0.62
N SER D 139 -38.89 -47.92 0.58
CA SER D 139 -38.81 -49.37 0.42
C SER D 139 -40.18 -49.92 0.05
N VAL D 140 -40.17 -51.02 -0.70
CA VAL D 140 -41.38 -51.66 -1.20
C VAL D 140 -41.43 -53.08 -0.67
N ASP D 141 -42.60 -53.50 -0.17
CA ASP D 141 -42.82 -54.86 0.31
C ASP D 141 -43.22 -55.72 -0.88
N GLU D 142 -42.24 -56.41 -1.45
CA GLU D 142 -42.50 -57.11 -2.72
C GLU D 142 -43.30 -58.38 -2.51
N GLU D 143 -43.07 -59.08 -1.40
CA GLU D 143 -43.80 -60.33 -1.16
C GLU D 143 -45.29 -60.08 -0.98
N MET D 144 -45.64 -59.12 -0.11
CA MET D 144 -47.05 -58.81 0.09
C MET D 144 -47.70 -58.37 -1.22
N ARG D 145 -47.01 -57.55 -2.01
CA ARG D 145 -47.56 -57.12 -3.28
C ARG D 145 -47.78 -58.31 -4.21
N HIS D 146 -46.84 -59.24 -4.26
CA HIS D 146 -47.01 -60.42 -5.10
C HIS D 146 -48.18 -61.28 -4.63
N ASN D 147 -48.37 -61.36 -3.31
CA ASN D 147 -49.43 -62.20 -2.78
C ASN D 147 -50.81 -61.59 -2.96
N GLU D 148 -50.92 -60.27 -3.04
CA GLU D 148 -52.21 -59.62 -3.20
C GLU D 148 -52.41 -59.01 -4.58
N LEU D 149 -51.48 -59.25 -5.52
CA LEU D 149 -51.61 -58.66 -6.84
C LEU D 149 -52.89 -59.10 -7.53
N SER D 150 -53.26 -60.37 -7.40
CA SER D 150 -54.50 -60.85 -8.01
C SER D 150 -55.68 -59.99 -7.59
N THR D 151 -55.93 -59.90 -6.28
CA THR D 151 -57.07 -59.14 -5.78
C THR D 151 -56.97 -57.66 -6.12
N LEU D 152 -55.75 -57.11 -6.11
CA LEU D 152 -55.60 -55.69 -6.37
C LEU D 152 -55.90 -55.36 -7.83
N GLU D 153 -55.34 -56.15 -8.75
CA GLU D 153 -55.67 -55.99 -10.16
C GLU D 153 -57.14 -56.22 -10.42
N ALA D 154 -57.77 -57.14 -9.69
CA ALA D 154 -59.20 -57.36 -9.85
C ALA D 154 -59.99 -56.10 -9.47
N GLU D 155 -59.71 -55.55 -8.29
CA GLU D 155 -60.41 -54.35 -7.87
C GLU D 155 -60.14 -53.19 -8.84
N MET D 156 -58.93 -53.10 -9.36
CA MET D 156 -58.60 -52.09 -10.36
C MET D 156 -59.45 -52.26 -11.61
N ALA D 157 -59.55 -53.49 -12.10
CA ALA D 157 -60.36 -53.76 -13.28
C ALA D 157 -61.82 -53.37 -13.04
N VAL D 158 -62.35 -53.70 -11.86
CA VAL D 158 -63.74 -53.37 -11.56
C VAL D 158 -63.94 -51.87 -11.50
N GLU D 159 -62.98 -51.14 -10.93
CA GLU D 159 -63.08 -49.68 -10.88
C GLU D 159 -63.10 -49.08 -12.28
N ARG D 160 -62.17 -49.54 -13.13
CA ARG D 160 -62.17 -49.06 -14.51
C ARG D 160 -63.47 -49.38 -15.21
N LYS D 161 -64.04 -50.56 -14.93
CA LYS D 161 -65.31 -50.93 -15.56
C LYS D 161 -66.43 -49.99 -15.12
N ALA D 162 -66.47 -49.66 -13.83
CA ALA D 162 -67.47 -48.71 -13.35
C ALA D 162 -67.34 -47.38 -14.07
N VAL D 163 -66.10 -46.90 -14.25
CA VAL D 163 -65.88 -45.64 -14.96
C VAL D 163 -66.38 -45.73 -16.40
N GLU D 164 -66.09 -46.85 -17.08
CA GLU D 164 -66.49 -46.99 -18.47
C GLU D 164 -68.01 -47.07 -18.61
N ASP D 165 -68.66 -47.82 -17.71
CA ASP D 165 -70.11 -47.87 -17.70
C ASP D 165 -70.72 -46.48 -17.52
N GLN D 166 -70.20 -45.71 -16.55
CA GLN D 166 -70.68 -44.35 -16.37
C GLN D 166 -70.55 -43.54 -17.65
N ARG D 167 -69.38 -43.60 -18.29
CA ARG D 167 -69.17 -42.83 -19.51
C ARG D 167 -70.18 -43.21 -20.58
N ASP D 168 -70.40 -44.52 -20.76
CA ASP D 168 -71.30 -44.97 -21.81
C ASP D 168 -72.74 -44.54 -21.52
N GLY D 169 -73.16 -44.62 -20.27
CA GLY D 169 -74.50 -44.16 -19.91
C GLY D 169 -74.68 -42.68 -20.15
N GLU D 170 -73.69 -41.87 -19.76
CA GLU D 170 -73.76 -40.43 -20.02
C GLU D 170 -73.84 -40.14 -21.52
N LEU D 171 -73.00 -40.82 -22.30
CA LEU D 171 -72.99 -40.55 -23.74
C LEU D 171 -74.31 -40.95 -24.38
N GLU D 172 -74.87 -42.09 -23.98
CA GLU D 172 -76.16 -42.52 -24.53
C GLU D 172 -77.26 -41.53 -24.16
N ALA D 173 -77.29 -41.10 -22.90
CA ALA D 173 -78.27 -40.11 -22.49
C ALA D 173 -78.15 -38.84 -23.32
N ARG D 174 -76.93 -38.29 -23.43
CA ARG D 174 -76.76 -37.05 -24.15
C ARG D 174 -77.09 -37.21 -25.64
N ALA D 175 -76.85 -38.40 -26.20
CA ALA D 175 -77.17 -38.61 -27.60
C ALA D 175 -78.67 -38.64 -27.84
N GLN D 176 -79.39 -39.39 -26.99
CA GLN D 176 -80.84 -39.33 -27.07
C GLN D 176 -81.34 -37.90 -26.90
N LYS D 177 -80.70 -37.14 -26.00
CA LYS D 177 -81.11 -35.76 -25.76
C LYS D 177 -80.90 -34.91 -27.01
N LEU D 178 -79.76 -35.05 -27.67
CA LEU D 178 -79.50 -34.26 -28.88
C LEU D 178 -80.48 -34.64 -29.98
N GLU D 179 -80.81 -35.93 -30.11
CA GLU D 179 -81.81 -36.33 -31.10
C GLU D 179 -83.15 -35.68 -30.79
N ALA D 180 -83.56 -35.70 -29.52
CA ALA D 180 -84.84 -35.10 -29.13
C ALA D 180 -84.83 -33.59 -29.35
N ASP D 181 -83.70 -32.94 -29.08
CA ASP D 181 -83.63 -31.49 -29.22
C ASP D 181 -83.63 -31.07 -30.69
N LEU D 182 -82.94 -31.83 -31.54
CA LEU D 182 -82.99 -31.55 -32.97
C LEU D 182 -84.39 -31.82 -33.52
N ALA D 183 -85.09 -32.82 -32.98
CA ALA D 183 -86.49 -33.01 -33.34
C ALA D 183 -87.33 -31.81 -32.91
N GLU D 184 -87.11 -31.31 -31.69
CA GLU D 184 -87.77 -30.09 -31.25
C GLU D 184 -87.56 -28.97 -32.24
N LEU D 185 -86.29 -28.74 -32.62
CA LEU D 185 -85.96 -27.64 -33.53
C LEU D 185 -86.64 -27.82 -34.89
N GLU D 186 -86.63 -29.04 -35.43
CA GLU D 186 -87.30 -29.30 -36.69
C GLU D 186 -88.82 -29.18 -36.56
N ALA D 187 -89.36 -29.31 -35.35
CA ALA D 187 -90.81 -29.17 -35.17
C ALA D 187 -91.28 -27.78 -35.58
N GLU D 188 -90.60 -26.74 -35.09
CA GLU D 188 -90.92 -25.37 -35.45
C GLU D 188 -90.11 -24.96 -36.67
N GLY D 189 -90.13 -23.67 -37.01
CA GLY D 189 -89.31 -23.18 -38.11
C GLY D 189 -87.83 -23.34 -37.80
N ALA D 190 -87.19 -24.29 -38.49
CA ALA D 190 -85.82 -24.68 -38.18
C ALA D 190 -84.87 -24.09 -39.22
N LYS D 191 -84.02 -23.17 -38.79
CA LYS D 191 -82.97 -22.66 -39.66
C LYS D 191 -81.81 -23.66 -39.66
N ALA D 192 -81.52 -24.22 -40.84
CA ALA D 192 -80.47 -25.23 -40.98
C ALA D 192 -79.22 -24.82 -40.21
N ASP D 193 -78.85 -23.54 -40.30
CA ASP D 193 -77.68 -23.05 -39.59
C ASP D 193 -77.82 -23.24 -38.09
N ALA D 194 -78.97 -22.84 -37.53
CA ALA D 194 -79.16 -22.95 -36.08
C ALA D 194 -79.21 -24.41 -35.63
N ARG D 195 -79.86 -25.27 -36.42
CA ARG D 195 -79.93 -26.68 -36.07
C ARG D 195 -78.55 -27.33 -36.09
N ARG D 196 -77.73 -27.00 -37.09
CA ARG D 196 -76.38 -27.55 -37.11
C ARG D 196 -75.50 -26.93 -36.03
N LYS D 197 -75.78 -25.69 -35.63
CA LYS D 197 -75.11 -25.15 -34.45
C LYS D 197 -75.45 -25.94 -33.20
N VAL D 198 -76.72 -26.28 -33.03
CA VAL D 198 -77.13 -27.10 -31.88
C VAL D 198 -76.47 -28.47 -31.95
N ARG D 199 -76.37 -29.04 -33.16
CA ARG D 199 -75.69 -30.32 -33.32
C ARG D 199 -74.21 -30.22 -32.94
N ASP D 200 -73.55 -29.14 -33.37
CA ASP D 200 -72.15 -28.95 -33.00
C ASP D 200 -71.99 -28.79 -31.49
N GLY D 201 -72.92 -28.10 -30.85
CA GLY D 201 -72.86 -27.98 -29.40
C GLY D 201 -73.01 -29.32 -28.71
N GLY D 202 -73.99 -30.11 -29.15
CA GLY D 202 -74.17 -31.43 -28.57
C GLY D 202 -72.96 -32.34 -28.79
N GLU D 203 -72.36 -32.27 -29.98
CA GLU D 203 -71.19 -33.08 -30.26
C GLU D 203 -69.99 -32.63 -29.41
N ARG D 204 -69.86 -31.32 -29.20
CA ARG D 204 -68.79 -30.84 -28.32
C ARG D 204 -69.02 -31.30 -26.89
N GLU D 205 -70.28 -31.33 -26.44
CA GLU D 205 -70.58 -31.82 -25.10
C GLU D 205 -70.23 -33.30 -24.97
N MET D 206 -70.62 -34.11 -25.96
CA MET D 206 -70.26 -35.53 -25.94
C MET D 206 -68.74 -35.71 -25.94
N ARG D 207 -68.03 -34.89 -26.73
CA ARG D 207 -66.57 -34.92 -26.69
C ARG D 207 -66.06 -34.65 -25.29
N GLN D 208 -66.61 -33.63 -24.62
CA GLN D 208 -66.14 -33.29 -23.29
C GLN D 208 -66.41 -34.43 -22.32
N ILE D 209 -67.57 -35.08 -22.43
CA ILE D 209 -67.88 -36.22 -21.57
C ILE D 209 -66.86 -37.34 -21.78
N ARG D 210 -66.63 -37.71 -23.04
CA ARG D 210 -65.66 -38.77 -23.33
C ARG D 210 -64.28 -38.39 -22.82
N ASP D 211 -63.90 -37.12 -22.96
CA ASP D 211 -62.56 -36.71 -22.56
C ASP D 211 -62.42 -36.72 -21.05
N ARG D 212 -63.46 -36.33 -20.33
CA ARG D 212 -63.47 -36.46 -18.88
C ARG D 212 -63.28 -37.92 -18.46
N ALA D 213 -64.10 -38.80 -19.02
CA ALA D 213 -63.97 -40.22 -18.69
C ALA D 213 -62.58 -40.73 -19.01
N GLN D 214 -62.01 -40.30 -20.14
CA GLN D 214 -60.69 -40.76 -20.54
C GLN D 214 -59.62 -40.24 -19.60
N ARG D 215 -59.76 -39.00 -19.12
CA ARG D 215 -58.83 -38.48 -18.13
C ARG D 215 -58.85 -39.35 -16.89
N GLU D 216 -60.04 -39.70 -16.40
CA GLU D 216 -60.11 -40.54 -15.21
C GLU D 216 -59.49 -41.91 -15.47
N LEU D 217 -59.77 -42.50 -16.64
CA LEU D 217 -59.23 -43.81 -16.96
C LEU D 217 -57.70 -43.78 -17.03
N ASP D 218 -57.14 -42.72 -17.63
CA ASP D 218 -55.69 -42.62 -17.70
C ASP D 218 -55.07 -42.36 -16.33
N ARG D 219 -55.75 -41.60 -15.46
CA ARG D 219 -55.26 -41.44 -14.10
C ARG D 219 -55.18 -42.79 -13.40
N LEU D 220 -56.25 -43.58 -13.49
CA LEU D 220 -56.24 -44.90 -12.87
C LEU D 220 -55.15 -45.78 -13.48
N GLU D 221 -54.95 -45.69 -14.80
CA GLU D 221 -53.91 -46.47 -15.44
C GLU D 221 -52.54 -46.11 -14.89
N ASP D 222 -52.26 -44.81 -14.75
CA ASP D 222 -50.98 -44.38 -14.19
C ASP D 222 -50.82 -44.88 -12.76
N ILE D 223 -51.87 -44.76 -11.95
CA ILE D 223 -51.82 -45.26 -10.57
C ILE D 223 -51.42 -46.73 -10.56
N TRP D 224 -52.10 -47.54 -11.37
CA TRP D 224 -51.86 -48.98 -11.36
C TRP D 224 -50.44 -49.29 -11.83
N SER D 225 -50.01 -48.69 -12.94
CA SER D 225 -48.67 -48.95 -13.44
C SER D 225 -47.62 -48.56 -12.40
N THR D 226 -47.79 -47.41 -11.77
CA THR D 226 -46.83 -46.93 -10.79
C THR D 226 -46.75 -47.87 -9.60
N PHE D 227 -47.90 -48.26 -9.07
CA PHE D 227 -47.88 -49.21 -7.96
C PHE D 227 -47.22 -50.53 -8.35
N THR D 228 -47.52 -51.01 -9.57
CA THR D 228 -46.98 -52.29 -9.99
C THR D 228 -45.47 -52.24 -10.19
N LYS D 229 -44.95 -51.10 -10.62
CA LYS D 229 -43.51 -50.94 -10.82
C LYS D 229 -42.82 -50.23 -9.67
N LEU D 230 -43.56 -49.85 -8.64
CA LEU D 230 -42.99 -49.12 -7.50
C LEU D 230 -41.75 -49.83 -6.96
N ALA D 231 -40.75 -49.04 -6.60
CA ALA D 231 -39.51 -49.56 -6.06
C ALA D 231 -38.79 -48.44 -5.32
N PRO D 232 -37.70 -48.74 -4.63
CA PRO D 232 -36.98 -47.69 -3.90
C PRO D 232 -36.19 -46.78 -4.84
N LYS D 233 -36.03 -45.53 -4.42
CA LYS D 233 -35.34 -44.45 -5.13
C LYS D 233 -36.20 -43.84 -6.22
N GLN D 234 -37.46 -44.26 -6.39
CA GLN D 234 -38.35 -43.62 -7.34
C GLN D 234 -38.94 -42.36 -6.73
N LEU D 235 -39.02 -41.31 -7.55
CA LEU D 235 -39.57 -40.03 -7.12
C LEU D 235 -41.00 -39.89 -7.62
N ILE D 236 -41.89 -39.46 -6.73
CA ILE D 236 -43.29 -39.20 -7.05
C ILE D 236 -43.53 -37.71 -6.85
N VAL D 237 -43.68 -36.98 -7.97
CA VAL D 237 -43.74 -35.53 -7.92
C VAL D 237 -45.16 -35.00 -7.83
N ASP D 238 -46.18 -35.83 -8.00
CA ASP D 238 -47.57 -35.39 -8.00
C ASP D 238 -48.19 -35.68 -6.65
N GLU D 239 -48.56 -34.63 -5.92
CA GLU D 239 -49.23 -34.79 -4.64
C GLU D 239 -50.44 -35.70 -4.77
N ASN D 240 -51.31 -35.42 -5.74
CA ASN D 240 -52.51 -36.23 -5.89
C ASN D 240 -52.16 -37.67 -6.19
N LEU D 241 -51.17 -37.90 -7.05
CA LEU D 241 -50.81 -39.27 -7.41
C LEU D 241 -50.24 -40.02 -6.20
N TYR D 242 -49.38 -39.37 -5.42
CA TYR D 242 -48.84 -40.02 -4.24
C TYR D 242 -49.96 -40.33 -3.24
N ARG D 243 -50.85 -39.37 -3.00
CA ARG D 243 -51.91 -39.61 -2.02
C ARG D 243 -52.88 -40.69 -2.50
N GLU D 244 -53.11 -40.78 -3.81
CA GLU D 244 -53.87 -41.91 -4.33
C GLU D 244 -53.15 -43.22 -4.06
N LEU D 245 -51.85 -43.26 -4.36
CA LEU D 245 -51.06 -44.44 -4.03
C LEU D 245 -51.04 -44.73 -2.54
N VAL D 246 -51.42 -43.78 -1.69
CA VAL D 246 -51.46 -44.05 -0.25
C VAL D 246 -52.82 -44.56 0.19
N ASP D 247 -53.92 -43.95 -0.28
CA ASP D 247 -55.24 -44.42 0.10
C ASP D 247 -55.38 -45.92 -0.14
N ARG D 248 -54.88 -46.39 -1.27
CA ARG D 248 -54.80 -47.80 -1.60
C ARG D 248 -53.34 -48.19 -1.75
N TYR D 249 -53.01 -49.44 -1.43
CA TYR D 249 -51.65 -49.94 -1.55
C TYR D 249 -50.74 -49.38 -0.45
N GLY D 250 -51.26 -48.44 0.34
CA GLY D 250 -50.44 -47.79 1.35
C GLY D 250 -49.77 -48.77 2.28
N GLU D 251 -50.48 -49.84 2.66
CA GLU D 251 -49.91 -50.84 3.55
C GLU D 251 -48.78 -51.62 2.91
N TYR D 252 -48.54 -51.43 1.61
CA TYR D 252 -47.59 -52.27 0.87
C TYR D 252 -46.23 -51.63 0.66
N PHE D 253 -46.12 -50.30 0.75
CA PHE D 253 -44.86 -49.61 0.55
C PHE D 253 -44.70 -48.52 1.60
N THR D 254 -43.52 -47.89 1.59
CA THR D 254 -43.22 -46.75 2.45
C THR D 254 -42.59 -45.65 1.62
N GLY D 255 -43.05 -44.42 1.84
CA GLY D 255 -42.53 -43.29 1.09
C GLY D 255 -42.67 -42.01 1.88
N ALA D 256 -41.85 -41.03 1.51
CA ALA D 256 -41.89 -39.74 2.20
C ALA D 256 -40.91 -38.79 1.50
N MET D 257 -41.02 -37.51 1.85
CA MET D 257 -40.13 -36.49 1.35
C MET D 257 -39.31 -35.93 2.50
N GLY D 258 -38.16 -35.34 2.16
CA GLY D 258 -37.31 -34.74 3.19
C GLY D 258 -35.94 -35.37 3.35
N ALA D 259 -35.24 -35.04 4.45
CA ALA D 259 -33.91 -35.60 4.68
C ALA D 259 -33.98 -36.97 5.31
N GLU D 260 -34.95 -37.19 6.21
CA GLU D 260 -35.18 -38.53 6.75
C GLU D 260 -35.29 -39.55 5.62
N SER D 261 -35.85 -39.14 4.49
CA SER D 261 -35.92 -40.01 3.32
C SER D 261 -34.53 -40.44 2.87
N ILE D 262 -33.60 -39.48 2.74
CA ILE D 262 -32.26 -39.82 2.31
C ILE D 262 -31.55 -40.64 3.38
N GLN D 263 -31.83 -40.38 4.65
CA GLN D 263 -31.27 -41.18 5.72
C GLN D 263 -31.67 -42.64 5.56
N LYS D 264 -32.95 -42.88 5.28
CA LYS D 264 -33.42 -44.24 5.07
C LYS D 264 -32.77 -44.86 3.83
N LEU D 265 -32.80 -44.13 2.71
CA LEU D 265 -32.15 -44.63 1.51
C LEU D 265 -30.71 -45.01 1.75
N ILE D 266 -30.04 -44.31 2.66
CA ILE D 266 -28.65 -44.65 2.99
C ILE D 266 -28.60 -45.88 3.89
N GLU D 267 -29.54 -46.00 4.81
CA GLU D 267 -29.61 -47.20 5.64
C GLU D 267 -29.76 -48.44 4.77
N ASN D 268 -30.83 -48.50 3.97
CA ASN D 268 -31.07 -49.63 3.07
C ASN D 268 -30.16 -49.52 1.84
N PHE D 269 -28.86 -49.50 2.12
CA PHE D 269 -27.86 -49.30 1.08
C PHE D 269 -26.71 -50.27 1.32
N ASP D 270 -26.52 -51.20 0.38
CA ASP D 270 -25.43 -52.15 0.42
C ASP D 270 -24.25 -51.54 -0.32
N ILE D 271 -23.20 -51.16 0.41
CA ILE D 271 -22.07 -50.46 -0.19
C ILE D 271 -21.25 -51.42 -1.03
N ASP D 272 -20.94 -52.61 -0.50
CA ASP D 272 -20.16 -53.59 -1.26
C ASP D 272 -20.90 -54.00 -2.52
N ALA D 273 -22.21 -54.22 -2.42
CA ALA D 273 -23.00 -54.59 -3.58
C ALA D 273 -22.86 -53.54 -4.67
N GLU D 274 -23.11 -52.27 -4.35
CA GLU D 274 -23.01 -51.20 -5.33
C GLU D 274 -21.60 -51.10 -5.91
N ALA D 275 -20.58 -51.21 -5.04
CA ALA D 275 -19.21 -51.06 -5.51
C ALA D 275 -18.85 -52.14 -6.53
N GLU D 276 -19.15 -53.40 -6.22
CA GLU D 276 -18.74 -54.48 -7.12
C GLU D 276 -19.63 -54.52 -8.36
N SER D 277 -20.93 -54.24 -8.22
CA SER D 277 -21.79 -54.15 -9.40
C SER D 277 -21.43 -52.98 -10.28
N LEU D 278 -20.76 -51.96 -9.74
CA LEU D 278 -20.28 -50.85 -10.55
C LEU D 278 -18.96 -51.20 -11.22
N ARG D 279 -18.10 -51.96 -10.53
CA ARG D 279 -16.88 -52.45 -11.17
C ARG D 279 -17.20 -53.38 -12.34
N ASP D 280 -18.20 -54.23 -12.18
CA ASP D 280 -18.60 -55.13 -13.26
C ASP D 280 -18.95 -54.35 -14.52
N VAL D 281 -19.71 -53.26 -14.38
CA VAL D 281 -20.10 -52.47 -15.54
C VAL D 281 -18.99 -51.52 -15.97
N ILE D 282 -18.02 -51.23 -15.11
CA ILE D 282 -16.89 -50.40 -15.52
C ILE D 282 -15.93 -51.21 -16.39
N ARG D 283 -15.82 -52.51 -16.16
CA ARG D 283 -15.03 -53.36 -17.05
C ARG D 283 -15.86 -53.97 -18.17
N ASN D 284 -17.19 -53.95 -18.06
CA ASN D 284 -18.04 -54.45 -19.14
C ASN D 284 -17.80 -53.69 -20.43
N GLY D 285 -18.10 -52.39 -20.43
CA GLY D 285 -18.03 -51.59 -21.64
C GLY D 285 -17.07 -50.42 -21.55
N LYS D 286 -17.39 -49.34 -22.25
CA LYS D 286 -16.50 -48.18 -22.33
C LYS D 286 -17.24 -47.04 -23.00
N GLY D 287 -17.10 -45.84 -22.44
CA GLY D 287 -17.75 -44.66 -22.97
C GLY D 287 -18.33 -43.75 -21.90
N GLN D 288 -19.41 -43.05 -22.23
CA GLN D 288 -20.05 -42.16 -21.26
C GLN D 288 -20.52 -42.94 -20.04
N LYS D 289 -21.09 -44.13 -20.27
CA LYS D 289 -21.52 -44.95 -19.14
C LYS D 289 -20.34 -45.42 -18.31
N LYS D 290 -19.20 -45.71 -18.95
CA LYS D 290 -18.01 -46.09 -18.19
C LYS D 290 -17.43 -44.91 -17.42
N LEU D 291 -17.51 -43.70 -17.97
CA LEU D 291 -17.08 -42.52 -17.22
C LEU D 291 -17.98 -42.31 -16.00
N ARG D 292 -19.30 -42.41 -16.20
CA ARG D 292 -20.22 -42.37 -15.07
C ARG D 292 -19.85 -43.41 -14.04
N ALA D 293 -19.49 -44.62 -14.49
CA ALA D 293 -19.10 -45.68 -13.58
C ALA D 293 -17.88 -45.28 -12.76
N LEU D 294 -16.82 -44.83 -13.43
CA LEU D 294 -15.59 -44.48 -12.72
C LEU D 294 -15.84 -43.38 -11.70
N LYS D 295 -16.55 -42.32 -12.12
CA LYS D 295 -16.84 -41.22 -11.21
C LYS D 295 -17.67 -41.70 -10.02
N ARG D 296 -18.85 -42.27 -10.28
CA ARG D 296 -19.71 -42.74 -9.20
C ARG D 296 -19.07 -43.86 -8.40
N LEU D 297 -17.97 -44.44 -8.87
CA LEU D 297 -17.24 -45.46 -8.13
C LEU D 297 -16.22 -44.87 -7.18
N LYS D 298 -15.58 -43.75 -7.55
CA LYS D 298 -14.58 -43.16 -6.67
C LYS D 298 -15.15 -42.94 -5.26
N VAL D 299 -16.33 -42.34 -5.17
CA VAL D 299 -16.91 -42.00 -3.86
C VAL D 299 -17.36 -43.25 -3.12
N VAL D 300 -18.01 -44.19 -3.81
CA VAL D 300 -18.47 -45.40 -3.15
C VAL D 300 -17.28 -46.21 -2.63
N ALA D 301 -16.19 -46.24 -3.40
CA ALA D 301 -15.00 -46.98 -2.97
C ALA D 301 -14.32 -46.29 -1.79
N ALA D 302 -14.31 -44.95 -1.79
CA ALA D 302 -13.81 -44.24 -0.61
C ALA D 302 -14.63 -44.61 0.63
N PHE D 303 -15.96 -44.54 0.51
CA PHE D 303 -16.80 -44.90 1.65
C PHE D 303 -16.60 -46.35 2.07
N GLN D 304 -16.30 -47.23 1.13
CA GLN D 304 -16.06 -48.64 1.46
C GLN D 304 -14.76 -48.80 2.23
N GLN D 305 -13.65 -48.32 1.66
CA GLN D 305 -12.33 -48.58 2.23
C GLN D 305 -12.01 -47.73 3.44
N SER D 306 -12.77 -46.65 3.68
CA SER D 306 -12.44 -45.74 4.78
C SER D 306 -13.00 -46.17 6.12
N GLY D 307 -14.01 -47.05 6.13
CA GLY D 307 -14.72 -47.28 7.37
C GLY D 307 -15.62 -46.14 7.79
N ASN D 308 -15.85 -45.18 6.92
CA ASN D 308 -16.75 -44.05 7.16
C ASN D 308 -18.13 -44.43 6.63
N SER D 309 -19.03 -44.78 7.52
CA SER D 309 -20.39 -45.12 7.11
C SER D 309 -21.02 -43.90 6.43
N PRO D 310 -21.49 -44.02 5.19
CA PRO D 310 -22.08 -42.86 4.50
C PRO D 310 -23.15 -42.16 5.33
N MET D 311 -23.67 -42.84 6.35
CA MET D 311 -24.68 -42.25 7.21
C MET D 311 -24.27 -40.88 7.71
N GLY D 312 -22.95 -40.63 7.82
CA GLY D 312 -22.49 -39.34 8.32
C GLY D 312 -23.06 -38.17 7.53
N MET D 313 -23.22 -38.34 6.22
CA MET D 313 -23.66 -37.24 5.36
C MET D 313 -25.00 -36.65 5.80
N VAL D 314 -25.75 -37.35 6.64
CA VAL D 314 -26.98 -36.82 7.21
C VAL D 314 -26.77 -36.64 8.70
N LEU D 315 -27.22 -35.51 9.21
CA LEU D 315 -26.96 -35.12 10.60
C LEU D 315 -28.25 -35.11 11.38
N ASP D 316 -28.22 -35.70 12.56
CA ASP D 316 -29.29 -35.55 13.53
C ASP D 316 -28.92 -34.62 14.67
N ALA D 317 -27.67 -34.18 14.74
CA ALA D 317 -27.23 -33.24 15.76
C ALA D 317 -26.13 -32.38 15.19
N VAL D 318 -26.24 -31.07 15.38
CA VAL D 318 -25.27 -30.10 14.87
C VAL D 318 -24.31 -29.70 15.98
N PRO D 319 -23.02 -29.50 15.69
CA PRO D 319 -22.09 -29.03 16.72
C PRO D 319 -22.02 -27.51 16.78
N VAL D 320 -21.91 -26.99 18.00
CA VAL D 320 -21.87 -25.56 18.26
C VAL D 320 -20.45 -25.19 18.69
N ILE D 321 -19.87 -24.20 18.02
CA ILE D 321 -18.48 -23.82 18.25
C ILE D 321 -18.39 -23.00 19.54
N PRO D 322 -17.29 -23.11 20.29
CA PRO D 322 -17.18 -22.38 21.55
C PRO D 322 -17.46 -20.91 21.37
N PRO D 323 -18.04 -20.25 22.38
CA PRO D 323 -18.39 -18.83 22.23
C PRO D 323 -17.19 -17.92 21.98
N GLU D 324 -16.02 -18.24 22.53
CA GLU D 324 -14.87 -17.38 22.33
C GLU D 324 -14.49 -17.26 20.86
N LEU D 325 -14.82 -18.26 20.05
CA LEU D 325 -14.52 -18.22 18.62
C LEU D 325 -15.60 -17.53 17.81
N ARG D 326 -16.69 -17.13 18.45
CA ARG D 326 -17.73 -16.29 17.85
C ARG D 326 -18.09 -15.21 18.85
N PRO D 327 -17.13 -14.37 19.23
CA PRO D 327 -17.28 -13.53 20.41
C PRO D 327 -18.41 -12.52 20.24
N MET D 328 -18.78 -11.93 21.38
CA MET D 328 -19.76 -10.87 21.47
C MET D 328 -19.15 -9.73 22.28
N VAL D 329 -19.37 -8.49 21.84
CA VAL D 329 -18.86 -7.32 22.56
C VAL D 329 -19.92 -6.23 22.47
N GLN D 330 -19.69 -5.15 23.22
CA GLN D 330 -20.52 -3.96 23.11
C GLN D 330 -19.61 -2.78 22.78
N LEU D 331 -20.04 -1.96 21.83
CA LEU D 331 -19.26 -0.82 21.36
C LEU D 331 -19.72 0.44 22.07
N ASP D 332 -19.04 1.55 21.79
CA ASP D 332 -19.45 2.82 22.33
C ASP D 332 -20.88 3.13 21.87
N GLY D 333 -21.82 3.11 22.80
CA GLY D 333 -23.21 3.36 22.46
C GLY D 333 -24.18 2.35 23.04
N GLY D 334 -23.67 1.41 23.84
CA GLY D 334 -24.48 0.37 24.43
C GLY D 334 -24.91 -0.72 23.46
N ARG D 335 -24.85 -0.46 22.16
CA ARG D 335 -25.16 -1.47 21.17
C ARG D 335 -24.15 -2.62 21.25
N PHE D 336 -24.56 -3.77 20.75
CA PHE D 336 -23.73 -4.96 20.77
C PHE D 336 -23.37 -5.40 19.36
N ALA D 337 -22.20 -6.00 19.24
CA ALA D 337 -21.74 -6.63 18.01
C ALA D 337 -21.42 -8.09 18.29
N THR D 338 -21.79 -8.95 17.33
CA THR D 338 -21.57 -10.38 17.46
C THR D 338 -21.10 -10.93 16.12
N SER D 339 -20.55 -12.14 16.16
CA SER D 339 -20.14 -12.81 14.94
C SER D 339 -21.37 -13.33 14.20
N ASP D 340 -21.32 -13.28 12.87
CA ASP D 340 -22.40 -13.80 12.03
C ASP D 340 -22.85 -15.16 12.52
N LEU D 341 -21.86 -15.99 12.88
CA LEU D 341 -22.12 -17.33 13.39
C LEU D 341 -23.30 -17.30 14.37
N ASN D 342 -23.15 -16.54 15.45
CA ASN D 342 -24.19 -16.48 16.46
C ASN D 342 -25.58 -16.28 15.84
N ASP D 343 -25.68 -15.43 14.82
CA ASP D 343 -26.99 -15.19 14.22
C ASP D 343 -27.48 -16.41 13.45
N LEU D 344 -26.59 -17.07 12.71
CA LEU D 344 -27.00 -18.29 12.00
C LEU D 344 -27.42 -19.39 12.99
N TYR D 345 -26.64 -19.58 14.04
CA TYR D 345 -27.00 -20.53 15.09
C TYR D 345 -28.35 -20.18 15.70
N ARG D 346 -28.60 -18.90 15.94
CA ARG D 346 -29.86 -18.48 16.53
C ARG D 346 -31.03 -18.82 15.61
N ARG D 347 -30.87 -18.58 14.31
CA ARG D 347 -31.93 -18.95 13.36
C ARG D 347 -32.17 -20.46 13.38
N VAL D 348 -31.09 -21.24 13.33
CA VAL D 348 -31.22 -22.70 13.34
C VAL D 348 -31.97 -23.15 14.59
N ILE D 349 -31.57 -22.63 15.75
CA ILE D 349 -32.14 -23.08 17.01
C ILE D 349 -33.61 -22.65 17.13
N ASN D 350 -33.92 -21.43 16.67
CA ASN D 350 -35.31 -20.97 16.69
C ASN D 350 -36.19 -21.86 15.82
N ARG D 351 -35.73 -22.15 14.60
CA ARG D 351 -36.54 -23.00 13.72
C ARG D 351 -36.65 -24.43 14.26
N ASN D 352 -35.60 -24.93 14.91
CA ASN D 352 -35.69 -26.26 15.52
C ASN D 352 -36.71 -26.30 16.64
N ASN D 353 -36.70 -25.29 17.52
CA ASN D 353 -37.71 -25.24 18.57
C ASN D 353 -39.11 -25.11 17.99
N ARG D 354 -39.25 -24.32 16.91
CA ARG D 354 -40.56 -24.19 16.28
C ARG D 354 -41.01 -25.51 15.68
N LEU D 355 -40.09 -26.27 15.10
CA LEU D 355 -40.44 -27.59 14.57
C LEU D 355 -40.89 -28.52 15.69
N LYS D 356 -40.19 -28.50 16.82
CA LYS D 356 -40.61 -29.30 17.96
C LYS D 356 -42.04 -28.91 18.39
N ARG D 357 -42.29 -27.61 18.54
CA ARG D 357 -43.60 -27.16 18.98
C ARG D 357 -44.69 -27.53 17.98
N LEU D 358 -44.36 -27.53 16.68
CA LEU D 358 -45.33 -27.94 15.67
C LEU D 358 -45.62 -29.44 15.76
N ILE D 359 -44.55 -30.25 15.86
CA ILE D 359 -44.74 -31.70 15.98
C ILE D 359 -45.61 -32.02 17.17
N ASP D 360 -45.42 -31.30 18.29
CA ASP D 360 -46.26 -31.55 19.45
C ASP D 360 -47.72 -31.17 19.18
N LEU D 361 -47.94 -30.00 18.56
CA LEU D 361 -49.30 -29.54 18.27
C LEU D 361 -49.96 -30.30 17.13
N GLY D 362 -49.35 -31.37 16.64
CA GLY D 362 -49.92 -32.15 15.56
C GLY D 362 -50.57 -31.30 14.48
N ALA D 363 -49.81 -30.38 13.91
CA ALA D 363 -50.32 -29.45 12.92
C ALA D 363 -50.38 -30.12 11.55
N PRO D 364 -50.97 -29.44 10.57
CA PRO D 364 -51.07 -30.02 9.22
C PRO D 364 -49.71 -30.48 8.71
N GLU D 365 -49.72 -31.56 7.93
CA GLU D 365 -48.48 -32.10 7.38
C GLU D 365 -47.74 -31.06 6.54
N ILE D 366 -48.48 -30.16 5.88
CA ILE D 366 -47.84 -29.16 5.03
C ILE D 366 -47.08 -28.15 5.88
N ILE D 367 -47.66 -27.75 7.02
CA ILE D 367 -46.99 -26.81 7.91
C ILE D 367 -45.69 -27.40 8.44
N VAL D 368 -45.75 -28.65 8.91
CA VAL D 368 -44.55 -29.29 9.45
C VAL D 368 -43.53 -29.51 8.34
N ASN D 369 -43.98 -29.80 7.12
CA ASN D 369 -43.04 -29.94 6.01
C ASN D 369 -42.36 -28.60 5.71
N ASN D 370 -43.11 -27.51 5.74
CA ASN D 370 -42.51 -26.20 5.57
C ASN D 370 -41.45 -25.95 6.64
N GLU D 371 -41.78 -26.27 7.90
CA GLU D 371 -40.83 -26.04 8.98
C GLU D 371 -39.57 -26.89 8.79
N LYS D 372 -39.73 -28.12 8.31
CA LYS D 372 -38.56 -28.96 8.08
C LYS D 372 -37.69 -28.41 6.95
N ARG D 373 -38.31 -27.95 5.86
CA ARG D 373 -37.53 -27.34 4.78
C ARG D 373 -36.79 -26.11 5.29
N MET D 374 -37.46 -25.28 6.08
CA MET D 374 -36.81 -24.10 6.64
C MET D 374 -35.63 -24.50 7.52
N LEU D 375 -35.79 -25.57 8.30
CA LEU D 375 -34.69 -26.04 9.14
C LEU D 375 -33.49 -26.47 8.29
N GLN D 376 -33.75 -27.25 7.24
CA GLN D 376 -32.67 -27.66 6.35
C GLN D 376 -31.97 -26.46 5.72
N GLU D 377 -32.76 -25.48 5.25
CA GLU D 377 -32.17 -24.29 4.64
C GLU D 377 -31.33 -23.50 5.65
N SER D 378 -31.80 -23.40 6.89
CA SER D 378 -31.06 -22.64 7.89
C SER D 378 -29.77 -23.34 8.27
N VAL D 379 -29.77 -24.66 8.32
CA VAL D 379 -28.52 -25.36 8.61
C VAL D 379 -27.55 -25.23 7.42
N ASP D 380 -28.09 -25.27 6.19
CA ASP D 380 -27.24 -25.04 5.03
C ASP D 380 -26.60 -23.66 5.09
N ALA D 381 -27.37 -22.65 5.46
CA ALA D 381 -26.79 -21.32 5.67
C ALA D 381 -25.71 -21.36 6.74
N LEU D 382 -26.03 -21.90 7.92
CA LEU D 382 -25.05 -22.00 8.99
C LEU D 382 -23.76 -22.63 8.51
N PHE D 383 -23.83 -23.56 7.56
CA PHE D 383 -22.64 -24.29 7.12
C PHE D 383 -21.94 -23.61 5.95
N ASP D 384 -22.65 -23.37 4.86
CA ASP D 384 -22.05 -22.80 3.65
C ASP D 384 -22.99 -21.76 3.04
N ASN D 385 -23.46 -20.81 3.86
CA ASN D 385 -24.43 -19.82 3.43
C ASN D 385 -24.13 -19.30 2.03
N GLY D 386 -25.20 -19.09 1.26
CA GLY D 386 -25.10 -18.67 -0.13
C GLY D 386 -24.94 -19.79 -1.13
N ARG D 387 -24.50 -20.97 -0.69
CA ARG D 387 -24.22 -22.05 -1.62
C ARG D 387 -25.49 -22.49 -2.35
N ARG D 388 -26.62 -22.59 -1.64
CA ARG D 388 -27.89 -22.93 -2.24
C ARG D 388 -28.91 -21.84 -1.95
N GLY D 389 -29.59 -21.38 -2.99
CA GLY D 389 -30.59 -20.35 -2.83
C GLY D 389 -29.95 -18.98 -2.61
N ARG D 390 -30.78 -18.05 -2.15
CA ARG D 390 -30.31 -16.72 -1.82
C ARG D 390 -29.61 -16.73 -0.46
N PRO D 391 -28.45 -16.11 -0.33
CA PRO D 391 -27.76 -16.10 0.97
C PRO D 391 -28.58 -15.39 2.03
N VAL D 392 -28.36 -15.79 3.28
CA VAL D 392 -28.99 -15.15 4.42
C VAL D 392 -28.32 -13.80 4.67
N THR D 393 -29.10 -12.74 4.72
CA THR D 393 -28.57 -11.39 4.84
C THR D 393 -28.91 -10.80 6.20
N GLY D 394 -27.96 -10.04 6.74
CA GLY D 394 -28.19 -9.23 7.91
C GLY D 394 -28.57 -7.82 7.50
N PRO D 395 -28.45 -6.87 8.43
CA PRO D 395 -28.72 -5.47 8.08
C PRO D 395 -27.78 -4.98 6.98
N GLY D 396 -28.34 -4.26 6.03
CA GLY D 396 -27.58 -3.85 4.86
C GLY D 396 -27.44 -4.90 3.78
N ASN D 397 -28.19 -6.00 3.88
CA ASN D 397 -28.15 -7.07 2.89
C ASN D 397 -26.76 -7.69 2.78
N ARG D 398 -26.01 -7.67 3.87
CA ARG D 398 -24.70 -8.31 3.87
C ARG D 398 -24.86 -9.81 4.07
N PRO D 399 -24.46 -10.64 3.11
CA PRO D 399 -24.48 -12.09 3.33
C PRO D 399 -23.63 -12.45 4.54
N LEU D 400 -24.24 -13.13 5.50
CA LEU D 400 -23.53 -13.48 6.72
C LEU D 400 -22.39 -14.44 6.41
N LYS D 401 -21.32 -14.31 7.18
CA LYS D 401 -20.15 -15.17 7.03
C LYS D 401 -20.46 -16.53 7.65
N SER D 402 -20.70 -17.52 6.81
CA SER D 402 -21.00 -18.86 7.27
C SER D 402 -19.75 -19.53 7.82
N LEU D 403 -19.91 -20.78 8.28
CA LEU D 403 -18.78 -21.52 8.82
C LEU D 403 -17.75 -21.84 7.74
N SER D 404 -18.19 -21.96 6.49
CA SER D 404 -17.24 -22.23 5.41
C SER D 404 -16.42 -20.99 5.09
N ASP D 405 -17.02 -19.81 5.23
CA ASP D 405 -16.28 -18.57 4.95
C ASP D 405 -15.05 -18.43 5.84
N LEU D 406 -15.07 -19.04 7.03
CA LEU D 406 -13.95 -18.91 7.95
C LEU D 406 -12.70 -19.64 7.46
N LEU D 407 -12.82 -20.55 6.50
CA LEU D 407 -11.65 -21.24 5.97
C LEU D 407 -11.21 -20.72 4.61
N LYS D 408 -12.10 -20.10 3.85
CA LYS D 408 -11.82 -19.75 2.47
C LYS D 408 -11.22 -18.35 2.34
N GLY D 409 -10.59 -18.10 1.19
CA GLY D 409 -10.21 -16.77 0.79
C GLY D 409 -8.85 -16.34 1.28
N LYS D 410 -8.39 -15.21 0.74
CA LYS D 410 -7.16 -14.59 1.23
C LYS D 410 -7.29 -14.19 2.69
N GLN D 411 -8.48 -13.80 3.12
CA GLN D 411 -8.72 -13.40 4.50
C GLN D 411 -9.42 -14.49 5.31
N GLY D 412 -9.44 -15.73 4.81
CA GLY D 412 -9.91 -16.85 5.58
C GLY D 412 -8.84 -17.37 6.52
N ARG D 413 -9.17 -18.44 7.23
CA ARG D 413 -8.28 -18.94 8.27
C ARG D 413 -6.91 -19.35 7.71
N PHE D 414 -6.91 -20.17 6.66
CA PHE D 414 -5.64 -20.71 6.16
C PHE D 414 -4.69 -19.60 5.73
N ARG D 415 -5.07 -18.84 4.71
CA ARG D 415 -4.14 -17.86 4.14
C ARG D 415 -3.89 -16.70 5.09
N GLN D 416 -4.86 -16.35 5.94
CA GLN D 416 -4.77 -15.12 6.73
C GLN D 416 -4.21 -15.33 8.14
N ASN D 417 -4.37 -16.52 8.73
CA ASN D 417 -3.94 -16.73 10.11
C ASN D 417 -2.98 -17.89 10.31
N LEU D 418 -2.84 -18.78 9.33
CA LEU D 418 -1.91 -19.90 9.44
C LEU D 418 -0.65 -19.73 8.61
N LEU D 419 -0.77 -19.26 7.37
CA LEU D 419 0.38 -19.03 6.50
C LEU D 419 1.04 -17.68 6.75
N GLY D 420 0.60 -16.95 7.78
CA GLY D 420 1.17 -15.65 8.10
C GLY D 420 0.38 -14.94 9.18
N LYS D 421 1.07 -14.33 10.14
CA LYS D 421 0.43 -13.75 11.30
C LYS D 421 1.13 -12.45 11.68
N ARG D 422 0.60 -11.79 12.70
CA ARG D 422 1.22 -10.60 13.28
C ARG D 422 2.10 -11.01 14.45
N VAL D 423 3.28 -10.38 14.55
CA VAL D 423 4.29 -10.79 15.49
C VAL D 423 4.64 -9.65 16.45
N ASP D 424 5.21 -10.02 17.59
CA ASP D 424 5.75 -9.07 18.55
C ASP D 424 7.18 -8.70 18.16
N TYR D 425 7.78 -7.79 18.94
CA TYR D 425 9.13 -7.30 18.66
C TYR D 425 9.26 -6.89 17.20
N SER D 426 8.33 -6.04 16.77
CA SER D 426 8.27 -5.60 15.39
C SER D 426 7.84 -4.14 15.35
N GLY D 427 8.24 -3.45 14.27
CA GLY D 427 7.87 -2.07 14.11
C GLY D 427 7.88 -1.66 12.64
N ARG D 428 7.49 -0.42 12.40
CA ARG D 428 7.40 0.11 11.05
C ARG D 428 7.81 1.58 11.05
N SER D 429 8.33 2.04 9.91
CA SER D 429 8.53 3.48 9.78
C SER D 429 9.02 3.78 8.38
N VAL D 430 8.98 5.06 8.01
CA VAL D 430 9.38 5.50 6.68
C VAL D 430 10.89 5.50 6.58
N ILE D 431 11.39 5.17 5.40
CA ILE D 431 12.82 4.99 5.18
C ILE D 431 13.39 6.19 4.43
N VAL D 432 14.63 6.53 4.74
CA VAL D 432 15.36 7.58 4.06
C VAL D 432 16.78 7.10 3.82
N VAL D 433 17.37 7.56 2.71
CA VAL D 433 18.69 7.10 2.32
C VAL D 433 19.71 7.57 3.34
N GLY D 434 20.54 6.64 3.81
CA GLY D 434 21.71 6.98 4.57
C GLY D 434 22.96 6.64 3.77
N PRO D 435 23.62 7.66 3.22
CA PRO D 435 24.80 7.38 2.38
C PRO D 435 26.00 6.94 3.20
N GLN D 436 26.16 7.47 4.41
CA GLN D 436 27.28 7.17 5.29
C GLN D 436 27.23 5.78 5.86
N LEU D 437 26.29 4.96 5.42
CA LEU D 437 26.10 3.63 5.98
C LEU D 437 27.06 2.63 5.33
N LYS D 438 27.34 1.57 6.07
CA LYS D 438 28.00 0.41 5.52
C LYS D 438 26.96 -0.58 5.02
N LEU D 439 27.29 -1.28 3.92
CA LEU D 439 26.34 -2.18 3.30
C LEU D 439 25.69 -3.12 4.32
N HIS D 440 26.37 -3.41 5.43
CA HIS D 440 25.85 -4.30 6.45
C HIS D 440 25.22 -3.54 7.61
N GLN D 441 24.90 -2.26 7.43
CA GLN D 441 24.39 -1.44 8.51
C GLN D 441 23.05 -0.81 8.12
N CYS D 442 22.31 -0.41 9.14
CA CYS D 442 21.08 0.35 8.94
C CYS D 442 20.81 1.22 10.15
N GLY D 443 20.12 2.32 9.94
CA GLY D 443 19.85 3.27 10.99
C GLY D 443 18.46 3.13 11.56
N LEU D 444 18.39 2.90 12.87
CA LEU D 444 17.10 2.77 13.55
C LEU D 444 16.83 4.00 14.41
N PRO D 445 15.62 4.57 14.35
CA PRO D 445 15.28 5.63 15.28
C PRO D 445 15.42 5.15 16.72
N LYS D 446 15.95 6.03 17.57
CA LYS D 446 16.18 5.67 18.97
C LYS D 446 14.95 5.03 19.59
N LEU D 447 13.80 5.71 19.50
CA LEU D 447 12.59 5.21 20.13
C LEU D 447 12.25 3.80 19.64
N MET D 448 12.40 3.56 18.33
CA MET D 448 12.13 2.22 17.81
C MET D 448 12.99 1.18 18.52
N ALA D 449 14.30 1.40 18.56
CA ALA D 449 15.18 0.41 19.18
C ALA D 449 14.86 0.24 20.66
N LEU D 450 14.57 1.35 21.35
CA LEU D 450 14.21 1.25 22.77
C LEU D 450 12.99 0.36 22.96
N GLU D 451 11.99 0.50 22.08
CA GLU D 451 10.79 -0.32 22.21
C GLU D 451 11.06 -1.77 21.86
N LEU D 452 11.82 -2.01 20.78
CA LEU D 452 12.05 -3.38 20.34
C LEU D 452 12.80 -4.19 21.38
N PHE D 453 13.96 -3.69 21.80
CA PHE D 453 14.77 -4.38 22.80
C PHE D 453 14.31 -4.12 24.23
N LYS D 454 13.18 -3.46 24.47
CA LYS D 454 12.70 -3.15 25.82
C LYS D 454 13.05 -4.21 26.86
N PRO D 455 12.82 -5.52 26.65
CA PRO D 455 13.23 -6.48 27.69
C PRO D 455 14.73 -6.54 27.88
N PHE D 456 15.50 -6.53 26.78
CA PHE D 456 16.95 -6.52 26.89
C PHE D 456 17.43 -5.32 27.70
N VAL D 457 16.87 -4.15 27.42
CA VAL D 457 17.32 -2.94 28.13
C VAL D 457 16.91 -3.00 29.59
N MET D 458 15.74 -3.59 29.88
CA MET D 458 15.36 -3.79 31.28
C MET D 458 16.35 -4.71 31.99
N LYS D 459 16.77 -5.77 31.31
CA LYS D 459 17.73 -6.70 31.90
C LYS D 459 19.05 -6.00 32.20
N ARG D 460 19.56 -5.22 31.25
CA ARG D 460 20.82 -4.54 31.49
C ARG D 460 20.67 -3.37 32.46
N LEU D 461 19.45 -2.85 32.64
CA LEU D 461 19.22 -1.83 33.65
C LEU D 461 19.20 -2.44 35.05
N VAL D 462 18.76 -3.69 35.17
CA VAL D 462 18.85 -4.36 36.46
C VAL D 462 20.26 -4.89 36.71
N ASP D 463 20.98 -5.28 35.67
CA ASP D 463 22.39 -5.68 35.84
C ASP D 463 23.17 -4.56 36.50
N LEU D 464 23.30 -3.43 35.81
CA LEU D 464 23.68 -2.20 36.47
C LEU D 464 22.60 -1.85 37.49
N ASN D 465 22.93 -0.94 38.41
CA ASN D 465 22.01 -0.62 39.49
C ASN D 465 21.21 0.65 39.22
N HIS D 466 20.86 0.90 37.95
CA HIS D 466 19.97 2.02 37.65
C HIS D 466 18.57 1.76 38.17
N ALA D 467 18.10 0.52 38.10
CA ALA D 467 16.78 0.15 38.54
C ALA D 467 16.87 -0.79 39.75
N GLN D 468 15.99 -0.57 40.72
CA GLN D 468 15.99 -1.40 41.93
C GLN D 468 15.57 -2.83 41.60
N ASN D 469 14.34 -2.99 41.11
CA ASN D 469 13.81 -4.29 40.70
C ASN D 469 13.43 -4.24 39.21
N ILE D 470 12.78 -5.30 38.74
CA ILE D 470 12.45 -5.41 37.32
C ILE D 470 11.25 -4.55 36.98
N LYS D 471 10.26 -4.47 37.87
CA LYS D 471 9.14 -3.55 37.66
C LYS D 471 9.65 -2.12 37.51
N SER D 472 10.64 -1.74 38.33
CA SER D 472 11.20 -0.39 38.24
C SER D 472 11.98 -0.20 36.95
N ALA D 473 12.67 -1.25 36.48
CA ALA D 473 13.34 -1.16 35.19
C ALA D 473 12.33 -0.91 34.06
N LYS D 474 11.19 -1.61 34.11
CA LYS D 474 10.14 -1.37 33.13
C LYS D 474 9.64 0.07 33.20
N ARG D 475 9.30 0.53 34.40
CA ARG D 475 8.81 1.91 34.55
C ARG D 475 9.83 2.91 34.02
N MET D 476 11.12 2.66 34.28
CA MET D 476 12.17 3.56 33.83
C MET D 476 12.24 3.60 32.31
N VAL D 477 12.31 2.43 31.68
CA VAL D 477 12.35 2.38 30.22
C VAL D 477 11.11 3.02 29.62
N GLU D 478 9.99 2.99 30.33
CA GLU D 478 8.77 3.59 29.82
C GLU D 478 8.80 5.11 29.93
N ARG D 479 9.37 5.64 31.02
CA ARG D 479 9.53 7.07 31.16
C ARG D 479 10.66 7.64 30.29
N GLN D 480 11.49 6.78 29.71
CA GLN D 480 12.60 7.23 28.87
C GLN D 480 13.70 7.91 29.69
N ARG D 481 13.86 7.50 30.95
CA ARG D 481 14.88 8.08 31.80
C ARG D 481 16.23 8.03 31.09
N PRO D 482 17.06 9.06 31.24
CA PRO D 482 18.30 9.14 30.44
C PRO D 482 19.26 7.98 30.64
N GLN D 483 19.10 7.20 31.72
CA GLN D 483 20.00 6.08 31.95
C GLN D 483 19.91 5.04 30.83
N VAL D 484 18.72 4.90 30.22
CA VAL D 484 18.49 3.82 29.28
C VAL D 484 19.40 3.94 28.06
N TRP D 485 19.55 5.17 27.53
CA TRP D 485 20.18 5.35 26.24
C TRP D 485 21.55 4.68 26.17
N ASP D 486 22.47 5.04 27.07
CA ASP D 486 23.74 4.33 27.15
C ASP D 486 23.50 2.82 27.08
N VAL D 487 22.75 2.29 28.06
CA VAL D 487 22.49 0.86 28.14
C VAL D 487 21.98 0.34 26.80
N LEU D 488 21.10 1.09 26.15
CA LEU D 488 20.55 0.66 24.87
C LEU D 488 21.67 0.32 23.89
N GLU D 489 22.60 1.27 23.69
CA GLU D 489 23.67 1.04 22.73
C GLU D 489 24.49 -0.20 23.08
N GLU D 490 24.47 -0.61 24.34
CA GLU D 490 25.16 -1.85 24.72
C GLU D 490 24.37 -3.07 24.28
N VAL D 491 23.06 -3.09 24.54
CA VAL D 491 22.26 -4.27 24.21
C VAL D 491 22.23 -4.48 22.70
N ILE D 492 22.16 -3.41 21.93
CA ILE D 492 22.08 -3.50 20.48
C ILE D 492 23.37 -3.97 19.84
N ALA D 493 24.47 -4.00 20.59
CA ALA D 493 25.76 -4.40 20.03
C ALA D 493 25.64 -5.73 19.30
N GLU D 494 25.95 -5.71 18.01
CA GLU D 494 26.01 -6.91 17.17
C GLU D 494 24.71 -7.71 17.21
N HIS D 495 23.57 -7.08 17.51
CA HIS D 495 22.30 -7.79 17.52
C HIS D 495 21.56 -7.49 16.22
N PRO D 496 21.51 -8.42 15.27
CA PRO D 496 20.94 -8.10 13.95
C PRO D 496 19.45 -7.89 14.02
N VAL D 497 18.93 -7.23 12.98
CA VAL D 497 17.50 -7.03 12.81
C VAL D 497 17.16 -7.17 11.34
N LEU D 498 15.93 -7.58 11.07
CA LEU D 498 15.48 -7.82 9.71
C LEU D 498 14.65 -6.63 9.23
N LEU D 499 14.91 -6.20 8.01
CA LEU D 499 14.15 -5.14 7.35
C LEU D 499 13.42 -5.74 6.15
N ASN D 500 12.15 -5.39 6.02
CA ASN D 500 11.31 -5.89 4.94
C ASN D 500 10.50 -4.76 4.33
N ARG D 501 10.36 -4.80 3.01
CA ARG D 501 9.52 -3.85 2.28
C ARG D 501 8.53 -4.63 1.43
N ALA D 502 7.29 -4.23 1.48
CA ALA D 502 6.33 -4.93 0.64
C ALA D 502 6.19 -4.21 -0.70
N PRO D 503 5.79 -4.94 -1.75
CA PRO D 503 5.56 -6.38 -1.67
C PRO D 503 6.88 -7.16 -1.68
N THR D 504 6.94 -8.25 -0.90
CA THR D 504 8.09 -9.13 -0.90
C THR D 504 8.01 -10.04 -2.12
N LEU D 505 8.74 -9.69 -3.17
CA LEU D 505 8.69 -10.47 -4.41
C LEU D 505 9.70 -11.63 -4.39
N HIS D 506 10.93 -11.37 -4.00
CA HIS D 506 11.92 -12.42 -3.78
C HIS D 506 12.55 -12.23 -2.41
N ARG D 507 13.41 -13.19 -2.03
CA ARG D 507 13.87 -13.23 -0.64
C ARG D 507 14.61 -11.96 -0.26
N LEU D 508 15.35 -11.37 -1.21
CA LEU D 508 16.03 -10.12 -0.91
C LEU D 508 15.07 -9.03 -0.44
N GLY D 509 13.75 -9.24 -0.60
CA GLY D 509 12.77 -8.37 0.01
C GLY D 509 12.78 -8.40 1.53
N ILE D 510 13.55 -9.30 2.12
CA ILE D 510 13.79 -9.34 3.56
C ILE D 510 15.28 -9.52 3.76
N GLN D 511 15.93 -8.55 4.38
CA GLN D 511 17.38 -8.59 4.53
C GLN D 511 17.77 -8.21 5.95
N ALA D 512 18.87 -8.79 6.41
CA ALA D 512 19.35 -8.54 7.77
C ALA D 512 20.37 -7.40 7.77
N PHE D 513 20.37 -6.62 8.85
CA PHE D 513 21.29 -5.52 9.02
C PHE D 513 21.70 -5.41 10.49
N GLU D 514 22.89 -4.87 10.71
CA GLU D 514 23.28 -4.43 12.04
C GLU D 514 22.75 -3.02 12.27
N PRO D 515 22.04 -2.77 13.37
CA PRO D 515 21.41 -1.46 13.57
C PRO D 515 22.29 -0.53 14.38
N MET D 516 22.27 0.75 13.99
CA MET D 516 22.88 1.80 14.78
C MET D 516 21.86 2.90 15.03
N LEU D 517 21.93 3.49 16.23
CA LEU D 517 20.94 4.49 16.63
C LEU D 517 21.08 5.73 15.78
N VAL D 518 19.95 6.30 15.40
CA VAL D 518 19.92 7.47 14.52
C VAL D 518 19.02 8.52 15.14
N GLU D 519 19.34 9.78 14.86
CA GLU D 519 18.53 10.89 15.33
C GLU D 519 17.33 11.06 14.40
N GLY D 520 16.14 11.03 14.97
CA GLY D 520 14.91 11.20 14.22
C GLY D 520 13.99 10.02 14.43
N LYS D 521 12.90 10.02 13.66
CA LYS D 521 11.88 8.98 13.72
C LYS D 521 11.76 8.26 12.37
N ALA D 522 12.89 8.03 11.70
CA ALA D 522 12.90 7.44 10.38
C ALA D 522 14.01 6.40 10.29
N ILE D 523 13.79 5.39 9.46
CA ILE D 523 14.75 4.31 9.28
C ILE D 523 15.72 4.71 8.17
N GLN D 524 17.01 4.61 8.45
CA GLN D 524 18.04 4.88 7.45
C GLN D 524 18.43 3.60 6.74
N LEU D 525 18.38 3.63 5.42
CA LEU D 525 18.57 2.46 4.56
C LEU D 525 19.75 2.70 3.64
N HIS D 526 20.65 1.72 3.57
CA HIS D 526 21.82 1.84 2.69
C HIS D 526 21.38 1.89 1.23
N PRO D 527 21.94 2.79 0.42
CA PRO D 527 21.42 2.96 -0.95
C PRO D 527 21.62 1.74 -1.85
N LEU D 528 22.75 1.05 -1.72
CA LEU D 528 23.02 -0.06 -2.63
C LEU D 528 21.92 -1.12 -2.58
N VAL D 529 21.33 -1.35 -1.41
CA VAL D 529 20.30 -2.36 -1.27
C VAL D 529 18.97 -1.97 -1.91
N CYS D 530 18.81 -0.72 -2.31
CA CYS D 530 17.52 -0.29 -2.84
C CYS D 530 17.06 -1.18 -3.98
N GLU D 531 17.95 -1.46 -4.93
CA GLU D 531 17.61 -2.34 -6.05
C GLU D 531 16.92 -3.61 -5.56
N ALA D 532 17.49 -4.26 -4.55
CA ALA D 532 16.92 -5.52 -4.08
C ALA D 532 15.50 -5.32 -3.57
N PHE D 533 15.24 -4.23 -2.84
CA PHE D 533 13.93 -3.97 -2.26
C PHE D 533 12.97 -3.28 -3.22
N ASN D 534 13.44 -2.86 -4.39
CA ASN D 534 12.69 -1.93 -5.24
C ASN D 534 12.23 -0.72 -4.44
N ALA D 535 13.09 -0.28 -3.51
CA ALA D 535 12.77 0.79 -2.58
C ALA D 535 13.36 2.10 -3.07
N ASP D 536 12.50 3.10 -3.26
CA ASP D 536 12.93 4.48 -3.48
C ASP D 536 12.32 5.35 -2.38
N PHE D 537 12.92 6.51 -2.15
CA PHE D 537 12.53 7.32 -1.01
C PHE D 537 11.49 8.39 -1.37
N ASP D 538 10.43 7.97 -2.06
CA ASP D 538 9.29 8.83 -2.35
C ASP D 538 8.20 8.71 -1.30
N GLY D 539 8.53 8.15 -0.14
CA GLY D 539 7.57 7.98 0.94
C GLY D 539 7.33 6.55 1.38
N ASP D 540 7.89 5.51 0.74
CA ASP D 540 7.61 4.17 1.21
C ASP D 540 8.15 3.99 2.63
N GLN D 541 7.65 2.95 3.29
CA GLN D 541 8.06 2.57 4.62
C GLN D 541 8.55 1.13 4.61
N MET D 542 9.18 0.72 5.71
CA MET D 542 9.65 -0.63 5.86
C MET D 542 9.40 -1.09 7.28
N ALA D 543 9.38 -2.41 7.45
CA ALA D 543 9.12 -3.06 8.71
C ALA D 543 10.40 -3.68 9.26
N VAL D 544 10.49 -3.68 10.58
CA VAL D 544 11.65 -4.17 11.32
C VAL D 544 11.19 -5.30 12.22
N HIS D 545 11.94 -6.39 12.21
CA HIS D 545 11.70 -7.52 13.09
C HIS D 545 12.98 -7.86 13.84
N LEU D 546 12.84 -8.16 15.12
CA LEU D 546 13.99 -8.45 15.97
C LEU D 546 14.08 -9.94 16.25
N PRO D 547 15.04 -10.66 15.68
CA PRO D 547 15.21 -12.07 16.03
C PRO D 547 15.61 -12.21 17.49
N LEU D 548 14.93 -13.12 18.18
CA LEU D 548 15.14 -13.31 19.61
C LEU D 548 16.06 -14.50 19.91
N SER D 549 15.69 -15.68 19.43
CA SER D 549 16.45 -16.88 19.76
C SER D 549 17.86 -16.79 19.20
N ALA D 550 18.74 -17.65 19.73
CA ALA D 550 20.11 -17.67 19.23
C ALA D 550 20.16 -18.15 17.79
N GLU D 551 19.40 -19.19 17.45
CA GLU D 551 19.35 -19.67 16.08
C GLU D 551 18.83 -18.59 15.14
N ALA D 552 17.87 -17.78 15.62
CA ALA D 552 17.34 -16.70 14.79
C ALA D 552 18.41 -15.66 14.50
N GLN D 553 19.12 -15.20 15.54
CA GLN D 553 20.20 -14.24 15.32
C GLN D 553 21.26 -14.82 14.41
N ALA D 554 21.55 -16.12 14.53
CA ALA D 554 22.54 -16.74 13.68
C ALA D 554 22.07 -16.77 12.22
N GLU D 555 20.80 -17.12 11.99
CA GLU D 555 20.27 -17.09 10.64
C GLU D 555 20.32 -15.69 10.05
N ALA D 556 20.09 -14.68 10.90
CA ALA D 556 20.13 -13.30 10.43
C ALA D 556 21.56 -12.89 10.07
N ARG D 557 22.54 -13.27 10.90
CA ARG D 557 23.93 -12.89 10.63
C ARG D 557 24.47 -13.61 9.41
N ILE D 558 24.21 -14.90 9.29
CA ILE D 558 24.83 -15.72 8.25
C ILE D 558 23.98 -15.76 6.98
N LEU D 559 22.68 -16.07 7.11
CA LEU D 559 21.86 -16.33 5.93
C LEU D 559 21.40 -15.04 5.27
N MET D 560 20.91 -14.09 6.05
CA MET D 560 20.20 -12.92 5.52
C MET D 560 20.98 -11.63 5.68
N LEU D 561 22.29 -11.70 5.93
CA LEU D 561 23.08 -10.49 6.10
C LEU D 561 23.25 -9.78 4.77
N SER D 562 22.93 -8.48 4.75
CA SER D 562 22.98 -7.70 3.52
C SER D 562 24.28 -7.94 2.75
N SER D 563 25.41 -7.88 3.45
CA SER D 563 26.71 -8.04 2.80
C SER D 563 26.82 -9.38 2.09
N ASN D 564 26.14 -10.40 2.61
CA ASN D 564 26.21 -11.74 2.03
C ASN D 564 25.25 -11.94 0.86
N ASN D 565 24.49 -10.92 0.49
CA ASN D 565 23.46 -11.04 -0.53
C ASN D 565 23.65 -9.98 -1.61
N ILE D 566 24.87 -9.87 -2.13
CA ILE D 566 25.16 -8.86 -3.13
C ILE D 566 24.51 -9.22 -4.47
N LEU D 567 24.26 -10.50 -4.72
CA LEU D 567 23.91 -10.97 -6.06
C LEU D 567 22.45 -11.39 -6.14
N SER D 568 21.88 -11.18 -7.32
CA SER D 568 20.50 -11.53 -7.61
C SER D 568 20.32 -13.03 -7.60
N PRO D 569 19.55 -13.60 -6.65
CA PRO D 569 19.35 -15.05 -6.66
C PRO D 569 18.69 -15.58 -7.93
N ALA D 570 18.16 -14.71 -8.78
CA ALA D 570 17.51 -15.18 -10.00
C ALA D 570 18.44 -15.20 -11.19
N SER D 571 19.36 -14.25 -11.29
CA SER D 571 20.19 -14.11 -12.48
C SER D 571 21.69 -14.21 -12.20
N GLY D 572 22.12 -14.16 -10.95
CA GLY D 572 23.53 -14.13 -10.63
C GLY D 572 24.18 -12.77 -10.81
N ARG D 573 23.56 -11.86 -11.56
CA ARG D 573 24.09 -10.52 -11.70
C ARG D 573 24.17 -9.84 -10.33
N PRO D 574 24.92 -8.75 -10.23
CA PRO D 574 25.00 -8.02 -8.96
C PRO D 574 23.90 -6.99 -8.85
N LEU D 575 23.24 -6.92 -7.70
CA LEU D 575 22.21 -5.92 -7.45
C LEU D 575 22.72 -4.78 -6.58
N ALA D 576 23.41 -5.10 -5.49
CA ALA D 576 23.97 -4.08 -4.61
C ALA D 576 25.11 -3.36 -5.31
N MET D 577 24.78 -2.64 -6.37
CA MET D 577 25.74 -2.02 -7.26
C MET D 577 25.35 -0.57 -7.53
N PRO D 578 26.33 0.31 -7.77
CA PRO D 578 26.02 1.71 -8.03
C PRO D 578 24.93 1.85 -9.08
N ARG D 579 23.92 2.68 -8.78
CA ARG D 579 22.69 2.66 -9.58
C ARG D 579 22.50 3.92 -10.42
N LEU D 580 22.35 5.11 -9.83
CA LEU D 580 22.26 6.32 -10.63
C LEU D 580 23.35 7.33 -10.27
N ASP D 581 23.27 7.94 -9.08
CA ASP D 581 24.19 9.02 -8.77
C ASP D 581 25.62 8.49 -8.76
N MET D 582 25.89 7.51 -7.90
CA MET D 582 27.15 6.78 -7.94
C MET D 582 27.61 6.61 -9.38
N VAL D 583 26.77 6.02 -10.22
CA VAL D 583 27.17 5.78 -11.61
C VAL D 583 27.70 7.07 -12.23
N THR D 584 26.83 8.08 -12.33
CA THR D 584 27.26 9.34 -12.94
C THR D 584 28.54 9.84 -12.28
N GLY D 585 28.61 9.81 -10.95
CA GLY D 585 29.80 10.26 -10.28
C GLY D 585 31.02 9.60 -10.89
N LEU D 586 31.06 8.26 -10.83
CA LEU D 586 32.18 7.54 -11.38
C LEU D 586 32.37 7.85 -12.86
N TYR D 587 31.26 7.90 -13.60
CA TYR D 587 31.37 8.16 -15.04
C TYR D 587 32.05 9.48 -15.32
N TYR D 588 31.88 10.46 -14.43
CA TYR D 588 32.57 11.73 -14.61
C TYR D 588 34.02 11.63 -14.17
N LEU D 589 34.26 10.91 -13.07
CA LEU D 589 35.60 10.81 -12.50
C LEU D 589 36.55 10.03 -13.40
N THR D 590 36.03 9.17 -14.28
CA THR D 590 36.85 8.32 -15.13
C THR D 590 36.71 8.67 -16.60
N THR D 591 36.33 9.90 -16.92
CA THR D 591 36.27 10.35 -18.30
C THR D 591 37.57 11.04 -18.68
N GLU D 592 38.01 10.82 -19.93
CA GLU D 592 39.21 11.43 -20.47
C GLU D 592 38.81 12.64 -21.29
N VAL D 593 39.29 13.81 -20.91
CA VAL D 593 38.93 15.06 -21.57
C VAL D 593 40.14 15.55 -22.37
N PRO D 594 40.13 15.42 -23.69
CA PRO D 594 41.24 15.93 -24.51
C PRO D 594 41.40 17.44 -24.33
N GLY D 595 42.59 17.84 -23.91
CA GLY D 595 42.91 19.25 -23.78
C GLY D 595 42.63 19.85 -22.42
N ASP D 596 42.46 19.03 -21.39
CA ASP D 596 42.16 19.53 -20.06
C ASP D 596 43.42 20.13 -19.42
N THR D 597 43.20 20.78 -18.27
CA THR D 597 44.30 21.44 -17.57
C THR D 597 45.32 20.43 -17.07
N GLY D 598 46.60 20.75 -17.24
CA GLY D 598 47.65 19.87 -16.80
C GLY D 598 47.87 18.65 -17.66
N GLU D 599 47.20 18.58 -18.82
CA GLU D 599 47.38 17.46 -19.72
C GLU D 599 48.85 17.30 -20.09
N TYR D 600 49.29 16.05 -20.15
CA TYR D 600 50.65 15.77 -20.61
C TYR D 600 50.82 16.22 -22.05
N GLN D 601 51.81 17.07 -22.29
CA GLN D 601 52.12 17.57 -23.62
C GLN D 601 53.60 17.32 -23.89
N PRO D 602 53.95 16.33 -24.69
CA PRO D 602 55.36 16.13 -25.03
C PRO D 602 55.82 17.26 -25.91
N ALA D 603 56.57 18.18 -25.34
CA ALA D 603 56.83 19.46 -25.99
C ALA D 603 57.99 19.34 -26.98
N SER D 604 57.79 19.91 -28.17
CA SER D 604 58.82 19.88 -29.21
C SER D 604 59.92 20.90 -28.95
N GLY D 605 59.59 22.01 -28.30
CA GLY D 605 60.60 22.99 -27.96
C GLY D 605 61.58 22.45 -26.94
N ASP D 606 62.40 23.37 -26.40
CA ASP D 606 63.36 23.00 -25.37
C ASP D 606 62.66 22.46 -24.12
N HIS D 607 61.42 22.88 -23.89
CA HIS D 607 60.66 22.36 -22.75
C HIS D 607 60.30 20.89 -22.97
N PRO D 608 60.64 20.01 -22.03
CA PRO D 608 60.22 18.61 -22.17
C PRO D 608 58.73 18.47 -21.96
N GLU D 609 58.20 17.25 -22.08
CA GLU D 609 56.78 17.06 -21.79
C GLU D 609 56.49 17.39 -20.33
N THR D 610 55.33 18.00 -20.09
CA THR D 610 54.98 18.59 -18.80
C THR D 610 53.96 17.77 -18.04
N GLY D 611 53.57 16.60 -18.53
CA GLY D 611 52.55 15.82 -17.87
C GLY D 611 53.06 14.58 -17.17
N VAL D 612 54.27 14.66 -16.61
CA VAL D 612 54.87 13.52 -15.91
C VAL D 612 54.84 13.82 -14.41
N TYR D 613 54.23 12.92 -13.64
CA TYR D 613 54.11 13.05 -12.20
C TYR D 613 54.72 11.81 -11.55
N SER D 614 55.63 12.03 -10.59
CA SER D 614 56.35 10.91 -9.99
C SER D 614 55.41 9.87 -9.40
N SER D 615 54.47 10.31 -8.58
CA SER D 615 53.50 9.44 -7.93
C SER D 615 52.10 10.03 -8.07
N PRO D 616 51.07 9.26 -7.74
CA PRO D 616 49.72 9.83 -7.74
C PRO D 616 49.57 11.00 -6.79
N ALA D 617 50.26 10.98 -5.65
CA ALA D 617 50.15 12.08 -4.69
C ALA D 617 50.65 13.39 -5.28
N GLU D 618 51.69 13.32 -6.13
CA GLU D 618 52.12 14.54 -6.80
C GLU D 618 51.03 15.08 -7.70
N ALA D 619 50.30 14.18 -8.39
CA ALA D 619 49.17 14.63 -9.21
C ALA D 619 48.09 15.26 -8.34
N ILE D 620 47.83 14.67 -7.18
CA ILE D 620 46.86 15.26 -6.25
C ILE D 620 47.27 16.69 -5.91
N MET D 621 48.55 16.88 -5.55
CA MET D 621 49.04 18.23 -5.25
C MET D 621 48.84 19.16 -6.43
N ALA D 622 49.22 18.70 -7.64
CA ALA D 622 49.07 19.54 -8.83
C ALA D 622 47.63 19.93 -9.08
N ALA D 623 46.69 19.04 -8.75
CA ALA D 623 45.28 19.35 -8.96
C ALA D 623 44.72 20.24 -7.86
N ASP D 624 45.32 20.21 -6.66
CA ASP D 624 44.92 21.15 -5.62
C ASP D 624 45.08 22.59 -6.11
N ARG D 625 46.25 22.91 -6.67
CA ARG D 625 46.37 24.11 -7.47
C ARG D 625 45.71 23.88 -8.83
N GLY D 626 45.38 24.97 -9.51
CA GLY D 626 44.69 24.82 -10.78
C GLY D 626 45.60 24.34 -11.89
N VAL D 627 46.37 23.29 -11.61
CA VAL D 627 47.38 22.82 -12.54
C VAL D 627 46.99 21.51 -13.23
N LEU D 628 46.17 20.68 -12.59
CA LEU D 628 45.83 19.37 -13.15
C LEU D 628 44.35 19.08 -12.95
N SER D 629 43.65 18.81 -14.05
CA SER D 629 42.29 18.33 -13.97
C SER D 629 42.27 16.82 -13.79
N VAL D 630 41.33 16.34 -12.97
CA VAL D 630 41.24 14.91 -12.70
C VAL D 630 40.95 14.11 -13.96
N ARG D 631 40.46 14.76 -15.00
CA ARG D 631 40.08 14.09 -16.25
C ARG D 631 41.08 14.33 -17.37
N ALA D 632 42.26 14.85 -17.07
CA ALA D 632 43.25 15.16 -18.09
C ALA D 632 44.11 13.95 -18.37
N LYS D 633 44.31 13.63 -19.65
CA LYS D 633 45.15 12.51 -20.05
C LYS D 633 46.60 12.82 -19.69
N ILE D 634 47.12 12.13 -18.67
CA ILE D 634 48.45 12.38 -18.14
C ILE D 634 49.23 11.07 -18.07
N LYS D 635 50.45 11.17 -17.54
CA LYS D 635 51.33 10.01 -17.37
C LYS D 635 51.91 10.06 -15.96
N VAL D 636 51.70 9.00 -15.20
CA VAL D 636 52.15 8.96 -13.80
C VAL D 636 52.80 7.63 -13.50
N ARG D 637 53.75 7.64 -12.58
CA ARG D 637 54.40 6.43 -12.09
C ARG D 637 53.57 5.86 -10.95
N LEU D 638 52.94 4.73 -11.19
CA LEU D 638 52.12 4.06 -10.18
C LEU D 638 52.96 3.01 -9.49
N THR D 639 52.94 3.03 -8.16
CA THR D 639 53.74 2.12 -7.36
C THR D 639 52.90 1.14 -6.56
N GLN D 640 51.57 1.31 -6.52
CA GLN D 640 50.73 0.50 -5.65
C GLN D 640 49.48 -0.01 -6.37
N LEU D 641 49.53 -0.14 -7.68
CA LEU D 641 48.42 -0.66 -8.46
C LEU D 641 48.93 -1.59 -9.54
N ARG D 642 48.34 -2.78 -9.64
CA ARG D 642 48.72 -3.72 -10.68
C ARG D 642 48.41 -3.13 -12.06
N PRO D 643 49.24 -3.42 -13.05
CA PRO D 643 49.00 -2.93 -14.40
C PRO D 643 48.20 -3.94 -15.22
N PRO D 644 47.79 -3.57 -16.43
CA PRO D 644 47.09 -4.52 -17.30
C PRO D 644 47.92 -5.75 -17.55
N VAL D 645 47.26 -6.83 -17.96
CA VAL D 645 47.94 -8.11 -18.16
C VAL D 645 49.11 -7.93 -19.13
N GLU D 646 48.90 -7.15 -20.18
CA GLU D 646 49.90 -7.04 -21.25
C GLU D 646 51.13 -6.26 -20.78
N ILE D 647 50.90 -5.09 -20.18
CA ILE D 647 52.01 -4.31 -19.65
C ILE D 647 52.73 -5.09 -18.55
N GLU D 648 51.98 -5.87 -17.76
CA GLU D 648 52.61 -6.69 -16.74
C GLU D 648 53.49 -7.77 -17.37
N ALA D 649 53.02 -8.38 -18.45
CA ALA D 649 53.81 -9.40 -19.13
C ALA D 649 55.09 -8.81 -19.70
N GLU D 650 55.02 -7.60 -20.27
CA GLU D 650 56.22 -7.01 -20.85
C GLU D 650 57.18 -6.52 -19.77
N LEU D 651 56.73 -5.58 -18.94
CA LEU D 651 57.60 -4.92 -17.96
C LEU D 651 57.92 -5.80 -16.75
N PHE D 652 57.35 -7.00 -16.67
CA PHE D 652 57.63 -7.91 -15.56
C PHE D 652 57.54 -9.34 -16.07
N GLY D 653 57.67 -10.28 -15.16
CA GLY D 653 57.27 -11.64 -15.45
C GLY D 653 55.76 -11.73 -15.56
N HIS D 654 55.29 -12.88 -16.06
CA HIS D 654 53.84 -13.08 -16.18
C HIS D 654 53.12 -12.73 -14.88
N SER D 655 53.74 -13.06 -13.74
CA SER D 655 53.23 -12.67 -12.43
C SER D 655 54.30 -11.99 -11.60
N GLY D 656 55.36 -11.48 -12.24
CA GLY D 656 56.48 -10.90 -11.53
C GLY D 656 56.18 -9.58 -10.84
N TRP D 657 54.89 -9.26 -10.70
CA TRP D 657 54.47 -8.03 -10.05
C TRP D 657 54.33 -8.25 -8.55
N GLN D 658 54.95 -7.38 -7.77
CA GLN D 658 54.80 -7.33 -6.32
C GLN D 658 54.44 -5.90 -5.93
N PRO D 659 53.80 -5.72 -4.78
CA PRO D 659 53.32 -4.38 -4.42
C PRO D 659 54.34 -3.27 -4.61
N GLY D 660 55.63 -3.54 -4.36
CA GLY D 660 56.62 -2.49 -4.48
C GLY D 660 56.91 -2.09 -5.91
N ASP D 661 56.82 -3.02 -6.85
CA ASP D 661 57.17 -2.74 -8.24
C ASP D 661 56.32 -1.60 -8.78
N ALA D 662 56.99 -0.55 -9.26
CA ALA D 662 56.32 0.58 -9.89
C ALA D 662 56.32 0.42 -11.40
N TRP D 663 55.64 1.34 -12.08
CA TRP D 663 55.57 1.29 -13.54
C TRP D 663 54.84 2.53 -14.05
N MET D 664 55.07 2.83 -15.33
CA MET D 664 54.51 4.02 -15.95
C MET D 664 53.15 3.75 -16.54
N ALA D 665 52.16 4.55 -16.15
CA ALA D 665 50.80 4.47 -16.67
C ALA D 665 50.44 5.76 -17.36
N GLU D 666 49.63 5.65 -18.42
CA GLU D 666 49.16 6.81 -19.19
C GLU D 666 47.63 6.85 -19.07
N THR D 667 47.16 7.51 -18.03
CA THR D 667 45.73 7.56 -17.72
C THR D 667 45.39 8.97 -17.24
N THR D 668 44.21 9.11 -16.65
CA THR D 668 43.82 10.33 -15.97
C THR D 668 43.90 10.11 -14.46
N LEU D 669 44.06 11.20 -13.72
CA LEU D 669 44.09 11.11 -12.26
C LEU D 669 42.80 10.48 -11.73
N GLY D 670 41.68 10.73 -12.40
CA GLY D 670 40.43 10.12 -11.99
C GLY D 670 40.48 8.61 -12.06
N ARG D 671 40.95 8.07 -13.19
CA ARG D 671 41.02 6.62 -13.32
C ARG D 671 41.98 6.01 -12.31
N VAL D 672 43.01 6.75 -11.92
CA VAL D 672 43.88 6.29 -10.84
C VAL D 672 43.09 6.19 -9.54
N MET D 673 42.39 7.28 -9.18
CA MET D 673 41.62 7.27 -7.95
C MET D 673 40.53 6.19 -7.96
N PHE D 674 40.05 5.84 -9.16
CA PHE D 674 39.06 4.77 -9.28
C PHE D 674 39.70 3.41 -9.03
N ASN D 675 40.70 3.04 -9.84
CA ASN D 675 41.39 1.78 -9.65
C ASN D 675 41.95 1.62 -8.24
N GLU D 676 42.15 2.73 -7.52
CA GLU D 676 42.52 2.61 -6.12
C GLU D 676 41.39 2.05 -5.27
N LEU D 677 40.14 2.24 -5.69
CA LEU D 677 39.02 1.75 -4.90
C LEU D 677 38.88 0.24 -5.03
N LEU D 678 39.16 -0.31 -6.21
CA LEU D 678 39.21 -1.74 -6.37
C LEU D 678 40.43 -2.30 -5.64
N PRO D 679 40.40 -3.59 -5.30
CA PRO D 679 41.51 -4.16 -4.53
C PRO D 679 42.82 -4.13 -5.31
N LEU D 680 43.92 -4.21 -4.55
CA LEU D 680 45.26 -4.23 -5.15
C LEU D 680 45.33 -5.19 -6.32
N GLY D 681 44.96 -6.44 -6.08
CA GLY D 681 45.17 -7.49 -7.08
C GLY D 681 44.51 -7.25 -8.41
N TYR D 682 43.53 -6.36 -8.48
CA TYR D 682 42.82 -6.21 -9.73
C TYR D 682 43.66 -5.39 -10.71
N PRO D 683 43.80 -5.83 -11.95
CA PRO D 683 44.58 -5.06 -12.92
C PRO D 683 43.95 -3.71 -13.20
N PHE D 684 44.80 -2.74 -13.54
CA PHE D 684 44.33 -1.40 -13.88
C PHE D 684 43.44 -1.48 -15.12
N VAL D 685 42.29 -0.80 -15.06
CA VAL D 685 41.29 -0.92 -16.12
C VAL D 685 41.47 0.17 -17.17
N ASN D 686 41.40 1.43 -16.75
CA ASN D 686 41.58 2.57 -17.65
C ASN D 686 40.50 2.59 -18.73
N LYS D 687 39.26 2.72 -18.28
CA LYS D 687 38.12 2.99 -19.16
C LYS D 687 37.17 3.93 -18.42
N GLN D 688 36.43 4.73 -19.18
CA GLN D 688 35.39 5.54 -18.55
C GLN D 688 34.29 4.61 -18.06
N MET D 689 33.97 4.71 -16.78
CA MET D 689 33.18 3.68 -16.09
C MET D 689 31.69 3.87 -16.38
N HIS D 690 31.29 3.49 -17.60
CA HIS D 690 29.88 3.27 -17.87
C HIS D 690 29.31 2.28 -16.86
N LYS D 691 28.00 2.31 -16.67
CA LYS D 691 27.37 1.34 -15.77
C LYS D 691 27.71 -0.08 -16.18
N LYS D 692 27.71 -0.35 -17.50
CA LYS D 692 28.00 -1.70 -17.98
C LYS D 692 29.37 -2.17 -17.53
N VAL D 693 30.38 -1.28 -17.59
CA VAL D 693 31.73 -1.67 -17.21
C VAL D 693 31.84 -1.88 -15.71
N GLN D 694 31.13 -1.08 -14.91
CA GLN D 694 31.08 -1.31 -13.48
C GLN D 694 30.47 -2.68 -13.18
N ALA D 695 29.40 -3.02 -13.90
CA ALA D 695 28.79 -4.34 -13.75
C ALA D 695 29.77 -5.44 -14.10
N ALA D 696 30.54 -5.25 -15.17
CA ALA D 696 31.54 -6.24 -15.55
C ALA D 696 32.57 -6.42 -14.44
N ILE D 697 33.05 -5.31 -13.88
CA ILE D 697 34.05 -5.40 -12.81
C ILE D 697 33.48 -6.12 -11.60
N ILE D 698 32.23 -5.80 -11.23
CA ILE D 698 31.64 -6.41 -10.05
C ILE D 698 31.37 -7.90 -10.28
N ASN D 699 30.95 -8.26 -11.51
CA ASN D 699 30.80 -9.67 -11.85
C ASN D 699 32.12 -10.41 -11.70
N ASP D 700 33.19 -9.85 -12.28
CA ASP D 700 34.51 -10.46 -12.17
C ASP D 700 34.90 -10.66 -10.71
N LEU D 701 34.72 -9.62 -9.89
CA LEU D 701 35.09 -9.72 -8.48
C LEU D 701 34.28 -10.79 -7.76
N ALA D 702 32.97 -10.83 -8.01
CA ALA D 702 32.13 -11.84 -7.37
C ALA D 702 32.53 -13.24 -7.79
N GLU D 703 32.93 -13.41 -9.05
CA GLU D 703 33.30 -14.72 -9.55
C GLU D 703 34.64 -15.18 -8.99
N ARG D 704 35.58 -14.25 -8.83
CA ARG D 704 36.95 -14.61 -8.47
C ARG D 704 37.30 -14.34 -7.01
N TYR D 705 36.61 -13.42 -6.36
CA TYR D 705 36.96 -13.00 -5.02
C TYR D 705 35.95 -13.45 -3.99
N PRO D 706 36.32 -13.47 -2.71
CA PRO D 706 35.33 -13.66 -1.65
C PRO D 706 34.25 -12.60 -1.75
N MET D 707 33.15 -12.82 -1.03
CA MET D 707 32.05 -11.87 -1.12
C MET D 707 32.26 -10.66 -0.22
N ILE D 708 32.95 -10.82 0.92
CA ILE D 708 33.18 -9.67 1.80
C ILE D 708 34.00 -8.61 1.09
N VAL D 709 35.04 -9.03 0.37
CA VAL D 709 35.84 -8.09 -0.41
C VAL D 709 34.97 -7.38 -1.43
N VAL D 710 34.08 -8.12 -2.10
CA VAL D 710 33.21 -7.52 -3.11
C VAL D 710 32.30 -6.47 -2.47
N ALA D 711 31.76 -6.77 -1.29
CA ALA D 711 30.89 -5.82 -0.62
C ALA D 711 31.65 -4.55 -0.23
N GLN D 712 32.85 -4.70 0.32
CA GLN D 712 33.63 -3.52 0.68
C GLN D 712 33.99 -2.72 -0.57
N THR D 713 34.24 -3.40 -1.69
CA THR D 713 34.52 -2.69 -2.93
C THR D 713 33.32 -1.89 -3.40
N VAL D 714 32.13 -2.48 -3.35
CA VAL D 714 30.94 -1.74 -3.77
C VAL D 714 30.68 -0.57 -2.83
N ASP D 715 31.01 -0.72 -1.55
CA ASP D 715 30.83 0.39 -0.61
C ASP D 715 31.79 1.54 -0.91
N LYS D 716 33.05 1.22 -1.20
CA LYS D 716 34.01 2.26 -1.59
C LYS D 716 33.59 2.95 -2.88
N LEU D 717 33.14 2.16 -3.87
CA LEU D 717 32.61 2.75 -5.09
C LEU D 717 31.45 3.67 -4.78
N LYS D 718 30.57 3.28 -3.85
CA LYS D 718 29.46 4.12 -3.45
C LYS D 718 29.95 5.48 -2.95
N ASP D 719 30.84 5.47 -1.96
CA ASP D 719 31.34 6.73 -1.40
C ASP D 719 31.93 7.62 -2.50
N ALA D 720 32.85 7.06 -3.29
CA ALA D 720 33.49 7.88 -4.32
C ALA D 720 32.48 8.41 -5.32
N GLY D 721 31.53 7.56 -5.75
CA GLY D 721 30.56 7.98 -6.72
C GLY D 721 29.67 9.10 -6.20
N PHE D 722 29.28 9.04 -4.92
CA PHE D 722 28.50 10.12 -4.36
C PHE D 722 29.29 11.43 -4.35
N TYR D 723 30.53 11.39 -3.85
CA TYR D 723 31.33 12.61 -3.82
C TYR D 723 31.45 13.23 -5.21
N TRP D 724 31.90 12.44 -6.18
CA TRP D 724 32.13 13.00 -7.50
C TRP D 724 30.82 13.29 -8.24
N ALA D 725 29.71 12.66 -7.85
CA ALA D 725 28.44 13.04 -8.43
C ALA D 725 28.05 14.43 -7.99
N THR D 726 28.22 14.72 -6.70
CA THR D 726 28.06 16.09 -6.22
C THR D 726 28.92 17.03 -7.04
N ARG D 727 30.19 16.67 -7.24
CA ARG D 727 31.13 17.53 -7.95
C ARG D 727 30.99 17.50 -9.47
N SER D 728 30.02 16.76 -10.02
CA SER D 728 29.95 16.50 -11.45
C SER D 728 29.25 17.59 -12.26
N GLY D 729 28.55 18.51 -11.62
CA GLY D 729 27.92 19.59 -12.36
C GLY D 729 26.77 19.17 -13.28
N VAL D 730 26.00 18.16 -12.90
CA VAL D 730 24.80 17.79 -13.65
C VAL D 730 23.61 18.56 -13.08
N THR D 731 22.94 19.30 -13.94
CA THR D 731 21.77 20.09 -13.55
C THR D 731 20.76 20.01 -14.68
N VAL D 732 19.56 20.50 -14.41
CA VAL D 732 18.56 20.71 -15.45
C VAL D 732 18.31 22.20 -15.55
N SER D 733 17.91 22.65 -16.74
CA SER D 733 17.66 24.06 -16.97
C SER D 733 17.00 24.21 -18.33
N MET D 734 16.07 25.16 -18.43
CA MET D 734 15.38 25.36 -19.70
C MET D 734 16.35 25.49 -20.86
N ALA D 735 17.56 25.98 -20.60
CA ALA D 735 18.54 26.15 -21.67
C ALA D 735 19.26 24.84 -21.99
N ASP D 736 19.43 23.97 -20.99
CA ASP D 736 20.03 22.67 -21.25
C ASP D 736 19.10 21.74 -22.01
N VAL D 737 17.81 22.04 -22.06
CA VAL D 737 16.87 21.26 -22.87
C VAL D 737 16.85 21.92 -24.23
N LEU D 738 17.84 21.56 -25.05
CA LEU D 738 17.91 22.09 -26.40
C LEU D 738 16.83 21.45 -27.27
N VAL D 739 16.19 22.26 -28.10
CA VAL D 739 15.20 21.77 -29.05
C VAL D 739 15.88 21.60 -30.39
N PRO D 740 15.61 20.52 -31.12
CA PRO D 740 16.28 20.31 -32.41
C PRO D 740 15.97 21.45 -33.36
N PRO D 741 17.00 21.97 -34.06
CA PRO D 741 16.77 23.10 -34.96
C PRO D 741 16.11 22.73 -36.28
N ARG D 742 16.13 21.44 -36.65
CA ARG D 742 15.50 20.98 -37.88
C ARG D 742 14.05 20.53 -37.69
N LYS D 743 13.50 20.68 -36.49
CA LYS D 743 12.19 20.09 -36.18
C LYS D 743 11.11 20.59 -37.14
N LYS D 744 11.09 21.90 -37.40
CA LYS D 744 10.03 22.46 -38.23
C LYS D 744 10.03 21.81 -39.61
N GLU D 745 11.20 21.73 -40.26
CA GLU D 745 11.26 21.21 -41.62
C GLU D 745 10.92 19.72 -41.68
N ILE D 746 11.42 18.95 -40.70
CA ILE D 746 11.08 17.53 -40.62
C ILE D 746 9.56 17.36 -40.54
N LEU D 747 8.94 18.08 -39.61
CA LEU D 747 7.49 17.95 -39.43
C LEU D 747 6.75 18.38 -40.69
N ASP D 748 7.20 19.45 -41.33
CA ASP D 748 6.54 19.89 -42.57
C ASP D 748 6.61 18.81 -43.63
N HIS D 749 7.77 18.16 -43.77
CA HIS D 749 7.92 17.12 -44.80
C HIS D 749 7.00 15.93 -44.52
N TYR D 750 6.98 15.46 -43.27
CA TYR D 750 6.10 14.33 -42.98
C TYR D 750 4.62 14.74 -43.03
N GLU D 751 4.32 16.02 -42.81
CA GLU D 751 2.96 16.49 -43.00
C GLU D 751 2.58 16.48 -44.47
N GLU D 752 3.54 16.80 -45.35
CA GLU D 752 3.29 16.69 -46.78
C GLU D 752 2.97 15.24 -47.16
N ARG D 753 3.75 14.30 -46.62
CA ARG D 753 3.45 12.88 -46.85
C ARG D 753 2.06 12.52 -46.34
N ALA D 754 1.72 13.00 -45.14
CA ALA D 754 0.43 12.68 -44.55
C ALA D 754 -0.72 13.26 -45.37
N ASP D 755 -0.54 14.48 -45.89
CA ASP D 755 -1.56 15.07 -46.75
C ASP D 755 -1.70 14.29 -48.04
N LYS D 756 -0.58 13.78 -48.57
CA LYS D 756 -0.67 12.88 -49.73
C LYS D 756 -1.50 11.65 -49.40
N VAL D 757 -1.28 11.06 -48.23
CA VAL D 757 -2.04 9.87 -47.84
C VAL D 757 -3.52 10.21 -47.64
N GLU D 758 -3.80 11.36 -47.06
CA GLU D 758 -5.19 11.75 -46.82
C GLU D 758 -5.92 12.03 -48.13
N LYS D 759 -5.24 12.68 -49.08
CA LYS D 759 -5.81 12.86 -50.41
C LYS D 759 -5.99 11.52 -51.11
N GLN D 760 -5.07 10.59 -50.88
CA GLN D 760 -5.23 9.24 -51.40
C GLN D 760 -6.48 8.59 -50.85
N PHE D 761 -6.76 8.79 -49.56
CA PHE D 761 -7.98 8.25 -48.97
C PHE D 761 -9.22 8.90 -49.55
N GLN D 762 -9.23 10.24 -49.63
CA GLN D 762 -10.36 10.95 -50.21
C GLN D 762 -10.59 10.53 -51.66
N ARG D 763 -9.51 10.20 -52.37
CA ARG D 763 -9.61 9.70 -53.73
C ARG D 763 -10.39 8.38 -53.81
N GLY D 764 -10.58 7.71 -52.67
CA GLY D 764 -11.16 6.39 -52.67
C GLY D 764 -10.19 5.28 -53.01
N ALA D 765 -8.89 5.50 -52.81
CA ALA D 765 -7.86 4.54 -53.17
C ALA D 765 -7.27 3.82 -51.96
N LEU D 766 -7.46 4.33 -50.75
CA LEU D 766 -6.88 3.74 -49.55
C LEU D 766 -7.98 3.24 -48.63
N ASN D 767 -7.69 2.15 -47.93
CA ASN D 767 -8.58 1.63 -46.91
C ASN D 767 -8.45 2.47 -45.63
N HIS D 768 -9.58 2.66 -44.95
CA HIS D 768 -9.57 3.44 -43.71
C HIS D 768 -8.54 2.88 -42.73
N ASP D 769 -8.56 1.57 -42.51
CA ASP D 769 -7.50 0.93 -41.73
C ASP D 769 -6.15 1.08 -42.43
N GLU D 770 -6.15 1.03 -43.76
CA GLU D 770 -4.91 1.26 -44.49
C GLU D 770 -4.45 2.71 -44.35
N ARG D 771 -5.39 3.66 -44.36
CA ARG D 771 -5.04 5.05 -44.12
C ARG D 771 -4.40 5.24 -42.76
N ASN D 772 -5.02 4.66 -41.73
CA ASN D 772 -4.45 4.74 -40.39
C ASN D 772 -3.08 4.08 -40.33
N GLU D 773 -2.92 2.94 -41.01
CA GLU D 773 -1.63 2.24 -41.03
C GLU D 773 -0.54 3.10 -41.67
N ALA D 774 -0.87 3.72 -42.81
CA ALA D 774 0.09 4.58 -43.49
C ALA D 774 0.45 5.78 -42.63
N LEU D 775 -0.56 6.40 -42.00
CA LEU D 775 -0.27 7.55 -41.13
C LEU D 775 0.58 7.13 -39.94
N VAL D 776 0.37 5.93 -39.41
CA VAL D 776 1.17 5.46 -38.29
C VAL D 776 2.62 5.28 -38.71
N GLU D 777 2.85 4.65 -39.87
CA GLU D 777 4.22 4.53 -40.35
C GLU D 777 4.86 5.90 -40.54
N ILE D 778 4.15 6.81 -41.20
CA ILE D 778 4.69 8.15 -41.44
C ILE D 778 5.12 8.79 -40.13
N TRP D 779 4.22 8.78 -39.13
CA TRP D 779 4.51 9.52 -37.91
C TRP D 779 5.55 8.82 -37.04
N LYS D 780 5.59 7.49 -37.04
CA LYS D 780 6.70 6.83 -36.35
C LYS D 780 8.03 7.21 -36.96
N GLU D 781 8.09 7.30 -38.30
CA GLU D 781 9.33 7.71 -38.94
C GLU D 781 9.69 9.15 -38.58
N ALA D 782 8.69 10.05 -38.59
CA ALA D 782 8.96 11.44 -38.26
C ALA D 782 9.47 11.57 -36.83
N THR D 783 8.89 10.81 -35.90
CA THR D 783 9.37 10.84 -34.52
C THR D 783 10.81 10.38 -34.44
N ASP D 784 11.13 9.26 -35.10
CA ASP D 784 12.51 8.78 -35.04
C ASP D 784 13.47 9.78 -35.66
N GLU D 785 13.04 10.47 -36.72
CA GLU D 785 13.90 11.45 -37.38
C GLU D 785 14.17 12.64 -36.46
N VAL D 786 13.15 13.14 -35.77
CA VAL D 786 13.37 14.25 -34.85
C VAL D 786 14.24 13.81 -33.69
N GLY D 787 14.07 12.57 -33.22
CA GLY D 787 14.96 12.05 -32.19
C GLY D 787 16.40 12.00 -32.66
N GLN D 788 16.61 11.61 -33.92
CA GLN D 788 17.96 11.56 -34.48
C GLN D 788 18.57 12.95 -34.55
N ALA D 789 17.81 13.91 -35.11
CA ALA D 789 18.30 15.28 -35.18
C ALA D 789 18.62 15.83 -33.80
N LEU D 790 17.80 15.49 -32.80
CA LEU D 790 18.06 15.89 -31.43
C LEU D 790 19.38 15.31 -30.94
N ARG D 791 19.55 14.01 -31.07
CA ARG D 791 20.79 13.38 -30.59
C ARG D 791 22.02 13.94 -31.29
N GLU D 792 21.88 14.34 -32.55
CA GLU D 792 23.00 14.96 -33.26
C GLU D 792 23.31 16.34 -32.69
N HIS D 793 22.28 17.18 -32.57
CA HIS D 793 22.49 18.57 -32.14
C HIS D 793 23.04 18.65 -30.71
N TYR D 794 22.67 17.71 -29.85
CA TYR D 794 23.07 17.80 -28.45
C TYR D 794 24.56 17.54 -28.30
N PRO D 795 25.32 18.46 -27.72
CA PRO D 795 26.69 18.12 -27.30
C PRO D 795 26.68 16.94 -26.35
N ASP D 796 27.73 16.13 -26.42
CA ASP D 796 27.77 14.90 -25.64
C ASP D 796 28.05 15.14 -24.16
N ASP D 797 28.44 16.34 -23.77
CA ASP D 797 28.58 16.68 -22.36
C ASP D 797 27.33 17.35 -21.79
N ASN D 798 26.33 17.59 -22.61
CA ASN D 798 25.06 18.09 -22.12
C ASN D 798 24.56 17.19 -21.00
N PRO D 799 24.14 17.74 -19.86
CA PRO D 799 23.76 16.88 -18.73
C PRO D 799 22.65 15.89 -19.05
N ILE D 800 21.63 16.32 -19.81
CA ILE D 800 20.54 15.42 -20.15
C ILE D 800 21.04 14.25 -20.99
N ILE D 801 22.10 14.46 -21.75
CA ILE D 801 22.70 13.34 -22.50
C ILE D 801 23.60 12.53 -21.59
N THR D 802 24.42 13.20 -20.77
CA THR D 802 25.33 12.49 -19.89
C THR D 802 24.59 11.51 -19.00
N ILE D 803 23.43 11.91 -18.48
CA ILE D 803 22.71 11.08 -17.52
C ILE D 803 22.16 9.82 -18.18
N VAL D 804 21.69 9.93 -19.42
CA VAL D 804 21.16 8.76 -20.11
C VAL D 804 22.29 7.86 -20.59
N ASP D 805 23.26 8.43 -21.32
CA ASP D 805 24.29 7.62 -21.97
C ASP D 805 25.13 6.85 -20.95
N SER D 806 25.53 7.50 -19.86
CA SER D 806 26.38 6.83 -18.88
C SER D 806 25.71 5.59 -18.29
N GLY D 807 24.41 5.40 -18.53
CA GLY D 807 23.67 4.34 -17.89
C GLY D 807 23.14 4.68 -16.52
N ALA D 808 23.18 5.96 -16.15
CA ALA D 808 22.79 6.37 -14.80
C ALA D 808 21.30 6.16 -14.57
N THR D 809 20.46 6.74 -15.43
CA THR D 809 19.02 6.58 -15.28
C THR D 809 18.29 7.12 -16.50
N GLY D 810 17.30 6.38 -16.98
CA GLY D 810 16.44 6.84 -18.04
C GLY D 810 16.92 6.40 -19.42
N ASN D 811 15.99 6.45 -20.38
CA ASN D 811 16.24 6.09 -21.76
C ASN D 811 16.19 7.34 -22.64
N PHE D 812 16.51 7.16 -23.93
CA PHE D 812 16.50 8.29 -24.86
C PHE D 812 15.10 8.60 -25.39
N THR D 813 14.14 7.69 -25.23
CA THR D 813 12.76 8.01 -25.58
C THR D 813 12.24 9.15 -24.74
N GLN D 814 12.66 9.21 -23.48
CA GLN D 814 12.30 10.32 -22.62
C GLN D 814 12.96 11.62 -23.09
N THR D 815 14.26 11.56 -23.41
CA THR D 815 14.92 12.71 -24.01
C THR D 815 14.20 13.18 -25.26
N ARG D 816 13.63 12.24 -26.03
CA ARG D 816 12.99 12.60 -27.30
C ARG D 816 11.61 13.21 -27.08
N THR D 817 10.87 12.73 -26.08
CA THR D 817 9.57 13.33 -25.78
C THR D 817 9.69 14.66 -25.05
N LEU D 818 10.80 14.87 -24.32
CA LEU D 818 11.00 16.13 -23.60
C LEU D 818 11.31 17.27 -24.55
N ALA D 819 12.42 17.17 -25.28
CA ALA D 819 12.69 18.01 -26.44
C ALA D 819 12.42 17.19 -27.70
N GLY D 820 11.92 17.85 -28.75
CA GLY D 820 11.56 17.10 -29.92
C GLY D 820 10.07 16.87 -30.07
N MET D 821 9.59 15.67 -29.77
CA MET D 821 8.16 15.41 -29.87
C MET D 821 7.80 14.11 -29.19
N LYS D 822 6.62 14.07 -28.57
CA LYS D 822 6.17 12.86 -27.90
C LYS D 822 5.85 11.77 -28.92
N GLY D 823 5.30 12.15 -30.06
CA GLY D 823 4.91 11.18 -31.07
C GLY D 823 3.47 10.72 -30.91
N LEU D 824 3.21 9.54 -31.45
CA LEU D 824 1.88 8.98 -31.37
C LEU D 824 1.54 8.57 -29.94
N VAL D 825 0.27 8.75 -29.57
CA VAL D 825 -0.24 8.34 -28.27
C VAL D 825 -1.37 7.35 -28.48
N THR D 826 -1.52 6.43 -27.54
CA THR D 826 -2.47 5.33 -27.71
C THR D 826 -3.91 5.85 -27.63
N ASN D 827 -4.84 4.94 -27.93
CA ASN D 827 -6.28 5.08 -27.96
C ASN D 827 -6.88 4.59 -26.67
N PRO D 828 -8.12 4.98 -26.35
CA PRO D 828 -8.83 4.32 -25.24
C PRO D 828 -8.97 2.82 -25.47
N LYS D 829 -9.25 2.41 -26.71
CA LYS D 829 -9.26 0.99 -27.04
C LYS D 829 -7.87 0.38 -26.86
N GLY D 830 -6.85 1.03 -27.41
CA GLY D 830 -5.49 0.52 -27.36
C GLY D 830 -4.76 0.65 -28.68
N GLU D 831 -5.41 1.28 -29.66
CA GLU D 831 -4.83 1.51 -30.97
C GLU D 831 -4.04 2.82 -30.95
N PHE D 832 -3.61 3.28 -32.12
CA PHE D 832 -2.88 4.54 -32.23
C PHE D 832 -3.76 5.59 -32.90
N ILE D 833 -3.58 6.83 -32.50
CA ILE D 833 -4.37 7.94 -33.06
C ILE D 833 -3.71 8.40 -34.35
N PRO D 834 -4.45 8.53 -35.46
CA PRO D 834 -3.84 8.97 -36.72
C PRO D 834 -3.21 10.36 -36.64
N ARG D 835 -3.45 11.12 -35.57
CA ARG D 835 -2.82 12.42 -35.37
C ARG D 835 -1.88 12.35 -34.17
N PRO D 836 -0.60 12.67 -34.33
CA PRO D 836 0.35 12.52 -33.24
C PRO D 836 0.52 13.79 -32.43
N VAL D 837 1.21 13.64 -31.30
CA VAL D 837 1.59 14.77 -30.45
C VAL D 837 2.83 15.40 -31.07
N LYS D 838 2.65 16.45 -31.86
CA LYS D 838 3.77 17.11 -32.50
C LYS D 838 4.58 17.99 -31.55
N SER D 839 4.08 18.25 -30.35
CA SER D 839 4.77 19.12 -29.41
C SER D 839 5.75 18.34 -28.55
N SER D 840 6.78 19.01 -28.09
CA SER D 840 7.60 18.51 -27.00
C SER D 840 7.08 19.03 -25.68
N PHE D 841 7.25 18.25 -24.62
CA PHE D 841 6.88 18.77 -23.32
C PHE D 841 7.72 19.96 -22.89
N ARG D 842 8.66 20.42 -23.72
CA ARG D 842 9.35 21.69 -23.49
C ARG D 842 8.57 22.85 -24.08
N GLU D 843 8.11 22.71 -25.33
CA GLU D 843 7.27 23.72 -25.93
C GLU D 843 5.91 23.82 -25.26
N GLY D 844 5.56 22.85 -24.43
CA GLY D 844 4.24 22.82 -23.83
C GLY D 844 3.24 22.23 -24.82
N LEU D 845 2.45 21.27 -24.37
CA LEU D 845 1.48 20.63 -25.25
C LEU D 845 0.26 21.51 -25.44
N THR D 846 -0.26 21.53 -26.67
CA THR D 846 -1.53 22.19 -26.90
C THR D 846 -2.63 21.50 -26.10
N VAL D 847 -3.76 22.21 -25.94
CA VAL D 847 -4.85 21.66 -25.15
C VAL D 847 -5.19 20.25 -25.61
N LEU D 848 -5.51 20.09 -26.90
CA LEU D 848 -5.97 18.80 -27.37
C LEU D 848 -4.87 17.74 -27.30
N GLU D 849 -3.61 18.15 -27.46
CA GLU D 849 -2.52 17.19 -27.31
C GLU D 849 -2.48 16.63 -25.90
N TYR D 850 -2.57 17.52 -24.90
CA TYR D 850 -2.61 17.07 -23.51
C TYR D 850 -3.80 16.15 -23.26
N PHE D 851 -4.96 16.56 -23.77
CA PHE D 851 -6.15 15.73 -23.63
C PHE D 851 -5.89 14.31 -24.13
N ILE D 852 -5.48 14.19 -25.39
CA ILE D 852 -5.31 12.87 -26.00
C ILE D 852 -4.25 12.07 -25.24
N ASN D 853 -3.20 12.74 -24.75
CA ASN D 853 -2.13 12.03 -24.05
C ASN D 853 -2.61 11.46 -22.72
N THR D 854 -3.61 12.10 -22.10
CA THR D 854 -4.13 11.53 -20.85
C THR D 854 -4.70 10.12 -21.07
N HIS D 855 -5.28 9.85 -22.24
CA HIS D 855 -5.72 8.50 -22.57
C HIS D 855 -4.64 7.48 -22.24
N GLY D 856 -3.49 7.63 -22.90
CA GLY D 856 -2.39 6.70 -22.68
C GLY D 856 -1.97 6.66 -21.23
N ALA D 857 -1.79 7.83 -20.63
CA ALA D 857 -1.30 7.86 -19.25
C ALA D 857 -2.20 7.01 -18.33
N ARG D 858 -3.50 7.30 -18.34
CA ARG D 858 -4.40 6.62 -17.40
C ARG D 858 -4.56 5.15 -17.75
N LYS D 859 -4.72 4.84 -19.04
CA LYS D 859 -4.83 3.44 -19.44
C LYS D 859 -3.63 2.65 -18.94
N GLY D 860 -2.43 3.21 -19.05
CA GLY D 860 -1.25 2.52 -18.58
C GLY D 860 -1.23 2.34 -17.07
N LEU D 861 -1.67 3.37 -16.33
CA LEU D 861 -1.73 3.23 -14.87
C LEU D 861 -2.64 2.07 -14.47
N ALA D 862 -3.84 2.03 -15.04
CA ALA D 862 -4.77 0.94 -14.72
C ALA D 862 -4.21 -0.41 -15.16
N ASP D 863 -3.54 -0.45 -16.31
CA ASP D 863 -3.00 -1.70 -16.82
C ASP D 863 -1.92 -2.25 -15.87
N THR D 864 -1.05 -1.38 -15.36
CA THR D 864 -0.10 -1.83 -14.35
C THR D 864 -0.83 -2.32 -13.10
N ALA D 865 -1.88 -1.61 -12.70
CA ALA D 865 -2.67 -2.05 -11.55
C ALA D 865 -3.12 -3.50 -11.71
N LEU D 866 -3.58 -3.87 -12.90
CA LEU D 866 -4.04 -5.25 -13.12
C LEU D 866 -2.88 -6.23 -13.27
N ARG D 867 -1.84 -5.82 -14.01
CA ARG D 867 -0.71 -6.69 -14.28
C ARG D 867 -0.04 -7.14 -12.99
N THR D 868 0.03 -6.25 -12.00
CA THR D 868 0.63 -6.63 -10.73
C THR D 868 -0.14 -7.78 -10.09
N ALA D 869 -1.47 -7.72 -10.11
CA ALA D 869 -2.28 -8.78 -9.49
C ALA D 869 -2.14 -10.10 -10.26
N ASP D 870 -2.10 -10.03 -11.59
CA ASP D 870 -1.94 -11.25 -12.36
C ASP D 870 -0.59 -11.90 -12.10
N SER D 871 0.49 -11.10 -12.15
CA SER D 871 1.80 -11.61 -11.77
C SER D 871 1.76 -12.24 -10.38
N GLY D 872 1.06 -11.60 -9.44
CA GLY D 872 1.01 -12.13 -8.09
C GLY D 872 0.35 -13.49 -8.02
N TYR D 873 -0.79 -13.65 -8.70
CA TYR D 873 -1.48 -14.94 -8.66
C TYR D 873 -0.63 -16.03 -9.31
N LEU D 874 0.05 -15.70 -10.42
CA LEU D 874 0.92 -16.68 -11.04
C LEU D 874 2.07 -17.07 -10.11
N THR D 875 2.67 -16.09 -9.44
CA THR D 875 3.74 -16.39 -8.50
C THR D 875 3.24 -17.28 -7.37
N ARG D 876 2.02 -17.02 -6.89
CA ARG D 876 1.48 -17.84 -5.81
C ARG D 876 1.28 -19.27 -6.26
N ARG D 877 0.72 -19.47 -7.45
CA ARG D 877 0.54 -20.83 -7.94
C ARG D 877 1.87 -21.53 -8.15
N LEU D 878 2.88 -20.82 -8.63
CA LEU D 878 4.22 -21.41 -8.74
C LEU D 878 4.75 -21.83 -7.38
N VAL D 879 4.67 -20.92 -6.40
CA VAL D 879 5.10 -21.24 -5.05
C VAL D 879 4.44 -22.54 -4.58
N ASP D 880 3.14 -22.64 -4.80
CA ASP D 880 2.42 -23.81 -4.30
C ASP D 880 2.86 -25.08 -5.01
N VAL D 881 2.90 -25.05 -6.34
CA VAL D 881 3.23 -26.27 -7.09
C VAL D 881 4.68 -26.67 -6.90
N SER D 882 5.55 -25.78 -6.42
CA SER D 882 6.98 -26.05 -6.42
C SER D 882 7.64 -26.03 -5.04
N GLN D 883 6.93 -25.67 -3.97
CA GLN D 883 7.62 -25.43 -2.70
C GLN D 883 8.12 -26.70 -2.04
N ASP D 884 7.60 -27.87 -2.42
CA ASP D 884 8.06 -29.13 -1.84
C ASP D 884 9.31 -29.68 -2.54
N VAL D 885 10.07 -28.85 -3.24
CA VAL D 885 11.22 -29.30 -4.02
C VAL D 885 12.51 -28.79 -3.39
N ILE D 886 13.12 -29.59 -2.51
CA ILE D 886 14.35 -29.20 -1.84
C ILE D 886 15.44 -30.18 -2.24
N VAL D 887 16.68 -29.71 -2.12
CA VAL D 887 17.83 -30.58 -2.35
C VAL D 887 18.00 -31.51 -1.16
N ARG D 888 18.32 -32.77 -1.44
CA ARG D 888 18.45 -33.76 -0.38
C ARG D 888 19.70 -34.62 -0.46
N GLU D 889 20.31 -34.75 -1.64
CA GLU D 889 21.56 -35.48 -1.79
C GLU D 889 22.57 -34.63 -2.55
N HIS D 890 23.84 -34.97 -2.37
CA HIS D 890 24.90 -34.21 -3.04
C HIS D 890 24.98 -34.55 -4.52
N ASP D 891 24.66 -35.80 -4.89
CA ASP D 891 24.76 -36.23 -6.27
C ASP D 891 24.01 -37.53 -6.53
N CYS D 892 23.13 -37.55 -7.53
CA CYS D 892 22.47 -38.77 -7.96
C CYS D 892 23.32 -39.57 -8.93
N GLN D 893 24.43 -39.00 -9.39
CA GLN D 893 25.39 -39.72 -10.22
C GLN D 893 24.84 -40.03 -11.59
N THR D 894 23.62 -39.59 -11.90
CA THR D 894 23.04 -39.87 -13.20
C THR D 894 23.95 -39.35 -14.31
N GLU D 895 23.83 -39.97 -15.49
CA GLU D 895 24.55 -39.54 -16.67
C GLU D 895 23.64 -38.88 -17.69
N ARG D 896 22.40 -38.58 -17.31
CA ARG D 896 21.49 -37.86 -18.18
C ARG D 896 21.82 -36.36 -18.16
N GLY D 897 21.24 -35.64 -19.11
CA GLY D 897 21.45 -34.21 -19.19
C GLY D 897 20.82 -33.65 -20.45
N ILE D 898 21.12 -32.38 -20.70
CA ILE D 898 20.61 -31.67 -21.87
C ILE D 898 21.78 -31.06 -22.61
N VAL D 899 21.67 -31.03 -23.94
CA VAL D 899 22.68 -30.41 -24.78
C VAL D 899 22.31 -28.95 -24.98
N VAL D 900 23.28 -28.06 -24.72
CA VAL D 900 23.11 -26.63 -24.87
C VAL D 900 24.06 -26.16 -25.97
N GLU D 901 23.51 -25.43 -26.93
CA GLU D 901 24.31 -24.81 -27.97
C GLU D 901 25.21 -23.74 -27.35
N LEU D 902 26.48 -23.78 -27.70
CA LEU D 902 27.43 -22.78 -27.23
C LEU D 902 27.92 -21.86 -28.33
N ALA D 903 27.54 -22.12 -29.58
CA ALA D 903 28.01 -21.29 -30.68
C ALA D 903 27.38 -21.78 -31.98
N GLU D 904 27.49 -20.94 -33.01
CA GLU D 904 27.18 -21.29 -34.38
C GLU D 904 28.31 -20.78 -35.27
N ARG D 905 28.62 -21.53 -36.31
CA ARG D 905 29.81 -21.27 -37.12
C ARG D 905 29.43 -20.71 -38.48
N ALA D 906 30.13 -19.64 -38.88
CA ALA D 906 30.00 -19.04 -40.21
C ALA D 906 31.39 -18.61 -40.69
N PRO D 907 31.86 -19.14 -41.83
CA PRO D 907 33.23 -18.89 -42.31
C PRO D 907 33.59 -17.41 -42.41
N THR D 910 34.99 -17.77 -38.36
CA THR D 910 34.58 -17.22 -37.08
C THR D 910 33.26 -17.82 -36.62
N LEU D 911 33.10 -17.98 -35.31
CA LEU D 911 31.89 -18.54 -34.73
C LEU D 911 31.16 -17.47 -33.93
N ILE D 912 29.83 -17.47 -34.03
CA ILE D 912 28.98 -16.57 -33.26
C ILE D 912 28.95 -17.07 -31.82
N ARG D 913 28.49 -16.23 -30.90
CA ARG D 913 28.24 -16.67 -29.54
C ARG D 913 26.81 -17.21 -29.48
N ASP D 914 26.63 -18.35 -28.82
CA ASP D 914 25.29 -18.92 -28.69
C ASP D 914 24.35 -17.84 -28.16
N PRO D 915 23.16 -17.68 -28.76
CA PRO D 915 22.36 -16.48 -28.47
C PRO D 915 22.14 -16.22 -26.99
N TYR D 916 21.82 -17.25 -26.21
CA TYR D 916 21.49 -17.07 -24.81
C TYR D 916 22.29 -18.04 -23.94
N ILE D 917 23.60 -18.09 -24.16
CA ILE D 917 24.49 -18.81 -23.24
C ILE D 917 24.25 -18.35 -21.80
N GLU D 918 23.81 -17.11 -21.62
CA GLU D 918 23.67 -16.55 -20.28
C GLU D 918 22.69 -17.34 -19.43
N THR D 919 21.67 -17.94 -20.04
CA THR D 919 20.57 -18.53 -19.28
C THR D 919 20.49 -20.05 -19.36
N SER D 920 21.16 -20.68 -20.32
CA SER D 920 21.05 -22.13 -20.49
C SER D 920 22.36 -22.89 -20.33
N ALA D 921 23.50 -22.28 -20.64
CA ALA D 921 24.80 -22.92 -20.46
C ALA D 921 25.50 -22.46 -19.19
N TYR D 922 25.60 -21.15 -18.99
CA TYR D 922 26.28 -20.60 -17.82
C TYR D 922 25.66 -21.12 -16.54
N ALA D 923 26.50 -21.35 -15.53
CA ALA D 923 26.11 -21.72 -14.17
C ALA D 923 25.63 -23.17 -14.06
N ARG D 924 25.80 -23.98 -15.10
CA ARG D 924 25.45 -25.39 -15.05
C ARG D 924 26.60 -26.18 -14.42
N THR D 925 26.46 -27.51 -14.41
CA THR D 925 27.57 -28.40 -14.14
C THR D 925 27.69 -29.37 -15.32
N LEU D 926 28.91 -29.53 -15.83
CA LEU D 926 29.12 -30.30 -17.05
C LEU D 926 28.88 -31.77 -16.79
N GLY D 927 28.01 -32.38 -17.60
CA GLY D 927 27.67 -33.79 -17.44
C GLY D 927 28.73 -34.73 -17.96
N THR D 928 29.14 -34.52 -19.21
CA THR D 928 30.16 -35.33 -19.87
C THR D 928 31.34 -34.45 -20.23
N ASP D 929 32.55 -34.96 -19.98
CA ASP D 929 33.76 -34.25 -20.35
C ASP D 929 33.64 -33.69 -21.75
N ALA D 930 33.87 -32.39 -21.89
CA ALA D 930 33.83 -31.72 -23.19
C ALA D 930 35.26 -31.55 -23.68
N VAL D 931 35.58 -32.24 -24.78
CA VAL D 931 36.90 -32.15 -25.40
C VAL D 931 36.72 -31.68 -26.83
N ASP D 932 37.67 -30.88 -27.31
CA ASP D 932 37.65 -30.41 -28.69
C ASP D 932 38.18 -31.50 -29.60
N GLU D 933 37.44 -31.81 -30.66
CA GLU D 933 37.90 -32.78 -31.65
C GLU D 933 39.32 -32.46 -32.07
N ALA D 934 40.23 -33.40 -31.83
CA ALA D 934 41.66 -33.17 -32.03
C ALA D 934 42.18 -32.09 -31.07
N GLY D 935 42.01 -32.35 -29.78
CA GLY D 935 42.45 -31.40 -28.77
C GLY D 935 42.44 -32.03 -27.39
N ASN D 936 43.04 -31.28 -26.45
CA ASN D 936 43.09 -31.66 -25.05
C ASN D 936 41.68 -31.64 -24.45
N VAL D 937 41.55 -32.17 -23.23
CA VAL D 937 40.30 -32.10 -22.49
C VAL D 937 40.20 -30.69 -21.90
N ILE D 938 39.32 -29.87 -22.47
CA ILE D 938 39.28 -28.46 -22.11
C ILE D 938 38.59 -28.26 -20.77
N VAL D 939 37.50 -28.98 -20.51
CA VAL D 939 36.75 -28.83 -19.27
C VAL D 939 36.32 -30.20 -18.77
N GLU D 940 36.46 -30.42 -17.46
CA GLU D 940 36.14 -31.69 -16.85
C GLU D 940 34.67 -31.75 -16.45
N ARG D 941 34.11 -32.96 -16.47
CA ARG D 941 32.74 -33.15 -16.05
C ARG D 941 32.60 -32.84 -14.56
N GLY D 942 31.50 -32.20 -14.18
CA GLY D 942 31.30 -31.77 -12.82
C GLY D 942 31.86 -30.41 -12.48
N GLN D 943 32.18 -29.59 -13.49
CA GLN D 943 32.73 -28.26 -13.27
C GLN D 943 31.60 -27.22 -13.24
N ASP D 944 31.96 -25.98 -12.94
CA ASP D 944 30.95 -24.94 -12.75
C ASP D 944 30.49 -24.31 -14.06
N LEU D 945 31.33 -24.30 -15.08
CA LEU D 945 31.00 -23.65 -16.36
C LEU D 945 30.75 -22.15 -16.16
N GLY D 946 31.70 -21.50 -15.50
CA GLY D 946 31.64 -20.05 -15.31
C GLY D 946 32.08 -19.30 -16.56
N ASP D 947 32.32 -18.01 -16.37
CA ASP D 947 32.84 -17.19 -17.47
C ASP D 947 34.15 -17.71 -18.02
N PRO D 948 35.18 -17.99 -17.21
CA PRO D 948 36.41 -18.55 -17.77
C PRO D 948 36.20 -19.87 -18.48
N GLU D 949 35.37 -20.75 -17.90
CA GLU D 949 35.15 -22.06 -18.51
C GLU D 949 34.44 -21.93 -19.86
N ILE D 950 33.39 -21.09 -19.92
CA ILE D 950 32.69 -20.88 -21.18
C ILE D 950 33.63 -20.28 -22.21
N ASP D 951 34.47 -19.33 -21.78
CA ASP D 951 35.38 -18.70 -22.72
C ASP D 951 36.42 -19.67 -23.26
N ALA D 952 36.94 -20.55 -22.40
CA ALA D 952 37.90 -21.56 -22.86
C ALA D 952 37.23 -22.52 -23.83
N LEU D 953 36.03 -22.99 -23.49
CA LEU D 953 35.28 -23.86 -24.40
C LEU D 953 35.06 -23.19 -25.75
N LEU D 954 34.77 -21.89 -25.74
CA LEU D 954 34.46 -21.18 -26.98
C LEU D 954 35.73 -20.95 -27.80
N ALA D 955 36.84 -20.62 -27.13
CA ALA D 955 38.10 -20.41 -27.84
C ALA D 955 38.58 -21.72 -28.46
N ALA D 956 38.46 -22.83 -27.74
CA ALA D 956 38.86 -24.12 -28.28
C ALA D 956 37.97 -24.56 -29.44
N GLY D 957 36.84 -23.89 -29.68
CA GLY D 957 35.93 -24.27 -30.72
C GLY D 957 34.85 -25.24 -30.31
N ILE D 958 34.53 -25.31 -29.01
CA ILE D 958 33.46 -26.19 -28.53
C ILE D 958 32.14 -25.50 -28.86
N THR D 959 31.45 -26.00 -29.87
CA THR D 959 30.21 -25.36 -30.31
C THR D 959 29.03 -25.71 -29.42
N GLN D 960 29.12 -26.79 -28.64
CA GLN D 960 28.01 -27.19 -27.78
C GLN D 960 28.55 -27.94 -26.58
N VAL D 961 27.67 -28.23 -25.62
CA VAL D 961 28.04 -28.96 -24.42
C VAL D 961 26.83 -29.76 -23.94
N LYS D 962 27.09 -30.73 -23.07
CA LYS D 962 26.05 -31.51 -22.42
C LYS D 962 26.16 -31.30 -20.92
N VAL D 963 25.10 -30.79 -20.31
CA VAL D 963 25.11 -30.39 -18.91
C VAL D 963 24.04 -31.17 -18.16
N ARG D 964 24.14 -31.14 -16.84
CA ARG D 964 23.16 -31.79 -15.98
C ARG D 964 22.14 -30.77 -15.51
N SER D 965 20.85 -31.09 -15.65
CA SER D 965 19.78 -30.23 -15.19
C SER D 965 18.86 -31.04 -14.29
N VAL D 966 17.94 -30.34 -13.61
CA VAL D 966 16.97 -31.03 -12.79
C VAL D 966 15.96 -31.77 -13.65
N LEU D 967 15.82 -31.39 -14.92
CA LEU D 967 14.94 -32.14 -15.82
C LEU D 967 15.34 -33.60 -15.89
N THR D 968 16.63 -33.87 -16.08
CA THR D 968 17.16 -35.21 -16.21
C THR D 968 17.75 -35.74 -14.90
N CYS D 969 17.58 -35.01 -13.80
CA CYS D 969 18.09 -35.50 -12.52
C CYS D 969 17.38 -36.80 -12.15
N ALA D 970 18.13 -37.67 -11.46
CA ALA D 970 17.64 -39.00 -11.13
C ALA D 970 17.20 -39.16 -9.68
N THR D 971 17.51 -38.19 -8.82
CA THR D 971 17.10 -38.32 -7.42
C THR D 971 15.60 -38.51 -7.33
N SER D 972 15.16 -39.23 -6.30
CA SER D 972 13.75 -39.57 -6.17
C SER D 972 12.94 -38.40 -5.62
N THR D 973 13.33 -37.88 -4.46
CA THR D 973 12.59 -36.84 -3.75
C THR D 973 13.34 -35.52 -3.89
N GLY D 974 12.93 -34.71 -4.86
CA GLY D 974 13.56 -33.43 -5.07
C GLY D 974 14.65 -33.47 -6.13
N VAL D 975 15.78 -32.81 -5.87
CA VAL D 975 16.88 -32.75 -6.81
C VAL D 975 18.19 -32.85 -6.04
N CYS D 976 19.20 -33.43 -6.69
CA CYS D 976 20.54 -33.46 -6.12
C CYS D 976 21.25 -32.15 -6.43
N ALA D 977 22.16 -31.76 -5.52
CA ALA D 977 22.87 -30.50 -5.70
C ALA D 977 23.51 -30.42 -7.08
N THR D 978 24.25 -31.46 -7.48
CA THR D 978 25.05 -31.38 -8.69
C THR D 978 24.18 -31.22 -9.94
N CYS D 979 23.04 -31.90 -9.99
CA CYS D 979 22.14 -31.71 -11.12
C CYS D 979 21.65 -30.27 -11.22
N TYR D 980 21.54 -29.59 -10.07
CA TYR D 980 21.07 -28.22 -10.04
C TYR D 980 22.20 -27.23 -10.36
N GLY D 981 23.39 -27.48 -9.83
CA GLY D 981 24.55 -26.67 -10.17
C GLY D 981 24.82 -25.53 -9.22
N ARG D 982 25.28 -24.41 -9.77
CA ARG D 982 25.62 -23.27 -8.94
C ARG D 982 24.35 -22.62 -8.37
N SER D 983 24.48 -22.11 -7.15
CA SER D 983 23.44 -21.28 -6.54
C SER D 983 23.64 -19.85 -7.04
N MET D 984 22.66 -19.34 -7.80
CA MET D 984 22.84 -18.06 -8.47
C MET D 984 23.26 -16.96 -7.52
N ALA D 985 22.78 -16.99 -6.28
CA ALA D 985 23.14 -15.97 -5.30
C ALA D 985 24.57 -16.20 -4.78
N THR D 986 24.82 -17.37 -4.18
CA THR D 986 26.09 -17.61 -3.52
C THR D 986 27.24 -17.81 -4.51
N GLY D 987 26.94 -18.06 -5.78
CA GLY D 987 27.96 -18.32 -6.77
C GLY D 987 28.68 -19.64 -6.63
N LYS D 988 28.53 -20.33 -5.50
CA LYS D 988 29.12 -21.64 -5.27
C LYS D 988 28.10 -22.73 -5.59
N LEU D 989 28.47 -23.97 -5.30
CA LEU D 989 27.55 -25.08 -5.50
C LEU D 989 26.41 -25.02 -4.48
N VAL D 990 25.18 -25.21 -4.95
CA VAL D 990 24.02 -25.12 -4.06
C VAL D 990 24.21 -26.03 -2.87
N ASP D 991 23.79 -25.56 -1.71
CA ASP D 991 23.91 -26.35 -0.49
C ASP D 991 22.80 -27.39 -0.40
N ILE D 992 23.01 -28.39 0.45
CA ILE D 992 22.16 -29.57 0.48
C ILE D 992 20.75 -29.29 1.01
N GLY D 993 20.53 -28.12 1.62
CA GLY D 993 19.23 -27.80 2.18
C GLY D 993 18.43 -26.72 1.49
N GLU D 994 18.90 -26.22 0.34
CA GLU D 994 18.21 -25.12 -0.33
C GLU D 994 16.78 -25.50 -0.69
N ALA D 995 15.91 -24.50 -0.67
CA ALA D 995 14.54 -24.64 -1.16
C ALA D 995 14.44 -24.06 -2.56
N VAL D 996 15.17 -24.71 -3.48
CA VAL D 996 15.30 -24.21 -4.84
C VAL D 996 13.94 -24.00 -5.49
N GLY D 997 12.91 -24.70 -5.02
CA GLY D 997 11.60 -24.53 -5.61
C GLY D 997 11.04 -23.13 -5.39
N ILE D 998 11.02 -22.67 -4.14
CA ILE D 998 10.51 -21.34 -3.85
C ILE D 998 11.36 -20.28 -4.53
N VAL D 999 12.68 -20.47 -4.54
CA VAL D 999 13.55 -19.51 -5.21
C VAL D 999 13.24 -19.46 -6.70
N ALA D 1000 12.89 -20.60 -7.29
CA ALA D 1000 12.52 -20.60 -8.69
C ALA D 1000 11.19 -19.87 -8.91
N ALA D 1001 10.20 -20.17 -8.07
CA ALA D 1001 8.92 -19.46 -8.17
C ALA D 1001 9.15 -17.96 -8.09
N GLN D 1002 10.01 -17.52 -7.18
CA GLN D 1002 10.27 -16.10 -7.02
C GLN D 1002 11.01 -15.54 -8.24
N SER D 1003 12.09 -16.19 -8.65
CA SER D 1003 12.82 -15.71 -9.81
C SER D 1003 11.91 -15.60 -11.03
N ILE D 1004 10.88 -16.42 -11.09
CA ILE D 1004 9.97 -16.38 -12.24
C ILE D 1004 8.87 -15.33 -12.06
N GLY D 1005 8.43 -15.07 -10.84
CA GLY D 1005 7.34 -14.15 -10.60
C GLY D 1005 7.75 -12.69 -10.41
N GLU D 1006 8.87 -12.46 -9.75
CA GLU D 1006 9.36 -11.10 -9.49
C GLU D 1006 9.35 -10.23 -10.73
N PRO D 1007 9.89 -10.65 -11.87
CA PRO D 1007 9.81 -9.85 -13.09
C PRO D 1007 8.47 -9.92 -13.80
N GLY D 1008 7.43 -10.47 -13.18
CA GLY D 1008 6.15 -10.59 -13.84
C GLY D 1008 5.59 -9.26 -14.31
N THR D 1009 5.68 -8.23 -13.46
CA THR D 1009 5.10 -6.93 -13.79
C THR D 1009 5.82 -6.21 -14.92
N GLN D 1010 6.80 -6.83 -15.56
CA GLN D 1010 7.42 -6.29 -16.76
C GLN D 1010 6.80 -6.81 -18.05
N LEU D 1011 6.03 -7.90 -17.97
CA LEU D 1011 5.39 -8.48 -19.15
C LEU D 1011 4.23 -7.59 -19.59
N THR D 1012 4.37 -6.99 -20.77
CA THR D 1012 3.31 -6.15 -21.32
C THR D 1012 2.57 -6.87 -22.45
N GLY D 1027 1.27 -14.23 -26.06
CA GLY D 1027 2.16 -13.14 -26.40
C GLY D 1027 2.75 -12.44 -25.19
N GLY D 1028 2.24 -12.77 -24.02
CA GLY D 1028 2.75 -12.18 -22.79
C GLY D 1028 2.46 -13.07 -21.61
N LEU D 1029 2.39 -12.43 -20.43
CA LEU D 1029 2.08 -13.11 -19.17
C LEU D 1029 0.97 -14.14 -19.38
N PRO D 1030 -0.09 -13.79 -20.13
CA PRO D 1030 -1.10 -14.80 -20.47
C PRO D 1030 -0.50 -16.05 -21.08
N ARG D 1031 0.50 -15.92 -21.96
CA ARG D 1031 1.13 -17.10 -22.55
C ARG D 1031 1.93 -17.89 -21.52
N VAL D 1032 2.61 -17.19 -20.62
CA VAL D 1032 3.34 -17.89 -19.56
C VAL D 1032 2.39 -18.73 -18.74
N GLN D 1033 1.20 -18.20 -18.47
CA GLN D 1033 0.21 -18.97 -17.70
C GLN D 1033 -0.35 -20.11 -18.54
N GLU D 1034 -0.65 -19.84 -19.81
CA GLU D 1034 -1.11 -20.89 -20.71
C GLU D 1034 -0.15 -22.07 -20.74
N LEU D 1035 1.15 -21.78 -20.64
CA LEU D 1035 2.14 -22.84 -20.62
C LEU D 1035 2.20 -23.54 -19.27
N PHE D 1036 2.44 -22.79 -18.19
CA PHE D 1036 2.60 -23.41 -16.89
C PHE D 1036 1.37 -24.22 -16.48
N GLU D 1037 0.18 -23.83 -16.96
CA GLU D 1037 -1.02 -24.59 -16.64
C GLU D 1037 -1.29 -25.70 -17.64
N ALA D 1038 -0.57 -25.74 -18.77
CA ALA D 1038 -0.68 -26.81 -19.75
C ALA D 1038 -2.08 -26.87 -20.36
N ARG D 1039 -2.54 -25.74 -20.86
CA ARG D 1039 -3.83 -25.66 -21.52
C ARG D 1039 -3.65 -25.81 -23.03
N VAL D 1040 -4.51 -26.61 -23.65
CA VAL D 1040 -4.45 -26.80 -25.09
C VAL D 1040 -4.47 -25.44 -25.77
N PRO D 1041 -3.40 -25.05 -26.45
CA PRO D 1041 -3.23 -23.64 -26.85
C PRO D 1041 -4.37 -23.13 -27.71
N ARG D 1042 -4.56 -21.81 -27.66
CA ARG D 1042 -5.63 -21.17 -28.43
C ARG D 1042 -5.49 -21.49 -29.92
N GLY D 1043 -4.38 -21.04 -30.53
CA GLY D 1043 -4.12 -21.40 -31.91
C GLY D 1043 -3.33 -22.70 -31.98
N LYS D 1044 -4.03 -23.81 -32.18
CA LYS D 1044 -3.40 -25.12 -32.11
C LYS D 1044 -2.71 -25.45 -33.43
N ALA D 1045 -1.39 -25.60 -33.39
CA ALA D 1045 -0.61 -25.96 -34.57
C ALA D 1045 -0.30 -27.44 -34.52
N PRO D 1046 -1.05 -28.29 -35.22
CA PRO D 1046 -0.76 -29.72 -35.19
C PRO D 1046 0.67 -30.01 -35.62
N ILE D 1047 1.12 -31.23 -35.30
CA ILE D 1047 2.47 -31.67 -35.61
C ILE D 1047 2.42 -33.04 -36.24
N ALA D 1048 3.49 -33.38 -36.96
CA ALA D 1048 3.59 -34.68 -37.58
C ALA D 1048 3.58 -35.77 -36.51
N ASP D 1049 2.74 -36.79 -36.72
CA ASP D 1049 2.69 -37.90 -35.79
C ASP D 1049 3.74 -38.97 -36.08
N VAL D 1050 4.27 -39.01 -37.30
CA VAL D 1050 5.30 -39.98 -37.66
C VAL D 1050 5.95 -39.57 -38.97
N THR D 1051 7.22 -39.96 -39.15
CA THR D 1051 7.95 -39.63 -40.37
C THR D 1051 7.25 -40.23 -41.59
N GLY D 1052 7.41 -39.56 -42.72
CA GLY D 1052 6.81 -40.05 -43.96
C GLY D 1052 6.85 -39.00 -45.05
N ARG D 1053 5.86 -39.08 -45.93
CA ARG D 1053 5.71 -38.12 -47.02
C ARG D 1053 4.40 -37.36 -46.85
N VAL D 1054 4.45 -36.06 -47.08
CA VAL D 1054 3.32 -35.18 -46.83
C VAL D 1054 2.55 -34.94 -48.12
N ARG D 1055 1.24 -34.74 -47.99
CA ARG D 1055 0.38 -34.34 -49.09
C ARG D 1055 -0.51 -33.20 -48.61
N LEU D 1056 -0.38 -32.05 -49.26
CA LEU D 1056 -1.21 -30.89 -48.99
C LEU D 1056 -2.44 -30.91 -49.89
N GLU D 1057 -3.51 -30.26 -49.42
CA GLU D 1057 -4.72 -30.10 -50.20
C GLU D 1057 -5.29 -28.71 -49.92
N ASP D 1058 -5.35 -27.90 -50.97
CA ASP D 1058 -5.88 -26.54 -50.90
C ASP D 1058 -7.38 -26.54 -51.08
N GLY D 1059 -8.05 -25.63 -50.39
CA GLY D 1059 -9.46 -25.39 -50.59
C GLY D 1059 -9.79 -24.02 -50.04
N GLU D 1060 -11.03 -23.61 -50.27
CA GLU D 1060 -11.43 -22.25 -49.94
C GLU D 1060 -11.43 -22.08 -48.43
N ARG D 1061 -10.32 -21.62 -47.89
CA ARG D 1061 -10.07 -21.53 -46.45
C ARG D 1061 -9.93 -22.90 -45.80
N PHE D 1062 -9.66 -23.95 -46.60
CA PHE D 1062 -9.59 -25.32 -46.11
C PHE D 1062 -8.21 -25.89 -46.40
N TYR D 1063 -7.44 -26.11 -45.34
CA TYR D 1063 -6.11 -26.72 -45.45
C TYR D 1063 -6.24 -28.18 -44.99
N LYS D 1064 -6.05 -29.13 -45.92
CA LYS D 1064 -6.20 -30.55 -45.61
C LYS D 1064 -4.86 -31.25 -45.79
N ILE D 1065 -4.31 -31.76 -44.70
CA ILE D 1065 -2.99 -32.39 -44.72
C ILE D 1065 -3.15 -33.89 -44.49
N THR D 1066 -2.32 -34.67 -45.19
CA THR D 1066 -2.31 -36.12 -44.99
C THR D 1066 -0.89 -36.65 -45.10
N ILE D 1067 -0.47 -37.43 -44.11
CA ILE D 1067 0.87 -37.99 -44.05
C ILE D 1067 0.79 -39.47 -44.38
N VAL D 1068 1.56 -39.90 -45.38
CA VAL D 1068 1.75 -41.31 -45.69
C VAL D 1068 3.00 -41.78 -44.95
N PRO D 1069 2.87 -42.64 -43.94
CA PRO D 1069 4.05 -43.01 -43.15
C PRO D 1069 5.05 -43.82 -43.97
N ASP D 1070 6.33 -43.63 -43.64
CA ASP D 1070 7.39 -44.42 -44.26
C ASP D 1070 7.36 -45.88 -43.82
N ASP D 1071 6.77 -46.17 -42.65
CA ASP D 1071 6.68 -47.53 -42.16
C ASP D 1071 5.50 -48.30 -42.76
N GLY D 1072 4.67 -47.66 -43.57
CA GLY D 1072 3.56 -48.32 -44.23
C GLY D 1072 2.26 -48.36 -43.45
N GLY D 1073 2.27 -47.92 -42.18
CA GLY D 1073 1.06 -47.92 -41.39
C GLY D 1073 -0.03 -47.06 -42.00
N GLU D 1074 -1.18 -47.00 -41.35
CA GLU D 1074 -2.29 -46.21 -41.88
C GLU D 1074 -1.88 -44.76 -42.05
N GLU D 1075 -2.49 -44.09 -43.02
CA GLU D 1075 -2.16 -42.70 -43.33
C GLU D 1075 -2.83 -41.77 -42.31
N VAL D 1076 -2.06 -40.83 -41.78
CA VAL D 1076 -2.56 -39.90 -40.77
C VAL D 1076 -3.20 -38.71 -41.47
N VAL D 1077 -4.49 -38.52 -41.24
CA VAL D 1077 -5.23 -37.41 -41.85
C VAL D 1077 -5.45 -36.34 -40.79
N TYR D 1078 -5.04 -35.12 -41.08
CA TYR D 1078 -5.28 -33.98 -40.19
C TYR D 1078 -6.41 -33.13 -40.76
N ASP D 1079 -7.30 -32.70 -39.88
CA ASP D 1079 -8.50 -31.98 -40.30
C ASP D 1079 -8.12 -30.71 -41.06
N LYS D 1080 -9.12 -30.13 -41.73
CA LYS D 1080 -8.91 -28.88 -42.45
C LYS D 1080 -8.65 -27.73 -41.47
N ILE D 1081 -7.78 -26.81 -41.87
CA ILE D 1081 -7.43 -25.66 -41.06
C ILE D 1081 -7.73 -24.40 -41.86
N SER D 1082 -8.30 -23.40 -41.19
CA SER D 1082 -8.58 -22.13 -41.85
C SER D 1082 -7.28 -21.51 -42.37
N LYS D 1083 -7.41 -20.72 -43.43
CA LYS D 1083 -6.23 -20.10 -44.04
C LYS D 1083 -5.51 -19.15 -43.09
N ARG D 1084 -6.06 -18.90 -41.90
CA ARG D 1084 -5.40 -18.02 -40.94
C ARG D 1084 -4.05 -18.57 -40.49
N GLN D 1085 -3.85 -19.89 -40.58
CA GLN D 1085 -2.61 -20.52 -40.13
C GLN D 1085 -1.72 -20.77 -41.34
N ARG D 1086 -0.75 -19.89 -41.56
CA ARG D 1086 0.27 -20.16 -42.56
C ARG D 1086 1.03 -21.42 -42.19
N LEU D 1087 1.67 -22.01 -43.20
CA LEU D 1087 2.35 -23.28 -42.99
C LEU D 1087 3.74 -23.07 -42.41
N ARG D 1088 4.20 -24.06 -41.64
CA ARG D 1088 5.52 -23.99 -41.04
C ARG D 1088 6.59 -23.84 -42.13
N VAL D 1089 7.77 -23.39 -41.73
CA VAL D 1089 8.78 -22.97 -42.69
C VAL D 1089 10.02 -23.86 -42.62
N PHE D 1090 9.83 -25.14 -42.33
CA PHE D 1090 10.90 -26.11 -42.49
C PHE D 1090 10.34 -27.42 -43.05
N LYS D 1091 10.64 -27.68 -44.32
CA LYS D 1091 10.42 -28.98 -44.95
C LYS D 1091 11.75 -29.55 -45.45
N HIS D 1092 12.83 -29.21 -44.74
CA HIS D 1092 14.19 -29.43 -45.22
C HIS D 1092 14.74 -30.73 -44.66
N GLU D 1093 14.56 -31.83 -45.41
CA GLU D 1093 15.29 -33.07 -45.22
C GLU D 1093 16.01 -33.32 -46.54
N ASP D 1094 17.16 -32.69 -46.70
CA ASP D 1094 17.87 -32.64 -47.98
C ASP D 1094 17.05 -31.96 -49.06
N GLY D 1095 16.03 -31.19 -48.67
CA GLY D 1095 15.10 -30.58 -49.60
C GLY D 1095 14.96 -29.08 -49.36
N SER D 1096 13.76 -28.59 -49.62
CA SER D 1096 13.48 -27.15 -49.61
C SER D 1096 13.57 -26.61 -48.19
N GLU D 1097 14.62 -25.84 -47.91
CA GLU D 1097 14.75 -25.20 -46.60
C GLU D 1097 13.84 -23.97 -46.55
N ARG D 1098 12.56 -24.17 -46.84
CA ARG D 1098 11.59 -23.09 -46.97
C ARG D 1098 10.23 -23.62 -46.54
N VAL D 1099 9.17 -22.90 -46.92
CA VAL D 1099 7.83 -23.25 -46.50
C VAL D 1099 7.49 -24.70 -46.87
N LEU D 1100 6.59 -25.30 -46.10
CA LEU D 1100 6.13 -26.66 -46.36
C LEU D 1100 5.39 -26.72 -47.69
N SER D 1101 5.89 -27.55 -48.61
CA SER D 1101 5.25 -27.79 -49.90
C SER D 1101 4.83 -29.25 -49.98
N ASP D 1102 3.79 -29.51 -50.76
CA ASP D 1102 3.27 -30.88 -50.87
C ASP D 1102 4.35 -31.81 -51.39
N GLY D 1103 4.44 -32.99 -50.77
CA GLY D 1103 5.42 -33.98 -51.17
C GLY D 1103 6.76 -33.87 -50.48
N ASP D 1104 6.83 -33.19 -49.34
CA ASP D 1104 8.07 -33.10 -48.58
C ASP D 1104 8.16 -34.23 -47.57
N HIS D 1105 9.39 -34.57 -47.20
CA HIS D 1105 9.64 -35.58 -46.19
C HIS D 1105 9.60 -34.93 -44.81
N VAL D 1106 8.69 -35.40 -43.97
CA VAL D 1106 8.47 -34.84 -42.63
C VAL D 1106 8.90 -35.88 -41.61
N GLU D 1107 9.77 -35.48 -40.68
CA GLU D 1107 10.16 -36.33 -39.57
C GLU D 1107 9.02 -36.38 -38.55
N VAL D 1108 9.25 -37.10 -37.45
CA VAL D 1108 8.18 -37.30 -36.46
C VAL D 1108 7.83 -35.99 -35.78
N GLY D 1109 8.79 -35.41 -35.07
CA GLY D 1109 8.52 -34.20 -34.32
C GLY D 1109 8.76 -32.93 -35.11
N GLN D 1110 7.97 -32.70 -36.15
CA GLN D 1110 8.07 -31.52 -36.99
C GLN D 1110 6.77 -30.75 -36.96
N GLN D 1111 6.84 -29.47 -36.63
CA GLN D 1111 5.66 -28.62 -36.62
C GLN D 1111 5.17 -28.39 -38.05
N LEU D 1112 3.85 -28.44 -38.23
CA LEU D 1112 3.29 -28.41 -39.58
C LEU D 1112 2.92 -27.00 -40.01
N MET D 1113 2.39 -26.17 -39.12
CA MET D 1113 2.00 -24.82 -39.47
C MET D 1113 2.35 -23.86 -38.34
N GLU D 1114 2.65 -22.62 -38.72
CA GLU D 1114 3.07 -21.62 -37.75
C GLU D 1114 2.03 -21.49 -36.64
N GLY D 1115 2.50 -21.11 -35.45
CA GLY D 1115 1.70 -20.94 -34.27
C GLY D 1115 2.31 -21.66 -33.10
N SER D 1116 1.47 -21.99 -32.12
CA SER D 1116 1.89 -22.76 -30.96
C SER D 1116 1.30 -24.16 -31.04
N ALA D 1117 2.01 -25.12 -30.46
CA ALA D 1117 1.65 -26.53 -30.54
C ALA D 1117 1.18 -27.04 -29.18
N ASP D 1118 0.26 -28.00 -29.22
CA ASP D 1118 -0.27 -28.61 -28.00
C ASP D 1118 0.82 -29.39 -27.29
N PRO D 1119 1.16 -29.06 -26.05
CA PRO D 1119 2.24 -29.81 -25.37
C PRO D 1119 1.88 -31.24 -25.05
N HIS D 1120 0.59 -31.58 -24.90
CA HIS D 1120 0.21 -32.97 -24.70
C HIS D 1120 0.49 -33.81 -25.93
N GLU D 1121 0.23 -33.23 -27.11
CA GLU D 1121 0.53 -33.93 -28.36
C GLU D 1121 2.01 -34.25 -28.47
N VAL D 1122 2.87 -33.26 -28.19
CA VAL D 1122 4.31 -33.50 -28.21
C VAL D 1122 4.70 -34.50 -27.13
N LEU D 1123 4.00 -34.49 -26.00
CA LEU D 1123 4.27 -35.48 -24.96
C LEU D 1123 4.07 -36.89 -25.51
N ARG D 1124 2.92 -37.11 -26.16
CA ARG D 1124 2.60 -38.46 -26.63
C ARG D 1124 3.36 -38.84 -27.90
N VAL D 1125 3.89 -37.86 -28.63
CA VAL D 1125 4.55 -38.14 -29.91
C VAL D 1125 6.07 -38.26 -29.75
N GLN D 1126 6.68 -37.42 -28.92
CA GLN D 1126 8.14 -37.35 -28.85
C GLN D 1126 8.72 -37.75 -27.49
N GLY D 1127 7.92 -37.83 -26.44
CA GLY D 1127 8.42 -38.27 -25.16
C GLY D 1127 8.45 -37.18 -24.11
N PRO D 1128 8.60 -37.56 -22.85
CA PRO D 1128 8.55 -36.54 -21.77
C PRO D 1128 9.76 -35.64 -21.73
N ARG D 1129 10.97 -36.20 -21.90
CA ARG D 1129 12.16 -35.36 -21.90
C ARG D 1129 12.14 -34.35 -23.03
N GLU D 1130 11.30 -34.56 -24.03
CA GLU D 1130 11.13 -33.57 -25.09
C GLU D 1130 10.08 -32.53 -24.73
N VAL D 1131 9.01 -32.95 -24.06
CA VAL D 1131 8.02 -31.99 -23.56
C VAL D 1131 8.69 -31.00 -22.62
N GLN D 1132 9.59 -31.49 -21.76
CA GLN D 1132 10.28 -30.59 -20.84
C GLN D 1132 11.08 -29.54 -21.58
N ILE D 1133 11.89 -29.97 -22.57
CA ILE D 1133 12.68 -29.04 -23.36
C ILE D 1133 11.77 -28.02 -24.03
N HIS D 1134 10.71 -28.50 -24.69
CA HIS D 1134 9.84 -27.60 -25.44
C HIS D 1134 9.19 -26.57 -24.52
N LEU D 1135 8.69 -27.02 -23.37
CA LEU D 1135 8.02 -26.09 -22.45
C LEU D 1135 8.99 -25.05 -21.92
N VAL D 1136 10.18 -25.48 -21.48
CA VAL D 1136 11.16 -24.53 -20.99
C VAL D 1136 11.48 -23.49 -22.06
N ARG D 1137 11.74 -23.94 -23.29
CA ARG D 1137 12.08 -22.99 -24.34
C ARG D 1137 10.93 -22.05 -24.64
N GLU D 1138 9.70 -22.57 -24.75
CA GLU D 1138 8.56 -21.72 -25.08
C GLU D 1138 8.35 -20.67 -24.00
N VAL D 1139 8.34 -21.07 -22.74
CA VAL D 1139 8.21 -20.10 -21.66
C VAL D 1139 9.33 -19.06 -21.75
N GLN D 1140 10.57 -19.54 -21.88
CA GLN D 1140 11.71 -18.62 -21.94
C GLN D 1140 11.54 -17.62 -23.07
N GLU D 1141 10.88 -18.00 -24.15
CA GLU D 1141 10.71 -17.10 -25.29
C GLU D 1141 10.07 -15.79 -24.86
N VAL D 1142 8.97 -15.87 -24.11
CA VAL D 1142 8.27 -14.66 -23.67
C VAL D 1142 9.20 -13.78 -22.84
N TYR D 1143 9.75 -14.34 -21.76
CA TYR D 1143 10.62 -13.56 -20.88
C TYR D 1143 11.82 -12.98 -21.63
N ARG D 1144 12.26 -13.63 -22.71
CA ARG D 1144 13.36 -13.11 -23.50
C ARG D 1144 12.92 -11.95 -24.38
N ALA D 1145 11.70 -12.03 -24.92
CA ALA D 1145 11.16 -10.95 -25.74
C ALA D 1145 10.81 -9.70 -24.93
N GLN D 1146 11.16 -9.65 -23.64
CA GLN D 1146 10.89 -8.50 -22.80
C GLN D 1146 12.11 -8.02 -22.02
N GLY D 1147 13.28 -8.60 -22.24
CA GLY D 1147 14.47 -8.17 -21.52
C GLY D 1147 14.61 -8.74 -20.13
N VAL D 1148 14.18 -9.98 -19.92
CA VAL D 1148 14.15 -10.60 -18.61
C VAL D 1148 14.99 -11.87 -18.66
N SER D 1149 16.16 -11.84 -18.04
CA SER D 1149 17.06 -12.99 -18.02
C SER D 1149 16.74 -13.82 -16.80
N ILE D 1150 15.87 -14.82 -16.98
CA ILE D 1150 15.59 -15.84 -15.99
C ILE D 1150 16.40 -17.07 -16.37
N HIS D 1151 17.21 -17.57 -15.44
CA HIS D 1151 18.02 -18.74 -15.77
C HIS D 1151 17.12 -19.95 -16.00
N ASP D 1152 17.49 -20.75 -17.01
CA ASP D 1152 16.64 -21.88 -17.39
C ASP D 1152 16.38 -22.82 -16.22
N LYS D 1153 17.31 -22.95 -15.30
CA LYS D 1153 17.15 -23.94 -14.22
C LYS D 1153 15.92 -23.66 -13.38
N HIS D 1154 15.51 -22.40 -13.21
CA HIS D 1154 14.29 -22.13 -12.46
C HIS D 1154 13.07 -22.69 -13.18
N ILE D 1155 12.96 -22.39 -14.48
CA ILE D 1155 11.83 -22.89 -15.25
C ILE D 1155 11.86 -24.41 -15.31
N GLU D 1156 13.05 -25.00 -15.25
CA GLU D 1156 13.14 -26.46 -15.21
C GLU D 1156 12.66 -27.00 -13.88
N VAL D 1157 13.01 -26.33 -12.77
CA VAL D 1157 12.50 -26.74 -11.47
C VAL D 1157 10.98 -26.74 -11.48
N ILE D 1158 10.38 -25.75 -12.14
CA ILE D 1158 8.91 -25.74 -12.24
C ILE D 1158 8.42 -26.88 -13.13
N VAL D 1159 8.98 -27.01 -14.33
CA VAL D 1159 8.50 -27.98 -15.29
C VAL D 1159 8.58 -29.40 -14.74
N ARG D 1160 9.64 -29.69 -13.98
CA ARG D 1160 9.78 -31.00 -13.38
C ARG D 1160 8.51 -31.43 -12.66
N GLN D 1161 7.91 -30.51 -11.89
CA GLN D 1161 6.76 -30.85 -11.08
C GLN D 1161 5.47 -31.00 -11.88
N MET D 1162 5.50 -30.75 -13.19
CA MET D 1162 4.35 -30.98 -14.04
C MET D 1162 4.27 -32.40 -14.58
N LEU D 1163 5.37 -33.16 -14.51
CA LEU D 1163 5.43 -34.49 -15.11
C LEU D 1163 5.65 -35.60 -14.09
N ARG D 1164 5.60 -35.29 -12.78
CA ARG D 1164 5.92 -36.30 -11.78
C ARG D 1164 4.90 -37.42 -11.72
N ARG D 1165 3.75 -37.29 -12.39
CA ARG D 1165 2.69 -38.28 -12.30
C ARG D 1165 2.43 -38.92 -13.65
N VAL D 1166 1.78 -40.08 -13.61
CA VAL D 1166 1.37 -40.83 -14.79
C VAL D 1166 -0.09 -41.24 -14.62
N THR D 1167 -0.76 -41.45 -15.74
CA THR D 1167 -2.15 -41.88 -15.76
C THR D 1167 -2.21 -43.36 -16.11
N ILE D 1168 -3.05 -44.10 -15.40
CA ILE D 1168 -3.09 -45.56 -15.47
C ILE D 1168 -4.24 -45.97 -16.39
N ILE D 1169 -3.89 -46.62 -17.51
CA ILE D 1169 -4.90 -47.04 -18.47
C ILE D 1169 -5.62 -48.30 -18.00
N ASP D 1170 -4.85 -49.33 -17.62
CA ASP D 1170 -5.40 -50.57 -17.10
C ASP D 1170 -4.74 -50.87 -15.77
N SER D 1171 -5.55 -51.00 -14.71
CA SER D 1171 -4.99 -51.25 -13.39
C SER D 1171 -4.09 -52.48 -13.37
N GLY D 1172 -4.47 -53.51 -14.12
CA GLY D 1172 -3.65 -54.71 -14.16
C GLY D 1172 -3.62 -55.39 -12.80
N SER D 1173 -2.40 -55.67 -12.33
CA SER D 1173 -2.22 -56.38 -11.07
C SER D 1173 -2.27 -55.48 -9.85
N THR D 1174 -2.45 -54.17 -10.03
CA THR D 1174 -2.41 -53.22 -8.93
C THR D 1174 -3.81 -52.69 -8.62
N GLU D 1175 -3.94 -52.10 -7.42
CA GLU D 1175 -5.19 -51.51 -6.96
C GLU D 1175 -5.41 -50.09 -7.47
N PHE D 1176 -4.46 -49.54 -8.23
CA PHE D 1176 -4.62 -48.20 -8.78
C PHE D 1176 -5.80 -48.17 -9.75
N LEU D 1177 -6.77 -47.31 -9.46
CA LEU D 1177 -7.88 -47.13 -10.39
C LEU D 1177 -7.34 -46.62 -11.73
N PRO D 1178 -7.90 -47.04 -12.85
CA PRO D 1178 -7.48 -46.49 -14.14
C PRO D 1178 -7.87 -45.02 -14.25
N GLY D 1179 -7.22 -44.35 -15.21
CA GLY D 1179 -7.49 -42.94 -15.45
C GLY D 1179 -7.30 -42.06 -14.23
N SER D 1180 -6.46 -42.49 -13.30
CA SER D 1180 -6.15 -41.73 -12.10
C SER D 1180 -4.68 -41.34 -12.11
N LEU D 1181 -4.39 -40.11 -11.67
CA LEU D 1181 -3.04 -39.59 -11.67
C LEU D 1181 -2.29 -40.11 -10.45
N ILE D 1182 -1.26 -40.92 -10.68
CA ILE D 1182 -0.47 -41.53 -9.61
C ILE D 1182 0.99 -41.14 -9.80
N ASP D 1183 1.67 -40.84 -8.69
CA ASP D 1183 3.07 -40.48 -8.77
C ASP D 1183 3.87 -41.57 -9.47
N ARG D 1184 4.99 -41.16 -10.08
CA ARG D 1184 5.78 -42.11 -10.87
C ARG D 1184 6.48 -43.13 -9.97
N ALA D 1185 6.94 -42.71 -8.80
CA ALA D 1185 7.58 -43.65 -7.89
C ALA D 1185 6.56 -44.53 -7.17
N GLU D 1186 5.45 -43.94 -6.74
CA GLU D 1186 4.35 -44.72 -6.20
C GLU D 1186 3.83 -45.75 -7.19
N PHE D 1187 4.04 -45.51 -8.48
CA PHE D 1187 3.62 -46.42 -9.54
C PHE D 1187 4.69 -47.43 -9.91
N GLU D 1188 5.97 -47.07 -9.75
CA GLU D 1188 7.05 -47.99 -10.06
C GLU D 1188 7.26 -49.02 -8.94
N ALA D 1189 7.28 -48.55 -7.69
CA ALA D 1189 7.51 -49.45 -6.57
C ALA D 1189 6.43 -50.53 -6.51
N GLU D 1190 5.16 -50.13 -6.56
CA GLU D 1190 4.06 -51.08 -6.43
C GLU D 1190 4.11 -52.14 -7.54
N ASN D 1191 4.46 -51.72 -8.76
CA ASN D 1191 4.48 -52.64 -9.90
C ASN D 1191 5.27 -53.90 -9.60
N ALA D 1202 -0.88 -52.44 -14.86
CA ALA D 1202 -0.19 -51.20 -14.54
C ALA D 1202 0.14 -50.42 -15.82
N ALA D 1203 -0.88 -50.11 -16.61
CA ALA D 1203 -0.71 -49.36 -17.86
C ALA D 1203 -0.56 -47.88 -17.52
N GLY D 1204 0.67 -47.52 -17.15
CA GLY D 1204 0.97 -46.15 -16.74
C GLY D 1204 1.70 -45.33 -17.79
N ARG D 1205 1.00 -44.36 -18.39
CA ARG D 1205 1.55 -43.49 -19.40
C ARG D 1205 1.84 -42.10 -18.83
N PRO D 1206 2.93 -41.46 -19.27
CA PRO D 1206 3.22 -40.10 -18.78
C PRO D 1206 2.06 -39.17 -19.04
N VAL D 1207 1.98 -38.11 -18.24
CA VAL D 1207 0.89 -37.14 -18.35
C VAL D 1207 1.41 -35.77 -17.93
N LEU D 1208 1.06 -34.77 -18.72
CA LEU D 1208 1.34 -33.39 -18.39
C LEU D 1208 0.14 -32.78 -17.67
N MET D 1209 0.41 -31.99 -16.63
CA MET D 1209 -0.66 -31.36 -15.86
C MET D 1209 -0.21 -30.00 -15.38
N GLY D 1210 -1.13 -29.04 -15.41
CA GLY D 1210 -0.81 -27.68 -15.03
C GLY D 1210 -0.47 -27.55 -13.55
N ILE D 1211 0.16 -26.42 -13.22
CA ILE D 1211 0.64 -26.21 -11.86
C ILE D 1211 -0.52 -26.23 -10.86
N THR D 1212 -1.66 -25.62 -11.22
CA THR D 1212 -2.80 -25.61 -10.30
C THR D 1212 -3.29 -27.02 -10.04
N LYS D 1213 -3.55 -27.77 -11.11
CA LYS D 1213 -4.03 -29.14 -10.94
C LYS D 1213 -2.99 -30.00 -10.26
N ALA D 1214 -1.72 -29.86 -10.65
CA ALA D 1214 -0.66 -30.62 -10.00
C ALA D 1214 -0.62 -30.34 -8.50
N SER D 1215 -0.87 -29.09 -8.11
CA SER D 1215 -0.83 -28.73 -6.70
C SER D 1215 -2.02 -29.31 -5.94
N LEU D 1216 -3.23 -29.14 -6.49
CA LEU D 1216 -4.42 -29.68 -5.84
C LEU D 1216 -4.40 -31.19 -5.71
N ALA D 1217 -3.48 -31.88 -6.39
CA ALA D 1217 -3.37 -33.33 -6.35
C ALA D 1217 -2.20 -33.79 -5.50
N THR D 1218 -1.92 -33.09 -4.40
CA THR D 1218 -0.79 -33.44 -3.55
C THR D 1218 -1.23 -34.38 -2.42
N ASP D 1219 -0.24 -34.99 -1.77
CA ASP D 1219 -0.46 -35.97 -0.72
C ASP D 1219 -0.78 -35.34 0.63
N SER D 1220 -0.78 -34.01 0.73
CA SER D 1220 -1.05 -33.31 1.98
C SER D 1220 -2.37 -32.55 1.83
N TRP D 1221 -3.44 -33.10 2.42
CA TRP D 1221 -4.74 -32.45 2.28
C TRP D 1221 -4.77 -31.09 2.95
N LEU D 1222 -3.93 -30.89 3.98
CA LEU D 1222 -3.83 -29.58 4.60
C LEU D 1222 -3.30 -28.55 3.61
N SER D 1223 -2.21 -28.90 2.90
CA SER D 1223 -1.66 -28.01 1.89
C SER D 1223 -2.72 -27.63 0.86
N ALA D 1224 -3.41 -28.62 0.30
CA ALA D 1224 -4.44 -28.34 -0.69
C ALA D 1224 -5.52 -27.45 -0.11
N ALA D 1225 -6.01 -27.77 1.08
CA ALA D 1225 -7.06 -26.97 1.69
C ALA D 1225 -6.63 -25.51 1.83
N SER D 1226 -5.36 -25.29 2.15
CA SER D 1226 -4.88 -23.92 2.33
C SER D 1226 -4.54 -23.22 1.01
N PHE D 1227 -4.39 -23.98 -0.08
CA PHE D 1227 -4.00 -23.35 -1.34
C PHE D 1227 -5.20 -22.76 -2.08
N GLN D 1228 -6.24 -23.56 -2.29
CA GLN D 1228 -7.32 -23.14 -3.18
C GLN D 1228 -8.45 -24.16 -3.08
N GLU D 1229 -9.67 -23.70 -3.39
CA GLU D 1229 -10.86 -24.54 -3.33
C GLU D 1229 -10.92 -25.31 -2.01
N THR D 1230 -11.02 -24.56 -0.93
CA THR D 1230 -11.03 -25.17 0.40
C THR D 1230 -12.19 -26.14 0.55
N THR D 1231 -13.39 -25.74 0.11
CA THR D 1231 -14.58 -26.53 0.36
C THR D 1231 -14.46 -27.92 -0.25
N ARG D 1232 -14.21 -27.99 -1.55
CA ARG D 1232 -14.13 -29.28 -2.24
C ARG D 1232 -13.02 -30.14 -1.65
N VAL D 1233 -11.84 -29.54 -1.42
CA VAL D 1233 -10.72 -30.29 -0.85
C VAL D 1233 -11.11 -30.93 0.47
N LEU D 1234 -11.70 -30.13 1.37
CA LEU D 1234 -12.07 -30.66 2.67
C LEU D 1234 -13.13 -31.75 2.56
N THR D 1235 -14.11 -31.57 1.68
CA THR D 1235 -15.14 -32.61 1.55
C THR D 1235 -14.54 -33.92 1.07
N ASP D 1236 -13.71 -33.86 0.02
CA ASP D 1236 -13.09 -35.08 -0.48
C ASP D 1236 -12.19 -35.71 0.58
N ALA D 1237 -11.48 -34.89 1.36
CA ALA D 1237 -10.63 -35.42 2.41
C ALA D 1237 -11.45 -36.13 3.48
N ALA D 1238 -12.57 -35.55 3.87
CA ALA D 1238 -13.44 -36.19 4.85
C ALA D 1238 -13.94 -37.53 4.33
N ILE D 1239 -14.43 -37.54 3.08
CA ILE D 1239 -14.95 -38.78 2.51
C ILE D 1239 -13.86 -39.84 2.48
N ASN D 1240 -12.73 -39.54 1.86
CA ASN D 1240 -11.66 -40.50 1.70
C ASN D 1240 -10.83 -40.69 2.96
N CYS D 1241 -11.30 -40.19 4.10
CA CYS D 1241 -10.63 -40.38 5.39
C CYS D 1241 -9.11 -40.21 5.25
N ARG D 1242 -8.73 -39.13 4.57
CA ARG D 1242 -7.33 -38.86 4.29
C ARG D 1242 -6.56 -38.56 5.58
N SER D 1243 -5.25 -38.80 5.53
CA SER D 1243 -4.35 -38.56 6.65
C SER D 1243 -3.12 -37.84 6.12
N ASP D 1244 -2.81 -36.68 6.71
CA ASP D 1244 -1.69 -35.85 6.28
C ASP D 1244 -0.45 -36.20 7.08
N LYS D 1245 0.59 -36.65 6.38
CA LYS D 1245 1.85 -37.03 7.03
C LYS D 1245 2.54 -35.85 7.70
N LEU D 1246 2.08 -34.62 7.46
CA LEU D 1246 2.71 -33.42 8.01
C LEU D 1246 4.19 -33.34 7.63
N ASN D 1247 4.45 -33.45 6.32
CA ASN D 1247 5.82 -33.49 5.81
C ASN D 1247 6.18 -32.33 4.90
N GLY D 1248 5.20 -31.67 4.27
CA GLY D 1248 5.51 -30.49 3.47
C GLY D 1248 5.81 -29.29 4.35
N LEU D 1249 6.64 -28.38 3.83
CA LEU D 1249 7.07 -27.25 4.64
C LEU D 1249 5.91 -26.31 4.96
N LYS D 1250 4.98 -26.14 4.02
CA LYS D 1250 3.79 -25.34 4.33
C LYS D 1250 3.00 -25.97 5.46
N GLU D 1251 2.90 -27.29 5.48
CA GLU D 1251 2.20 -27.97 6.57
C GLU D 1251 2.86 -27.67 7.92
N ASN D 1252 4.18 -27.81 7.99
CA ASN D 1252 4.89 -27.53 9.23
C ASN D 1252 4.71 -26.08 9.65
N VAL D 1253 4.79 -25.15 8.69
CA VAL D 1253 4.49 -23.75 8.99
C VAL D 1253 3.13 -23.64 9.66
N ILE D 1254 2.13 -24.34 9.11
CA ILE D 1254 0.78 -24.28 9.67
C ILE D 1254 0.77 -24.79 11.11
N ILE D 1255 1.50 -25.87 11.38
CA ILE D 1255 1.47 -26.48 12.71
C ILE D 1255 2.55 -25.93 13.63
N GLY D 1256 3.44 -25.06 13.14
CA GLY D 1256 4.46 -24.50 13.98
C GLY D 1256 5.65 -25.41 14.24
N LYS D 1257 6.04 -26.20 13.25
CA LYS D 1257 7.22 -27.04 13.34
C LYS D 1257 8.29 -26.51 12.38
N LEU D 1258 9.56 -26.74 12.73
CA LEU D 1258 10.65 -26.32 11.88
C LEU D 1258 10.46 -26.85 10.47
N ILE D 1259 10.47 -25.95 9.49
CA ILE D 1259 10.25 -26.39 8.11
C ILE D 1259 11.38 -27.33 7.71
N PRO D 1260 11.11 -28.37 6.93
CA PRO D 1260 12.18 -29.28 6.48
C PRO D 1260 12.95 -28.70 5.29
N ALA D 1261 13.71 -27.64 5.56
CA ALA D 1261 14.54 -27.01 4.54
C ALA D 1261 15.56 -26.14 5.24
N GLY D 1262 16.66 -25.88 4.54
CA GLY D 1262 17.74 -25.12 5.13
C GLY D 1262 18.13 -25.65 6.49
N THR D 1263 18.02 -24.81 7.52
CA THR D 1263 18.42 -25.24 8.86
C THR D 1263 17.44 -26.23 9.48
N GLY D 1264 16.34 -26.57 8.80
CA GLY D 1264 15.40 -27.54 9.30
C GLY D 1264 15.69 -28.97 8.97
N ILE D 1265 16.64 -29.23 8.06
CA ILE D 1265 17.05 -30.58 7.74
C ILE D 1265 17.54 -31.29 8.99
N ASN D 1266 17.40 -32.62 9.01
CA ASN D 1266 17.72 -33.39 10.21
C ASN D 1266 19.21 -33.31 10.53
N ARG D 1267 20.07 -33.54 9.54
CA ARG D 1267 21.50 -33.48 9.80
C ARG D 1267 21.91 -32.12 10.39
N TYR D 1268 21.22 -31.04 10.01
CA TYR D 1268 21.60 -29.71 10.47
C TYR D 1268 21.06 -29.41 11.86
N ARG D 1269 19.80 -29.77 12.13
CA ARG D 1269 19.14 -29.35 13.36
C ARG D 1269 19.60 -30.12 14.60
N ASN D 1270 20.14 -31.33 14.42
CA ASN D 1270 20.56 -32.16 15.55
C ASN D 1270 22.08 -32.20 15.71
N ILE D 1271 22.80 -31.25 15.12
CA ILE D 1271 24.26 -31.24 15.22
C ILE D 1271 24.68 -31.19 16.68
N ALA D 1272 25.69 -31.98 17.02
CA ALA D 1272 26.31 -31.97 18.33
C ALA D 1272 27.67 -31.30 18.23
N VAL D 1273 27.97 -30.44 19.20
CA VAL D 1273 29.19 -29.63 19.17
C VAL D 1273 29.77 -29.57 20.57
N GLN D 1274 30.97 -30.12 20.74
CA GLN D 1274 31.71 -30.05 21.99
C GLN D 1274 33.11 -29.53 21.72
N PRO D 1275 33.68 -28.74 22.63
CA PRO D 1275 35.02 -28.21 22.40
C PRO D 1275 36.07 -29.31 22.41
N THR D 1276 37.04 -29.20 21.50
CA THR D 1276 38.10 -30.19 21.42
C THR D 1276 38.91 -30.21 22.71
N GLU D 1277 39.71 -31.28 22.88
CA GLU D 1277 40.55 -31.39 24.06
C GLU D 1277 41.65 -30.34 24.07
N GLU D 1278 42.30 -30.14 22.92
CA GLU D 1278 43.41 -29.20 22.86
C GLU D 1278 42.97 -27.80 23.27
N ALA D 1279 41.75 -27.42 22.93
CA ALA D 1279 41.23 -26.10 23.31
C ALA D 1279 40.71 -26.10 24.74
N ARG D 1280 40.00 -27.17 25.13
CA ARG D 1280 39.55 -27.29 26.52
C ARG D 1280 40.71 -27.17 27.49
N ALA D 1281 41.91 -27.58 27.07
CA ALA D 1281 43.08 -27.48 27.94
C ALA D 1281 43.39 -26.02 28.28
N ALA D 1282 43.74 -25.22 27.28
CA ALA D 1282 44.12 -23.84 27.50
C ALA D 1282 42.89 -22.99 27.86
N GLY E 28 44.12 -9.47 2.83
CA GLY E 28 43.83 -8.77 1.59
C GLY E 28 42.56 -7.94 1.65
N TYR E 29 42.05 -7.73 2.85
CA TYR E 29 40.84 -6.96 3.07
C TYR E 29 41.01 -6.12 4.33
N ASP E 30 40.32 -4.97 4.34
CA ASP E 30 40.39 -4.07 5.50
C ASP E 30 39.71 -4.71 6.71
N THR E 31 40.11 -4.24 7.89
CA THR E 31 39.59 -4.78 9.15
C THR E 31 38.08 -4.63 9.22
N PRO E 32 37.33 -5.74 9.20
CA PRO E 32 35.86 -5.64 9.20
C PRO E 32 35.33 -5.02 10.47
N LEU E 33 34.07 -4.58 10.41
CA LEU E 33 33.41 -3.91 11.53
C LEU E 33 32.31 -4.81 12.09
N GLY E 34 32.38 -5.08 13.38
CA GLY E 34 31.31 -5.79 14.06
C GLY E 34 30.88 -7.07 13.37
N ILE E 35 29.66 -7.07 12.83
CA ILE E 35 29.05 -8.29 12.31
C ILE E 35 29.92 -8.91 11.22
N THR E 36 30.38 -8.11 10.27
CA THR E 36 31.18 -8.66 9.18
C THR E 36 32.49 -9.28 9.65
N ASN E 37 32.76 -9.29 10.96
CA ASN E 37 33.93 -9.91 11.56
C ASN E 37 33.48 -11.05 12.47
N PRO E 38 33.99 -12.28 12.29
CA PRO E 38 34.99 -12.60 11.27
C PRO E 38 34.38 -12.72 9.88
N PRO E 39 35.22 -12.60 8.85
CA PRO E 39 34.72 -12.70 7.47
C PRO E 39 33.93 -13.99 7.27
N ILE E 40 32.92 -13.91 6.40
CA ILE E 40 32.02 -15.04 6.22
C ILE E 40 32.69 -16.17 5.45
N ASP E 41 33.59 -15.84 4.52
CA ASP E 41 34.23 -16.89 3.72
C ASP E 41 35.12 -17.78 4.59
N GLU E 42 35.92 -17.16 5.46
CA GLU E 42 36.79 -17.94 6.33
C GLU E 42 35.99 -18.75 7.35
N LEU E 43 34.85 -18.23 7.80
CA LEU E 43 33.99 -19.00 8.70
C LEU E 43 33.39 -20.20 7.98
N LEU E 44 32.92 -20.00 6.74
CA LEU E 44 32.30 -21.09 6.00
C LEU E 44 33.31 -22.12 5.55
N ASP E 45 34.59 -21.75 5.40
CA ASP E 45 35.61 -22.75 5.13
C ASP E 45 35.73 -23.76 6.26
N ARG E 46 35.29 -23.42 7.47
CA ARG E 46 35.30 -24.34 8.60
C ARG E 46 34.14 -25.33 8.56
N VAL E 47 33.17 -25.14 7.66
CA VAL E 47 32.00 -26.01 7.59
C VAL E 47 31.68 -26.26 6.12
N SER E 48 30.76 -27.20 5.88
CA SER E 48 30.38 -27.55 4.52
C SER E 48 29.40 -26.55 3.92
N SER E 49 28.47 -26.05 4.73
CA SER E 49 27.43 -25.16 4.24
C SER E 49 27.10 -24.13 5.30
N LYS E 50 26.29 -23.15 4.90
CA LYS E 50 25.95 -22.04 5.80
C LYS E 50 25.08 -22.52 6.96
N TYR E 51 24.10 -23.38 6.69
CA TYR E 51 23.17 -23.80 7.74
C TYR E 51 23.89 -24.58 8.83
N ALA E 52 24.84 -25.43 8.44
CA ALA E 52 25.64 -26.13 9.43
C ALA E 52 26.33 -25.15 10.37
N LEU E 53 26.96 -24.12 9.80
CA LEU E 53 27.60 -23.09 10.61
C LEU E 53 26.59 -22.39 11.52
N VAL E 54 25.39 -22.14 11.00
CA VAL E 54 24.35 -21.50 11.80
C VAL E 54 24.07 -22.32 13.06
N ILE E 55 23.74 -23.59 12.88
CA ILE E 55 23.41 -24.43 14.02
C ILE E 55 24.61 -24.58 14.94
N TYR E 56 25.80 -24.74 14.35
CA TYR E 56 27.05 -24.79 15.11
C TYR E 56 27.13 -23.62 16.10
N ALA E 57 27.09 -22.40 15.56
CA ALA E 57 27.27 -21.22 16.40
C ALA E 57 26.13 -21.08 17.40
N ALA E 58 24.90 -21.41 17.01
CA ALA E 58 23.79 -21.27 17.95
C ALA E 58 23.94 -22.22 19.13
N LYS E 59 24.30 -23.48 18.86
CA LYS E 59 24.57 -24.42 19.94
C LYS E 59 25.67 -23.88 20.85
N ARG E 60 26.78 -23.42 20.26
CA ARG E 60 27.88 -22.94 21.10
C ARG E 60 27.45 -21.76 21.96
N ALA E 61 26.63 -20.85 21.40
CA ALA E 61 26.20 -19.67 22.15
C ALA E 61 25.28 -20.04 23.29
N ARG E 62 24.34 -20.96 23.05
CA ARG E 62 23.50 -21.43 24.14
C ARG E 62 24.35 -22.06 25.24
N GLN E 63 25.35 -22.85 24.85
CA GLN E 63 26.23 -23.48 25.82
C GLN E 63 26.94 -22.43 26.67
N ILE E 64 27.47 -21.38 26.02
CA ILE E 64 28.16 -20.32 26.74
C ILE E 64 27.21 -19.64 27.72
N ASN E 65 26.02 -19.26 27.26
CA ASN E 65 25.08 -18.56 28.14
C ASN E 65 24.70 -19.43 29.33
N ASP E 66 24.58 -20.75 29.11
CA ASP E 66 24.37 -21.64 30.25
C ASP E 66 25.55 -21.59 31.21
N TYR E 67 26.77 -21.62 30.66
CA TYR E 67 27.97 -21.46 31.49
C TYR E 67 27.86 -20.23 32.38
N TYR E 68 27.37 -19.12 31.83
CA TYR E 68 27.25 -17.90 32.63
C TYR E 68 26.10 -17.95 33.64
N ASN E 69 25.42 -19.08 33.86
CA ASN E 69 24.39 -19.17 34.88
C ASN E 69 24.67 -20.32 35.84
N TYR E 78 28.25 -27.36 29.85
CA TYR E 78 28.63 -25.97 30.09
C TYR E 78 30.14 -25.79 30.11
N VAL E 79 30.67 -25.11 29.09
CA VAL E 79 32.10 -24.86 28.99
C VAL E 79 32.32 -23.50 28.35
N GLY E 80 33.58 -23.07 28.25
CA GLY E 80 33.91 -21.82 27.64
C GLY E 80 33.63 -20.63 28.56
N PRO E 81 33.85 -19.41 28.05
CA PRO E 81 34.33 -19.11 26.69
C PRO E 81 35.71 -19.69 26.41
N LEU E 82 36.07 -19.80 25.13
CA LEU E 82 37.35 -20.39 24.73
C LEU E 82 38.32 -19.36 24.17
N VAL E 83 37.93 -18.10 24.08
CA VAL E 83 38.81 -17.00 23.69
C VAL E 83 38.51 -15.81 24.60
N GLU E 84 39.43 -14.85 24.61
CA GLU E 84 39.26 -13.68 25.47
C GLU E 84 37.94 -12.99 25.15
N PRO E 85 36.94 -13.09 26.03
CA PRO E 85 35.64 -12.49 25.74
C PRO E 85 35.75 -10.97 25.62
N GLY E 86 35.00 -10.42 24.67
CA GLY E 86 34.97 -8.98 24.49
C GLY E 86 34.46 -8.28 25.73
N LEU E 87 34.43 -6.94 25.70
CA LEU E 87 33.96 -6.17 26.84
C LEU E 87 32.62 -6.70 27.35
N GLN E 88 31.61 -6.69 26.49
CA GLN E 88 30.31 -7.30 26.76
C GLN E 88 29.86 -8.09 25.55
N GLU E 89 30.79 -8.82 24.94
CA GLU E 89 30.52 -9.49 23.68
C GLU E 89 29.29 -10.37 23.79
N LYS E 90 28.45 -10.32 22.76
CA LYS E 90 27.30 -11.20 22.70
C LYS E 90 27.78 -12.65 22.69
N PRO E 91 27.12 -13.55 23.42
CA PRO E 91 27.56 -14.96 23.41
C PRO E 91 27.70 -15.53 22.01
N LEU E 92 26.81 -15.14 21.10
CA LEU E 92 26.90 -15.62 19.73
C LEU E 92 28.16 -15.13 19.03
N SER E 93 28.57 -13.89 19.28
CA SER E 93 29.81 -13.39 18.71
C SER E 93 31.01 -14.17 19.23
N ILE E 94 31.02 -14.44 20.53
CA ILE E 94 32.09 -15.27 21.10
C ILE E 94 32.11 -16.64 20.44
N ALA E 95 30.92 -17.22 20.21
CA ALA E 95 30.86 -18.53 19.57
C ALA E 95 31.40 -18.48 18.15
N LEU E 96 31.05 -17.44 17.40
CA LEU E 96 31.58 -17.31 16.05
C LEU E 96 33.09 -17.18 16.05
N ARG E 97 33.63 -16.37 16.96
CA ARG E 97 35.09 -16.27 17.08
C ARG E 97 35.71 -17.62 17.37
N GLU E 98 35.14 -18.35 18.34
CA GLU E 98 35.63 -19.69 18.63
C GLU E 98 35.61 -20.57 17.39
N ILE E 99 34.57 -20.44 16.57
CA ILE E 99 34.50 -21.22 15.33
C ILE E 99 35.64 -20.82 14.41
N HIS E 100 35.97 -19.53 14.37
CA HIS E 100 37.03 -19.06 13.48
C HIS E 100 38.40 -19.60 13.90
N ALA E 101 38.61 -19.82 15.19
CA ALA E 101 39.87 -20.30 15.73
C ALA E 101 39.93 -21.83 15.83
N ASP E 102 38.92 -22.53 15.31
CA ASP E 102 38.87 -23.99 15.32
C ASP E 102 38.87 -24.56 16.73
N LEU E 103 38.57 -23.75 17.74
CA LEU E 103 38.52 -24.22 19.12
C LEU E 103 37.35 -25.16 19.39
N LEU E 104 36.57 -25.51 18.38
CA LEU E 104 35.41 -26.36 18.55
C LEU E 104 35.35 -27.39 17.43
N GLU E 105 34.79 -28.55 17.74
CA GLU E 105 34.55 -29.61 16.77
C GLU E 105 33.07 -29.97 16.77
N HIS E 106 32.61 -30.51 15.64
CA HIS E 106 31.20 -30.86 15.49
C HIS E 106 31.07 -32.12 14.65
N THR E 107 29.84 -32.61 14.56
CA THR E 107 29.53 -33.82 13.80
C THR E 107 28.08 -33.71 13.33
N GLU E 108 27.88 -33.65 12.02
CA GLU E 108 26.54 -33.55 11.45
C GLU E 108 25.69 -34.76 11.81
N THR F 23 -67.43 -34.30 14.56
CA THR F 23 -66.02 -34.57 14.28
C THR F 23 -65.18 -33.30 14.42
N ASP F 24 -64.78 -32.99 15.66
CA ASP F 24 -63.92 -31.82 15.88
C ASP F 24 -62.61 -31.94 15.12
N GLU F 25 -62.15 -33.17 14.88
CA GLU F 25 -60.97 -33.36 14.04
C GLU F 25 -61.29 -33.11 12.56
N GLU F 26 -62.56 -33.18 12.17
CA GLU F 26 -62.94 -32.85 10.81
C GLU F 26 -63.07 -31.34 10.62
N LEU F 27 -63.64 -30.64 11.60
CA LEU F 27 -63.68 -29.19 11.56
C LEU F 27 -62.29 -28.57 11.54
N THR F 28 -61.25 -29.38 11.78
CA THR F 28 -59.86 -28.94 11.65
C THR F 28 -59.30 -29.24 10.26
N ALA F 29 -59.66 -30.38 9.68
CA ALA F 29 -59.26 -30.66 8.31
C ALA F 29 -59.92 -29.71 7.33
N ARG F 30 -61.14 -29.25 7.64
CA ARG F 30 -61.77 -28.22 6.82
C ARG F 30 -60.95 -26.94 6.83
N PHE F 31 -60.34 -26.62 7.98
CA PHE F 31 -59.36 -25.54 8.02
C PHE F 31 -58.20 -25.83 7.06
N GLU F 32 -57.77 -27.09 6.98
CA GLU F 32 -56.71 -27.46 6.08
C GLU F 32 -57.09 -27.27 4.62
N ARG F 33 -58.39 -27.26 4.32
CA ARG F 33 -58.84 -27.04 2.95
C ARG F 33 -58.92 -25.55 2.61
N ASP F 34 -59.45 -24.74 3.53
CA ASP F 34 -59.67 -23.33 3.28
C ASP F 34 -58.45 -22.47 3.58
N ALA F 35 -57.83 -22.66 4.75
CA ALA F 35 -56.78 -21.74 5.20
C ALA F 35 -55.48 -21.92 4.43
N ILE F 36 -55.17 -23.14 3.99
CA ILE F 36 -53.89 -23.39 3.34
C ILE F 36 -53.70 -22.53 2.08
N PRO F 37 -54.66 -22.47 1.16
CA PRO F 37 -54.40 -21.72 -0.09
C PRO F 37 -53.94 -20.29 0.11
N LEU F 38 -54.55 -19.55 1.03
CA LEU F 38 -54.25 -18.12 1.18
C LEU F 38 -52.93 -17.85 1.90
N LEU F 39 -52.26 -18.88 2.42
CA LEU F 39 -50.99 -18.63 3.09
C LEU F 39 -49.92 -18.12 2.12
N ASP F 40 -50.11 -18.31 0.81
CA ASP F 40 -49.16 -17.74 -0.15
C ASP F 40 -49.20 -16.21 -0.13
N GLN F 41 -50.41 -15.64 -0.28
CA GLN F 41 -50.54 -14.19 -0.16
C GLN F 41 -50.21 -13.73 1.25
N LEU F 42 -50.51 -14.56 2.26
CA LEU F 42 -50.09 -14.23 3.62
C LEU F 42 -48.58 -14.07 3.70
N TYR F 43 -47.84 -14.96 3.04
CA TYR F 43 -46.40 -14.79 2.89
C TYR F 43 -46.11 -13.44 2.26
N GLY F 44 -46.57 -13.24 1.02
CA GLY F 44 -46.35 -11.97 0.35
C GLY F 44 -46.47 -10.77 1.28
N GLY F 45 -47.55 -10.76 2.06
CA GLY F 45 -47.76 -9.65 2.98
C GLY F 45 -46.72 -9.61 4.10
N ALA F 46 -46.46 -10.76 4.73
CA ALA F 46 -45.51 -10.78 5.83
C ALA F 46 -44.09 -10.44 5.37
N LEU F 47 -43.78 -10.73 4.10
CA LEU F 47 -42.49 -10.34 3.54
C LEU F 47 -42.45 -8.85 3.24
N ARG F 48 -43.55 -8.30 2.76
CA ARG F 48 -43.63 -6.84 2.65
C ARG F 48 -43.50 -6.18 4.01
N MET F 49 -43.86 -6.90 5.08
CA MET F 49 -43.77 -6.34 6.42
C MET F 49 -42.36 -6.45 7.00
N THR F 50 -41.72 -7.63 6.86
CA THR F 50 -40.48 -7.90 7.57
C THR F 50 -39.25 -7.41 6.83
N ARG F 51 -39.34 -7.15 5.53
CA ARG F 51 -38.23 -6.68 4.71
C ARG F 51 -37.20 -7.75 4.44
N ASN F 52 -37.37 -8.96 4.98
CA ASN F 52 -36.38 -10.04 4.90
C ASN F 52 -37.09 -11.34 4.60
N PRO F 53 -36.56 -12.15 3.66
CA PRO F 53 -37.25 -13.40 3.30
C PRO F 53 -37.28 -14.42 4.43
N ALA F 54 -36.13 -14.68 5.07
CA ALA F 54 -36.09 -15.67 6.14
C ALA F 54 -36.96 -15.23 7.31
N ASP F 55 -36.92 -13.96 7.67
CA ASP F 55 -37.78 -13.46 8.73
C ASP F 55 -39.25 -13.55 8.33
N ALA F 56 -39.55 -13.32 7.05
CA ALA F 56 -40.92 -13.48 6.58
C ALA F 56 -41.39 -14.92 6.74
N GLU F 57 -40.51 -15.89 6.44
CA GLU F 57 -40.89 -17.29 6.60
C GLU F 57 -41.11 -17.62 8.07
N ASP F 58 -40.19 -17.20 8.94
CA ASP F 58 -40.37 -17.44 10.36
C ASP F 58 -41.69 -16.84 10.85
N LEU F 59 -42.01 -15.63 10.39
CA LEU F 59 -43.24 -14.97 10.82
C LEU F 59 -44.47 -15.70 10.30
N LEU F 60 -44.43 -16.15 9.04
CA LEU F 60 -45.56 -16.89 8.50
C LEU F 60 -45.80 -18.18 9.27
N GLN F 61 -44.72 -18.88 9.63
CA GLN F 61 -44.89 -20.10 10.42
C GLN F 61 -45.45 -19.79 11.80
N GLU F 62 -44.93 -18.76 12.45
CA GLU F 62 -45.46 -18.36 13.75
C GLU F 62 -46.96 -18.05 13.66
N THR F 63 -47.35 -17.30 12.63
CA THR F 63 -48.75 -16.92 12.48
C THR F 63 -49.62 -18.15 12.21
N MET F 64 -49.14 -19.07 11.38
CA MET F 64 -49.92 -20.27 11.10
C MET F 64 -50.11 -21.10 12.37
N VAL F 65 -49.06 -21.21 13.18
CA VAL F 65 -49.19 -21.92 14.46
C VAL F 65 -50.23 -21.22 15.34
N LYS F 66 -50.13 -19.90 15.45
CA LYS F 66 -51.06 -19.16 16.31
C LYS F 66 -52.50 -19.33 15.86
N ALA F 67 -52.73 -19.35 14.54
CA ALA F 67 -54.09 -19.46 14.02
C ALA F 67 -54.63 -20.88 14.14
N TYR F 68 -53.78 -21.89 13.92
CA TYR F 68 -54.23 -23.27 14.01
C TYR F 68 -54.48 -23.68 15.46
N ALA F 69 -53.70 -23.17 16.40
CA ALA F 69 -53.88 -23.56 17.80
C ALA F 69 -55.28 -23.21 18.30
N GLY F 70 -55.76 -22.02 17.99
CA GLY F 70 -57.07 -21.60 18.43
C GLY F 70 -58.05 -21.40 17.31
N PHE F 71 -58.01 -22.29 16.30
CA PHE F 71 -58.93 -22.19 15.18
C PHE F 71 -60.38 -22.41 15.59
N ARG F 72 -60.61 -22.96 16.79
CA ARG F 72 -61.98 -23.08 17.29
C ARG F 72 -62.69 -21.73 17.28
N SER F 73 -61.93 -20.64 17.36
CA SER F 73 -62.50 -19.29 17.37
C SER F 73 -62.83 -18.77 15.98
N PHE F 74 -62.56 -19.54 14.93
CA PHE F 74 -62.87 -19.14 13.57
C PHE F 74 -64.31 -19.50 13.24
N ARG F 75 -65.10 -18.51 12.84
CA ARG F 75 -66.49 -18.74 12.48
C ARG F 75 -66.58 -19.37 11.10
N HIS F 76 -67.43 -20.40 10.99
CA HIS F 76 -67.59 -21.10 9.73
C HIS F 76 -68.24 -20.21 8.68
N GLY F 77 -67.91 -20.45 7.42
CA GLY F 77 -68.53 -19.76 6.31
C GLY F 77 -68.26 -18.28 6.22
N THR F 78 -67.49 -17.71 7.14
CA THR F 78 -67.14 -16.29 7.10
C THR F 78 -65.71 -16.10 6.59
N ASN F 79 -65.36 -14.86 6.29
CA ASN F 79 -64.05 -14.56 5.72
C ASN F 79 -62.93 -15.04 6.66
N LEU F 80 -62.02 -15.84 6.10
CA LEU F 80 -60.88 -16.36 6.87
C LEU F 80 -59.57 -15.64 6.57
N LYS F 81 -59.47 -14.95 5.43
CA LYS F 81 -58.22 -14.29 5.09
C LYS F 81 -57.92 -13.14 6.04
N ALA F 82 -58.94 -12.33 6.37
CA ALA F 82 -58.71 -11.20 7.27
C ALA F 82 -58.32 -11.67 8.66
N TRP F 83 -58.90 -12.78 9.12
CA TRP F 83 -58.54 -13.33 10.42
C TRP F 83 -57.05 -13.63 10.49
N LEU F 84 -56.55 -14.42 9.52
CA LEU F 84 -55.13 -14.73 9.47
C LEU F 84 -54.29 -13.49 9.27
N TYR F 85 -54.79 -12.50 8.53
CA TYR F 85 -54.03 -11.28 8.31
C TYR F 85 -53.82 -10.51 9.60
N ARG F 86 -54.90 -10.32 10.37
CA ARG F 86 -54.75 -9.68 11.68
C ARG F 86 -53.87 -10.52 12.59
N ILE F 87 -53.95 -11.85 12.48
CA ILE F 87 -53.08 -12.72 13.28
C ILE F 87 -51.63 -12.41 12.98
N LEU F 88 -51.28 -12.32 11.69
CA LEU F 88 -49.89 -12.06 11.32
C LEU F 88 -49.45 -10.68 11.77
N THR F 89 -50.31 -9.67 11.62
CA THR F 89 -49.93 -8.33 12.05
C THR F 89 -49.67 -8.28 13.56
N ASN F 90 -50.54 -8.91 14.34
CA ASN F 90 -50.35 -8.93 15.79
C ASN F 90 -49.08 -9.70 16.16
N THR F 91 -48.80 -10.80 15.45
CA THR F 91 -47.58 -11.56 15.74
C THR F 91 -46.33 -10.73 15.43
N TYR F 92 -46.36 -9.95 14.35
CA TYR F 92 -45.24 -9.07 14.03
C TYR F 92 -45.06 -8.01 15.12
N ILE F 93 -46.18 -7.45 15.60
CA ILE F 93 -46.10 -6.47 16.68
C ILE F 93 -45.48 -7.08 17.92
N ASN F 94 -45.87 -8.31 18.26
CA ASN F 94 -45.28 -8.99 19.41
C ASN F 94 -43.79 -9.25 19.19
N SER F 95 -43.41 -9.60 17.96
CA SER F 95 -41.99 -9.80 17.67
C SER F 95 -41.20 -8.53 17.94
N TYR F 96 -41.70 -7.38 17.44
CA TYR F 96 -40.99 -6.13 17.69
C TYR F 96 -40.94 -5.79 19.17
N ARG F 97 -42.05 -6.00 19.88
CA ARG F 97 -42.08 -5.72 21.31
C ARG F 97 -41.03 -6.54 22.05
N LYS F 98 -40.90 -7.83 21.70
CA LYS F 98 -39.86 -8.65 22.32
C LYS F 98 -38.48 -8.21 21.89
N LYS F 99 -38.34 -7.68 20.66
CA LYS F 99 -37.04 -7.24 20.16
C LYS F 99 -36.59 -5.93 20.77
N GLN F 100 -37.49 -5.16 21.39
CA GLN F 100 -37.08 -3.94 22.07
C GLN F 100 -35.90 -4.21 23.01
N ARG F 101 -36.05 -5.17 23.92
CA ARG F 101 -34.97 -5.59 24.82
C ARG F 101 -34.29 -6.81 24.19
N GLN F 102 -33.46 -6.54 23.19
CA GLN F 102 -32.84 -7.60 22.40
C GLN F 102 -31.75 -8.34 23.17
N PRO F 103 -30.75 -7.63 23.69
CA PRO F 103 -30.51 -6.19 23.56
C PRO F 103 -29.59 -5.80 22.39
N ALA F 104 -30.12 -5.11 21.38
CA ALA F 104 -29.34 -4.40 20.36
C ALA F 104 -28.13 -5.22 19.89
N GLU F 105 -28.41 -6.37 19.29
CA GLU F 105 -27.38 -7.22 18.71
C GLU F 105 -27.26 -6.95 17.21
N TYR F 106 -26.03 -6.81 16.74
CA TYR F 106 -25.75 -6.55 15.34
C TYR F 106 -24.68 -7.52 14.87
N PRO F 107 -24.85 -8.14 13.70
CA PRO F 107 -23.86 -9.10 13.21
C PRO F 107 -22.75 -8.40 12.41
N THR F 108 -21.56 -8.97 12.53
CA THR F 108 -20.41 -8.46 11.80
C THR F 108 -19.56 -9.63 11.35
N GLU F 109 -19.02 -9.54 10.14
CA GLU F 109 -18.14 -10.60 9.66
C GLU F 109 -16.98 -10.82 10.63
N GLN F 110 -16.57 -9.78 11.34
CA GLN F 110 -15.48 -9.90 12.31
C GLN F 110 -15.47 -8.66 13.19
N ILE F 111 -15.46 -8.88 14.50
CA ILE F 111 -15.21 -7.79 15.43
C ILE F 111 -13.79 -7.31 15.26
N THR F 112 -13.61 -6.00 15.20
CA THR F 112 -12.33 -5.42 14.82
C THR F 112 -11.43 -5.23 16.04
N ASP F 113 -10.13 -5.05 15.76
CA ASP F 113 -9.18 -4.75 16.83
C ASP F 113 -9.55 -3.44 17.52
N TRP F 114 -10.02 -2.45 16.76
CA TRP F 114 -10.55 -1.25 17.40
C TRP F 114 -11.64 -1.61 18.39
N GLN F 115 -12.59 -2.44 17.97
CA GLN F 115 -13.68 -2.80 18.87
C GLN F 115 -13.18 -3.61 20.07
N LEU F 116 -12.23 -4.51 19.84
CA LEU F 116 -11.70 -5.31 20.95
C LEU F 116 -11.01 -4.43 21.98
N ALA F 117 -10.12 -3.54 21.53
CA ALA F 117 -9.42 -2.66 22.46
C ALA F 117 -10.37 -1.69 23.13
N SER F 118 -11.32 -1.13 22.37
CA SER F 118 -12.27 -0.20 22.95
C SER F 118 -13.13 -0.89 24.00
N ASN F 119 -13.40 -2.17 23.83
CA ASN F 119 -14.11 -2.92 24.86
C ASN F 119 -13.22 -3.16 26.07
N ALA F 120 -11.97 -3.53 25.84
CA ALA F 120 -11.04 -3.72 26.96
C ALA F 120 -10.87 -2.43 27.76
N GLU F 121 -11.13 -1.28 27.13
CA GLU F 121 -11.04 0.00 27.84
C GLU F 121 -12.08 0.15 28.95
N HIS F 122 -13.04 -0.77 29.07
CA HIS F 122 -14.08 -0.69 30.08
C HIS F 122 -14.33 -2.03 30.77
N SER F 123 -13.44 -3.00 30.57
CA SER F 123 -13.64 -4.35 31.09
C SER F 123 -12.93 -4.52 32.43
N SER F 124 -13.22 -5.64 33.09
CA SER F 124 -12.59 -5.93 34.38
C SER F 124 -11.11 -6.22 34.22
N THR F 125 -10.73 -6.89 33.13
CA THR F 125 -9.32 -7.16 32.83
C THR F 125 -9.05 -6.74 31.40
N GLY F 126 -7.98 -5.98 31.20
CA GLY F 126 -7.64 -5.52 29.87
C GLY F 126 -6.89 -6.57 29.07
N LEU F 127 -6.72 -6.29 27.78
CA LEU F 127 -5.91 -7.14 26.93
C LEU F 127 -4.47 -7.09 27.43
N ARG F 128 -4.02 -8.16 28.08
CA ARG F 128 -2.74 -8.16 28.75
C ARG F 128 -1.62 -8.54 27.79
N SER F 129 -0.41 -8.12 28.14
CA SER F 129 0.78 -8.35 27.33
C SER F 129 1.57 -9.52 27.85
N ALA F 130 2.38 -10.12 26.97
CA ALA F 130 3.34 -11.12 27.42
C ALA F 130 4.20 -10.55 28.53
N GLU F 131 4.58 -9.29 28.41
CA GLU F 131 5.36 -8.63 29.46
C GLU F 131 4.62 -8.63 30.78
N VAL F 132 3.36 -8.18 30.76
CA VAL F 132 2.56 -8.13 31.98
C VAL F 132 2.48 -9.51 32.62
N GLU F 133 2.19 -10.54 31.82
CA GLU F 133 2.09 -11.89 32.36
C GLU F 133 3.40 -12.34 32.99
N ALA F 134 4.50 -12.26 32.23
CA ALA F 134 5.78 -12.76 32.73
C ALA F 134 6.21 -12.02 33.99
N LEU F 135 5.93 -10.72 34.08
CA LEU F 135 6.31 -9.98 35.27
C LEU F 135 5.39 -10.32 36.44
N GLU F 136 4.09 -10.50 36.18
CA GLU F 136 3.19 -10.98 37.22
C GLU F 136 3.71 -12.28 37.81
N ALA F 137 4.27 -13.15 36.97
CA ALA F 137 4.81 -14.42 37.46
C ALA F 137 5.97 -14.22 38.44
N LEU F 138 6.62 -13.06 38.42
CA LEU F 138 7.76 -12.82 39.28
C LEU F 138 7.32 -12.51 40.71
N PRO F 139 8.22 -12.68 41.68
CA PRO F 139 7.84 -12.47 43.08
C PRO F 139 7.93 -11.00 43.47
N ASP F 140 6.94 -10.54 44.23
CA ASP F 140 6.94 -9.19 44.78
C ASP F 140 7.90 -9.15 45.97
N THR F 141 9.07 -8.55 45.78
CA THR F 141 10.12 -8.62 46.79
C THR F 141 9.67 -7.98 48.10
N GLU F 142 8.97 -6.85 48.04
CA GLU F 142 8.54 -6.17 49.25
C GLU F 142 7.72 -7.09 50.14
N ILE F 143 6.61 -7.61 49.59
CA ILE F 143 5.71 -8.42 50.40
C ILE F 143 6.34 -9.77 50.72
N LYS F 144 7.17 -10.32 49.84
CA LYS F 144 7.86 -11.56 50.15
C LYS F 144 8.79 -11.38 51.35
N GLU F 145 9.52 -10.26 51.39
CA GLU F 145 10.37 -9.97 52.53
C GLU F 145 9.54 -9.71 53.79
N ALA F 146 8.40 -9.03 53.65
CA ALA F 146 7.56 -8.76 54.82
C ALA F 146 6.98 -10.04 55.40
N LEU F 147 6.69 -11.03 54.54
CA LEU F 147 6.18 -12.32 55.01
C LEU F 147 7.30 -13.16 55.63
N GLN F 148 8.48 -13.19 55.00
CA GLN F 148 9.58 -13.98 55.52
C GLN F 148 9.98 -13.58 56.93
N ALA F 149 9.58 -12.39 57.39
CA ALA F 149 9.95 -11.94 58.73
C ALA F 149 9.19 -12.69 59.80
N LEU F 150 7.89 -12.91 59.59
CA LEU F 150 7.05 -13.53 60.60
C LEU F 150 7.42 -15.00 60.78
N PRO F 151 7.21 -15.56 61.97
CA PRO F 151 7.50 -16.99 62.18
C PRO F 151 6.65 -17.86 61.27
N GLU F 152 7.32 -18.78 60.56
CA GLU F 152 6.65 -19.52 59.49
C GLU F 152 5.36 -20.20 59.94
N GLU F 153 5.14 -20.36 61.24
CA GLU F 153 3.88 -20.94 61.72
C GLU F 153 2.74 -19.92 61.63
N PHE F 154 2.90 -18.76 62.26
CA PHE F 154 1.87 -17.74 62.16
C PHE F 154 1.70 -17.25 60.73
N ARG F 155 2.77 -17.30 59.92
CA ARG F 155 2.65 -16.90 58.53
C ARG F 155 1.95 -17.98 57.69
N MET F 156 2.24 -19.25 57.94
CA MET F 156 1.46 -20.31 57.30
C MET F 156 -0.01 -20.17 57.65
N ALA F 157 -0.30 -19.73 58.87
CA ALA F 157 -1.69 -19.51 59.27
C ALA F 157 -2.30 -18.34 58.50
N VAL F 158 -1.60 -17.21 58.45
CA VAL F 158 -2.13 -16.06 57.71
C VAL F 158 -2.30 -16.40 56.24
N TYR F 159 -1.51 -17.37 55.73
CA TYR F 159 -1.68 -17.83 54.36
C TYR F 159 -2.96 -18.65 54.22
N TYR F 160 -3.06 -19.75 54.97
CA TYR F 160 -4.25 -20.59 54.90
C TYR F 160 -5.53 -19.81 55.21
N ALA F 161 -5.42 -18.64 55.84
CA ALA F 161 -6.60 -17.89 56.26
C ALA F 161 -6.92 -16.70 55.37
N ASP F 162 -5.90 -16.00 54.85
CA ASP F 162 -6.12 -14.79 54.07
C ASP F 162 -5.92 -14.98 52.58
N VAL F 163 -4.79 -15.56 52.16
CA VAL F 163 -4.53 -15.75 50.73
C VAL F 163 -5.50 -16.79 50.16
N GLU F 164 -5.58 -17.96 50.80
CA GLU F 164 -6.41 -19.05 50.31
C GLU F 164 -7.86 -18.94 50.78
N GLY F 165 -8.10 -18.30 51.93
CA GLY F 165 -9.45 -18.08 52.39
C GLY F 165 -10.14 -19.26 53.03
N PHE F 166 -9.39 -20.29 53.41
CA PHE F 166 -9.95 -21.46 54.06
C PHE F 166 -10.81 -21.05 55.25
N PRO F 167 -11.77 -21.87 55.67
CA PRO F 167 -12.44 -21.62 56.96
C PRO F 167 -11.51 -21.99 58.11
N TYR F 168 -11.69 -21.27 59.23
CA TYR F 168 -10.79 -21.46 60.36
C TYR F 168 -10.77 -22.91 60.83
N LYS F 169 -11.89 -23.63 60.68
CA LYS F 169 -11.91 -25.05 61.04
C LYS F 169 -10.95 -25.84 60.14
N GLU F 170 -10.99 -25.58 58.84
CA GLU F 170 -10.07 -26.28 57.94
C GLU F 170 -8.63 -25.86 58.19
N ILE F 171 -8.40 -24.62 58.62
CA ILE F 171 -7.06 -24.19 58.98
C ILE F 171 -6.56 -24.96 60.20
N ALA F 172 -7.41 -25.12 61.21
CA ALA F 172 -7.05 -25.93 62.36
C ALA F 172 -6.76 -27.37 61.96
N GLU F 173 -7.57 -27.91 61.03
CA GLU F 173 -7.33 -29.27 60.54
C GLU F 173 -5.96 -29.39 59.89
N ILE F 174 -5.72 -28.60 58.83
CA ILE F 174 -4.49 -28.71 58.08
C ILE F 174 -3.27 -28.31 58.91
N MET F 175 -3.46 -27.57 60.00
CA MET F 175 -2.36 -27.19 60.87
C MET F 175 -2.07 -28.21 61.96
N ASP F 176 -2.97 -29.17 62.19
CA ASP F 176 -2.82 -30.16 63.24
C ASP F 176 -2.80 -29.51 64.62
N THR F 177 -3.39 -28.33 64.74
CA THR F 177 -3.41 -27.56 65.97
C THR F 177 -4.84 -27.20 66.33
N PRO F 178 -5.11 -26.88 67.58
CA PRO F 178 -6.46 -26.44 67.97
C PRO F 178 -6.86 -25.16 67.23
N ILE F 179 -8.12 -24.80 67.40
CA ILE F 179 -8.65 -23.61 66.73
C ILE F 179 -8.12 -22.35 67.40
N GLY F 180 -8.02 -22.36 68.73
CA GLY F 180 -7.53 -21.18 69.43
C GLY F 180 -6.13 -20.79 69.02
N THR F 181 -5.22 -21.78 68.94
CA THR F 181 -3.87 -21.48 68.50
C THR F 181 -3.85 -20.93 67.09
N VAL F 182 -4.66 -21.50 66.19
CA VAL F 182 -4.71 -21.03 64.81
C VAL F 182 -5.14 -19.57 64.78
N MET F 183 -6.21 -19.22 65.50
CA MET F 183 -6.71 -17.86 65.44
C MET F 183 -5.79 -16.88 66.16
N SER F 184 -5.10 -17.32 67.21
CA SER F 184 -4.14 -16.43 67.87
C SER F 184 -2.94 -16.15 66.96
N ARG F 185 -2.43 -17.19 66.29
CA ARG F 185 -1.40 -16.95 65.28
C ARG F 185 -1.90 -16.02 64.20
N LEU F 186 -3.16 -16.18 63.79
CA LEU F 186 -3.73 -15.27 62.80
C LEU F 186 -3.67 -13.83 63.26
N HIS F 187 -4.19 -13.56 64.47
CA HIS F 187 -4.18 -12.18 64.98
C HIS F 187 -2.76 -11.64 65.08
N ARG F 188 -1.85 -12.40 65.69
CA ARG F 188 -0.49 -11.92 65.88
C ARG F 188 0.19 -11.66 64.54
N GLY F 189 0.02 -12.56 63.57
CA GLY F 189 0.69 -12.39 62.30
C GLY F 189 0.11 -11.25 61.48
N ARG F 190 -1.22 -11.09 61.51
CA ARG F 190 -1.82 -9.94 60.84
C ARG F 190 -1.29 -8.64 61.45
N ARG F 191 -1.20 -8.58 62.77
CA ARG F 191 -0.64 -7.40 63.43
C ARG F 191 0.79 -7.14 62.97
N GLN F 192 1.64 -8.17 63.03
CA GLN F 192 3.03 -8.03 62.63
C GLN F 192 3.15 -7.51 61.20
N LEU F 193 2.51 -8.22 60.25
CA LEU F 193 2.67 -7.88 58.84
C LEU F 193 2.06 -6.52 58.51
N ARG F 194 0.96 -6.15 59.15
CA ARG F 194 0.49 -4.78 59.02
C ARG F 194 1.52 -3.80 59.54
N GLY F 195 2.26 -4.18 60.59
CA GLY F 195 3.36 -3.35 61.05
C GLY F 195 4.42 -3.14 59.98
N LEU F 196 4.90 -4.23 59.39
CA LEU F 196 5.94 -4.12 58.39
C LEU F 196 5.40 -3.67 57.03
N LEU F 197 4.15 -4.01 56.72
CA LEU F 197 3.55 -3.71 55.42
C LEU F 197 2.60 -2.53 55.45
N ALA F 198 2.54 -1.77 56.56
CA ALA F 198 1.69 -0.58 56.58
C ALA F 198 2.33 0.55 55.80
N ASP F 199 3.62 0.81 56.03
CA ASP F 199 4.33 1.79 55.22
C ASP F 199 4.49 1.32 53.78
N VAL F 200 4.50 0.01 53.56
CA VAL F 200 4.65 -0.53 52.20
C VAL F 200 3.33 -0.44 51.44
N ALA F 201 2.21 -0.74 52.11
CA ALA F 201 0.91 -0.70 51.45
C ALA F 201 0.61 0.70 50.93
N ARG F 202 0.60 1.68 51.83
CA ARG F 202 0.32 3.07 51.48
C ARG F 202 -1.13 3.26 51.04
#